data_7YOB
#
_entry.id   7YOB
#
_cell.length_a   104.062
_cell.length_b   156.484
_cell.length_c   129.209
_cell.angle_alpha   90.000
_cell.angle_beta   97.970
_cell.angle_gamma   90.000
#
_symmetry.space_group_name_H-M   'P 1 21 1'
#
_entity_poly.entity_id   1
_entity_poly.type   'polypeptide(L)'
_entity_poly.pdbx_seq_one_letter_code
;HHHHHHMSSPAQPAVPAPLADLKIQHTKIFINNEWHNSVSGKKFPVLNPATEEVICHVEEGDKADVDKAVKAARQAFQIG
SPWRTMDASERGRLLNKLADLMERDRLLLATMEALNGGKVFANAYLSDLGGCIKALKYCAGWADKIHGQTIPSDGDIFTY
TRREPIGVCGQIIPWNFPMLMFIWKIGPALSCGNTVVVKPAEQTPLTALHLASLIKEAGFPPGVVNIVPGYGPTAGAAIS
SHMDVDKVAFTGSTQVGKLIKEAAGKSNLKRVTLELGGKSPCIVFADADLDIAVEFAHHGVFYHQGQCCVAASRIFVEES
VYDEFVKRSVERAKKYVLGNPLTPGINQGPQIDKEQHDKILDLIESGKKEGAKLECGGGRWGNKGFFVQPTVFSNVTDEM
RIAKEEIFGPVQQIMKFKSVDDVIKRANNTTYGLAAGLFTKDLDKAITVSSALQAGVVWVNCYMMLSAQCPFGGFKMSGN
GRELGEHGLYEYTELKTVAMKISQKNS
;
_entity_poly.pdbx_strand_id   A,B,C,D,E,G,H,F
#
# COMPACT_ATOMS: atom_id res chain seq x y z
N ALA A 14 26.99 37.67 -2.68
CA ALA A 14 27.00 36.70 -1.58
C ALA A 14 27.56 35.33 -2.00
N VAL A 15 28.84 35.10 -1.70
CA VAL A 15 29.50 33.84 -2.02
C VAL A 15 30.15 33.30 -0.75
N PRO A 16 29.81 32.09 -0.32
CA PRO A 16 30.49 31.47 0.81
C PRO A 16 31.90 31.06 0.41
N ALA A 17 32.71 30.77 1.40
CA ALA A 17 34.07 30.34 1.11
C ALA A 17 34.08 28.88 0.65
N PRO A 18 35.08 28.50 -0.17
CA PRO A 18 35.13 27.10 -0.63
C PRO A 18 35.37 26.16 0.55
N LEU A 19 34.74 24.96 0.51
CA LEU A 19 34.97 23.93 1.54
C LEU A 19 36.48 23.76 1.76
N ALA A 20 36.93 24.10 2.97
CA ALA A 20 38.35 24.08 3.29
C ALA A 20 38.97 22.72 2.96
N ASP A 21 38.52 21.68 3.65
CA ASP A 21 39.00 20.30 3.43
C ASP A 21 38.02 19.56 2.53
N LEU A 22 38.30 19.59 1.21
CA LEU A 22 37.56 18.91 0.15
C LEU A 22 38.09 17.49 0.00
N LYS A 23 37.20 16.51 0.14
CA LYS A 23 37.57 15.11 0.01
C LYS A 23 37.07 14.54 -1.31
N ILE A 24 37.97 13.87 -2.06
CA ILE A 24 37.54 13.19 -3.28
C ILE A 24 37.03 11.81 -2.83
N GLN A 25 35.73 11.57 -3.07
CA GLN A 25 35.10 10.37 -2.58
C GLN A 25 34.88 9.35 -3.65
N HIS A 26 34.46 9.74 -4.84
CA HIS A 26 34.08 8.80 -5.88
C HIS A 26 35.07 8.90 -7.03
N THR A 27 35.82 7.81 -7.24
CA THR A 27 36.90 7.73 -8.20
C THR A 27 36.79 6.51 -9.12
N LYS A 28 35.79 5.66 -8.91
CA LYS A 28 35.61 4.41 -9.65
C LYS A 28 34.59 4.58 -10.81
N ILE A 29 34.39 3.50 -11.58
CA ILE A 29 33.45 3.51 -12.69
C ILE A 29 32.05 3.30 -12.15
N PHE A 30 31.06 3.99 -12.73
CA PHE A 30 29.69 3.95 -12.22
C PHE A 30 28.79 3.19 -13.19
N ILE A 31 28.36 1.99 -12.83
CA ILE A 31 27.48 1.19 -13.68
C ILE A 31 26.48 0.47 -12.79
N ASN A 32 25.21 0.45 -13.21
CA ASN A 32 24.17 -0.25 -12.46
C ASN A 32 24.15 0.24 -11.01
N ASN A 33 24.36 1.53 -10.85
CA ASN A 33 24.37 2.25 -9.59
C ASN A 33 25.39 1.74 -8.57
N GLU A 34 26.45 1.03 -8.99
CA GLU A 34 27.50 0.64 -8.05
C GLU A 34 28.85 0.96 -8.70
N TRP A 35 29.86 1.07 -7.86
CA TRP A 35 31.19 1.49 -8.28
C TRP A 35 32.04 0.30 -8.67
N HIS A 36 32.79 0.45 -9.76
CA HIS A 36 33.56 -0.67 -10.30
C HIS A 36 35.02 -0.29 -10.41
N ASN A 37 35.90 -1.26 -10.20
CA ASN A 37 37.26 -1.02 -10.63
C ASN A 37 37.32 -1.17 -12.14
N SER A 38 38.37 -0.61 -12.72
CA SER A 38 38.56 -0.76 -14.15
C SER A 38 38.92 -2.20 -14.46
N VAL A 39 38.47 -2.68 -15.62
CA VAL A 39 38.75 -4.06 -16.00
C VAL A 39 40.26 -4.31 -16.03
N SER A 40 41.02 -3.33 -16.52
CA SER A 40 42.47 -3.33 -16.62
C SER A 40 43.17 -3.13 -15.29
N GLY A 41 42.44 -2.74 -14.24
CA GLY A 41 43.10 -2.54 -12.96
C GLY A 41 43.81 -1.21 -12.96
N LYS A 42 43.85 -0.58 -14.13
CA LYS A 42 44.56 0.66 -14.33
C LYS A 42 43.85 1.85 -13.70
N LYS A 43 44.64 2.77 -13.18
CA LYS A 43 44.17 4.07 -12.73
C LYS A 43 44.89 5.16 -13.52
N PHE A 44 44.40 6.39 -13.43
CA PHE A 44 45.10 7.46 -14.11
C PHE A 44 45.00 8.73 -13.27
N PRO A 45 45.99 9.60 -13.34
CA PRO A 45 46.01 10.77 -12.45
C PRO A 45 45.18 11.93 -12.97
N VAL A 46 44.55 12.63 -12.03
CA VAL A 46 43.77 13.82 -12.28
C VAL A 46 44.54 14.98 -11.67
N LEU A 47 44.88 15.97 -12.48
CA LEU A 47 45.73 17.05 -12.03
C LEU A 47 44.91 18.25 -11.58
N ASN A 48 45.61 19.19 -10.95
CA ASN A 48 45.03 20.47 -10.59
C ASN A 48 45.68 21.45 -11.54
N PRO A 49 44.95 22.02 -12.50
CA PRO A 49 45.61 22.85 -13.51
C PRO A 49 46.19 24.13 -12.96
N ALA A 50 45.95 24.43 -11.67
CA ALA A 50 46.46 25.64 -11.04
C ALA A 50 47.78 25.41 -10.35
N THR A 51 47.96 24.22 -9.80
CA THR A 51 49.17 23.90 -9.06
C THR A 51 50.01 22.78 -9.66
N GLU A 52 49.53 22.09 -10.68
CA GLU A 52 50.21 20.94 -11.31
C GLU A 52 50.44 19.80 -10.32
N GLU A 53 49.66 19.72 -9.26
CA GLU A 53 49.81 18.64 -8.30
C GLU A 53 48.61 17.70 -8.46
N VAL A 54 48.86 16.41 -8.23
CA VAL A 54 47.83 15.41 -8.45
C VAL A 54 46.78 15.52 -7.35
N ILE A 55 45.53 15.66 -7.77
CA ILE A 55 44.42 15.69 -6.81
C ILE A 55 44.09 14.29 -6.31
N CYS A 56 43.99 13.34 -7.24
CA CYS A 56 43.69 11.94 -6.93
C CYS A 56 43.84 11.17 -8.23
N HIS A 57 43.59 9.86 -8.16
CA HIS A 57 43.61 8.94 -9.28
C HIS A 57 42.23 8.35 -9.53
N VAL A 58 41.87 8.18 -10.81
CA VAL A 58 40.56 7.68 -11.22
C VAL A 58 40.71 6.38 -11.99
N GLU A 59 39.77 5.44 -11.81
CA GLU A 59 39.83 4.19 -12.56
C GLU A 59 39.79 4.48 -14.04
N GLU A 60 40.65 3.83 -14.82
CA GLU A 60 40.78 4.12 -16.25
C GLU A 60 39.96 3.14 -17.07
N GLY A 61 38.81 3.61 -17.56
CA GLY A 61 37.97 2.80 -18.39
C GLY A 61 38.52 2.66 -19.78
N ASP A 62 38.16 1.55 -20.41
CA ASP A 62 38.57 1.23 -21.77
C ASP A 62 37.39 0.48 -22.39
N LYS A 63 37.61 -0.06 -23.58
CA LYS A 63 36.53 -0.72 -24.32
C LYS A 63 35.77 -1.72 -23.46
N ALA A 64 36.47 -2.50 -22.64
CA ALA A 64 35.75 -3.49 -21.84
C ALA A 64 34.78 -2.83 -20.86
N ASP A 65 35.21 -1.74 -20.22
CA ASP A 65 34.34 -1.08 -19.26
C ASP A 65 33.12 -0.46 -19.95
N VAL A 66 33.34 0.10 -21.15
CA VAL A 66 32.22 0.62 -21.94
C VAL A 66 31.23 -0.50 -22.28
N ASP A 67 31.74 -1.72 -22.56
CA ASP A 67 30.86 -2.84 -22.86
C ASP A 67 29.97 -3.18 -21.68
N LYS A 68 30.56 -3.23 -20.48
CA LYS A 68 29.77 -3.41 -19.26
C LYS A 68 28.72 -2.32 -19.15
N ALA A 69 29.12 -1.08 -19.41
CA ALA A 69 28.22 0.05 -19.29
C ALA A 69 27.11 0.01 -20.35
N VAL A 70 27.45 -0.37 -21.59
CA VAL A 70 26.42 -0.42 -22.63
C VAL A 70 25.42 -1.56 -22.36
N LYS A 71 25.90 -2.72 -21.89
CA LYS A 71 24.94 -3.76 -21.51
C LYS A 71 24.03 -3.31 -20.38
N ALA A 72 24.58 -2.60 -19.40
CA ALA A 72 23.77 -2.10 -18.31
C ALA A 72 22.66 -1.21 -18.83
N ALA A 73 23.02 -0.25 -19.69
CA ALA A 73 22.05 0.70 -20.21
C ALA A 73 21.05 0.01 -21.12
N ARG A 74 21.53 -0.90 -21.98
CA ARG A 74 20.60 -1.62 -22.86
C ARG A 74 19.58 -2.40 -22.07
N GLN A 75 20.02 -3.07 -21.00
CA GLN A 75 19.10 -3.81 -20.14
C GLN A 75 18.11 -2.88 -19.46
N ALA A 76 18.58 -1.73 -18.96
CA ALA A 76 17.69 -0.77 -18.32
C ALA A 76 16.65 -0.23 -19.28
N PHE A 77 16.90 -0.32 -20.58
CA PHE A 77 16.00 0.19 -21.60
C PHE A 77 15.01 -0.86 -22.10
N GLN A 78 15.12 -2.09 -21.62
CA GLN A 78 14.27 -3.16 -22.14
C GLN A 78 12.79 -2.89 -21.89
N ILE A 79 11.99 -3.34 -22.84
CA ILE A 79 10.54 -3.25 -22.77
C ILE A 79 10.08 -3.86 -21.44
N GLY A 80 9.25 -3.12 -20.71
CA GLY A 80 8.68 -3.61 -19.47
C GLY A 80 9.48 -3.34 -18.22
N SER A 81 10.72 -2.93 -18.35
CA SER A 81 11.58 -2.61 -17.21
C SER A 81 11.18 -1.27 -16.62
N PRO A 82 11.55 -1.00 -15.36
CA PRO A 82 11.06 0.22 -14.68
C PRO A 82 11.24 1.53 -15.42
N TRP A 83 12.40 1.78 -16.03
CA TRP A 83 12.64 3.05 -16.70
C TRP A 83 11.78 3.21 -17.93
N ARG A 84 11.34 2.09 -18.53
CA ARG A 84 10.45 2.16 -19.67
C ARG A 84 8.97 2.24 -19.26
N THR A 85 8.60 1.68 -18.10
CA THR A 85 7.20 1.61 -17.70
C THR A 85 6.75 2.71 -16.75
N MET A 86 7.66 3.45 -16.13
CA MET A 86 7.22 4.51 -15.22
C MET A 86 6.62 5.68 -15.99
N ASP A 87 5.74 6.41 -15.32
CA ASP A 87 5.15 7.61 -15.92
C ASP A 87 6.22 8.59 -16.33
N ALA A 88 5.99 9.26 -17.47
CA ALA A 88 6.90 10.31 -17.89
C ALA A 88 7.06 11.38 -16.81
N SER A 89 5.97 11.75 -16.14
CA SER A 89 6.11 12.72 -15.05
C SER A 89 6.99 12.16 -13.94
N GLU A 90 7.03 10.84 -13.77
CA GLU A 90 7.91 10.29 -12.74
C GLU A 90 9.37 10.54 -13.09
N ARG A 91 9.73 10.36 -14.37
CA ARG A 91 11.08 10.72 -14.84
C ARG A 91 11.35 12.20 -14.55
N GLY A 92 10.33 13.04 -14.69
CA GLY A 92 10.49 14.43 -14.35
C GLY A 92 10.77 14.63 -12.87
N ARG A 93 10.00 13.97 -12.02
CA ARG A 93 10.22 14.14 -10.58
C ARG A 93 11.63 13.72 -10.18
N LEU A 94 12.15 12.64 -10.78
CA LEU A 94 13.51 12.18 -10.51
C LEU A 94 14.55 13.22 -10.93
N LEU A 95 14.37 13.85 -12.10
CA LEU A 95 15.25 14.92 -12.57
C LEU A 95 15.14 16.15 -11.69
N ASN A 96 13.91 16.48 -11.25
CA ASN A 96 13.72 17.59 -10.32
C ASN A 96 14.43 17.32 -9.01
N LYS A 97 14.32 16.08 -8.52
CA LYS A 97 14.97 15.71 -7.26
C LYS A 97 16.49 15.76 -7.39
N LEU A 98 17.02 15.35 -8.55
CA LEU A 98 18.46 15.49 -8.79
C LEU A 98 18.87 16.97 -8.74
N ALA A 99 18.01 17.87 -9.24
CA ALA A 99 18.30 19.29 -9.14
C ALA A 99 18.32 19.75 -7.69
N ASP A 100 17.33 19.30 -6.90
CA ASP A 100 17.32 19.65 -5.47
C ASP A 100 18.55 19.10 -4.75
N LEU A 101 18.98 17.89 -5.11
CA LEU A 101 20.18 17.36 -4.48
C LEU A 101 21.39 18.23 -4.81
N MET A 102 21.51 18.66 -6.07
CA MET A 102 22.60 19.54 -6.48
C MET A 102 22.53 20.89 -5.76
N GLU A 103 21.32 21.43 -5.55
CA GLU A 103 21.22 22.68 -4.80
C GLU A 103 21.72 22.48 -3.37
N ARG A 104 21.37 21.33 -2.75
CA ARG A 104 21.85 21.01 -1.41
C ARG A 104 23.36 20.86 -1.39
N ASP A 105 23.94 20.15 -2.35
CA ASP A 105 25.38 19.93 -2.45
C ASP A 105 26.09 20.94 -3.32
N ARG A 106 25.54 22.16 -3.40
CA ARG A 106 26.08 23.22 -4.24
C ARG A 106 27.50 23.62 -3.88
N LEU A 107 27.76 23.84 -2.59
CA LEU A 107 29.09 24.29 -2.18
C LEU A 107 30.14 23.23 -2.46
N LEU A 108 29.82 21.97 -2.16
CA LEU A 108 30.77 20.90 -2.42
C LEU A 108 31.14 20.86 -3.90
N LEU A 109 30.13 20.77 -4.77
CA LEU A 109 30.34 20.66 -6.22
C LEU A 109 31.07 21.88 -6.79
N ALA A 110 30.68 23.08 -6.35
CA ALA A 110 31.37 24.28 -6.80
C ALA A 110 32.84 24.24 -6.42
N THR A 111 33.16 23.80 -5.21
CA THR A 111 34.56 23.64 -4.85
C THR A 111 35.25 22.62 -5.73
N MET A 112 34.63 21.45 -5.91
CA MET A 112 35.25 20.39 -6.69
C MET A 112 35.47 20.84 -8.14
N GLU A 113 34.50 21.57 -8.69
CA GLU A 113 34.63 22.05 -10.06
C GLU A 113 35.74 23.07 -10.19
N ALA A 114 35.81 24.02 -9.27
CA ALA A 114 36.86 25.01 -9.34
C ALA A 114 38.23 24.38 -9.12
N LEU A 115 38.32 23.49 -8.14
CA LEU A 115 39.58 22.85 -7.81
C LEU A 115 40.11 22.05 -9.01
N ASN A 116 39.25 21.18 -9.58
CA ASN A 116 39.68 20.27 -10.65
C ASN A 116 39.78 20.90 -12.03
N GLY A 117 38.89 21.81 -12.39
CA GLY A 117 38.91 22.39 -13.72
C GLY A 117 39.47 23.78 -13.81
N GLY A 118 40.26 24.21 -12.84
CA GLY A 118 40.78 25.57 -12.81
C GLY A 118 39.80 26.68 -13.08
N LYS A 119 38.62 26.63 -12.47
CA LYS A 119 37.55 27.58 -12.74
C LYS A 119 37.40 28.52 -11.53
N VAL A 120 37.30 29.84 -11.80
CA VAL A 120 37.16 30.81 -10.71
C VAL A 120 35.99 30.41 -9.84
N PHE A 121 36.23 30.27 -8.52
CA PHE A 121 35.24 29.64 -7.64
C PHE A 121 33.90 30.34 -7.68
N ALA A 122 33.91 31.68 -7.58
CA ALA A 122 32.65 32.42 -7.60
C ALA A 122 31.84 32.10 -8.86
N ASN A 123 32.51 31.95 -9.99
CA ASN A 123 31.79 31.57 -11.20
C ASN A 123 31.23 30.15 -11.09
N ALA A 124 32.05 29.20 -10.62
CA ALA A 124 31.54 27.84 -10.47
C ALA A 124 30.34 27.79 -9.55
N TYR A 125 30.32 28.64 -8.53
CA TYR A 125 29.21 28.55 -7.58
C TYR A 125 27.95 29.25 -8.09
N LEU A 126 28.07 30.43 -8.68
CA LEU A 126 26.89 31.14 -9.13
C LEU A 126 26.44 30.78 -10.54
N SER A 127 27.37 30.68 -11.49
CA SER A 127 26.88 30.42 -12.84
C SER A 127 26.89 28.94 -13.22
N ASP A 128 27.94 28.20 -12.87
CA ASP A 128 27.99 26.79 -13.30
C ASP A 128 26.93 25.97 -12.59
N LEU A 129 26.88 26.06 -11.26
CA LEU A 129 25.92 25.28 -10.51
C LEU A 129 24.51 25.81 -10.73
N GLY A 130 24.34 27.14 -10.69
CA GLY A 130 23.04 27.75 -10.93
C GLY A 130 22.50 27.33 -12.28
N GLY A 131 23.36 27.31 -13.30
CA GLY A 131 22.92 26.87 -14.60
C GLY A 131 22.59 25.40 -14.62
N CYS A 132 23.38 24.60 -13.90
CA CYS A 132 23.10 23.17 -13.81
C CYS A 132 21.73 22.92 -13.21
N ILE A 133 21.42 23.60 -12.10
CA ILE A 133 20.12 23.40 -11.48
C ILE A 133 19.00 23.92 -12.39
N LYS A 134 19.18 25.12 -12.98
CA LYS A 134 18.14 25.67 -13.85
C LYS A 134 17.88 24.79 -15.07
N ALA A 135 18.94 24.26 -15.67
CA ALA A 135 18.79 23.38 -16.84
C ALA A 135 18.11 22.06 -16.49
N LEU A 136 18.49 21.44 -15.36
CA LEU A 136 17.83 20.21 -14.98
C LEU A 136 16.35 20.42 -14.70
N LYS A 137 16.01 21.49 -13.99
CA LYS A 137 14.59 21.74 -13.75
C LYS A 137 13.87 22.01 -15.07
N TYR A 138 14.54 22.69 -16.01
CA TYR A 138 13.92 22.90 -17.33
C TYR A 138 13.66 21.57 -18.02
N CYS A 139 14.65 20.67 -18.05
CA CYS A 139 14.45 19.37 -18.68
C CYS A 139 13.43 18.54 -17.91
N ALA A 140 13.48 18.60 -16.57
CA ALA A 140 12.49 17.86 -15.79
C ALA A 140 11.07 18.17 -16.26
N GLY A 141 10.79 19.46 -16.49
CA GLY A 141 9.48 19.87 -16.93
C GLY A 141 9.07 19.36 -18.28
N TRP A 142 10.01 18.95 -19.11
CA TRP A 142 9.60 18.52 -20.43
C TRP A 142 9.12 17.08 -20.45
N ALA A 143 9.50 16.27 -19.46
CA ALA A 143 9.38 14.82 -19.57
C ALA A 143 7.97 14.39 -19.99
N ASP A 144 6.93 14.99 -19.41
CA ASP A 144 5.54 14.63 -19.72
C ASP A 144 4.85 15.63 -20.65
N LYS A 145 5.63 16.42 -21.38
CA LYS A 145 5.13 17.36 -22.38
C LYS A 145 5.69 17.09 -23.77
N ILE A 146 6.56 16.09 -23.93
CA ILE A 146 7.00 15.66 -25.25
C ILE A 146 5.84 14.92 -25.89
N HIS A 147 5.38 15.37 -27.04
CA HIS A 147 4.22 14.70 -27.58
C HIS A 147 4.39 14.31 -29.04
N GLY A 148 3.62 13.31 -29.45
CA GLY A 148 3.49 12.96 -30.84
C GLY A 148 2.17 13.51 -31.37
N GLN A 149 1.82 13.08 -32.58
CA GLN A 149 0.66 13.68 -33.24
C GLN A 149 -0.33 12.64 -33.69
N THR A 150 -1.59 13.04 -33.79
CA THR A 150 -2.59 12.30 -34.55
C THR A 150 -2.77 13.06 -35.85
N ILE A 151 -2.55 12.37 -36.97
CA ILE A 151 -2.41 13.00 -38.28
C ILE A 151 -3.59 12.61 -39.14
N PRO A 152 -4.25 13.54 -39.84
CA PRO A 152 -5.44 13.20 -40.66
C PRO A 152 -5.07 12.78 -42.09
N SER A 153 -4.30 11.70 -42.23
CA SER A 153 -3.78 11.31 -43.53
C SER A 153 -4.85 10.64 -44.40
N ASP A 154 -4.52 10.47 -45.69
CA ASP A 154 -5.48 9.97 -46.67
C ASP A 154 -5.96 8.55 -46.32
N GLY A 155 -7.19 8.24 -46.72
CA GLY A 155 -7.72 6.90 -46.59
C GLY A 155 -8.42 6.66 -45.26
N ASP A 156 -9.12 5.52 -45.19
CA ASP A 156 -9.85 5.12 -43.99
C ASP A 156 -8.89 4.44 -43.01
N ILE A 157 -8.06 5.25 -42.36
CA ILE A 157 -7.04 4.79 -41.44
C ILE A 157 -6.88 5.82 -40.34
N PHE A 158 -6.34 5.36 -39.21
CA PHE A 158 -6.10 6.20 -38.06
C PHE A 158 -4.59 6.23 -37.84
N THR A 159 -3.99 7.41 -38.00
CA THR A 159 -2.54 7.55 -37.97
C THR A 159 -2.13 8.39 -36.79
N TYR A 160 -1.19 7.89 -36.03
CA TYR A 160 -0.66 8.69 -34.96
C TYR A 160 0.84 8.43 -34.93
N THR A 161 1.55 9.26 -34.22
CA THR A 161 2.97 9.07 -34.04
C THR A 161 3.26 8.93 -32.57
N ARG A 162 4.43 8.39 -32.28
CA ARG A 162 4.93 8.29 -30.92
C ARG A 162 6.33 8.87 -30.88
N ARG A 163 6.64 9.71 -29.88
CA ARG A 163 8.01 10.18 -29.69
C ARG A 163 8.60 9.29 -28.59
N GLU A 164 9.21 8.20 -29.00
CA GLU A 164 9.81 7.20 -28.13
C GLU A 164 11.23 7.61 -27.79
N PRO A 165 11.79 7.13 -26.69
CA PRO A 165 13.22 7.34 -26.50
C PRO A 165 13.98 6.58 -27.58
N ILE A 166 15.18 7.07 -27.89
CA ILE A 166 15.98 6.46 -28.95
C ILE A 166 16.50 5.10 -28.51
N GLY A 167 17.04 5.05 -27.30
CA GLY A 167 17.72 3.89 -26.74
C GLY A 167 18.95 4.24 -25.93
N VAL A 168 20.08 3.63 -26.25
CA VAL A 168 21.32 3.88 -25.53
C VAL A 168 22.03 5.04 -26.19
N CYS A 169 22.33 6.08 -25.42
CA CYS A 169 22.96 7.27 -25.93
C CYS A 169 24.31 7.41 -25.28
N GLY A 170 25.37 7.41 -26.09
CA GLY A 170 26.72 7.67 -25.60
C GLY A 170 27.02 9.17 -25.65
N GLN A 171 27.61 9.68 -24.58
CA GLN A 171 27.74 11.12 -24.41
C GLN A 171 29.15 11.42 -23.95
N ILE A 172 29.90 12.18 -24.75
CA ILE A 172 31.30 12.48 -24.48
C ILE A 172 31.44 13.95 -24.08
N ILE A 173 31.86 14.19 -22.84
CA ILE A 173 31.81 15.51 -22.22
C ILE A 173 33.18 16.19 -22.29
N PRO A 174 33.25 17.47 -22.64
CA PRO A 174 34.54 18.17 -22.68
C PRO A 174 34.87 18.74 -21.30
N TRP A 175 36.09 19.26 -21.18
CA TRP A 175 36.65 19.69 -19.90
C TRP A 175 36.40 21.16 -19.52
N ASN A 176 35.87 22.00 -20.42
CA ASN A 176 35.76 23.42 -20.09
C ASN A 176 34.59 23.72 -19.15
N PHE A 177 33.45 23.05 -19.32
CA PHE A 177 32.31 23.19 -18.41
C PHE A 177 31.84 21.80 -18.05
N PRO A 178 32.57 21.13 -17.14
CA PRO A 178 32.29 19.70 -16.89
C PRO A 178 30.89 19.40 -16.38
N MET A 179 30.41 20.10 -15.36
CA MET A 179 29.05 19.83 -14.93
C MET A 179 28.01 20.36 -15.91
N LEU A 180 28.16 21.60 -16.39
CA LEU A 180 27.16 22.14 -17.31
C LEU A 180 26.96 21.21 -18.49
N MET A 181 28.04 20.87 -19.21
CA MET A 181 27.92 19.93 -20.32
C MET A 181 27.34 18.58 -19.89
N PHE A 182 27.72 18.10 -18.69
CA PHE A 182 27.16 16.87 -18.17
C PHE A 182 25.64 16.98 -18.08
N ILE A 183 25.14 18.04 -17.47
CA ILE A 183 23.69 18.19 -17.34
C ILE A 183 23.05 18.47 -18.69
N TRP A 184 23.67 19.31 -19.51
CA TRP A 184 23.06 19.61 -20.80
C TRP A 184 22.91 18.36 -21.66
N LYS A 185 23.75 17.35 -21.43
CA LYS A 185 23.62 16.15 -22.23
C LYS A 185 22.69 15.13 -21.58
N ILE A 186 22.81 14.86 -20.27
CA ILE A 186 21.98 13.78 -19.75
C ILE A 186 20.56 14.27 -19.45
N GLY A 187 20.39 15.57 -19.16
CA GLY A 187 19.09 16.11 -18.86
C GLY A 187 18.08 15.84 -19.96
N PRO A 188 18.36 16.30 -21.18
CA PRO A 188 17.42 16.00 -22.26
C PRO A 188 17.28 14.51 -22.53
N ALA A 189 18.39 13.75 -22.50
CA ALA A 189 18.33 12.31 -22.76
C ALA A 189 17.46 11.60 -21.74
N LEU A 190 17.64 11.92 -20.45
CA LEU A 190 16.86 11.24 -19.42
C LEU A 190 15.41 11.69 -19.44
N SER A 191 15.18 12.99 -19.72
CA SER A 191 13.82 13.48 -19.80
C SER A 191 13.04 12.72 -20.88
N CYS A 192 13.70 12.38 -21.99
CA CYS A 192 13.03 11.68 -23.10
C CYS A 192 12.94 10.19 -22.88
N GLY A 193 13.58 9.67 -21.83
CA GLY A 193 13.47 8.28 -21.49
C GLY A 193 14.56 7.39 -22.04
N ASN A 194 15.65 7.97 -22.52
CA ASN A 194 16.81 7.19 -22.93
C ASN A 194 17.57 6.73 -21.70
N THR A 195 18.59 5.93 -21.93
CA THR A 195 19.59 5.60 -20.95
C THR A 195 20.95 6.00 -21.51
N VAL A 196 21.91 6.33 -20.65
CA VAL A 196 23.13 6.96 -21.11
C VAL A 196 24.38 6.26 -20.59
N VAL A 197 25.44 6.30 -21.40
CA VAL A 197 26.78 5.91 -21.01
C VAL A 197 27.62 7.15 -21.21
N VAL A 198 28.07 7.78 -20.12
CA VAL A 198 28.75 9.07 -20.21
C VAL A 198 30.25 8.85 -20.00
N LYS A 199 31.06 9.48 -20.86
CA LYS A 199 32.50 9.47 -20.72
C LYS A 199 32.97 10.90 -20.52
N PRO A 200 33.28 11.30 -19.30
CA PRO A 200 33.75 12.68 -19.09
C PRO A 200 35.18 12.81 -19.58
N ALA A 201 35.60 14.05 -19.75
CA ALA A 201 36.97 14.31 -20.19
C ALA A 201 37.97 13.82 -19.15
N GLU A 202 39.12 13.33 -19.65
CA GLU A 202 40.17 12.83 -18.77
C GLU A 202 40.71 13.92 -17.83
N GLN A 203 40.72 15.19 -18.25
CA GLN A 203 41.21 16.25 -17.37
C GLN A 203 40.26 16.51 -16.20
N THR A 204 38.94 16.27 -16.36
CA THR A 204 37.93 16.67 -15.37
C THR A 204 36.85 15.61 -15.12
N PRO A 205 37.20 14.43 -14.56
CA PRO A 205 36.16 13.41 -14.30
C PRO A 205 35.45 13.51 -12.97
N LEU A 206 35.99 14.27 -12.02
CA LEU A 206 35.52 14.17 -10.64
C LEU A 206 34.08 14.64 -10.46
N THR A 207 33.73 15.81 -10.96
CA THR A 207 32.38 16.33 -10.73
C THR A 207 31.31 15.36 -11.29
N ALA A 208 31.59 14.70 -12.41
CA ALA A 208 30.59 13.75 -12.92
C ALA A 208 30.42 12.59 -11.94
N LEU A 209 31.53 12.04 -11.46
CA LEU A 209 31.47 10.93 -10.53
C LEU A 209 30.72 11.31 -9.25
N HIS A 210 30.92 12.53 -8.76
CA HIS A 210 30.16 12.94 -7.58
C HIS A 210 28.66 13.06 -7.87
N LEU A 211 28.30 13.50 -9.08
CA LEU A 211 26.89 13.60 -9.46
C LEU A 211 26.30 12.21 -9.57
N ALA A 212 27.10 11.22 -9.96
CA ALA A 212 26.63 9.84 -9.99
C ALA A 212 26.16 9.37 -8.62
N SER A 213 26.89 9.71 -7.56
CA SER A 213 26.43 9.31 -6.23
C SER A 213 25.07 9.92 -5.93
N LEU A 214 24.84 11.17 -6.40
CA LEU A 214 23.57 11.84 -6.23
C LEU A 214 22.48 11.23 -7.11
N ILE A 215 22.85 10.76 -8.30
CA ILE A 215 21.86 10.07 -9.11
C ILE A 215 21.42 8.81 -8.39
N LYS A 216 22.37 8.10 -7.77
CA LYS A 216 22.01 6.96 -6.95
C LYS A 216 21.02 7.38 -5.88
N GLU A 217 21.34 8.46 -5.14
CA GLU A 217 20.51 8.90 -4.02
C GLU A 217 19.09 9.27 -4.48
N ALA A 218 18.94 9.89 -5.66
CA ALA A 218 17.63 10.30 -6.14
C ALA A 218 16.72 9.13 -6.53
N GLY A 219 17.29 7.95 -6.80
CA GLY A 219 16.47 6.81 -7.11
C GLY A 219 16.30 6.46 -8.58
N PHE A 220 17.18 6.93 -9.46
CA PHE A 220 17.09 6.51 -10.85
C PHE A 220 17.32 5.01 -10.90
N PRO A 221 16.58 4.29 -11.73
CA PRO A 221 16.78 2.84 -11.81
C PRO A 221 18.22 2.53 -12.24
N PRO A 222 18.77 1.41 -11.79
CA PRO A 222 20.16 1.06 -12.11
C PRO A 222 20.38 0.94 -13.62
N GLY A 223 21.54 1.42 -14.07
CA GLY A 223 21.91 1.32 -15.46
C GLY A 223 21.39 2.44 -16.32
N VAL A 224 20.52 3.30 -15.76
CA VAL A 224 19.94 4.36 -16.56
C VAL A 224 21.01 5.40 -16.83
N VAL A 225 21.92 5.60 -15.89
CA VAL A 225 23.09 6.48 -16.04
C VAL A 225 24.34 5.68 -15.71
N ASN A 226 25.26 5.59 -16.64
CA ASN A 226 26.52 4.92 -16.46
C ASN A 226 27.62 5.90 -16.79
N ILE A 227 28.68 5.90 -15.99
CA ILE A 227 29.76 6.85 -16.22
C ILE A 227 31.06 6.08 -16.30
N VAL A 228 31.76 6.21 -17.42
CA VAL A 228 33.04 5.51 -17.56
C VAL A 228 34.12 6.55 -17.84
N PRO A 229 34.83 7.01 -16.83
CA PRO A 229 35.94 7.93 -17.08
C PRO A 229 37.07 7.23 -17.84
N GLY A 230 37.89 8.04 -18.48
CA GLY A 230 39.03 7.52 -19.21
C GLY A 230 39.42 8.47 -20.32
N TYR A 231 40.28 7.96 -21.20
CA TYR A 231 40.85 8.76 -22.27
C TYR A 231 40.00 8.68 -23.52
N GLY A 232 40.26 9.64 -24.42
CA GLY A 232 39.51 9.75 -25.65
C GLY A 232 39.72 8.63 -26.65
N PRO A 233 40.96 8.41 -27.08
CA PRO A 233 41.23 7.37 -28.09
C PRO A 233 41.02 5.94 -27.62
N THR A 234 40.65 5.69 -26.35
CA THR A 234 40.33 4.35 -25.89
C THR A 234 38.87 4.23 -25.50
N ALA A 235 38.33 5.14 -24.71
CA ALA A 235 36.99 4.96 -24.18
C ALA A 235 35.97 5.75 -24.95
N GLY A 236 36.37 6.94 -25.43
CA GLY A 236 35.52 7.66 -26.34
C GLY A 236 35.36 6.92 -27.64
N ALA A 237 36.45 6.37 -28.18
CA ALA A 237 36.36 5.59 -29.40
C ALA A 237 35.49 4.35 -29.20
N ALA A 238 35.65 3.68 -28.05
CA ALA A 238 34.83 2.50 -27.79
C ALA A 238 33.35 2.82 -27.82
N ILE A 239 32.97 4.01 -27.33
CA ILE A 239 31.59 4.48 -27.41
C ILE A 239 31.19 4.74 -28.88
N SER A 240 31.99 5.51 -29.60
CA SER A 240 31.61 5.93 -30.95
C SER A 240 31.58 4.77 -31.95
N SER A 241 32.41 3.77 -31.80
CA SER A 241 32.37 2.67 -32.75
C SER A 241 31.59 1.46 -32.23
N HIS A 242 30.89 1.61 -31.11
CA HIS A 242 30.16 0.51 -30.50
C HIS A 242 28.95 0.11 -31.33
N MET A 243 28.76 -1.20 -31.46
CA MET A 243 27.70 -1.73 -32.31
C MET A 243 26.32 -1.75 -31.66
N ASP A 244 26.20 -1.49 -30.37
CA ASP A 244 24.89 -1.51 -29.72
C ASP A 244 24.50 -0.17 -29.13
N VAL A 245 25.18 0.90 -29.51
CA VAL A 245 24.83 2.25 -29.09
C VAL A 245 24.04 2.92 -30.22
N ASP A 246 22.89 3.49 -29.87
CA ASP A 246 21.96 4.09 -30.82
C ASP A 246 22.30 5.54 -31.22
N LYS A 247 22.90 6.32 -30.32
CA LYS A 247 23.27 7.70 -30.59
C LYS A 247 24.53 8.04 -29.81
N VAL A 248 25.38 8.86 -30.40
CA VAL A 248 26.52 9.44 -29.70
C VAL A 248 26.44 10.94 -29.86
N ALA A 249 26.61 11.66 -28.75
CA ALA A 249 26.63 13.11 -28.73
C ALA A 249 27.99 13.51 -28.21
N PHE A 250 28.62 14.46 -28.88
CA PHE A 250 29.99 14.83 -28.55
C PHE A 250 30.11 16.35 -28.65
N THR A 251 30.75 16.97 -27.66
CA THR A 251 31.15 18.37 -27.73
C THR A 251 32.66 18.43 -27.65
N GLY A 252 33.30 19.16 -28.55
CA GLY A 252 34.76 19.23 -28.51
C GLY A 252 35.32 19.79 -29.82
N SER A 253 36.55 19.38 -30.12
CA SER A 253 37.23 19.94 -31.28
C SER A 253 36.58 19.42 -32.55
N THR A 254 36.83 20.13 -33.66
CA THR A 254 36.22 19.71 -34.92
C THR A 254 36.85 18.40 -35.39
N GLN A 255 38.17 18.28 -35.23
CA GLN A 255 38.83 17.09 -35.77
C GLN A 255 38.34 15.83 -35.10
N VAL A 256 38.16 15.85 -33.77
CA VAL A 256 37.65 14.65 -33.12
C VAL A 256 36.20 14.39 -33.55
N GLY A 257 35.41 15.45 -33.68
CA GLY A 257 34.06 15.28 -34.18
C GLY A 257 34.02 14.63 -35.56
N LYS A 258 34.92 15.05 -36.46
CA LYS A 258 35.03 14.36 -37.74
C LYS A 258 35.29 12.86 -37.54
N LEU A 259 36.18 12.53 -36.60
CA LEU A 259 36.44 11.11 -36.32
C LEU A 259 35.18 10.44 -35.80
N ILE A 260 34.36 11.19 -35.07
CA ILE A 260 33.17 10.58 -34.51
C ILE A 260 32.17 10.23 -35.61
N LYS A 261 31.87 11.18 -36.51
CA LYS A 261 30.91 10.87 -37.58
C LYS A 261 31.45 9.74 -38.48
N GLU A 262 32.76 9.72 -38.73
CA GLU A 262 33.33 8.63 -39.52
C GLU A 262 33.21 7.29 -38.79
N ALA A 263 33.51 7.24 -37.49
CA ALA A 263 33.41 5.97 -36.76
C ALA A 263 31.97 5.50 -36.67
N ALA A 264 31.02 6.42 -36.45
CA ALA A 264 29.63 6.02 -36.42
C ALA A 264 29.17 5.45 -37.75
N GLY A 265 29.56 6.09 -38.86
CA GLY A 265 29.22 5.58 -40.18
C GLY A 265 29.77 4.19 -40.46
N LYS A 266 31.01 3.93 -40.07
CA LYS A 266 31.63 2.61 -40.25
C LYS A 266 31.13 1.56 -39.28
N SER A 267 30.55 1.96 -38.15
CA SER A 267 30.22 1.00 -37.09
C SER A 267 28.82 0.45 -37.28
N ASN A 268 27.81 1.15 -36.74
CA ASN A 268 26.42 0.71 -36.87
C ASN A 268 25.45 1.82 -37.22
N LEU A 269 25.88 2.78 -38.05
CA LEU A 269 25.11 3.98 -38.41
C LEU A 269 24.32 4.56 -37.24
N LYS A 270 25.03 4.80 -36.14
CA LYS A 270 24.34 5.40 -35.01
C LYS A 270 24.12 6.88 -35.29
N ARG A 271 23.08 7.44 -34.69
CA ARG A 271 22.86 8.88 -34.81
C ARG A 271 24.02 9.59 -34.16
N VAL A 272 24.33 10.77 -34.67
CA VAL A 272 25.45 11.58 -34.19
C VAL A 272 24.99 13.01 -34.07
N THR A 273 25.34 13.65 -32.95
CA THR A 273 25.18 15.09 -32.80
C THR A 273 26.53 15.63 -32.35
N LEU A 274 27.00 16.67 -33.02
CA LEU A 274 28.29 17.23 -32.68
C LEU A 274 28.16 18.71 -32.36
N GLU A 275 29.00 19.17 -31.44
CA GLU A 275 29.17 20.58 -31.07
C GLU A 275 30.64 20.86 -31.13
N LEU A 276 31.05 21.52 -32.19
CA LEU A 276 32.47 21.70 -32.41
C LEU A 276 32.89 23.10 -31.96
N GLY A 277 34.14 23.45 -32.23
CA GLY A 277 34.61 24.69 -31.68
C GLY A 277 33.98 25.85 -32.40
N GLY A 278 34.46 27.03 -32.06
CA GLY A 278 34.03 28.19 -32.78
C GLY A 278 35.18 29.13 -33.09
N LYS A 279 34.93 29.88 -34.16
CA LYS A 279 35.64 31.13 -34.43
C LYS A 279 34.53 32.14 -34.57
N SER A 280 34.07 32.65 -33.44
CA SER A 280 32.80 33.32 -33.38
C SER A 280 33.05 34.82 -33.49
N PRO A 281 32.44 35.49 -34.42
CA PRO A 281 32.76 36.90 -34.58
C PRO A 281 31.78 37.82 -33.87
N CYS A 282 32.27 38.97 -33.42
CA CYS A 282 31.41 40.05 -32.96
C CYS A 282 31.55 41.17 -33.96
N ILE A 283 30.42 41.76 -34.31
CA ILE A 283 30.39 42.93 -35.18
C ILE A 283 29.92 44.08 -34.31
N VAL A 284 30.75 45.11 -34.17
CA VAL A 284 30.42 46.30 -33.38
C VAL A 284 30.26 47.48 -34.32
N PHE A 285 29.05 47.99 -34.42
CA PHE A 285 28.78 49.12 -35.31
C PHE A 285 28.96 50.44 -34.58
N ALA A 286 29.24 51.49 -35.37
CA ALA A 286 29.50 52.81 -34.80
C ALA A 286 28.36 53.32 -33.94
N ASP A 287 27.12 52.91 -34.24
CA ASP A 287 25.95 53.34 -33.50
C ASP A 287 25.66 52.47 -32.28
N ALA A 288 26.53 51.50 -31.97
CA ALA A 288 26.39 50.70 -30.77
C ALA A 288 26.71 51.52 -29.51
N ASP A 289 26.21 51.05 -28.37
CA ASP A 289 26.58 51.63 -27.08
C ASP A 289 27.97 51.07 -26.83
N LEU A 290 28.99 51.91 -26.98
CA LEU A 290 30.37 51.42 -26.98
C LEU A 290 30.74 50.75 -25.66
N ASP A 291 30.24 51.26 -24.52
CA ASP A 291 30.56 50.63 -23.23
C ASP A 291 29.95 49.23 -23.13
N ILE A 292 28.70 49.07 -23.55
CA ILE A 292 28.09 47.75 -23.52
C ILE A 292 28.84 46.82 -24.47
N ALA A 293 29.22 47.33 -25.64
CA ALA A 293 29.95 46.52 -26.62
C ALA A 293 31.31 46.07 -26.07
N VAL A 294 32.06 46.99 -25.46
CA VAL A 294 33.36 46.62 -24.91
C VAL A 294 33.20 45.63 -23.77
N GLU A 295 32.24 45.86 -22.88
CA GLU A 295 32.08 44.97 -21.75
C GLU A 295 31.70 43.55 -22.22
N PHE A 296 30.74 43.44 -23.14
CA PHE A 296 30.25 42.13 -23.57
C PHE A 296 31.24 41.42 -24.47
N ALA A 297 31.92 42.13 -25.36
CA ALA A 297 32.92 41.49 -26.20
C ALA A 297 34.07 40.99 -25.35
N HIS A 298 34.48 41.81 -24.39
CA HIS A 298 35.49 41.42 -23.42
C HIS A 298 35.06 40.18 -22.63
N HIS A 299 33.84 40.22 -22.10
CA HIS A 299 33.30 39.07 -21.40
C HIS A 299 33.27 37.84 -22.30
N GLY A 300 32.91 38.05 -23.57
CA GLY A 300 32.75 36.97 -24.52
C GLY A 300 34.02 36.28 -24.92
N VAL A 301 35.16 36.93 -24.78
CA VAL A 301 36.39 36.23 -25.13
C VAL A 301 37.17 35.80 -23.89
N PHE A 302 36.95 36.43 -22.73
CA PHE A 302 37.80 36.18 -21.58
C PHE A 302 37.17 35.26 -20.52
N TYR A 303 35.85 35.07 -20.55
CA TYR A 303 35.18 34.25 -19.55
C TYR A 303 35.76 32.84 -19.50
N HIS A 304 36.00 32.36 -18.28
CA HIS A 304 36.66 31.07 -18.02
C HIS A 304 37.95 30.96 -18.84
N GLN A 305 38.76 32.02 -18.81
CA GLN A 305 40.06 32.09 -19.50
C GLN A 305 39.90 31.79 -20.98
N GLY A 306 38.78 32.23 -21.55
CA GLY A 306 38.54 32.04 -22.96
C GLY A 306 38.32 30.61 -23.39
N GLN A 307 38.02 29.69 -22.49
CA GLN A 307 37.87 28.31 -22.93
C GLN A 307 36.45 27.93 -23.32
N CYS A 308 35.58 28.91 -23.53
CA CYS A 308 34.21 28.68 -24.00
C CYS A 308 34.15 28.30 -25.47
N CYS A 309 33.16 27.44 -25.79
CA CYS A 309 32.83 27.06 -27.16
C CYS A 309 32.53 28.29 -27.99
N VAL A 310 31.84 29.25 -27.38
CA VAL A 310 31.31 30.41 -28.07
C VAL A 310 32.22 31.62 -27.86
N ALA A 311 33.49 31.41 -27.56
CA ALA A 311 34.42 32.50 -27.31
C ALA A 311 34.41 33.50 -28.48
N ALA A 312 34.33 34.78 -28.14
CA ALA A 312 34.29 35.85 -29.14
C ALA A 312 35.72 36.13 -29.57
N SER A 313 36.21 35.30 -30.50
CA SER A 313 37.62 35.30 -30.84
C SER A 313 38.01 36.30 -31.92
N ARG A 314 37.07 36.83 -32.69
CA ARG A 314 37.37 37.91 -33.63
C ARG A 314 36.34 39.02 -33.41
N ILE A 315 36.79 40.24 -33.17
CA ILE A 315 35.90 41.36 -32.93
C ILE A 315 36.10 42.37 -34.04
N PHE A 316 35.08 42.51 -34.90
CA PHE A 316 35.07 43.46 -36.00
C PHE A 316 34.42 44.76 -35.52
N VAL A 317 35.14 45.87 -35.67
CA VAL A 317 34.69 47.18 -35.23
C VAL A 317 34.68 48.15 -36.41
N GLU A 318 33.66 49.00 -36.45
CA GLU A 318 33.58 50.01 -37.51
C GLU A 318 34.67 51.06 -37.32
N GLU A 319 35.32 51.44 -38.42
CA GLU A 319 36.50 52.31 -38.37
C GLU A 319 36.25 53.59 -37.56
N SER A 320 35.08 54.17 -37.71
CA SER A 320 34.73 55.38 -36.98
C SER A 320 34.93 55.21 -35.46
N VAL A 321 34.69 54.02 -34.91
CA VAL A 321 34.80 53.79 -33.47
C VAL A 321 35.95 52.86 -33.09
N TYR A 322 36.73 52.38 -34.05
CA TYR A 322 37.77 51.37 -33.80
C TYR A 322 38.78 51.80 -32.76
N ASP A 323 39.36 52.99 -32.90
CA ASP A 323 40.42 53.35 -31.96
C ASP A 323 39.89 53.48 -30.53
N GLU A 324 38.73 54.10 -30.34
CA GLU A 324 38.18 54.20 -29.00
C GLU A 324 37.90 52.83 -28.42
N PHE A 325 37.37 51.91 -29.24
CA PHE A 325 37.12 50.56 -28.77
C PHE A 325 38.41 49.89 -28.32
N VAL A 326 39.47 49.97 -29.13
CA VAL A 326 40.71 49.29 -28.74
C VAL A 326 41.22 49.86 -27.43
N LYS A 327 41.15 51.19 -27.27
CA LYS A 327 41.58 51.81 -26.03
C LYS A 327 40.86 51.21 -24.83
N ARG A 328 39.52 51.14 -24.90
CA ARG A 328 38.75 50.64 -23.76
C ARG A 328 38.98 49.15 -23.52
N SER A 329 39.12 48.37 -24.59
CA SER A 329 39.40 46.94 -24.44
C SER A 329 40.71 46.73 -23.69
N VAL A 330 41.76 47.46 -24.08
CA VAL A 330 43.04 47.36 -23.39
C VAL A 330 42.89 47.86 -21.95
N GLU A 331 42.05 48.89 -21.76
CA GLU A 331 41.80 49.44 -20.44
C GLU A 331 41.13 48.41 -19.51
N ARG A 332 40.20 47.60 -20.05
CA ARG A 332 39.48 46.57 -19.32
C ARG A 332 40.33 45.34 -18.96
N ALA A 333 41.30 44.97 -19.81
CA ALA A 333 42.14 43.82 -19.52
C ALA A 333 43.00 44.02 -18.28
N LYS A 334 43.09 45.26 -17.75
CA LYS A 334 43.97 45.49 -16.62
C LYS A 334 43.39 44.88 -15.35
N LYS A 335 42.07 44.68 -15.33
CA LYS A 335 41.45 44.31 -14.07
C LYS A 335 41.60 42.85 -13.71
N TYR A 336 42.34 42.10 -14.52
CA TYR A 336 42.41 40.69 -14.23
C TYR A 336 43.48 40.39 -13.20
N VAL A 337 43.24 39.34 -12.43
CA VAL A 337 44.14 38.92 -11.36
C VAL A 337 44.36 37.43 -11.49
N LEU A 338 45.56 37.01 -11.88
CA LEU A 338 45.78 35.58 -12.07
C LEU A 338 46.20 34.91 -10.76
N GLY A 339 45.82 33.66 -10.61
CA GLY A 339 46.17 32.91 -9.41
C GLY A 339 45.27 31.71 -9.19
N ASN A 340 45.34 31.18 -7.97
CA ASN A 340 44.55 30.01 -7.61
C ASN A 340 43.06 30.33 -7.73
N PRO A 341 42.30 29.57 -8.53
CA PRO A 341 40.87 29.86 -8.68
C PRO A 341 40.09 29.92 -7.37
N LEU A 342 40.58 29.27 -6.31
CA LEU A 342 39.90 29.21 -5.03
C LEU A 342 40.21 30.40 -4.14
N THR A 343 41.29 31.11 -4.40
CA THR A 343 41.63 32.28 -3.58
C THR A 343 40.68 33.43 -3.89
N PRO A 344 40.15 34.13 -2.88
CA PRO A 344 39.26 35.27 -3.13
C PRO A 344 39.98 36.42 -3.85
N GLY A 345 39.26 37.10 -4.74
CA GLY A 345 39.84 38.22 -5.46
C GLY A 345 40.40 37.83 -6.81
N ILE A 346 40.65 36.54 -7.01
CA ILE A 346 41.18 36.04 -8.26
C ILE A 346 40.10 36.08 -9.34
N ASN A 347 40.47 36.60 -10.51
CA ASN A 347 39.59 36.80 -11.65
C ASN A 347 39.78 35.76 -12.72
N GLN A 348 40.99 35.21 -12.82
CA GLN A 348 41.36 34.36 -13.93
C GLN A 348 42.17 33.19 -13.43
N GLY A 349 41.68 32.00 -13.74
CA GLY A 349 42.37 30.80 -13.37
C GLY A 349 43.29 30.35 -14.49
N PRO A 350 43.71 29.11 -14.44
CA PRO A 350 44.61 28.56 -15.46
C PRO A 350 43.87 27.96 -16.65
N GLN A 351 44.64 27.73 -17.71
CA GLN A 351 44.19 26.86 -18.80
C GLN A 351 44.29 25.41 -18.31
N ILE A 352 43.59 24.50 -18.99
CA ILE A 352 43.33 23.19 -18.39
C ILE A 352 44.57 22.30 -18.33
N ASP A 353 45.55 22.50 -19.22
CA ASP A 353 46.67 21.57 -19.24
C ASP A 353 47.78 22.08 -20.15
N LYS A 354 48.86 21.30 -20.22
CA LYS A 354 50.04 21.74 -20.96
C LYS A 354 49.78 21.81 -22.47
N GLU A 355 49.00 20.87 -23.01
CA GLU A 355 48.74 20.86 -24.45
C GLU A 355 48.13 22.18 -24.90
N GLN A 356 47.10 22.63 -24.17
CA GLN A 356 46.42 23.90 -24.44
C GLN A 356 47.34 25.08 -24.15
N HIS A 357 48.12 25.00 -23.09
CA HIS A 357 49.02 26.07 -22.75
C HIS A 357 50.01 26.29 -23.88
N ASP A 358 50.60 25.20 -24.37
CA ASP A 358 51.55 25.30 -25.47
C ASP A 358 50.85 25.81 -26.72
N LYS A 359 49.67 25.27 -27.04
CA LYS A 359 48.96 25.74 -28.22
C LYS A 359 48.76 27.24 -28.18
N ILE A 360 48.19 27.75 -27.08
CA ILE A 360 47.89 29.18 -26.99
C ILE A 360 49.15 30.01 -27.15
N LEU A 361 50.25 29.59 -26.49
CA LEU A 361 51.50 30.33 -26.54
C LEU A 361 52.06 30.36 -27.96
N ASP A 362 52.02 29.22 -28.66
CA ASP A 362 52.47 29.18 -30.05
C ASP A 362 51.64 30.13 -30.90
N LEU A 363 50.32 30.22 -30.65
CA LEU A 363 49.49 31.16 -31.42
C LEU A 363 49.87 32.62 -31.14
N ILE A 364 50.07 32.98 -29.87
CA ILE A 364 50.43 34.37 -29.57
C ILE A 364 51.76 34.75 -30.21
N GLU A 365 52.75 33.85 -30.14
CA GLU A 365 54.01 34.09 -30.85
C GLU A 365 53.77 34.24 -32.34
N SER A 366 52.90 33.39 -32.91
CA SER A 366 52.54 33.45 -34.31
C SER A 366 51.97 34.81 -34.71
N GLY A 367 51.03 35.33 -33.92
CA GLY A 367 50.48 36.64 -34.19
C GLY A 367 51.55 37.72 -34.24
N LYS A 368 52.48 37.68 -33.30
CA LYS A 368 53.55 38.67 -33.30
C LYS A 368 54.42 38.59 -34.56
N LYS A 369 54.76 37.37 -35.02
CA LYS A 369 55.61 37.26 -36.20
C LYS A 369 54.89 37.86 -37.40
N GLU A 370 53.58 37.68 -37.47
CA GLU A 370 52.80 38.25 -38.55
C GLU A 370 52.56 39.72 -38.24
N GLY A 371 52.07 40.46 -39.21
CA GLY A 371 51.75 41.82 -38.84
C GLY A 371 50.70 41.90 -37.76
N ALA A 372 51.04 42.12 -36.51
CA ALA A 372 49.94 42.31 -35.57
C ALA A 372 50.44 43.13 -34.39
N LYS A 373 49.57 44.00 -33.88
CA LYS A 373 49.92 44.92 -32.79
C LYS A 373 49.56 44.37 -31.44
N LEU A 374 50.55 44.19 -30.57
CA LEU A 374 50.30 43.74 -29.21
C LEU A 374 50.05 44.92 -28.28
N GLU A 375 48.90 44.92 -27.60
CA GLU A 375 48.55 45.97 -26.67
C GLU A 375 48.79 45.59 -25.21
N CYS A 376 48.63 44.31 -24.86
CA CYS A 376 48.97 43.83 -23.52
C CYS A 376 49.07 42.30 -23.56
N GLY A 377 49.77 41.74 -22.57
CA GLY A 377 49.96 40.29 -22.50
C GLY A 377 51.02 39.76 -23.46
N GLY A 378 50.81 38.54 -23.93
CA GLY A 378 51.71 37.91 -24.88
C GLY A 378 52.60 36.80 -24.32
N GLY A 379 52.50 36.49 -23.03
CA GLY A 379 53.36 35.45 -22.50
C GLY A 379 52.68 34.71 -21.38
N ARG A 380 53.43 33.76 -20.78
CA ARG A 380 52.90 33.01 -19.66
C ARG A 380 52.98 33.84 -18.38
N TRP A 381 52.38 33.29 -17.32
CA TRP A 381 52.37 33.95 -16.03
C TRP A 381 52.63 32.94 -14.90
N GLY A 382 53.60 33.25 -14.02
CA GLY A 382 53.91 32.40 -12.88
C GLY A 382 54.85 31.25 -13.24
N ASN A 383 55.29 30.54 -12.20
CA ASN A 383 56.17 29.39 -12.43
C ASN A 383 55.47 28.06 -12.37
N LYS A 384 54.37 27.97 -11.66
CA LYS A 384 53.60 26.76 -11.55
C LYS A 384 52.21 27.02 -12.11
N GLY A 385 51.64 25.99 -12.72
CA GLY A 385 50.33 26.05 -13.35
C GLY A 385 50.43 26.48 -14.81
N PHE A 386 49.26 26.44 -15.45
CA PHE A 386 49.12 26.74 -16.86
C PHE A 386 48.39 28.07 -16.96
N PHE A 387 49.15 29.15 -16.89
CA PHE A 387 48.53 30.47 -16.88
C PHE A 387 48.98 31.26 -18.11
N VAL A 388 48.03 32.04 -18.62
CA VAL A 388 48.28 32.89 -19.78
C VAL A 388 47.82 34.28 -19.46
N GLN A 389 48.68 35.26 -19.68
CA GLN A 389 48.28 36.64 -19.51
C GLN A 389 47.16 36.96 -20.50
N PRO A 390 46.12 37.67 -20.06
CA PRO A 390 45.13 38.15 -21.03
C PRO A 390 45.85 39.03 -22.05
N THR A 391 45.79 38.60 -23.30
CA THR A 391 46.50 39.26 -24.38
C THR A 391 45.48 39.88 -25.32
N VAL A 392 45.78 41.07 -25.81
CA VAL A 392 44.91 41.76 -26.74
C VAL A 392 45.73 42.14 -27.96
N PHE A 393 45.31 41.65 -29.12
CA PHE A 393 45.94 41.98 -30.38
C PHE A 393 45.00 42.91 -31.12
N SER A 394 45.56 43.95 -31.70
CA SER A 394 44.81 44.85 -32.57
C SER A 394 45.44 44.77 -33.95
N ASN A 395 44.86 45.49 -34.91
CA ASN A 395 45.33 45.50 -36.30
C ASN A 395 45.44 44.08 -36.82
N VAL A 396 44.52 43.26 -36.43
CA VAL A 396 44.53 41.88 -36.91
C VAL A 396 43.92 41.85 -38.30
N THR A 397 44.52 41.11 -39.21
CA THR A 397 43.93 40.97 -40.52
C THR A 397 43.49 39.54 -40.70
N ASP A 398 42.63 39.35 -41.69
CA ASP A 398 41.95 38.08 -41.84
C ASP A 398 42.90 36.93 -42.17
N GLU A 399 44.07 37.22 -42.74
CA GLU A 399 45.03 36.21 -43.19
C GLU A 399 46.00 35.74 -42.12
N MET A 400 45.82 36.14 -40.87
CA MET A 400 46.73 35.76 -39.79
C MET A 400 46.29 34.45 -39.15
N ARG A 401 47.26 33.71 -38.60
CA ARG A 401 46.89 32.47 -37.92
C ARG A 401 45.90 32.76 -36.78
N ILE A 402 46.19 33.78 -35.97
CA ILE A 402 45.30 34.10 -34.86
C ILE A 402 43.91 34.44 -35.35
N ALA A 403 43.78 34.76 -36.62
CA ALA A 403 42.46 35.05 -37.15
C ALA A 403 41.76 33.84 -37.74
N LYS A 404 42.46 32.73 -37.95
CA LYS A 404 41.83 31.56 -38.56
C LYS A 404 41.70 30.36 -37.63
N GLU A 405 42.57 30.21 -36.64
CA GLU A 405 42.55 29.04 -35.78
C GLU A 405 41.82 29.29 -34.46
N GLU A 406 41.08 28.27 -34.02
CA GLU A 406 40.39 28.36 -32.73
C GLU A 406 41.45 28.54 -31.66
N ILE A 407 41.33 29.66 -30.94
CA ILE A 407 42.35 30.03 -29.97
C ILE A 407 42.13 29.31 -28.64
N PHE A 408 40.89 29.38 -28.12
CA PHE A 408 40.57 28.82 -26.81
C PHE A 408 41.51 29.36 -25.74
N GLY A 409 41.71 30.66 -25.74
CA GLY A 409 42.58 31.28 -24.78
C GLY A 409 42.19 32.73 -24.55
N PRO A 410 42.73 33.33 -23.50
CA PRO A 410 42.34 34.71 -23.20
C PRO A 410 43.00 35.71 -24.14
N VAL A 411 42.89 35.44 -25.44
CA VAL A 411 43.48 36.27 -26.50
C VAL A 411 42.36 36.94 -27.29
N GLN A 412 42.41 38.24 -27.41
CA GLN A 412 41.39 38.97 -28.13
C GLN A 412 41.96 39.51 -29.44
N GLN A 413 41.23 39.36 -30.53
CA GLN A 413 41.68 39.90 -31.80
C GLN A 413 40.71 40.99 -32.21
N ILE A 414 41.22 42.20 -32.41
CA ILE A 414 40.38 43.31 -32.87
C ILE A 414 40.69 43.60 -34.32
N MET A 415 39.63 43.68 -35.14
CA MET A 415 39.73 43.95 -36.57
C MET A 415 38.84 45.12 -36.96
N LYS A 416 39.06 45.65 -38.16
CA LYS A 416 38.38 46.84 -38.63
C LYS A 416 37.48 46.53 -39.82
N PHE A 417 36.41 47.29 -39.93
CA PHE A 417 35.55 47.14 -41.09
C PHE A 417 34.89 48.48 -41.32
N LYS A 418 34.56 48.73 -42.57
CA LYS A 418 33.92 49.96 -42.93
C LYS A 418 32.57 49.69 -43.56
N SER A 419 32.40 48.54 -44.22
CA SER A 419 31.23 48.20 -44.99
C SER A 419 30.42 47.09 -44.35
N VAL A 420 29.10 47.20 -44.46
CA VAL A 420 28.24 46.20 -43.86
C VAL A 420 28.36 44.89 -44.61
N ASP A 421 28.31 44.95 -45.94
CA ASP A 421 28.43 43.73 -46.74
C ASP A 421 29.79 43.08 -46.54
N ASP A 422 30.84 43.89 -46.47
CA ASP A 422 32.19 43.38 -46.28
C ASP A 422 32.29 42.62 -44.94
N VAL A 423 31.78 43.20 -43.86
CA VAL A 423 31.96 42.53 -42.59
C VAL A 423 31.07 41.30 -42.50
N ILE A 424 29.90 41.32 -43.14
CA ILE A 424 29.08 40.10 -43.15
C ILE A 424 29.81 38.97 -43.86
N LYS A 425 30.43 39.26 -45.01
CA LYS A 425 31.20 38.24 -45.72
C LYS A 425 32.39 37.77 -44.92
N ARG A 426 33.14 38.70 -44.33
CA ARG A 426 34.33 38.33 -43.58
C ARG A 426 33.97 37.51 -42.36
N ALA A 427 32.93 37.93 -41.63
CA ALA A 427 32.48 37.18 -40.46
C ALA A 427 32.05 35.76 -40.83
N ASN A 428 31.30 35.62 -41.90
CA ASN A 428 30.86 34.31 -42.31
C ASN A 428 31.95 33.52 -42.98
N ASN A 429 33.12 34.11 -43.23
CA ASN A 429 34.15 33.41 -43.99
C ASN A 429 35.05 32.62 -43.05
N THR A 430 34.40 31.62 -42.44
CA THR A 430 35.02 30.60 -41.64
C THR A 430 34.18 29.34 -41.85
N THR A 431 34.81 28.21 -41.52
CA THR A 431 34.08 26.97 -41.64
C THR A 431 33.25 26.74 -40.39
N TYR A 432 33.39 27.61 -39.40
CA TYR A 432 32.64 27.58 -38.16
C TYR A 432 31.36 28.39 -38.33
N GLY A 433 30.37 28.03 -37.55
CA GLY A 433 29.13 28.77 -37.51
C GLY A 433 29.05 28.84 -36.01
N LEU A 434 27.99 28.31 -35.42
CA LEU A 434 27.79 28.25 -33.96
C LEU A 434 27.39 29.56 -33.28
N ALA A 435 28.20 30.62 -33.29
CA ALA A 435 27.73 31.81 -32.58
C ALA A 435 28.28 33.08 -33.21
N ALA A 436 27.72 34.19 -32.76
CA ALA A 436 28.10 35.52 -33.22
C ALA A 436 27.55 36.59 -32.29
N GLY A 437 28.21 37.72 -32.28
CA GLY A 437 27.75 38.88 -31.52
C GLY A 437 27.52 40.05 -32.46
N LEU A 438 26.50 40.83 -32.18
CA LEU A 438 26.13 41.96 -33.01
C LEU A 438 25.73 43.08 -32.08
N PHE A 439 26.32 44.25 -32.28
CA PHE A 439 26.07 45.40 -31.41
C PHE A 439 25.63 46.55 -32.28
N THR A 440 24.39 46.98 -32.10
CA THR A 440 23.82 48.11 -32.81
C THR A 440 22.53 48.50 -32.09
N LYS A 441 22.14 49.75 -32.26
CA LYS A 441 20.84 50.16 -31.77
C LYS A 441 19.84 50.27 -32.91
N ASP A 442 20.27 50.00 -34.13
CA ASP A 442 19.39 50.11 -35.27
C ASP A 442 18.59 48.82 -35.43
N LEU A 443 17.27 49.00 -35.46
CA LEU A 443 16.36 47.88 -35.64
C LEU A 443 16.63 47.13 -36.94
N ASP A 444 16.72 47.85 -38.04
CA ASP A 444 16.85 47.18 -39.33
C ASP A 444 18.14 46.37 -39.36
N LYS A 445 19.23 46.97 -38.95
CA LYS A 445 20.49 46.27 -39.04
C LYS A 445 20.54 45.05 -38.14
N ALA A 446 20.07 45.19 -36.91
CA ALA A 446 20.04 44.07 -35.98
C ALA A 446 19.32 42.89 -36.60
N ILE A 447 18.15 43.11 -37.19
CA ILE A 447 17.42 41.99 -37.77
C ILE A 447 18.13 41.46 -39.03
N THR A 448 18.44 42.34 -39.99
CA THR A 448 18.94 41.86 -41.29
C THR A 448 20.31 41.21 -41.16
N VAL A 449 21.20 41.81 -40.36
CA VAL A 449 22.52 41.23 -40.15
C VAL A 449 22.42 39.90 -39.39
N SER A 450 21.60 39.82 -38.33
CA SER A 450 21.52 38.55 -37.60
C SER A 450 20.94 37.47 -38.50
N SER A 451 20.09 37.88 -39.45
CA SER A 451 19.63 36.95 -40.46
C SER A 451 20.76 36.53 -41.39
N ALA A 452 21.70 37.43 -41.67
CA ALA A 452 22.69 37.03 -42.65
C ALA A 452 23.81 36.19 -42.05
N LEU A 453 24.07 36.32 -40.76
CA LEU A 453 25.24 35.66 -40.21
C LEU A 453 25.02 34.17 -40.19
N GLN A 454 26.01 33.43 -40.66
CA GLN A 454 25.95 31.97 -40.72
C GLN A 454 26.40 31.44 -39.36
N ALA A 455 25.50 31.58 -38.38
CA ALA A 455 25.77 31.21 -37.01
C ALA A 455 24.53 30.65 -36.33
N GLY A 456 24.76 29.69 -35.41
CA GLY A 456 23.68 28.99 -34.72
C GLY A 456 22.98 29.82 -33.68
N VAL A 457 23.71 30.72 -33.04
CA VAL A 457 23.19 31.64 -32.03
C VAL A 457 23.71 33.01 -32.42
N VAL A 458 22.84 34.01 -32.42
CA VAL A 458 23.30 35.39 -32.60
C VAL A 458 22.82 36.20 -31.41
N TRP A 459 23.74 36.74 -30.63
CA TRP A 459 23.41 37.67 -29.55
C TRP A 459 23.47 39.09 -30.07
N VAL A 460 22.49 39.90 -29.70
CA VAL A 460 22.47 41.29 -30.12
C VAL A 460 22.54 42.14 -28.88
N ASN A 461 23.56 42.98 -28.81
CA ASN A 461 23.78 43.88 -27.66
C ASN A 461 23.93 43.10 -26.37
N CYS A 462 24.47 41.90 -26.44
CA CYS A 462 24.87 41.09 -25.30
C CYS A 462 25.71 39.93 -25.80
N TYR A 463 26.18 39.10 -24.89
CA TYR A 463 26.96 37.95 -25.32
C TYR A 463 26.97 36.88 -24.21
N MET A 464 27.04 35.62 -24.64
CA MET A 464 27.11 34.46 -23.73
C MET A 464 25.98 34.46 -22.70
N MET A 465 24.79 34.81 -23.17
CA MET A 465 23.58 34.72 -22.37
C MET A 465 22.98 33.39 -22.77
N LEU A 466 23.46 32.36 -22.07
CA LEU A 466 23.08 30.97 -22.26
C LEU A 466 21.95 30.66 -21.29
N SER A 467 20.80 30.24 -21.81
CA SER A 467 19.69 29.83 -20.99
C SER A 467 19.25 28.44 -21.41
N ALA A 468 18.38 27.83 -20.62
CA ALA A 468 17.91 26.49 -20.96
C ALA A 468 16.75 26.54 -21.95
N GLN A 469 16.01 27.63 -22.00
CA GLN A 469 14.87 27.69 -22.90
C GLN A 469 15.27 27.80 -24.38
N CYS A 470 16.52 28.17 -24.69
CA CYS A 470 16.88 28.38 -26.11
C CYS A 470 17.69 27.23 -26.69
N PRO A 471 17.39 26.81 -27.92
CA PRO A 471 18.19 25.76 -28.53
C PRO A 471 19.53 26.37 -28.95
N PHE A 472 20.60 25.61 -28.73
CA PHE A 472 21.95 26.09 -29.04
C PHE A 472 22.68 25.03 -29.85
N GLY A 473 23.26 25.47 -30.96
CA GLY A 473 23.94 24.60 -31.88
C GLY A 473 24.49 25.45 -33.00
N GLY A 474 25.21 24.80 -33.93
CA GLY A 474 25.96 25.52 -34.93
C GLY A 474 25.58 25.17 -36.34
N PHE A 475 26.06 26.03 -37.23
CA PHE A 475 26.04 25.89 -38.68
C PHE A 475 27.38 25.31 -39.11
N LYS A 476 27.44 24.88 -40.35
CA LYS A 476 28.67 24.41 -40.99
C LYS A 476 29.40 23.35 -40.15
N MET A 477 30.72 23.49 -39.93
CA MET A 477 31.48 22.52 -39.15
C MET A 477 31.53 22.88 -37.68
N SER A 478 30.64 23.74 -37.23
CA SER A 478 30.52 23.95 -35.79
C SER A 478 29.62 22.92 -35.14
N GLY A 479 29.20 21.91 -35.88
CA GLY A 479 28.37 20.95 -35.23
C GLY A 479 27.18 20.40 -35.98
N ASN A 480 26.43 19.58 -35.26
CA ASN A 480 25.30 18.83 -35.77
C ASN A 480 24.29 18.83 -34.64
N GLY A 481 23.10 19.37 -34.89
CA GLY A 481 22.08 19.38 -33.87
C GLY A 481 22.17 20.61 -32.98
N ARG A 482 21.11 20.76 -32.18
CA ARG A 482 20.97 21.82 -31.20
C ARG A 482 20.72 21.17 -29.84
N GLU A 483 21.11 21.80 -28.75
CA GLU A 483 20.82 21.18 -27.47
C GLU A 483 19.96 22.10 -26.65
N LEU A 484 19.32 21.54 -25.62
CA LEU A 484 18.62 22.33 -24.60
C LEU A 484 17.55 23.30 -25.12
N GLY A 485 16.78 22.92 -26.11
CA GLY A 485 15.60 23.74 -26.31
C GLY A 485 14.39 22.81 -26.29
N GLU A 486 13.20 23.29 -26.61
CA GLU A 486 12.17 22.30 -26.98
C GLU A 486 12.66 21.51 -28.16
N HIS A 487 13.34 22.18 -29.10
CA HIS A 487 13.96 21.47 -30.21
C HIS A 487 15.07 20.57 -29.71
N GLY A 488 15.78 21.00 -28.66
CA GLY A 488 16.86 20.20 -28.16
C GLY A 488 16.35 18.91 -27.52
N LEU A 489 15.20 19.00 -26.85
CA LEU A 489 14.61 17.81 -26.24
C LEU A 489 14.17 16.80 -27.29
N TYR A 490 13.59 17.25 -28.39
CA TYR A 490 13.11 16.29 -29.37
C TYR A 490 14.24 15.56 -30.10
N GLU A 491 15.47 16.10 -30.09
CA GLU A 491 16.57 15.40 -30.73
C GLU A 491 16.94 14.12 -29.96
N TYR A 492 16.37 13.92 -28.78
CA TYR A 492 16.52 12.69 -28.03
C TYR A 492 15.32 11.77 -28.14
N THR A 493 14.46 11.97 -29.14
CA THR A 493 13.35 11.07 -29.37
C THR A 493 13.49 10.46 -30.76
N GLU A 494 12.86 9.31 -30.91
CA GLU A 494 12.77 8.62 -32.17
C GLU A 494 11.29 8.58 -32.53
N LEU A 495 10.96 8.94 -33.77
CA LEU A 495 9.58 9.05 -34.22
C LEU A 495 9.11 7.73 -34.79
N LYS A 496 7.90 7.33 -34.39
CA LYS A 496 7.28 6.10 -34.88
C LYS A 496 5.89 6.43 -35.39
N THR A 497 5.60 6.04 -36.61
CA THR A 497 4.26 6.26 -37.16
C THR A 497 3.45 4.96 -37.06
N VAL A 498 2.29 5.04 -36.43
CA VAL A 498 1.37 3.91 -36.33
C VAL A 498 0.15 4.24 -37.19
N ALA A 499 -0.18 3.35 -38.12
CA ALA A 499 -1.30 3.54 -39.03
C ALA A 499 -2.22 2.32 -38.94
N MET A 500 -3.41 2.52 -38.41
CA MET A 500 -4.34 1.44 -38.12
C MET A 500 -5.53 1.52 -39.06
N LYS A 501 -5.76 0.45 -39.82
CA LYS A 501 -6.91 0.39 -40.70
C LYS A 501 -8.21 0.35 -39.91
N ILE A 502 -9.18 1.17 -40.32
CA ILE A 502 -10.49 1.21 -39.70
C ILE A 502 -11.56 1.21 -40.80
N SER A 503 -12.79 0.87 -40.41
CA SER A 503 -13.86 0.66 -41.39
C SER A 503 -14.29 1.96 -42.08
N GLN A 504 -14.40 3.06 -41.33
CA GLN A 504 -14.76 4.34 -41.94
C GLN A 504 -14.15 5.47 -41.13
N LYS A 505 -13.57 6.46 -41.79
CA LYS A 505 -13.04 7.57 -41.03
C LYS A 505 -13.99 8.75 -41.14
N ASN A 506 -14.09 9.50 -40.04
CA ASN A 506 -14.85 10.74 -39.99
C ASN A 506 -13.93 11.79 -39.40
N SER A 507 -14.09 13.02 -39.85
CA SER A 507 -13.17 14.08 -39.45
C SER A 507 -13.23 14.37 -37.94
N ALA B 14 -1.87 3.35 4.22
CA ALA B 14 -0.71 4.22 4.43
C ALA B 14 -1.23 5.63 4.58
N VAL B 15 -2.47 5.69 5.10
CA VAL B 15 -3.23 6.92 5.33
C VAL B 15 -3.17 7.24 6.83
N PRO B 16 -2.60 8.35 7.21
CA PRO B 16 -2.44 8.66 8.64
C PRO B 16 -3.78 9.05 9.23
N ALA B 17 -3.82 9.20 10.55
CA ALA B 17 -5.09 9.59 11.12
C ALA B 17 -5.32 11.07 10.90
N PRO B 18 -6.57 11.47 10.68
CA PRO B 18 -6.89 12.88 10.46
C PRO B 18 -6.62 13.69 11.69
N LEU B 19 -6.33 14.96 11.46
CA LEU B 19 -6.22 15.94 12.53
C LEU B 19 -7.43 15.93 13.45
N ALA B 20 -7.21 15.54 14.71
CA ALA B 20 -8.24 15.69 15.75
C ALA B 20 -8.59 17.16 16.00
N ASP B 21 -7.59 18.00 16.18
CA ASP B 21 -7.78 19.41 16.57
C ASP B 21 -8.50 20.22 15.51
N LEU B 22 -7.88 20.32 14.32
CA LEU B 22 -8.31 21.17 13.20
C LEU B 22 -9.02 22.43 13.69
N LYS B 23 -8.19 23.39 14.09
CA LYS B 23 -8.65 24.74 14.34
C LYS B 23 -8.59 25.44 13.00
N ILE B 24 -9.70 26.05 12.57
CA ILE B 24 -9.73 26.75 11.28
C ILE B 24 -9.22 28.16 11.42
N GLN B 25 -8.18 28.49 10.64
CA GLN B 25 -7.44 29.71 10.89
C GLN B 25 -7.85 30.87 10.03
N HIS B 26 -8.10 30.59 8.76
CA HIS B 26 -8.32 31.62 7.76
C HIS B 26 -9.76 31.57 7.28
N THR B 27 -10.51 32.62 7.59
CA THR B 27 -11.93 32.72 7.28
C THR B 27 -12.31 34.01 6.60
N LYS B 28 -11.36 34.93 6.37
CA LYS B 28 -11.61 36.26 5.83
C LYS B 28 -11.33 36.30 4.32
N ILE B 29 -11.53 37.49 3.72
CA ILE B 29 -11.26 37.73 2.30
C ILE B 29 -9.76 37.94 2.15
N PHE B 30 -9.19 37.40 1.06
CA PHE B 30 -7.74 37.44 0.82
C PHE B 30 -7.47 38.38 -0.36
N ILE B 31 -6.88 39.53 -0.07
CA ILE B 31 -6.55 40.50 -1.11
C ILE B 31 -5.19 41.09 -0.78
N ASN B 32 -4.32 41.18 -1.79
CA ASN B 32 -3.01 41.81 -1.67
C ASN B 32 -2.15 41.20 -0.56
N ASN B 33 -2.19 39.86 -0.44
CA ASN B 33 -1.46 39.12 0.59
C ASN B 33 -1.84 39.53 2.00
N GLU B 34 -3.04 40.05 2.18
CA GLU B 34 -3.51 40.42 3.51
C GLU B 34 -4.98 40.02 3.68
N TRP B 35 -5.38 39.88 4.94
CA TRP B 35 -6.75 39.47 5.26
C TRP B 35 -7.70 40.65 5.43
N HIS B 36 -8.88 40.52 4.83
CA HIS B 36 -9.86 41.59 4.81
C HIS B 36 -11.20 41.05 5.31
N ASN B 37 -11.90 41.86 6.09
CA ASN B 37 -13.31 41.63 6.38
C ASN B 37 -14.15 42.09 5.21
N SER B 38 -15.40 41.64 5.15
CA SER B 38 -16.27 42.07 4.07
C SER B 38 -16.55 43.56 4.21
N VAL B 39 -16.68 44.24 3.05
CA VAL B 39 -16.91 45.69 3.10
C VAL B 39 -18.16 46.00 3.91
N SER B 40 -19.20 45.17 3.76
CA SER B 40 -20.43 45.34 4.54
C SER B 40 -20.31 44.89 5.99
N GLY B 41 -19.27 44.13 6.33
CA GLY B 41 -19.14 43.53 7.65
C GLY B 41 -19.86 42.19 7.84
N LYS B 42 -20.70 41.78 6.88
CA LYS B 42 -21.46 40.53 7.01
C LYS B 42 -20.57 39.30 6.89
N LYS B 43 -20.91 38.27 7.68
CA LYS B 43 -20.33 36.93 7.60
C LYS B 43 -21.42 35.93 7.23
N PHE B 44 -21.02 34.73 6.85
CA PHE B 44 -22.02 33.72 6.51
C PHE B 44 -21.54 32.36 6.99
N PRO B 45 -22.44 31.47 7.40
CA PRO B 45 -22.02 30.20 8.02
C PRO B 45 -21.69 29.08 7.03
N VAL B 46 -20.67 28.29 7.37
CA VAL B 46 -20.21 27.15 6.59
C VAL B 46 -20.50 25.88 7.39
N LEU B 47 -21.26 24.98 6.80
CA LEU B 47 -21.71 23.79 7.50
C LEU B 47 -20.76 22.62 7.27
N ASN B 48 -21.04 21.56 8.05
CA ASN B 48 -20.38 20.27 7.92
C ASN B 48 -21.51 19.42 7.40
N PRO B 49 -21.47 18.97 6.15
CA PRO B 49 -22.65 18.27 5.61
C PRO B 49 -22.94 16.93 6.29
N ALA B 50 -22.00 16.34 7.03
CA ALA B 50 -22.29 15.10 7.74
C ALA B 50 -23.11 15.32 9.00
N THR B 51 -22.88 16.44 9.71
CA THR B 51 -23.53 16.69 10.99
C THR B 51 -24.51 17.86 10.99
N GLU B 52 -24.52 18.69 9.95
CA GLU B 52 -25.35 19.89 9.88
C GLU B 52 -25.06 20.89 10.99
N GLU B 53 -23.86 20.87 11.58
CA GLU B 53 -23.51 21.89 12.56
C GLU B 53 -22.45 22.82 11.99
N VAL B 54 -22.51 24.09 12.42
CA VAL B 54 -21.71 25.15 11.82
C VAL B 54 -20.22 24.96 12.11
N ILE B 55 -19.41 24.94 11.06
CA ILE B 55 -17.97 24.83 11.25
C ILE B 55 -17.37 26.17 11.65
N CYS B 56 -17.74 27.23 10.93
CA CYS B 56 -17.31 28.56 11.27
C CYS B 56 -18.05 29.53 10.36
N HIS B 57 -17.75 30.80 10.55
CA HIS B 57 -18.32 31.84 9.72
C HIS B 57 -17.21 32.44 8.87
N VAL B 58 -17.57 32.74 7.62
CA VAL B 58 -16.62 33.28 6.65
C VAL B 58 -17.12 34.65 6.25
N GLU B 59 -16.20 35.57 5.96
CA GLU B 59 -16.64 36.90 5.54
C GLU B 59 -17.42 36.81 4.23
N GLU B 60 -18.55 37.50 4.17
CA GLU B 60 -19.44 37.43 3.02
C GLU B 60 -19.08 38.57 2.07
N GLY B 61 -18.33 38.23 1.01
CA GLY B 61 -17.95 39.22 0.04
C GLY B 61 -19.11 39.59 -0.87
N ASP B 62 -19.04 40.79 -1.43
CA ASP B 62 -20.05 41.28 -2.36
C ASP B 62 -19.35 42.15 -3.41
N LYS B 63 -20.14 42.86 -4.24
CA LYS B 63 -19.60 43.63 -5.35
C LYS B 63 -18.44 44.53 -4.94
N ALA B 64 -18.54 45.14 -3.77
CA ALA B 64 -17.48 46.03 -3.31
C ALA B 64 -16.18 45.27 -3.09
N ASP B 65 -16.27 44.06 -2.53
CA ASP B 65 -15.08 43.26 -2.25
C ASP B 65 -14.43 42.78 -3.53
N VAL B 66 -15.23 42.36 -4.51
CA VAL B 66 -14.69 42.02 -5.82
C VAL B 66 -14.01 43.23 -6.46
N ASP B 67 -14.59 44.43 -6.30
CA ASP B 67 -13.96 45.62 -6.85
C ASP B 67 -12.59 45.86 -6.22
N LYS B 68 -12.48 45.71 -4.89
CA LYS B 68 -11.18 45.78 -4.25
C LYS B 68 -10.22 44.77 -4.85
N ALA B 69 -10.70 43.54 -5.02
CA ALA B 69 -9.84 42.49 -5.50
C ALA B 69 -9.41 42.74 -6.96
N VAL B 70 -10.35 43.18 -7.81
CA VAL B 70 -9.97 43.38 -9.22
C VAL B 70 -8.96 44.53 -9.32
N LYS B 71 -9.14 45.60 -8.56
CA LYS B 71 -8.11 46.62 -8.55
C LYS B 71 -6.76 46.06 -8.12
N ALA B 72 -6.74 45.20 -7.10
CA ALA B 72 -5.47 44.64 -6.65
C ALA B 72 -4.82 43.85 -7.76
N ALA B 73 -5.60 42.97 -8.42
CA ALA B 73 -5.07 42.12 -9.46
C ALA B 73 -4.66 42.95 -10.68
N ARG B 74 -5.44 44.00 -11.01
CA ARG B 74 -5.03 44.85 -12.10
C ARG B 74 -3.70 45.53 -11.81
N GLN B 75 -3.51 45.99 -10.57
CA GLN B 75 -2.26 46.65 -10.23
C GLN B 75 -1.10 45.69 -10.38
N ALA B 76 -1.31 44.44 -9.95
CA ALA B 76 -0.28 43.43 -10.06
C ALA B 76 0.03 43.10 -11.51
N PHE B 77 -0.88 43.33 -12.42
CA PHE B 77 -0.65 43.01 -13.82
C PHE B 77 -0.08 44.19 -14.63
N GLN B 78 0.11 45.36 -14.02
CA GLN B 78 0.57 46.50 -14.79
C GLN B 78 1.99 46.23 -15.29
N ILE B 79 2.28 46.76 -16.49
CA ILE B 79 3.61 46.68 -17.06
C ILE B 79 4.62 47.20 -16.06
N GLY B 80 5.69 46.45 -15.86
CA GLY B 80 6.71 46.81 -14.93
C GLY B 80 6.57 46.22 -13.56
N SER B 81 5.46 45.54 -13.27
CA SER B 81 5.30 44.94 -11.95
C SER B 81 6.14 43.67 -11.86
N PRO B 82 6.46 43.26 -10.65
CA PRO B 82 7.20 42.00 -10.48
C PRO B 82 6.54 40.82 -11.19
N TRP B 83 5.21 40.69 -11.15
CA TRP B 83 4.59 39.52 -11.80
C TRP B 83 4.72 39.58 -13.32
N ARG B 84 4.88 40.79 -13.87
CA ARG B 84 5.07 40.93 -15.29
C ARG B 84 6.54 40.86 -15.68
N THR B 85 7.46 41.25 -14.81
CA THR B 85 8.86 41.32 -15.20
C THR B 85 9.71 40.12 -14.80
N MET B 86 9.25 39.27 -13.88
CA MET B 86 10.07 38.12 -13.49
C MET B 86 10.15 37.10 -14.63
N ASP B 87 11.22 36.28 -14.60
CA ASP B 87 11.35 35.22 -15.59
C ASP B 87 10.19 34.24 -15.48
N ALA B 88 9.75 33.71 -16.61
CA ALA B 88 8.73 32.67 -16.60
C ALA B 88 9.16 31.45 -15.76
N SER B 89 10.44 31.07 -15.83
CA SER B 89 10.87 29.94 -14.99
C SER B 89 10.68 30.29 -13.50
N GLU B 90 10.81 31.58 -13.18
CA GLU B 90 10.57 32.04 -11.84
C GLU B 90 9.12 31.84 -11.43
N ARG B 91 8.17 32.10 -12.34
CA ARG B 91 6.78 31.78 -12.05
C ARG B 91 6.63 30.30 -11.83
N GLY B 92 7.32 29.49 -12.64
CA GLY B 92 7.25 28.06 -12.44
C GLY B 92 7.80 27.68 -11.08
N ARG B 93 8.92 28.28 -10.69
CA ARG B 93 9.56 27.98 -9.42
C ARG B 93 8.59 28.23 -8.28
N LEU B 94 7.83 29.34 -8.35
CA LEU B 94 6.86 29.65 -7.30
C LEU B 94 5.73 28.63 -7.27
N LEU B 95 5.24 28.22 -8.46
CA LEU B 95 4.17 27.22 -8.53
C LEU B 95 4.62 25.89 -7.92
N ASN B 96 5.85 25.51 -8.19
CA ASN B 96 6.46 24.32 -7.61
C ASN B 96 6.59 24.47 -6.08
N LYS B 97 6.94 25.69 -5.63
CA LYS B 97 7.05 25.94 -4.19
C LYS B 97 5.68 25.81 -3.55
N LEU B 98 4.62 26.22 -4.26
CA LEU B 98 3.28 26.02 -3.75
C LEU B 98 2.97 24.52 -3.61
N ALA B 99 3.40 23.72 -4.59
CA ALA B 99 3.14 22.29 -4.54
C ALA B 99 3.84 21.67 -3.34
N ASP B 100 5.12 21.99 -3.11
CA ASP B 100 5.82 21.43 -1.96
C ASP B 100 5.14 21.82 -0.65
N LEU B 101 4.67 23.08 -0.55
CA LEU B 101 3.96 23.48 0.66
C LEU B 101 2.68 22.70 0.81
N MET B 102 1.97 22.48 -0.30
CA MET B 102 0.76 21.68 -0.23
C MET B 102 1.10 20.28 0.26
N GLU B 103 2.26 19.78 -0.14
CA GLU B 103 2.70 18.48 0.32
C GLU B 103 2.96 18.49 1.82
N ARG B 104 3.58 19.56 2.32
CA ARG B 104 3.89 19.62 3.74
C ARG B 104 2.62 19.63 4.59
N ASP B 105 1.63 20.44 4.20
CA ASP B 105 0.35 20.56 4.89
C ASP B 105 -0.69 19.63 4.31
N ARG B 106 -0.25 18.52 3.73
CA ARG B 106 -1.18 17.56 3.14
C ARG B 106 -2.19 17.05 4.14
N LEU B 107 -1.73 16.68 5.33
CA LEU B 107 -2.65 16.11 6.31
C LEU B 107 -3.70 17.12 6.73
N LEU B 108 -3.27 18.33 7.11
CA LEU B 108 -4.19 19.40 7.49
C LEU B 108 -5.21 19.69 6.38
N LEU B 109 -4.73 19.95 5.15
CA LEU B 109 -5.64 20.28 4.03
C LEU B 109 -6.61 19.15 3.74
N ALA B 110 -6.14 17.90 3.77
CA ALA B 110 -7.02 16.76 3.56
C ALA B 110 -8.13 16.71 4.61
N THR B 111 -7.79 16.96 5.88
CA THR B 111 -8.83 17.00 6.90
C THR B 111 -9.84 18.11 6.60
N MET B 112 -9.34 19.30 6.29
CA MET B 112 -10.23 20.42 6.01
C MET B 112 -11.14 20.14 4.80
N GLU B 113 -10.59 19.51 3.77
CA GLU B 113 -11.39 19.19 2.59
C GLU B 113 -12.49 18.22 2.97
N ALA B 114 -12.15 17.21 3.78
CA ALA B 114 -13.12 16.20 4.19
C ALA B 114 -14.17 16.79 5.12
N LEU B 115 -13.74 17.60 6.08
CA LEU B 115 -14.66 18.23 7.00
C LEU B 115 -15.65 19.12 6.27
N ASN B 116 -15.17 19.98 5.40
CA ASN B 116 -16.07 20.95 4.77
C ASN B 116 -16.84 20.33 3.61
N GLY B 117 -16.26 19.41 2.87
CA GLY B 117 -17.04 18.95 1.74
C GLY B 117 -17.70 17.59 1.87
N GLY B 118 -17.74 17.04 3.09
CA GLY B 118 -18.23 15.68 3.28
C GLY B 118 -17.60 14.68 2.35
N LYS B 119 -16.28 14.71 2.26
CA LYS B 119 -15.56 13.83 1.36
C LYS B 119 -14.87 12.77 2.20
N VAL B 120 -14.95 11.51 1.77
CA VAL B 120 -14.31 10.41 2.48
C VAL B 120 -12.82 10.73 2.64
N PHE B 121 -12.34 10.72 3.88
CA PHE B 121 -11.01 11.26 4.15
C PHE B 121 -9.91 10.58 3.32
N ALA B 122 -9.89 9.25 3.27
CA ALA B 122 -8.83 8.58 2.52
C ALA B 122 -8.77 9.09 1.09
N ASN B 123 -9.92 9.41 0.49
CA ASN B 123 -9.97 9.93 -0.88
C ASN B 123 -9.35 11.33 -0.97
N ALA B 124 -9.76 12.22 -0.05
CA ALA B 124 -9.22 13.57 -0.03
C ALA B 124 -7.72 13.57 0.15
N TYR B 125 -7.19 12.61 0.92
CA TYR B 125 -5.76 12.61 1.20
C TYR B 125 -4.95 12.00 0.05
N LEU B 126 -5.45 10.90 -0.51
CA LEU B 126 -4.69 10.21 -1.55
C LEU B 126 -5.02 10.72 -2.93
N SER B 127 -6.30 10.88 -3.24
CA SER B 127 -6.61 11.21 -4.62
C SER B 127 -6.69 12.72 -4.87
N ASP B 128 -7.36 13.45 -3.97
CA ASP B 128 -7.51 14.90 -4.17
C ASP B 128 -6.19 15.66 -4.00
N LEU B 129 -5.52 15.46 -2.87
CA LEU B 129 -4.28 16.20 -2.65
C LEU B 129 -3.22 15.73 -3.63
N GLY B 130 -3.16 14.42 -3.88
CA GLY B 130 -2.18 13.93 -4.83
C GLY B 130 -2.35 14.57 -6.19
N GLY B 131 -3.60 14.66 -6.66
CA GLY B 131 -3.84 15.30 -7.94
C GLY B 131 -3.55 16.78 -7.90
N CYS B 132 -3.86 17.44 -6.77
CA CYS B 132 -3.53 18.84 -6.64
C CYS B 132 -2.03 19.08 -6.74
N ILE B 133 -1.22 18.28 -6.04
CA ILE B 133 0.21 18.50 -6.14
C ILE B 133 0.69 18.21 -7.56
N LYS B 134 0.18 17.12 -8.15
CA LYS B 134 0.57 16.74 -9.50
C LYS B 134 0.20 17.78 -10.56
N ALA B 135 -1.01 18.37 -10.47
CA ALA B 135 -1.42 19.39 -11.42
C ALA B 135 -0.60 20.67 -11.26
N LEU B 136 -0.33 21.07 -10.01
CA LEU B 136 0.53 22.23 -9.83
C LEU B 136 1.90 22.00 -10.41
N LYS B 137 2.50 20.82 -10.18
CA LYS B 137 3.82 20.57 -10.73
C LYS B 137 3.77 20.54 -12.26
N TYR B 138 2.68 20.03 -12.82
CA TYR B 138 2.50 20.09 -14.26
C TYR B 138 2.43 21.54 -14.74
N CYS B 139 1.65 22.37 -14.05
CA CYS B 139 1.56 23.76 -14.47
C CYS B 139 2.91 24.46 -14.30
N ALA B 140 3.56 24.22 -13.16
CA ALA B 140 4.88 24.81 -12.96
C ALA B 140 5.76 24.60 -14.17
N GLY B 141 5.76 23.37 -14.71
CA GLY B 141 6.61 23.04 -15.83
C GLY B 141 6.28 23.75 -17.14
N TRP B 142 5.09 24.30 -17.27
CA TRP B 142 4.77 24.94 -18.53
C TRP B 142 5.14 26.41 -18.59
N ALA B 143 5.33 27.08 -17.45
CA ALA B 143 5.43 28.54 -17.45
C ALA B 143 6.40 29.05 -18.50
N ASP B 144 7.56 28.41 -18.66
CA ASP B 144 8.56 28.88 -19.59
C ASP B 144 8.62 28.05 -20.86
N LYS B 145 7.59 27.29 -21.15
CA LYS B 145 7.59 26.54 -22.39
C LYS B 145 6.45 26.99 -23.28
N ILE B 146 5.69 27.98 -22.82
CA ILE B 146 4.69 28.64 -23.64
C ILE B 146 5.44 29.45 -24.67
N HIS B 147 5.15 29.22 -25.93
CA HIS B 147 5.92 29.95 -26.92
C HIS B 147 5.01 30.56 -27.98
N GLY B 148 5.51 31.60 -28.63
CA GLY B 148 4.89 32.16 -29.79
C GLY B 148 5.61 31.67 -31.04
N GLN B 149 5.29 32.28 -32.18
CA GLN B 149 5.85 31.84 -33.44
C GLN B 149 6.57 32.97 -34.18
N THR B 150 7.57 32.60 -34.98
CA THR B 150 8.09 33.50 -36.00
C THR B 150 7.53 32.98 -37.34
N ILE B 151 6.81 33.83 -38.05
CA ILE B 151 5.99 33.40 -39.17
C ILE B 151 6.61 33.93 -40.46
N PRO B 152 6.71 33.12 -41.52
CA PRO B 152 7.29 33.59 -42.78
C PRO B 152 6.24 34.22 -43.70
N SER B 153 5.63 35.31 -43.24
CA SER B 153 4.52 35.89 -43.99
C SER B 153 5.03 36.65 -45.20
N ASP B 154 4.11 37.01 -46.10
CA ASP B 154 4.48 37.70 -47.33
C ASP B 154 5.07 39.07 -47.05
N GLY B 155 5.94 39.51 -47.93
CA GLY B 155 6.50 40.84 -47.87
C GLY B 155 7.79 40.91 -47.08
N ASP B 156 8.45 42.07 -47.19
CA ASP B 156 9.70 42.33 -46.48
C ASP B 156 9.33 42.75 -45.07
N ILE B 157 9.05 41.73 -44.28
CA ILE B 157 8.53 41.88 -42.93
C ILE B 157 9.20 40.78 -42.15
N PHE B 158 9.31 41.01 -40.85
CA PHE B 158 9.68 40.02 -39.85
C PHE B 158 8.47 39.91 -38.95
N THR B 159 7.79 38.78 -38.99
CA THR B 159 6.55 38.68 -38.25
C THR B 159 6.73 37.64 -37.19
N TYR B 160 6.37 37.98 -35.96
CA TYR B 160 6.40 37.03 -34.87
C TYR B 160 5.19 37.30 -33.99
N THR B 161 4.85 36.32 -33.15
CA THR B 161 3.78 36.48 -32.18
C THR B 161 4.35 36.30 -30.78
N ARG B 162 3.62 36.85 -29.84
CA ARG B 162 3.89 36.76 -28.43
C ARG B 162 2.64 36.22 -27.75
N ARG B 163 2.82 35.28 -26.85
CA ARG B 163 1.73 34.75 -26.03
C ARG B 163 1.74 35.52 -24.72
N GLU B 164 1.00 36.60 -24.68
CA GLU B 164 0.99 37.38 -23.45
C GLU B 164 0.01 36.75 -22.49
N PRO B 165 0.12 37.04 -21.20
CA PRO B 165 -0.99 36.71 -20.28
C PRO B 165 -2.16 37.61 -20.66
N ILE B 166 -3.36 37.12 -20.39
CA ILE B 166 -4.55 37.89 -20.73
C ILE B 166 -4.66 39.13 -19.84
N GLY B 167 -4.45 38.96 -18.54
CA GLY B 167 -4.69 40.04 -17.58
C GLY B 167 -5.42 39.53 -16.36
N VAL B 168 -6.54 40.16 -15.99
CA VAL B 168 -7.28 39.77 -14.79
C VAL B 168 -8.27 38.68 -15.15
N CYS B 169 -8.17 37.54 -14.47
CA CYS B 169 -9.01 36.38 -14.73
C CYS B 169 -9.84 36.13 -13.51
N GLY B 170 -11.16 36.18 -13.67
CA GLY B 170 -12.07 35.79 -12.61
C GLY B 170 -12.42 34.31 -12.69
N GLN B 171 -12.35 33.63 -11.56
CA GLN B 171 -12.47 32.19 -11.58
C GLN B 171 -13.45 31.77 -10.49
N ILE B 172 -14.59 31.19 -10.89
CA ILE B 172 -15.70 30.81 -10.01
C ILE B 172 -15.71 29.29 -9.81
N ILE B 173 -15.46 28.83 -8.59
CA ILE B 173 -15.15 27.43 -8.26
C ILE B 173 -16.37 26.68 -7.72
N PRO B 174 -16.56 25.36 -8.04
CA PRO B 174 -17.66 24.60 -7.41
C PRO B 174 -17.32 23.99 -6.07
N TRP B 175 -18.30 23.31 -5.47
CA TRP B 175 -18.13 22.73 -4.14
C TRP B 175 -17.72 21.26 -4.13
N ASN B 176 -17.79 20.56 -5.27
CA ASN B 176 -17.55 19.11 -5.25
C ASN B 176 -16.08 18.76 -5.06
N PHE B 177 -15.16 19.47 -5.69
CA PHE B 177 -13.74 19.25 -5.50
C PHE B 177 -13.09 20.62 -5.30
N PRO B 178 -13.29 21.22 -4.14
CA PRO B 178 -12.84 22.61 -3.96
C PRO B 178 -11.36 22.82 -4.22
N MET B 179 -10.48 22.00 -3.67
CA MET B 179 -9.07 22.21 -3.95
C MET B 179 -8.71 21.86 -5.39
N LEU B 180 -9.23 20.74 -5.93
CA LEU B 180 -8.84 20.30 -7.26
C LEU B 180 -9.18 21.36 -8.31
N MET B 181 -10.45 21.79 -8.33
CA MET B 181 -10.90 22.85 -9.23
C MET B 181 -10.10 24.13 -8.98
N PHE B 182 -9.79 24.40 -7.72
CA PHE B 182 -8.99 25.57 -7.42
C PHE B 182 -7.66 25.52 -8.17
N ILE B 183 -6.96 24.38 -8.06
CA ILE B 183 -5.65 24.25 -8.71
C ILE B 183 -5.83 24.22 -10.22
N TRP B 184 -6.88 23.56 -10.71
CA TRP B 184 -7.08 23.48 -12.15
C TRP B 184 -7.33 24.86 -12.79
N LYS B 185 -7.88 25.79 -12.03
CA LYS B 185 -8.13 27.10 -12.59
C LYS B 185 -6.97 28.04 -12.34
N ILE B 186 -6.39 28.05 -11.14
CA ILE B 186 -5.34 29.04 -10.90
C ILE B 186 -3.99 28.58 -11.45
N GLY B 187 -3.77 27.27 -11.51
CA GLY B 187 -2.50 26.72 -11.96
C GLY B 187 -2.14 27.15 -13.37
N PRO B 188 -3.04 26.91 -14.31
CA PRO B 188 -2.83 27.42 -15.67
C PRO B 188 -2.76 28.93 -15.77
N ALA B 189 -3.70 29.63 -15.12
CA ALA B 189 -3.76 31.08 -15.23
C ALA B 189 -2.47 31.73 -14.74
N LEU B 190 -1.91 31.23 -13.63
CA LEU B 190 -0.67 31.79 -13.12
C LEU B 190 0.53 31.35 -13.96
N SER B 191 0.52 30.10 -14.44
CA SER B 191 1.63 29.59 -15.23
C SER B 191 1.87 30.48 -16.45
N CYS B 192 0.78 31.00 -17.02
CA CYS B 192 0.85 31.93 -18.13
C CYS B 192 1.12 33.37 -17.72
N GLY B 193 1.14 33.68 -16.44
CA GLY B 193 1.48 35.02 -16.00
C GLY B 193 0.32 35.97 -15.77
N ASN B 194 -0.91 35.47 -15.69
CA ASN B 194 -2.09 36.26 -15.39
C ASN B 194 -2.12 36.61 -13.91
N THR B 195 -3.12 37.39 -13.51
CA THR B 195 -3.50 37.54 -12.12
C THR B 195 -4.97 37.18 -11.98
N VAL B 196 -5.37 36.69 -10.81
CA VAL B 196 -6.68 36.07 -10.65
C VAL B 196 -7.45 36.55 -9.43
N VAL B 197 -8.77 36.55 -9.58
CA VAL B 197 -9.75 36.79 -8.52
C VAL B 197 -10.63 35.56 -8.49
N VAL B 198 -10.53 34.77 -7.41
CA VAL B 198 -11.19 33.49 -7.29
C VAL B 198 -12.38 33.64 -6.38
N LYS B 199 -13.52 33.09 -6.78
CA LYS B 199 -14.68 33.00 -5.89
C LYS B 199 -15.02 31.54 -5.63
N PRO B 200 -14.65 30.99 -4.47
CA PRO B 200 -14.96 29.59 -4.17
C PRO B 200 -16.43 29.45 -3.81
N ALA B 201 -16.92 28.20 -3.88
CA ALA B 201 -18.33 27.94 -3.60
C ALA B 201 -18.68 28.30 -2.16
N GLU B 202 -19.92 28.76 -1.94
CA GLU B 202 -20.33 29.20 -0.59
C GLU B 202 -20.31 28.03 0.41
N GLN B 203 -20.63 26.84 -0.07
CA GLN B 203 -20.61 25.69 0.82
C GLN B 203 -19.19 25.33 1.22
N THR B 204 -18.19 25.62 0.38
CA THR B 204 -16.83 25.11 0.61
C THR B 204 -15.72 26.13 0.37
N PRO B 205 -15.67 27.21 1.16
CA PRO B 205 -14.57 28.17 0.96
C PRO B 205 -13.30 27.88 1.74
N LEU B 206 -13.31 26.96 2.70
CA LEU B 206 -12.24 26.89 3.68
C LEU B 206 -10.89 26.48 3.09
N THR B 207 -10.84 25.42 2.30
CA THR B 207 -9.54 25.00 1.80
C THR B 207 -8.91 26.05 0.90
N ALA B 208 -9.72 26.78 0.12
CA ALA B 208 -9.18 27.83 -0.72
C ALA B 208 -8.53 28.92 0.14
N LEU B 209 -9.20 29.34 1.22
CA LEU B 209 -8.58 30.34 2.07
C LEU B 209 -7.30 29.80 2.66
N HIS B 210 -7.27 28.51 3.04
CA HIS B 210 -6.02 27.99 3.56
C HIS B 210 -4.97 27.93 2.48
N LEU B 211 -5.37 27.69 1.23
CA LEU B 211 -4.36 27.69 0.19
C LEU B 211 -3.78 29.09 0.03
N ALA B 212 -4.61 30.12 0.16
CA ALA B 212 -4.10 31.48 0.02
C ALA B 212 -2.97 31.77 0.98
N SER B 213 -3.08 31.32 2.23
CA SER B 213 -1.99 31.56 3.18
C SER B 213 -0.71 30.92 2.67
N LEU B 214 -0.83 29.77 2.02
CA LEU B 214 0.33 29.10 1.45
C LEU B 214 0.84 29.85 0.23
N ILE B 215 -0.04 30.51 -0.53
CA ILE B 215 0.44 31.32 -1.63
C ILE B 215 1.26 32.48 -1.09
N LYS B 216 0.78 33.09 -0.01
CA LYS B 216 1.59 34.08 0.66
C LYS B 216 2.93 33.50 1.08
N GLU B 217 2.93 32.31 1.67
CA GLU B 217 4.18 31.75 2.17
C GLU B 217 5.17 31.41 1.04
N ALA B 218 4.68 30.92 -0.12
CA ALA B 218 5.59 30.61 -1.23
C ALA B 218 6.24 31.84 -1.83
N GLY B 219 5.66 33.02 -1.62
CA GLY B 219 6.28 34.23 -2.10
C GLY B 219 5.72 34.84 -3.36
N PHE B 220 4.50 34.50 -3.78
CA PHE B 220 3.89 35.18 -4.91
C PHE B 220 3.74 36.67 -4.60
N PRO B 221 4.01 37.54 -5.57
CA PRO B 221 3.87 38.98 -5.33
C PRO B 221 2.44 39.30 -5.00
N PRO B 222 2.20 40.34 -4.16
CA PRO B 222 0.83 40.74 -3.78
C PRO B 222 -0.03 41.13 -4.99
N GLY B 223 -1.31 40.79 -4.89
CA GLY B 223 -2.29 41.02 -5.92
C GLY B 223 -2.37 39.91 -6.94
N VAL B 224 -1.40 38.99 -6.99
CA VAL B 224 -1.44 37.99 -8.05
C VAL B 224 -2.57 37.00 -7.80
N VAL B 225 -2.87 36.68 -6.54
CA VAL B 225 -3.98 35.81 -6.20
C VAL B 225 -4.89 36.50 -5.18
N ASN B 226 -6.16 36.62 -5.50
CA ASN B 226 -7.16 37.21 -4.63
C ASN B 226 -8.30 36.21 -4.48
N ILE B 227 -8.84 36.08 -3.28
CA ILE B 227 -9.96 35.16 -3.06
C ILE B 227 -11.06 35.92 -2.36
N VAL B 228 -12.24 35.92 -2.97
CA VAL B 228 -13.40 36.61 -2.40
C VAL B 228 -14.50 35.60 -2.17
N PRO B 229 -14.58 35.00 -0.99
CA PRO B 229 -15.68 34.10 -0.70
C PRO B 229 -17.00 34.85 -0.65
N GLY B 230 -18.06 34.11 -0.92
CA GLY B 230 -19.38 34.69 -0.86
C GLY B 230 -20.34 33.90 -1.71
N TYR B 231 -21.48 34.50 -1.92
CA TYR B 231 -22.50 33.79 -2.67
C TYR B 231 -22.34 34.05 -4.17
N GLY B 232 -22.99 33.19 -4.95
CA GLY B 232 -22.93 33.27 -6.39
C GLY B 232 -23.61 34.50 -6.96
N PRO B 233 -24.88 34.70 -6.63
CA PRO B 233 -25.61 35.85 -7.19
C PRO B 233 -25.15 37.21 -6.71
N THR B 234 -24.16 37.29 -5.85
CA THR B 234 -23.61 38.58 -5.48
C THR B 234 -22.15 38.71 -5.84
N ALA B 235 -21.34 37.75 -5.50
CA ALA B 235 -19.92 37.94 -5.75
C ALA B 235 -19.53 37.28 -7.05
N GLY B 236 -20.15 36.16 -7.35
CA GLY B 236 -19.95 35.55 -8.64
C GLY B 236 -20.48 36.45 -9.74
N ALA B 237 -21.65 37.04 -9.51
CA ALA B 237 -22.20 37.98 -10.49
C ALA B 237 -21.30 39.20 -10.65
N ALA B 238 -20.78 39.74 -9.54
CA ALA B 238 -19.90 40.89 -9.65
C ALA B 238 -18.66 40.57 -10.50
N ILE B 239 -18.14 39.35 -10.37
CA ILE B 239 -17.02 38.92 -11.20
C ILE B 239 -17.45 38.86 -12.65
N SER B 240 -18.57 38.20 -12.92
CA SER B 240 -18.94 37.98 -14.31
C SER B 240 -19.29 39.29 -15.04
N SER B 241 -19.84 40.28 -14.34
CA SER B 241 -20.24 41.54 -14.94
C SER B 241 -19.24 42.67 -14.72
N HIS B 242 -18.07 42.39 -14.16
CA HIS B 242 -17.11 43.45 -13.87
C HIS B 242 -16.54 44.05 -15.13
N MET B 243 -16.38 45.37 -15.11
CA MET B 243 -15.94 46.10 -16.31
C MET B 243 -14.42 46.02 -16.54
N ASP B 244 -13.63 45.54 -15.58
CA ASP B 244 -12.19 45.49 -15.71
C ASP B 244 -11.65 44.06 -15.61
N VAL B 245 -12.49 43.06 -15.76
CA VAL B 245 -12.08 41.67 -15.73
C VAL B 245 -11.94 41.16 -17.15
N ASP B 246 -10.77 40.63 -17.47
CA ASP B 246 -10.53 40.21 -18.84
C ASP B 246 -11.13 38.84 -19.16
N LYS B 247 -11.22 37.92 -18.18
CA LYS B 247 -11.78 36.61 -18.50
C LYS B 247 -12.52 36.08 -17.27
N VAL B 248 -13.54 35.26 -17.51
CA VAL B 248 -14.18 34.51 -16.45
C VAL B 248 -14.23 33.05 -16.86
N ALA B 249 -13.80 32.18 -15.94
CA ALA B 249 -13.89 30.74 -16.11
C ALA B 249 -14.77 30.23 -14.98
N PHE B 250 -15.78 29.45 -15.35
CA PHE B 250 -16.81 29.06 -14.42
C PHE B 250 -17.11 27.59 -14.58
N THR B 251 -17.17 26.89 -13.44
CA THR B 251 -17.57 25.50 -13.33
C THR B 251 -18.82 25.38 -12.48
N GLY B 252 -19.83 24.72 -13.03
CA GLY B 252 -21.08 24.62 -12.30
C GLY B 252 -22.21 24.13 -13.19
N SER B 253 -23.42 24.60 -12.89
CA SER B 253 -24.59 24.14 -13.61
C SER B 253 -24.69 24.79 -14.98
N THR B 254 -25.52 24.20 -15.84
CA THR B 254 -25.71 24.77 -17.16
C THR B 254 -26.45 26.09 -17.10
N GLN B 255 -27.47 26.18 -16.26
CA GLN B 255 -28.32 27.38 -16.20
C GLN B 255 -27.52 28.61 -15.73
N VAL B 256 -26.71 28.46 -14.68
CA VAL B 256 -25.86 29.56 -14.23
C VAL B 256 -24.81 29.90 -15.28
N GLY B 257 -24.33 28.91 -16.02
CA GLY B 257 -23.39 29.17 -17.10
C GLY B 257 -23.99 30.07 -18.14
N LYS B 258 -25.25 29.83 -18.49
CA LYS B 258 -25.98 30.71 -19.37
C LYS B 258 -25.95 32.14 -18.83
N LEU B 259 -26.15 32.30 -17.51
CA LEU B 259 -26.12 33.65 -16.96
C LEU B 259 -24.76 34.30 -17.08
N ILE B 260 -23.69 33.52 -16.90
CA ILE B 260 -22.37 34.12 -16.94
C ILE B 260 -22.01 34.55 -18.36
N LYS B 261 -22.25 33.67 -19.33
CA LYS B 261 -21.96 34.04 -20.72
C LYS B 261 -22.75 35.29 -21.12
N GLU B 262 -24.02 35.35 -20.69
CA GLU B 262 -24.87 36.50 -20.96
C GLU B 262 -24.33 37.76 -20.31
N ALA B 263 -23.93 37.65 -19.04
CA ALA B 263 -23.45 38.82 -18.32
C ALA B 263 -22.17 39.37 -18.94
N ALA B 264 -21.28 38.48 -19.40
CA ALA B 264 -20.06 38.90 -20.06
C ALA B 264 -20.39 39.71 -21.32
N GLY B 265 -21.37 39.25 -22.09
CA GLY B 265 -21.82 40.03 -23.23
C GLY B 265 -22.36 41.39 -22.83
N LYS B 266 -23.13 41.47 -21.73
CA LYS B 266 -23.84 42.72 -21.41
C LYS B 266 -22.85 43.82 -20.99
N SER B 267 -21.69 43.46 -20.51
CA SER B 267 -20.73 44.42 -19.98
C SER B 267 -19.34 43.95 -20.40
N ASN B 268 -18.63 44.81 -21.15
CA ASN B 268 -17.21 44.69 -21.57
C ASN B 268 -16.73 43.45 -22.35
N LEU B 269 -17.59 42.54 -22.84
CA LEU B 269 -17.15 41.43 -23.72
C LEU B 269 -15.87 40.69 -23.28
N LYS B 270 -15.88 40.22 -22.05
CA LYS B 270 -14.76 39.45 -21.56
C LYS B 270 -14.76 38.07 -22.20
N ARG B 271 -13.57 37.47 -22.22
CA ARG B 271 -13.46 36.08 -22.64
C ARG B 271 -14.15 35.20 -21.59
N VAL B 272 -14.72 34.08 -22.04
CA VAL B 272 -15.49 33.18 -21.19
C VAL B 272 -15.11 31.74 -21.46
N THR B 273 -14.90 30.96 -20.40
CA THR B 273 -14.80 29.51 -20.47
C THR B 273 -15.71 28.89 -19.44
N LEU B 274 -16.49 27.91 -19.87
CA LEU B 274 -17.46 27.29 -18.99
C LEU B 274 -17.27 25.79 -18.99
N GLU B 275 -17.47 25.15 -17.85
CA GLU B 275 -17.54 23.70 -17.81
C GLU B 275 -18.79 23.37 -16.99
N LEU B 276 -19.79 22.86 -17.69
CA LEU B 276 -21.11 22.65 -17.13
C LEU B 276 -21.29 21.17 -16.70
N GLY B 277 -22.51 20.78 -16.40
CA GLY B 277 -22.70 19.43 -15.95
C GLY B 277 -22.55 18.47 -17.10
N GLY B 278 -22.85 17.20 -16.80
CA GLY B 278 -22.89 16.18 -17.83
C GLY B 278 -24.05 15.24 -17.61
N LYS B 279 -24.32 14.46 -18.63
CA LYS B 279 -25.17 13.29 -18.52
C LYS B 279 -24.39 12.25 -19.31
N SER B 280 -23.21 11.97 -18.80
CA SER B 280 -22.21 11.20 -19.52
C SER B 280 -22.63 9.74 -19.65
N PRO B 281 -22.58 9.16 -20.84
CA PRO B 281 -23.05 7.77 -20.99
C PRO B 281 -21.92 6.73 -20.92
N CYS B 282 -22.25 5.48 -20.61
CA CYS B 282 -21.33 4.36 -20.81
C CYS B 282 -21.95 3.40 -21.81
N ILE B 283 -21.16 2.93 -22.76
CA ILE B 283 -21.61 1.94 -23.72
C ILE B 283 -20.80 0.68 -23.47
N VAL B 284 -21.50 -0.42 -23.11
CA VAL B 284 -20.88 -1.70 -22.81
C VAL B 284 -21.25 -2.70 -23.90
N PHE B 285 -20.24 -3.14 -24.67
CA PHE B 285 -20.44 -4.11 -25.74
C PHE B 285 -20.26 -5.51 -25.21
N ALA B 286 -20.91 -6.48 -25.88
CA ALA B 286 -20.91 -7.86 -25.40
C ALA B 286 -19.50 -8.41 -25.26
N ASP B 287 -18.57 -8.00 -26.12
CA ASP B 287 -17.22 -8.54 -25.98
C ASP B 287 -16.39 -7.80 -24.96
N ALA B 288 -16.98 -6.84 -24.25
CA ALA B 288 -16.20 -6.18 -23.24
C ALA B 288 -15.89 -7.15 -22.10
N ASP B 289 -14.84 -6.83 -21.38
CA ASP B 289 -14.54 -7.57 -20.16
C ASP B 289 -15.55 -7.09 -19.14
N LEU B 290 -16.55 -7.93 -18.89
CA LEU B 290 -17.67 -7.54 -18.05
C LEU B 290 -17.21 -7.20 -16.61
N ASP B 291 -16.21 -7.92 -16.08
CA ASP B 291 -15.76 -7.66 -14.72
C ASP B 291 -15.19 -6.26 -14.61
N ILE B 292 -14.30 -5.90 -15.55
CA ILE B 292 -13.71 -4.57 -15.57
C ILE B 292 -14.74 -3.50 -15.88
N ALA B 293 -15.68 -3.78 -16.81
CA ALA B 293 -16.67 -2.79 -17.17
C ALA B 293 -17.53 -2.42 -15.97
N VAL B 294 -17.96 -3.43 -15.20
CA VAL B 294 -18.79 -3.16 -14.04
C VAL B 294 -18.03 -2.34 -13.02
N GLU B 295 -16.77 -2.70 -12.77
CA GLU B 295 -15.99 -2.02 -11.74
C GLU B 295 -15.84 -0.55 -12.04
N PHE B 296 -15.46 -0.23 -13.28
CA PHE B 296 -15.25 1.16 -13.65
C PHE B 296 -16.57 1.91 -13.78
N ALA B 297 -17.61 1.29 -14.32
CA ALA B 297 -18.88 1.97 -14.42
C ALA B 297 -19.41 2.32 -13.04
N HIS B 298 -19.30 1.37 -12.11
CA HIS B 298 -19.69 1.66 -10.73
C HIS B 298 -18.92 2.84 -10.16
N HIS B 299 -17.58 2.80 -10.29
CA HIS B 299 -16.75 3.87 -9.77
C HIS B 299 -17.12 5.20 -10.43
N GLY B 300 -17.36 5.19 -11.74
CA GLY B 300 -17.64 6.44 -12.40
C GLY B 300 -18.96 7.08 -12.04
N VAL B 301 -19.92 6.32 -11.52
CA VAL B 301 -21.21 6.90 -11.14
C VAL B 301 -21.32 7.14 -9.65
N PHE B 302 -20.53 6.43 -8.83
CA PHE B 302 -20.70 6.52 -7.38
C PHE B 302 -19.63 7.34 -6.68
N TYR B 303 -18.50 7.61 -7.32
CA TYR B 303 -17.38 8.25 -6.63
C TYR B 303 -17.77 9.60 -6.05
N HIS B 304 -17.33 9.84 -4.82
CA HIS B 304 -17.63 11.05 -4.05
C HIS B 304 -19.13 11.33 -4.05
N GLN B 305 -19.90 10.31 -3.71
CA GLN B 305 -21.36 10.36 -3.66
C GLN B 305 -21.96 10.79 -4.99
N GLY B 306 -21.31 10.44 -6.11
CA GLY B 306 -21.86 10.70 -7.42
C GLY B 306 -21.92 12.15 -7.82
N GLN B 307 -21.17 13.03 -7.17
CA GLN B 307 -21.16 14.47 -7.40
C GLN B 307 -20.14 14.94 -8.44
N CYS B 308 -19.57 14.04 -9.23
CA CYS B 308 -18.62 14.48 -10.25
C CYS B 308 -19.31 15.00 -11.49
N CYS B 309 -18.69 16.02 -12.10
CA CYS B 309 -19.08 16.56 -13.39
C CYS B 309 -19.13 15.50 -14.46
N VAL B 310 -18.45 14.38 -14.25
CA VAL B 310 -18.27 13.32 -15.22
C VAL B 310 -18.97 12.07 -14.73
N ALA B 311 -20.12 12.22 -14.08
CA ALA B 311 -20.76 11.05 -13.50
C ALA B 311 -21.33 10.15 -14.60
N ALA B 312 -21.01 8.85 -14.50
CA ALA B 312 -21.49 7.89 -15.48
C ALA B 312 -22.85 7.34 -15.05
N SER B 313 -23.86 8.20 -15.18
CA SER B 313 -25.19 7.93 -14.65
C SER B 313 -26.10 7.22 -15.64
N ARG B 314 -25.68 7.05 -16.89
CA ARG B 314 -26.40 6.24 -17.87
C ARG B 314 -25.44 5.18 -18.37
N ILE B 315 -25.81 3.92 -18.20
CA ILE B 315 -25.00 2.78 -18.62
C ILE B 315 -25.82 1.96 -19.60
N PHE B 316 -25.40 1.94 -20.85
CA PHE B 316 -26.03 1.14 -21.88
C PHE B 316 -25.28 -0.18 -21.95
N VAL B 317 -25.97 -1.29 -21.78
CA VAL B 317 -25.36 -2.61 -21.83
C VAL B 317 -26.02 -3.38 -22.96
N GLU B 318 -25.23 -4.16 -23.70
CA GLU B 318 -25.79 -4.93 -24.79
C GLU B 318 -26.66 -6.03 -24.20
N GLU B 319 -27.81 -6.29 -24.83
CA GLU B 319 -28.82 -7.21 -24.29
C GLU B 319 -28.18 -8.51 -23.84
N SER B 320 -27.19 -8.97 -24.62
CA SER B 320 -26.52 -10.24 -24.34
C SER B 320 -25.98 -10.28 -22.92
N VAL B 321 -25.48 -9.14 -22.44
CA VAL B 321 -24.79 -9.04 -21.17
C VAL B 321 -25.55 -8.19 -20.15
N TYR B 322 -26.72 -7.66 -20.52
CA TYR B 322 -27.42 -6.73 -19.67
C TYR B 322 -27.70 -7.28 -18.27
N ASP B 323 -28.35 -8.43 -18.19
CA ASP B 323 -28.73 -8.96 -16.88
C ASP B 323 -27.52 -9.34 -16.03
N GLU B 324 -26.49 -9.92 -16.64
CA GLU B 324 -25.31 -10.23 -15.83
C GLU B 324 -24.70 -8.94 -15.27
N PHE B 325 -24.67 -7.88 -16.06
CA PHE B 325 -24.12 -6.60 -15.63
C PHE B 325 -24.89 -6.05 -14.42
N VAL B 326 -26.22 -6.00 -14.52
CA VAL B 326 -27.01 -5.45 -13.42
C VAL B 326 -26.82 -6.30 -12.17
N LYS B 327 -26.72 -7.62 -12.34
CA LYS B 327 -26.50 -8.50 -11.20
C LYS B 327 -25.25 -8.06 -10.42
N ARG B 328 -24.13 -7.89 -11.11
CA ARG B 328 -22.91 -7.48 -10.43
C ARG B 328 -22.99 -6.05 -9.93
N SER B 329 -23.66 -5.16 -10.65
CA SER B 329 -23.77 -3.80 -10.17
C SER B 329 -24.52 -3.74 -8.85
N VAL B 330 -25.65 -4.46 -8.75
CA VAL B 330 -26.36 -4.52 -7.48
C VAL B 330 -25.49 -5.16 -6.40
N GLU B 331 -24.71 -6.19 -6.78
CA GLU B 331 -23.85 -6.81 -5.78
C GLU B 331 -22.79 -5.82 -5.29
N ARG B 332 -22.21 -5.03 -6.20
CA ARG B 332 -21.21 -4.03 -5.85
C ARG B 332 -21.82 -2.82 -5.15
N ALA B 333 -23.07 -2.44 -5.47
CA ALA B 333 -23.69 -1.25 -4.86
C ALA B 333 -24.16 -1.44 -3.40
N LYS B 334 -24.37 -2.67 -2.93
CA LYS B 334 -24.85 -2.84 -1.56
C LYS B 334 -23.74 -2.84 -0.53
N LYS B 335 -22.51 -2.54 -0.97
CA LYS B 335 -21.28 -2.75 -0.21
C LYS B 335 -20.75 -1.48 0.47
N TYR B 336 -21.56 -0.45 0.63
CA TYR B 336 -21.06 0.77 1.25
C TYR B 336 -21.40 0.87 2.74
N VAL B 337 -20.60 1.68 3.44
CA VAL B 337 -20.77 1.95 4.87
C VAL B 337 -20.80 3.47 5.00
N LEU B 338 -21.98 4.02 5.28
CA LEU B 338 -22.21 5.46 5.33
C LEU B 338 -21.95 5.99 6.73
N GLY B 339 -21.52 7.24 6.80
CA GLY B 339 -21.28 7.89 8.08
C GLY B 339 -20.38 9.10 7.91
N ASN B 340 -19.88 9.59 9.05
CA ASN B 340 -19.00 10.75 9.06
C ASN B 340 -17.74 10.50 8.24
N PRO B 341 -17.44 11.32 7.24
CA PRO B 341 -16.27 11.11 6.38
C PRO B 341 -14.93 11.09 7.09
N LEU B 342 -14.82 11.67 8.30
CA LEU B 342 -13.57 11.62 9.05
C LEU B 342 -13.41 10.33 9.86
N THR B 343 -14.49 9.61 10.11
CA THR B 343 -14.39 8.35 10.81
C THR B 343 -13.80 7.27 9.89
N PRO B 344 -12.84 6.49 10.37
CA PRO B 344 -12.24 5.42 9.54
C PRO B 344 -13.19 4.26 9.24
N GLY B 345 -13.09 3.74 8.02
CA GLY B 345 -13.93 2.67 7.57
C GLY B 345 -15.14 3.13 6.77
N ILE B 346 -15.51 4.41 6.90
CA ILE B 346 -16.67 4.94 6.22
C ILE B 346 -16.40 5.01 4.72
N ASN B 347 -17.35 4.52 3.94
CA ASN B 347 -17.18 4.33 2.51
C ASN B 347 -17.81 5.45 1.69
N GLN B 348 -18.85 6.07 2.25
CA GLN B 348 -19.68 7.04 1.57
C GLN B 348 -20.03 8.15 2.55
N GLY B 349 -19.73 9.37 2.18
CA GLY B 349 -20.12 10.51 2.96
C GLY B 349 -21.47 11.06 2.53
N PRO B 350 -21.76 12.29 2.93
CA PRO B 350 -23.04 12.91 2.63
C PRO B 350 -23.04 13.70 1.32
N GLN B 351 -24.24 14.12 0.91
CA GLN B 351 -24.32 15.13 -0.14
C GLN B 351 -23.98 16.49 0.45
N ILE B 352 -23.68 17.44 -0.44
CA ILE B 352 -23.00 18.67 0.00
C ILE B 352 -23.92 19.54 0.86
N ASP B 353 -25.23 19.53 0.62
CA ASP B 353 -26.14 20.35 1.41
C ASP B 353 -27.57 19.93 1.11
N LYS B 354 -28.52 20.63 1.73
CA LYS B 354 -29.92 20.22 1.68
C LYS B 354 -30.55 20.41 0.30
N GLU B 355 -30.19 21.47 -0.44
CA GLU B 355 -30.82 21.62 -1.76
C GLU B 355 -30.57 20.40 -2.64
N GLN B 356 -29.31 19.91 -2.69
CA GLN B 356 -29.01 18.74 -3.50
C GLN B 356 -29.65 17.48 -2.94
N HIS B 357 -29.73 17.40 -1.61
CA HIS B 357 -30.40 16.27 -0.96
C HIS B 357 -31.86 16.21 -1.39
N ASP B 358 -32.54 17.35 -1.45
CA ASP B 358 -33.93 17.39 -1.90
C ASP B 358 -34.04 16.93 -3.35
N LYS B 359 -33.24 17.54 -4.23
CA LYS B 359 -33.33 17.22 -5.66
C LYS B 359 -33.09 15.77 -5.92
N ILE B 360 -32.02 15.23 -5.35
CA ILE B 360 -31.72 13.85 -5.66
C ILE B 360 -32.83 12.91 -5.16
N LEU B 361 -33.33 13.13 -3.93
CA LEU B 361 -34.40 12.27 -3.41
C LEU B 361 -35.65 12.36 -4.27
N ASP B 362 -36.01 13.57 -4.70
CA ASP B 362 -37.16 13.70 -5.59
C ASP B 362 -36.95 12.89 -6.86
N LEU B 363 -35.74 12.96 -7.44
CA LEU B 363 -35.48 12.20 -8.66
C LEU B 363 -35.62 10.71 -8.40
N ILE B 364 -35.22 10.25 -7.23
CA ILE B 364 -35.43 8.87 -6.88
C ILE B 364 -36.91 8.53 -6.91
N GLU B 365 -37.76 9.42 -6.35
CA GLU B 365 -39.20 9.19 -6.37
C GLU B 365 -39.71 9.18 -7.79
N SER B 366 -39.22 10.10 -8.63
CA SER B 366 -39.61 10.13 -10.03
C SER B 366 -39.35 8.78 -10.69
N GLY B 367 -38.15 8.24 -10.52
CA GLY B 367 -37.84 6.95 -11.12
C GLY B 367 -38.78 5.82 -10.74
N LYS B 368 -39.14 5.70 -9.46
CA LYS B 368 -40.03 4.61 -9.05
C LYS B 368 -41.43 4.77 -9.64
N LYS B 369 -42.01 5.95 -9.59
CA LYS B 369 -43.32 6.16 -10.21
C LYS B 369 -43.26 6.13 -11.74
N GLU B 370 -42.07 6.17 -12.32
CA GLU B 370 -41.90 6.04 -13.77
C GLU B 370 -41.87 4.60 -14.24
N GLY B 371 -41.90 3.63 -13.31
CA GLY B 371 -41.94 2.23 -13.63
C GLY B 371 -40.56 1.68 -13.89
N ALA B 372 -39.57 2.17 -13.13
CA ALA B 372 -38.21 1.68 -13.19
C ALA B 372 -37.98 0.62 -12.13
N LYS B 373 -37.19 -0.39 -12.44
CA LYS B 373 -36.96 -1.43 -11.47
C LYS B 373 -35.88 -0.93 -10.53
N LEU B 374 -36.25 -0.66 -9.29
CA LEU B 374 -35.29 -0.23 -8.28
C LEU B 374 -34.69 -1.50 -7.70
N GLU B 375 -33.36 -1.58 -7.70
CA GLU B 375 -32.66 -2.78 -7.27
C GLU B 375 -32.14 -2.67 -5.84
N CYS B 376 -31.68 -1.50 -5.43
CA CYS B 376 -31.25 -1.31 -4.05
C CYS B 376 -31.23 0.19 -3.77
N GLY B 377 -31.24 0.54 -2.48
CA GLY B 377 -31.27 1.95 -2.13
C GLY B 377 -32.66 2.51 -2.36
N GLY B 378 -32.72 3.80 -2.74
CA GLY B 378 -33.98 4.44 -3.05
C GLY B 378 -34.49 5.42 -2.01
N GLY B 379 -33.75 5.62 -0.92
CA GLY B 379 -34.22 6.51 0.14
C GLY B 379 -33.13 7.26 0.87
N ARG B 380 -33.53 7.92 1.96
CA ARG B 380 -32.60 8.61 2.82
C ARG B 380 -31.83 7.62 3.67
N TRP B 381 -30.82 8.12 4.37
CA TRP B 381 -30.04 7.31 5.30
C TRP B 381 -29.77 8.19 6.51
N GLY B 382 -30.07 7.63 7.71
CA GLY B 382 -29.70 8.41 8.88
C GLY B 382 -30.77 9.44 9.26
N ASN B 383 -30.37 10.35 10.18
CA ASN B 383 -31.21 11.47 10.62
C ASN B 383 -30.36 12.64 11.01
N LYS B 384 -29.18 12.73 10.45
CA LYS B 384 -28.31 13.87 10.68
C LYS B 384 -27.54 13.87 9.39
N GLY B 385 -27.37 15.04 8.82
CA GLY B 385 -26.66 15.12 7.56
C GLY B 385 -27.57 14.79 6.39
N PHE B 386 -26.96 14.91 5.23
CA PHE B 386 -27.62 14.68 3.97
C PHE B 386 -27.01 13.41 3.40
N PHE B 387 -27.57 12.27 3.77
CA PHE B 387 -27.06 11.00 3.27
C PHE B 387 -28.13 10.36 2.39
N VAL B 388 -27.66 9.69 1.35
CA VAL B 388 -28.53 9.04 0.38
C VAL B 388 -28.06 7.61 0.20
N GLN B 389 -28.98 6.65 0.32
CA GLN B 389 -28.62 5.26 0.12
C GLN B 389 -28.15 5.09 -1.32
N PRO B 390 -27.04 4.41 -1.55
CA PRO B 390 -26.63 4.10 -2.94
C PRO B 390 -27.73 3.32 -3.64
N THR B 391 -28.24 3.91 -4.71
CA THR B 391 -29.41 3.43 -5.41
C THR B 391 -29.03 2.96 -6.81
N VAL B 392 -29.67 1.88 -7.26
CA VAL B 392 -29.49 1.34 -8.59
C VAL B 392 -30.88 1.10 -9.19
N PHE B 393 -31.12 1.68 -10.37
CA PHE B 393 -32.34 1.48 -11.13
C PHE B 393 -32.03 0.67 -12.38
N SER B 394 -32.87 -0.28 -12.73
CA SER B 394 -32.67 -0.98 -13.99
C SER B 394 -33.86 -0.75 -14.91
N ASN B 395 -33.73 -1.24 -16.13
CA ASN B 395 -34.77 -1.13 -17.15
C ASN B 395 -35.20 0.32 -17.30
N VAL B 396 -34.24 1.22 -17.30
CA VAL B 396 -34.51 2.63 -17.50
C VAL B 396 -34.71 2.87 -18.98
N THR B 397 -35.65 3.76 -19.31
CA THR B 397 -35.87 4.14 -20.70
C THR B 397 -35.40 5.58 -20.88
N ASP B 398 -35.17 5.95 -22.14
CA ASP B 398 -34.54 7.22 -22.47
C ASP B 398 -35.43 8.41 -22.10
N GLU B 399 -36.74 8.19 -22.03
CA GLU B 399 -37.73 9.23 -21.74
C GLU B 399 -37.96 9.46 -20.23
N MET B 400 -37.23 8.78 -19.36
CA MET B 400 -37.46 8.90 -17.93
C MET B 400 -36.71 10.12 -17.37
N ARG B 401 -37.25 10.71 -16.29
CA ARG B 401 -36.59 11.89 -15.71
C ARG B 401 -35.14 11.60 -15.37
N ILE B 402 -34.90 10.48 -14.70
CA ILE B 402 -33.54 10.10 -14.35
C ILE B 402 -32.66 9.88 -15.58
N ALA B 403 -33.26 9.74 -16.78
CA ALA B 403 -32.51 9.52 -18.01
C ALA B 403 -32.12 10.82 -18.74
N LYS B 404 -32.69 11.96 -18.37
CA LYS B 404 -32.28 13.22 -18.99
C LYS B 404 -31.62 14.17 -18.02
N GLU B 405 -31.94 14.07 -16.74
CA GLU B 405 -31.45 15.01 -15.76
C GLU B 405 -30.22 14.51 -15.03
N GLU B 406 -29.24 15.41 -14.86
CA GLU B 406 -28.08 15.06 -14.06
C GLU B 406 -28.57 15.02 -12.61
N ILE B 407 -28.47 13.86 -11.97
CA ILE B 407 -29.00 13.69 -10.62
C ILE B 407 -28.04 14.24 -9.60
N PHE B 408 -26.73 14.10 -9.87
CA PHE B 408 -25.67 14.41 -8.92
C PHE B 408 -25.82 13.68 -7.58
N GLY B 409 -25.98 12.36 -7.68
CA GLY B 409 -26.09 11.57 -6.51
C GLY B 409 -25.74 10.14 -6.78
N PRO B 410 -25.57 9.36 -5.75
CA PRO B 410 -25.22 7.96 -5.94
C PRO B 410 -26.38 7.17 -6.57
N VAL B 411 -26.88 7.65 -7.70
CA VAL B 411 -27.94 6.94 -8.42
C VAL B 411 -27.38 6.43 -9.75
N GLN B 412 -27.50 5.13 -10.00
CA GLN B 412 -27.02 4.50 -11.21
C GLN B 412 -28.20 4.07 -12.06
N GLN B 413 -28.15 4.36 -13.37
CA GLN B 413 -29.17 3.96 -14.33
C GLN B 413 -28.56 2.99 -15.30
N ILE B 414 -29.16 1.82 -15.39
CA ILE B 414 -28.74 0.75 -16.28
C ILE B 414 -29.81 0.64 -17.37
N MET B 415 -29.35 0.63 -18.62
CA MET B 415 -30.24 0.62 -19.76
C MET B 415 -29.78 -0.44 -20.72
N LYS B 416 -30.59 -0.68 -21.73
CA LYS B 416 -30.29 -1.71 -22.71
C LYS B 416 -30.18 -1.09 -24.10
N PHE B 417 -29.37 -1.75 -24.93
CA PHE B 417 -29.21 -1.44 -26.35
C PHE B 417 -28.84 -2.73 -27.07
N LYS B 418 -29.20 -2.79 -28.35
CA LYS B 418 -28.88 -3.96 -29.13
C LYS B 418 -28.18 -3.63 -30.44
N SER B 419 -28.40 -2.45 -31.01
CA SER B 419 -27.70 -2.06 -32.22
C SER B 419 -26.77 -0.89 -31.90
N VAL B 420 -25.59 -0.91 -32.50
CA VAL B 420 -24.59 0.12 -32.22
C VAL B 420 -25.06 1.48 -32.70
N ASP B 421 -25.66 1.52 -33.90
CA ASP B 421 -26.05 2.78 -34.50
C ASP B 421 -27.04 3.51 -33.63
N ASP B 422 -28.08 2.80 -33.18
CA ASP B 422 -29.07 3.38 -32.29
C ASP B 422 -28.45 3.85 -30.97
N VAL B 423 -27.54 3.05 -30.38
CA VAL B 423 -27.01 3.41 -29.06
C VAL B 423 -26.08 4.61 -29.16
N ILE B 424 -25.32 4.75 -30.25
CA ILE B 424 -24.55 5.99 -30.42
C ILE B 424 -25.52 7.16 -30.51
N LYS B 425 -26.63 6.99 -31.23
CA LYS B 425 -27.66 8.03 -31.30
C LYS B 425 -28.18 8.38 -29.91
N ARG B 426 -28.50 7.36 -29.12
CA ARG B 426 -29.03 7.53 -27.77
C ARG B 426 -28.01 8.14 -26.83
N ALA B 427 -26.77 7.68 -26.89
CA ALA B 427 -25.72 8.24 -26.05
C ALA B 427 -25.48 9.71 -26.36
N ASN B 428 -25.45 10.07 -27.64
CA ASN B 428 -25.24 11.46 -28.05
C ASN B 428 -26.50 12.30 -27.91
N ASN B 429 -27.61 11.68 -27.57
CA ASN B 429 -28.91 12.31 -27.40
C ASN B 429 -29.21 12.65 -25.94
N THR B 430 -28.59 13.71 -25.45
CA THR B 430 -28.98 14.46 -24.26
C THR B 430 -28.42 15.84 -24.54
N THR B 431 -28.72 16.82 -23.70
CA THR B 431 -28.16 18.14 -24.01
C THR B 431 -26.68 18.30 -23.51
N TYR B 432 -26.09 17.24 -22.94
CA TYR B 432 -24.71 17.27 -22.44
C TYR B 432 -23.82 16.32 -23.24
N GLY B 433 -22.57 16.74 -23.44
CA GLY B 433 -21.56 15.94 -24.11
C GLY B 433 -20.19 16.07 -23.47
N LEU B 434 -20.12 16.22 -22.16
CA LEU B 434 -18.83 16.42 -21.49
C LEU B 434 -17.95 15.18 -21.58
N ALA B 435 -18.50 14.00 -21.29
CA ALA B 435 -17.66 12.82 -21.29
C ALA B 435 -18.48 11.60 -21.63
N ALA B 436 -17.76 10.49 -21.81
CA ALA B 436 -18.36 9.21 -22.14
C ALA B 436 -17.38 8.09 -21.82
N GLY B 437 -17.93 6.91 -21.63
CA GLY B 437 -17.17 5.71 -21.40
C GLY B 437 -17.54 4.70 -22.46
N LEU B 438 -16.58 3.87 -22.81
CA LEU B 438 -16.81 2.87 -23.83
C LEU B 438 -16.01 1.65 -23.40
N PHE B 439 -16.65 0.47 -23.34
CA PHE B 439 -15.97 -0.74 -22.88
C PHE B 439 -16.10 -1.80 -23.95
N THR B 440 -14.98 -2.19 -24.53
CA THR B 440 -14.94 -3.21 -25.58
C THR B 440 -13.51 -3.63 -25.80
N LYS B 441 -13.33 -4.81 -26.37
CA LYS B 441 -12.01 -5.29 -26.75
C LYS B 441 -11.73 -5.18 -28.24
N ASP B 442 -12.68 -4.66 -29.02
CA ASP B 442 -12.53 -4.59 -30.46
C ASP B 442 -11.81 -3.30 -30.84
N LEU B 443 -10.75 -3.46 -31.63
CA LEU B 443 -9.99 -2.31 -32.10
C LEU B 443 -10.86 -1.36 -32.93
N ASP B 444 -11.57 -1.88 -33.95
CA ASP B 444 -12.37 -0.98 -34.79
C ASP B 444 -13.45 -0.30 -33.96
N LYS B 445 -14.06 -1.02 -33.02
CA LYS B 445 -15.14 -0.43 -32.24
C LYS B 445 -14.60 0.71 -31.38
N ALA B 446 -13.44 0.51 -30.76
CA ALA B 446 -12.84 1.55 -29.91
C ALA B 446 -12.58 2.85 -30.68
N ILE B 447 -12.00 2.76 -31.87
CA ILE B 447 -11.68 3.96 -32.61
C ILE B 447 -12.95 4.61 -33.18
N THR B 448 -13.78 3.81 -33.87
CA THR B 448 -14.91 4.39 -34.59
C THR B 448 -15.96 4.96 -33.66
N VAL B 449 -16.34 4.24 -32.60
CA VAL B 449 -17.38 4.74 -31.73
C VAL B 449 -16.90 5.99 -30.99
N SER B 450 -15.67 5.96 -30.50
CA SER B 450 -15.18 7.14 -29.79
C SER B 450 -15.06 8.33 -30.72
N SER B 451 -14.80 8.10 -32.02
CA SER B 451 -14.83 9.20 -32.97
C SER B 451 -16.24 9.71 -33.18
N ALA B 452 -17.20 8.81 -33.15
CA ALA B 452 -18.59 9.20 -33.39
C ALA B 452 -19.25 9.78 -32.15
N LEU B 453 -18.74 9.47 -30.95
CA LEU B 453 -19.37 10.00 -29.75
C LEU B 453 -19.10 11.49 -29.62
N GLN B 454 -20.17 12.24 -29.33
CA GLN B 454 -20.14 13.69 -29.17
C GLN B 454 -19.81 13.97 -27.73
N ALA B 455 -18.54 13.75 -27.37
CA ALA B 455 -18.13 13.94 -25.99
C ALA B 455 -16.72 14.50 -25.90
N GLY B 456 -16.49 15.33 -24.88
CA GLY B 456 -15.21 16.00 -24.73
C GLY B 456 -14.06 15.09 -24.36
N VAL B 457 -14.35 14.04 -23.59
CA VAL B 457 -13.40 12.97 -23.27
C VAL B 457 -14.10 11.64 -23.47
N VAL B 458 -13.43 10.70 -24.12
CA VAL B 458 -13.95 9.35 -24.23
C VAL B 458 -12.92 8.44 -23.57
N TRP B 459 -13.35 7.75 -22.52
CA TRP B 459 -12.52 6.72 -21.90
C TRP B 459 -12.87 5.37 -22.49
N VAL B 460 -11.86 4.57 -22.76
CA VAL B 460 -12.09 3.24 -23.33
C VAL B 460 -11.54 2.17 -22.40
N ASN B 461 -12.42 1.29 -21.92
CA ASN B 461 -12.08 0.23 -20.96
C ASN B 461 -11.51 0.79 -19.66
N CYS B 462 -11.96 1.99 -19.28
CA CYS B 462 -11.70 2.61 -17.99
C CYS B 462 -12.63 3.82 -17.90
N TYR B 463 -12.56 4.53 -16.77
CA TYR B 463 -13.38 5.71 -16.55
C TYR B 463 -12.78 6.58 -15.46
N MET B 464 -13.01 7.90 -15.60
CA MET B 464 -12.54 8.93 -14.66
C MET B 464 -11.05 8.84 -14.35
N MET B 465 -10.22 8.58 -15.35
CA MET B 465 -8.77 8.63 -15.17
C MET B 465 -8.36 9.98 -15.73
N LEU B 466 -8.55 11.01 -14.90
CA LEU B 466 -8.36 12.41 -15.30
C LEU B 466 -6.95 12.84 -14.90
N SER B 467 -6.02 12.75 -15.84
CA SER B 467 -4.69 13.18 -15.48
C SER B 467 -4.49 14.67 -15.71
N ALA B 468 -3.35 15.18 -15.25
CA ALA B 468 -3.07 16.60 -15.44
C ALA B 468 -2.57 16.89 -16.85
N GLN B 469 -2.00 15.91 -17.56
CA GLN B 469 -1.52 16.13 -18.91
C GLN B 469 -2.65 16.16 -19.94
N CYS B 470 -3.85 15.67 -19.60
CA CYS B 470 -4.83 15.69 -20.67
C CYS B 470 -5.82 16.82 -20.48
N PRO B 471 -6.14 17.50 -21.58
CA PRO B 471 -7.20 18.50 -21.52
C PRO B 471 -8.52 17.78 -21.59
N PHE B 472 -9.51 18.26 -20.83
CA PHE B 472 -10.81 17.64 -21.00
C PHE B 472 -11.81 18.76 -21.30
N GLY B 473 -12.27 18.77 -22.56
CA GLY B 473 -13.14 19.79 -23.09
C GLY B 473 -14.60 19.40 -23.02
N GLY B 474 -15.46 20.29 -23.50
CA GLY B 474 -16.86 19.96 -23.54
C GLY B 474 -17.48 20.16 -24.90
N PHE B 475 -18.40 19.28 -25.27
CA PHE B 475 -19.18 19.41 -26.49
C PHE B 475 -20.56 19.95 -26.14
N LYS B 476 -21.31 20.32 -27.17
CA LYS B 476 -22.70 20.76 -27.01
C LYS B 476 -22.78 21.81 -25.90
N MET B 477 -23.70 21.67 -24.94
CA MET B 477 -23.88 22.56 -23.81
C MET B 477 -23.09 22.10 -22.61
N SER B 478 -22.13 21.20 -22.80
CA SER B 478 -21.29 20.74 -21.70
C SER B 478 -20.16 21.69 -21.40
N GLY B 479 -20.16 22.86 -22.02
CA GLY B 479 -19.11 23.79 -21.73
C GLY B 479 -18.51 24.44 -22.94
N ASN B 480 -17.48 25.23 -22.65
CA ASN B 480 -16.73 26.05 -23.58
C ASN B 480 -15.29 26.01 -23.13
N GLY B 481 -14.41 25.46 -23.95
CA GLY B 481 -13.01 25.44 -23.59
C GLY B 481 -12.61 24.21 -22.77
N ARG B 482 -11.29 24.04 -22.70
CA ARG B 482 -10.59 22.96 -22.03
C ARG B 482 -9.56 23.52 -21.05
N GLU B 483 -9.12 22.68 -20.13
CA GLU B 483 -8.13 23.10 -19.17
C GLU B 483 -7.14 21.97 -18.93
N LEU B 484 -6.03 22.35 -18.30
CA LEU B 484 -5.05 21.40 -17.83
C LEU B 484 -4.45 20.51 -18.91
N GLY B 485 -4.36 20.98 -20.12
CA GLY B 485 -3.55 20.28 -21.09
C GLY B 485 -2.53 21.28 -21.56
N GLU B 486 -1.81 20.91 -22.60
CA GLU B 486 -1.13 21.97 -23.33
C GLU B 486 -2.18 22.90 -23.92
N HIS B 487 -3.27 22.34 -24.44
CA HIS B 487 -4.33 23.18 -24.93
C HIS B 487 -4.92 24.01 -23.82
N GLY B 488 -5.03 23.42 -22.63
CA GLY B 488 -5.63 24.12 -21.53
C GLY B 488 -4.83 25.33 -21.09
N LEU B 489 -3.51 25.23 -21.11
CA LEU B 489 -2.71 26.37 -20.69
C LEU B 489 -2.77 27.50 -21.67
N TYR B 490 -2.80 27.21 -22.97
CA TYR B 490 -2.81 28.30 -23.92
C TYR B 490 -4.08 29.12 -23.88
N GLU B 491 -5.18 28.60 -23.31
CA GLU B 491 -6.36 29.46 -23.22
C GLU B 491 -6.19 30.57 -22.20
N TYR B 492 -5.16 30.50 -21.38
CA TYR B 492 -4.87 31.59 -20.47
C TYR B 492 -3.80 32.53 -21.04
N THR B 493 -3.60 32.52 -22.36
CA THR B 493 -2.76 33.48 -23.04
C THR B 493 -3.56 34.24 -24.09
N GLU B 494 -3.09 35.44 -24.39
CA GLU B 494 -3.64 36.29 -25.45
C GLU B 494 -2.57 36.44 -26.51
N LEU B 495 -2.93 36.26 -27.77
CA LEU B 495 -1.96 36.30 -28.86
C LEU B 495 -1.79 37.71 -29.42
N LYS B 496 -0.54 38.13 -29.64
CA LYS B 496 -0.25 39.42 -30.23
C LYS B 496 0.72 39.24 -31.39
N THR B 497 0.36 39.73 -32.56
CA THR B 497 1.22 39.63 -33.74
C THR B 497 2.01 40.92 -33.87
N VAL B 498 3.32 40.82 -33.97
CA VAL B 498 4.21 41.95 -34.17
C VAL B 498 4.80 41.84 -35.57
N ALA B 499 4.67 42.89 -36.38
CA ALA B 499 5.10 42.87 -37.77
C ALA B 499 6.04 44.04 -38.02
N MET B 500 7.32 43.74 -38.22
CA MET B 500 8.35 44.76 -38.32
C MET B 500 8.87 44.83 -39.75
N LYS B 501 8.69 45.99 -40.38
CA LYS B 501 9.16 46.22 -41.73
C LYS B 501 10.68 46.19 -41.78
N ILE B 502 11.22 45.49 -42.76
CA ILE B 502 12.67 45.39 -42.91
C ILE B 502 13.08 45.67 -44.35
N SER B 503 14.34 46.07 -44.50
CA SER B 503 14.87 46.47 -45.80
C SER B 503 14.88 45.28 -46.77
N GLN B 504 15.25 44.08 -46.32
CA GLN B 504 15.14 42.90 -47.19
C GLN B 504 15.03 41.63 -46.35
N LYS B 505 14.16 40.69 -46.72
CA LYS B 505 14.05 39.44 -45.97
C LYS B 505 14.66 38.28 -46.75
N ASN B 506 15.20 37.34 -46.00
CA ASN B 506 15.79 36.15 -46.56
C ASN B 506 15.17 34.96 -45.88
N SER B 507 15.10 33.84 -46.59
CA SER B 507 14.38 32.72 -46.04
C SER B 507 15.04 32.22 -44.74
N ALA C 14 -0.31 46.05 -63.10
CA ALA C 14 -1.00 45.90 -64.39
C ALA C 14 -2.50 45.64 -64.13
N VAL C 15 -3.32 46.65 -64.40
CA VAL C 15 -4.75 46.65 -64.06
C VAL C 15 -5.56 46.78 -65.34
N PRO C 16 -6.47 45.85 -65.61
CA PRO C 16 -7.35 45.98 -66.76
C PRO C 16 -8.51 46.94 -66.49
N ALA C 17 -9.23 47.26 -67.53
CA ALA C 17 -10.38 48.13 -67.35
C ALA C 17 -11.53 47.31 -66.80
N PRO C 18 -12.47 47.95 -66.10
CA PRO C 18 -13.61 47.22 -65.53
C PRO C 18 -14.53 46.62 -66.58
N LEU C 19 -15.15 45.48 -66.26
CA LEU C 19 -16.18 44.90 -67.14
C LEU C 19 -17.12 46.01 -67.54
N ALA C 20 -17.14 46.30 -68.85
CA ALA C 20 -17.80 47.48 -69.38
C ALA C 20 -19.26 47.59 -68.95
N ASP C 21 -20.10 46.70 -69.45
CA ASP C 21 -21.53 46.63 -69.13
C ASP C 21 -21.74 45.36 -68.30
N LEU C 22 -21.72 45.51 -66.96
CA LEU C 22 -21.80 44.44 -65.96
C LEU C 22 -23.23 44.03 -65.58
N LYS C 23 -23.55 42.73 -65.75
CA LYS C 23 -24.84 42.13 -65.37
C LYS C 23 -24.72 41.18 -64.16
N ILE C 24 -25.60 41.36 -63.18
CA ILE C 24 -25.67 40.60 -61.93
C ILE C 24 -26.60 39.40 -62.11
N GLN C 25 -26.09 38.19 -61.91
CA GLN C 25 -26.93 37.03 -62.19
C GLN C 25 -27.41 36.27 -60.97
N HIS C 26 -26.81 36.42 -59.78
CA HIS C 26 -27.30 35.68 -58.63
C HIS C 26 -27.79 36.63 -57.52
N THR C 27 -29.12 36.58 -57.28
CA THR C 27 -29.80 37.49 -56.36
C THR C 27 -30.62 36.76 -55.28
N LYS C 28 -30.77 35.44 -55.37
CA LYS C 28 -31.59 34.64 -54.46
C LYS C 28 -30.73 33.99 -53.36
N ILE C 29 -31.40 33.27 -52.46
CA ILE C 29 -30.76 32.59 -51.35
C ILE C 29 -30.15 31.29 -51.84
N PHE C 30 -28.99 30.92 -51.28
CA PHE C 30 -28.21 29.74 -51.64
C PHE C 30 -28.28 28.73 -50.50
N ILE C 31 -28.97 27.62 -50.71
CA ILE C 31 -29.07 26.54 -49.72
C ILE C 31 -29.03 25.20 -50.42
N ASN C 32 -28.23 24.26 -49.89
CA ASN C 32 -28.11 22.93 -50.45
C ASN C 32 -27.73 22.97 -51.94
N ASN C 33 -26.80 23.88 -52.28
CA ASN C 33 -26.34 24.08 -53.65
C ASN C 33 -27.47 24.45 -54.60
N GLU C 34 -28.53 25.05 -54.07
CA GLU C 34 -29.68 25.42 -54.88
C GLU C 34 -30.12 26.85 -54.57
N TRP C 35 -30.72 27.51 -55.55
CA TRP C 35 -31.21 28.88 -55.33
C TRP C 35 -32.67 28.84 -54.88
N HIS C 36 -32.97 29.63 -53.85
CA HIS C 36 -34.27 29.60 -53.19
C HIS C 36 -34.90 30.97 -53.14
N ASN C 37 -36.22 31.00 -53.21
CA ASN C 37 -36.87 32.24 -52.83
C ASN C 37 -37.01 32.34 -51.31
N SER C 38 -37.15 33.57 -50.82
CA SER C 38 -37.38 33.74 -49.39
C SER C 38 -38.76 33.20 -49.04
N VAL C 39 -38.89 32.62 -47.85
CA VAL C 39 -40.15 31.98 -47.47
C VAL C 39 -41.30 32.99 -47.55
N SER C 40 -41.04 34.23 -47.16
CA SER C 40 -42.04 35.30 -47.26
C SER C 40 -42.18 35.88 -48.66
N GLY C 41 -41.17 35.71 -49.50
CA GLY C 41 -41.12 36.34 -50.80
C GLY C 41 -40.57 37.76 -50.85
N LYS C 42 -40.26 38.39 -49.71
CA LYS C 42 -39.80 39.77 -49.76
C LYS C 42 -38.41 39.87 -50.39
N LYS C 43 -38.19 40.91 -51.18
CA LYS C 43 -36.88 41.25 -51.72
C LYS C 43 -36.44 42.61 -51.20
N PHE C 44 -35.16 42.92 -51.31
CA PHE C 44 -34.70 44.22 -50.83
C PHE C 44 -33.65 44.82 -51.74
N PRO C 45 -33.58 46.16 -51.81
CA PRO C 45 -32.74 46.83 -52.80
C PRO C 45 -31.28 46.98 -52.38
N VAL C 46 -30.40 46.87 -53.38
CA VAL C 46 -28.95 47.01 -53.18
C VAL C 46 -28.51 48.27 -53.91
N LEU C 47 -27.92 49.21 -53.19
CA LEU C 47 -27.62 50.51 -53.78
C LEU C 47 -26.18 50.60 -54.27
N ASN C 48 -25.92 51.65 -55.03
CA ASN C 48 -24.61 51.93 -55.58
C ASN C 48 -24.15 53.23 -54.95
N PRO C 49 -23.10 53.24 -54.15
CA PRO C 49 -22.68 54.51 -53.53
C PRO C 49 -22.22 55.43 -54.65
N ALA C 50 -22.23 56.76 -54.38
CA ALA C 50 -21.82 57.77 -55.37
C ALA C 50 -22.97 58.09 -56.28
N THR C 51 -23.48 57.07 -56.98
CA THR C 51 -24.60 57.34 -57.89
C THR C 51 -25.90 57.38 -57.12
N GLU C 52 -25.92 56.75 -55.95
CA GLU C 52 -27.09 56.52 -55.13
C GLU C 52 -28.20 55.80 -55.88
N GLU C 53 -27.87 55.01 -56.90
CA GLU C 53 -28.85 54.29 -57.70
C GLU C 53 -28.97 52.86 -57.22
N VAL C 54 -30.08 52.24 -57.60
CA VAL C 54 -30.37 50.87 -57.25
C VAL C 54 -29.74 49.93 -58.26
N ILE C 55 -28.92 49.01 -57.77
CA ILE C 55 -28.29 48.03 -58.65
C ILE C 55 -29.28 46.92 -59.00
N CYS C 56 -29.93 46.34 -57.98
CA CYS C 56 -30.92 45.27 -58.16
C CYS C 56 -31.56 44.97 -56.83
N HIS C 57 -32.56 44.08 -56.85
CA HIS C 57 -33.22 43.62 -55.63
C HIS C 57 -32.87 42.16 -55.41
N VAL C 58 -32.58 41.82 -54.15
CA VAL C 58 -32.18 40.47 -53.76
C VAL C 58 -33.13 40.00 -52.69
N GLU C 59 -33.27 38.69 -52.62
CA GLU C 59 -34.14 38.05 -51.65
C GLU C 59 -33.74 38.38 -50.23
N GLU C 60 -34.75 38.67 -49.41
CA GLU C 60 -34.57 39.08 -48.02
C GLU C 60 -34.69 37.86 -47.11
N GLY C 61 -33.58 37.44 -46.53
CA GLY C 61 -33.62 36.32 -45.61
C GLY C 61 -34.17 36.67 -44.24
N ASP C 62 -34.73 35.68 -43.56
CA ASP C 62 -35.23 35.87 -42.21
C ASP C 62 -35.14 34.55 -41.45
N LYS C 63 -35.76 34.50 -40.27
CA LYS C 63 -35.70 33.31 -39.42
C LYS C 63 -36.10 32.04 -40.18
N ALA C 64 -37.15 32.11 -41.01
CA ALA C 64 -37.54 30.92 -41.75
C ALA C 64 -36.42 30.48 -42.69
N ASP C 65 -35.74 31.45 -43.30
CA ASP C 65 -34.61 31.18 -44.21
C ASP C 65 -33.38 30.69 -43.47
N VAL C 66 -33.05 31.33 -42.34
CA VAL C 66 -31.93 30.87 -41.52
C VAL C 66 -32.18 29.45 -41.03
N ASP C 67 -33.44 29.14 -40.69
CA ASP C 67 -33.77 27.78 -40.28
C ASP C 67 -33.52 26.77 -41.41
N LYS C 68 -33.93 27.10 -42.64
CA LYS C 68 -33.64 26.21 -43.76
C LYS C 68 -32.14 25.98 -43.88
N ALA C 69 -31.36 27.05 -43.79
CA ALA C 69 -29.92 26.95 -43.98
C ALA C 69 -29.27 26.13 -42.87
N VAL C 70 -29.69 26.32 -41.63
CA VAL C 70 -29.10 25.54 -40.56
C VAL C 70 -29.43 24.06 -40.73
N LYS C 71 -30.66 23.77 -41.16
CA LYS C 71 -31.03 22.38 -41.42
C LYS C 71 -30.11 21.76 -42.47
N ALA C 72 -29.84 22.49 -43.55
CA ALA C 72 -28.93 22.00 -44.59
C ALA C 72 -27.53 21.77 -44.03
N ALA C 73 -27.03 22.71 -43.23
CA ALA C 73 -25.67 22.58 -42.71
C ALA C 73 -25.56 21.40 -41.76
N ARG C 74 -26.57 21.18 -40.93
CA ARG C 74 -26.52 20.04 -40.04
C ARG C 74 -26.58 18.73 -40.83
N GLN C 75 -27.35 18.69 -41.91
CA GLN C 75 -27.40 17.47 -42.72
C GLN C 75 -26.04 17.20 -43.35
N ALA C 76 -25.41 18.23 -43.89
CA ALA C 76 -24.11 18.07 -44.53
C ALA C 76 -23.03 17.66 -43.56
N PHE C 77 -23.25 17.86 -42.27
CA PHE C 77 -22.26 17.58 -41.23
C PHE C 77 -22.44 16.21 -40.57
N GLN C 78 -23.45 15.43 -40.96
CA GLN C 78 -23.74 14.18 -40.26
C GLN C 78 -22.59 13.19 -40.40
N ILE C 79 -22.35 12.41 -39.34
CA ILE C 79 -21.40 11.31 -39.40
C ILE C 79 -21.74 10.44 -40.59
N GLY C 80 -20.75 10.13 -41.42
CA GLY C 80 -20.99 9.30 -42.59
C GLY C 80 -21.31 10.04 -43.88
N SER C 81 -21.53 11.35 -43.83
CA SER C 81 -21.81 12.13 -45.03
C SER C 81 -20.53 12.45 -45.81
N PRO C 82 -20.66 12.84 -47.10
CA PRO C 82 -19.46 13.17 -47.89
C PRO C 82 -18.49 14.17 -47.28
N TRP C 83 -19.00 15.27 -46.70
CA TRP C 83 -18.09 16.28 -46.15
C TRP C 83 -17.35 15.74 -44.92
N ARG C 84 -17.94 14.78 -44.21
CA ARG C 84 -17.27 14.24 -43.04
C ARG C 84 -16.31 13.10 -43.36
N THR C 85 -16.52 12.34 -44.44
CA THR C 85 -15.68 11.17 -44.68
C THR C 85 -14.54 11.40 -45.68
N MET C 86 -14.60 12.47 -46.47
CA MET C 86 -13.56 12.69 -47.47
C MET C 86 -12.25 13.11 -46.82
N ASP C 87 -11.15 12.81 -47.52
CA ASP C 87 -9.83 13.16 -47.04
C ASP C 87 -9.71 14.66 -46.81
N ALA C 88 -9.01 15.04 -45.75
CA ALA C 88 -8.77 16.45 -45.52
C ALA C 88 -8.11 17.09 -46.75
N SER C 89 -7.20 16.38 -47.40
CA SER C 89 -6.54 16.93 -48.60
C SER C 89 -7.53 17.24 -49.71
N GLU C 90 -8.61 16.48 -49.84
CA GLU C 90 -9.67 16.79 -50.78
C GLU C 90 -10.40 18.08 -50.40
N ARG C 91 -10.65 18.29 -49.12
CA ARG C 91 -11.22 19.57 -48.73
C ARG C 91 -10.31 20.68 -49.16
N GLY C 92 -9.00 20.48 -49.01
CA GLY C 92 -8.05 21.46 -49.45
C GLY C 92 -8.10 21.66 -50.94
N ARG C 93 -8.15 20.57 -51.70
CA ARG C 93 -8.17 20.70 -53.15
C ARG C 93 -9.41 21.47 -53.61
N LEU C 94 -10.55 21.23 -52.97
CA LEU C 94 -11.77 21.97 -53.27
C LEU C 94 -11.60 23.44 -52.94
N LEU C 95 -10.93 23.75 -51.83
CA LEU C 95 -10.62 25.14 -51.53
C LEU C 95 -9.71 25.73 -52.60
N ASN C 96 -8.70 24.95 -53.01
CA ASN C 96 -7.79 25.34 -54.08
C ASN C 96 -8.56 25.56 -55.39
N LYS C 97 -9.54 24.69 -55.68
CA LYS C 97 -10.32 24.85 -56.89
C LYS C 97 -11.14 26.13 -56.84
N LEU C 98 -11.71 26.45 -55.68
CA LEU C 98 -12.43 27.71 -55.52
C LEU C 98 -11.51 28.89 -55.77
N ALA C 99 -10.26 28.79 -55.34
CA ALA C 99 -9.33 29.90 -55.54
C ALA C 99 -9.05 30.14 -57.03
N ASP C 100 -8.79 29.06 -57.79
CA ASP C 100 -8.58 29.20 -59.24
C ASP C 100 -9.81 29.77 -59.91
N LEU C 101 -10.99 29.31 -59.50
CA LEU C 101 -12.21 29.82 -60.08
C LEU C 101 -12.30 31.33 -59.83
N MET C 102 -11.95 31.74 -58.61
CA MET C 102 -11.96 33.15 -58.27
C MET C 102 -11.02 33.96 -59.16
N GLU C 103 -9.85 33.39 -59.48
CA GLU C 103 -8.89 34.05 -60.36
C GLU C 103 -9.40 34.14 -61.80
N ARG C 104 -10.02 33.08 -62.30
CA ARG C 104 -10.59 33.11 -63.64
C ARG C 104 -11.59 34.24 -63.76
N ASP C 105 -12.42 34.43 -62.74
CA ASP C 105 -13.45 35.45 -62.68
C ASP C 105 -12.99 36.71 -61.96
N ARG C 106 -11.68 36.96 -61.93
CA ARG C 106 -11.15 38.11 -61.20
C ARG C 106 -11.71 39.42 -61.70
N LEU C 107 -11.78 39.58 -63.02
CA LEU C 107 -12.23 40.86 -63.59
C LEU C 107 -13.70 41.11 -63.25
N LEU C 108 -14.56 40.10 -63.45
CA LEU C 108 -15.97 40.23 -63.11
C LEU C 108 -16.16 40.64 -61.65
N LEU C 109 -15.58 39.84 -60.72
CA LEU C 109 -15.75 40.07 -59.30
C LEU C 109 -15.16 41.40 -58.85
N ALA C 110 -14.01 41.78 -59.39
CA ALA C 110 -13.45 43.09 -59.05
C ALA C 110 -14.42 44.20 -59.41
N THR C 111 -15.05 44.10 -60.60
CA THR C 111 -16.03 45.11 -60.97
C THR C 111 -17.23 45.10 -60.04
N MET C 112 -17.79 43.92 -59.76
CA MET C 112 -18.96 43.84 -58.89
C MET C 112 -18.61 44.38 -57.49
N GLU C 113 -17.40 44.12 -57.03
CA GLU C 113 -16.99 44.60 -55.72
C GLU C 113 -16.85 46.13 -55.72
N ALA C 114 -16.23 46.68 -56.75
CA ALA C 114 -16.08 48.13 -56.85
C ALA C 114 -17.43 48.82 -57.02
N LEU C 115 -18.31 48.21 -57.82
CA LEU C 115 -19.65 48.73 -58.03
C LEU C 115 -20.46 48.75 -56.74
N ASN C 116 -20.53 47.62 -56.03
CA ASN C 116 -21.38 47.48 -54.84
C ASN C 116 -20.77 48.12 -53.59
N GLY C 117 -19.47 48.03 -53.38
CA GLY C 117 -18.97 48.59 -52.15
C GLY C 117 -18.30 49.95 -52.27
N GLY C 118 -18.53 50.65 -53.37
CA GLY C 118 -17.83 51.90 -53.61
C GLY C 118 -16.34 51.83 -53.37
N LYS C 119 -15.70 50.80 -53.92
CA LYS C 119 -14.27 50.56 -53.73
C LYS C 119 -13.53 50.88 -55.01
N VAL C 120 -12.41 51.59 -54.88
CA VAL C 120 -11.61 51.92 -56.04
C VAL C 120 -11.28 50.66 -56.82
N PHE C 121 -11.61 50.65 -58.10
CA PHE C 121 -11.56 49.43 -58.90
C PHE C 121 -10.18 48.80 -58.90
N ALA C 122 -9.14 49.59 -59.17
CA ALA C 122 -7.79 49.04 -59.17
C ALA C 122 -7.48 48.38 -57.85
N ASN C 123 -7.97 48.96 -56.74
CA ASN C 123 -7.81 48.39 -55.41
C ASN C 123 -8.56 47.08 -55.26
N ALA C 124 -9.82 47.05 -55.70
CA ALA C 124 -10.57 45.81 -55.61
C ALA C 124 -9.92 44.71 -56.41
N TYR C 125 -9.36 45.07 -57.57
CA TYR C 125 -8.84 44.05 -58.48
C TYR C 125 -7.50 43.51 -57.99
N LEU C 126 -6.63 44.39 -57.47
CA LEU C 126 -5.30 43.95 -57.09
C LEU C 126 -5.25 43.46 -55.66
N SER C 127 -5.79 44.22 -54.72
CA SER C 127 -5.62 43.85 -53.31
C SER C 127 -6.75 43.00 -52.78
N ASP C 128 -8.01 43.34 -53.08
CA ASP C 128 -9.10 42.54 -52.57
C ASP C 128 -9.13 41.16 -53.21
N LEU C 129 -9.07 41.10 -54.53
CA LEU C 129 -9.10 39.79 -55.18
C LEU C 129 -7.78 39.05 -54.96
N GLY C 130 -6.65 39.76 -55.05
CA GLY C 130 -5.37 39.13 -54.79
C GLY C 130 -5.29 38.54 -53.39
N GLY C 131 -5.79 39.28 -52.40
CA GLY C 131 -5.78 38.77 -51.03
C GLY C 131 -6.74 37.61 -50.82
N CYS C 132 -7.90 37.64 -51.48
CA CYS C 132 -8.83 36.53 -51.39
C CYS C 132 -8.22 35.23 -51.89
N ILE C 133 -7.55 35.31 -53.04
CA ILE C 133 -6.98 34.11 -53.64
C ILE C 133 -5.84 33.58 -52.80
N LYS C 134 -4.97 34.48 -52.33
CA LYS C 134 -3.86 34.06 -51.49
C LYS C 134 -4.33 33.44 -50.17
N ALA C 135 -5.36 34.01 -49.56
CA ALA C 135 -5.93 33.47 -48.32
C ALA C 135 -6.61 32.15 -48.57
N LEU C 136 -7.33 32.02 -49.68
CA LEU C 136 -7.91 30.71 -50.00
C LEU C 136 -6.82 29.67 -50.17
N LYS C 137 -5.73 30.02 -50.85
CA LYS C 137 -4.68 29.05 -51.02
C LYS C 137 -4.04 28.68 -49.67
N TYR C 138 -3.90 29.64 -48.77
CA TYR C 138 -3.33 29.36 -47.46
C TYR C 138 -4.18 28.39 -46.68
N CYS C 139 -5.49 28.65 -46.64
CA CYS C 139 -6.40 27.76 -45.93
C CYS C 139 -6.40 26.39 -46.57
N ALA C 140 -6.38 26.33 -47.90
CA ALA C 140 -6.31 25.03 -48.55
C ALA C 140 -5.12 24.23 -48.00
N GLY C 141 -3.97 24.89 -47.86
CA GLY C 141 -2.77 24.21 -47.42
C GLY C 141 -2.85 23.67 -46.01
N TRP C 142 -3.76 24.20 -45.20
CA TRP C 142 -3.86 23.77 -43.81
C TRP C 142 -4.71 22.52 -43.63
N ALA C 143 -5.63 22.22 -44.57
CA ALA C 143 -6.67 21.23 -44.32
C ALA C 143 -6.12 19.91 -43.77
N ASP C 144 -5.05 19.38 -44.38
CA ASP C 144 -4.51 18.08 -43.96
C ASP C 144 -3.27 18.20 -43.08
N LYS C 145 -3.06 19.35 -42.47
CA LYS C 145 -1.97 19.56 -41.54
C LYS C 145 -2.49 19.94 -40.17
N ILE C 146 -3.80 20.00 -40.01
CA ILE C 146 -4.40 20.14 -38.70
C ILE C 146 -4.27 18.82 -37.96
N HIS C 147 -3.58 18.83 -36.83
CA HIS C 147 -3.33 17.59 -36.10
C HIS C 147 -3.67 17.71 -34.63
N GLY C 148 -3.92 16.55 -34.02
CA GLY C 148 -4.05 16.43 -32.59
C GLY C 148 -2.76 15.87 -32.01
N GLN C 149 -2.84 15.47 -30.74
CA GLN C 149 -1.66 14.98 -30.04
C GLN C 149 -1.82 13.58 -29.47
N THR C 150 -0.69 12.89 -29.38
CA THR C 150 -0.57 11.69 -28.55
C THR C 150 0.20 12.15 -27.32
N ILE C 151 -0.40 11.97 -26.16
CA ILE C 151 0.05 12.59 -24.90
C ILE C 151 0.53 11.49 -23.98
N PRO C 152 1.67 11.65 -23.31
CA PRO C 152 2.20 10.60 -22.39
C PRO C 152 1.65 10.74 -20.97
N SER C 153 0.35 10.58 -20.81
CA SER C 153 -0.22 10.88 -19.50
C SER C 153 0.06 9.77 -18.50
N ASP C 154 -0.20 10.09 -17.22
CA ASP C 154 0.08 9.16 -16.14
C ASP C 154 -0.80 7.92 -16.26
N GLY C 155 -0.26 6.81 -15.77
CA GLY C 155 -0.97 5.55 -15.71
C GLY C 155 -0.81 4.72 -16.96
N ASP C 156 -1.21 3.45 -16.82
CA ASP C 156 -1.18 2.52 -17.95
C ASP C 156 -2.36 2.79 -18.90
N ILE C 157 -2.20 3.82 -19.72
CA ILE C 157 -3.19 4.26 -20.70
C ILE C 157 -2.49 4.80 -21.96
N PHE C 158 -3.25 4.86 -23.03
CA PHE C 158 -2.84 5.48 -24.27
C PHE C 158 -3.81 6.64 -24.46
N THR C 159 -3.31 7.88 -24.42
CA THR C 159 -4.17 9.06 -24.55
C THR C 159 -3.77 9.83 -25.78
N TYR C 160 -4.77 10.22 -26.58
CA TYR C 160 -4.54 11.04 -27.76
C TYR C 160 -5.66 12.07 -27.87
N THR C 161 -5.43 13.06 -28.72
CA THR C 161 -6.49 14.01 -28.97
C THR C 161 -6.84 14.02 -30.45
N ARG C 162 -8.05 14.47 -30.71
CA ARG C 162 -8.56 14.62 -32.06
C ARG C 162 -9.07 16.05 -32.24
N ARG C 163 -8.64 16.69 -33.33
CA ARG C 163 -9.11 18.03 -33.68
C ARG C 163 -10.31 17.82 -34.62
N GLU C 164 -11.51 17.71 -34.05
CA GLU C 164 -12.68 17.52 -34.90
C GLU C 164 -13.19 18.88 -35.37
N PRO C 165 -13.92 18.93 -36.48
CA PRO C 165 -14.61 20.18 -36.80
C PRO C 165 -15.64 20.47 -35.72
N ILE C 166 -15.94 21.76 -35.53
CA ILE C 166 -16.89 22.17 -34.50
C ILE C 166 -18.30 21.76 -34.90
N GLY C 167 -18.68 22.05 -36.13
CA GLY C 167 -20.03 21.80 -36.56
C GLY C 167 -20.61 22.87 -37.46
N VAL C 168 -21.76 23.41 -37.09
CA VAL C 168 -22.41 24.45 -37.88
C VAL C 168 -21.94 25.80 -37.37
N CYS C 169 -21.35 26.60 -38.27
CA CYS C 169 -20.78 27.90 -37.93
C CYS C 169 -21.57 28.98 -38.65
N GLY C 170 -22.20 29.88 -37.89
CA GLY C 170 -22.86 31.03 -38.48
C GLY C 170 -21.90 32.21 -38.55
N GLN C 171 -21.86 32.88 -39.70
CA GLN C 171 -20.82 33.86 -39.95
C GLN C 171 -21.46 35.12 -40.49
N ILE C 172 -21.32 36.23 -39.76
CA ILE C 172 -21.97 37.49 -40.09
C ILE C 172 -20.92 38.47 -40.64
N ILE C 173 -21.07 38.86 -41.90
CA ILE C 173 -20.04 39.58 -42.67
C ILE C 173 -20.33 41.08 -42.73
N PRO C 174 -19.34 41.96 -42.62
CA PRO C 174 -19.58 43.41 -42.76
C PRO C 174 -19.59 43.85 -44.23
N TRP C 175 -19.84 45.14 -44.42
CA TRP C 175 -19.90 45.69 -45.78
C TRP C 175 -18.59 46.29 -46.24
N ASN C 176 -17.61 46.46 -45.35
CA ASN C 176 -16.41 47.21 -45.74
C ASN C 176 -15.49 46.39 -46.65
N PHE C 177 -15.37 45.10 -46.42
CA PHE C 177 -14.59 44.22 -47.30
C PHE C 177 -15.38 42.94 -47.52
N PRO C 178 -16.42 42.99 -48.33
CA PRO C 178 -17.30 41.81 -48.44
C PRO C 178 -16.59 40.53 -48.83
N MET C 179 -15.75 40.56 -49.87
CA MET C 179 -15.13 39.31 -50.31
C MET C 179 -14.02 38.86 -49.37
N LEU C 180 -13.14 39.79 -48.97
CA LEU C 180 -12.06 39.40 -48.09
C LEU C 180 -12.59 38.83 -46.79
N MET C 181 -13.54 39.54 -46.17
CA MET C 181 -14.17 39.06 -44.94
C MET C 181 -14.88 37.73 -45.16
N PHE C 182 -15.56 37.57 -46.31
CA PHE C 182 -16.18 36.29 -46.61
C PHE C 182 -15.17 35.16 -46.65
N ILE C 183 -14.07 35.34 -47.37
CA ILE C 183 -13.10 34.26 -47.50
C ILE C 183 -12.41 33.97 -46.17
N TRP C 184 -12.11 35.02 -45.42
CA TRP C 184 -11.46 34.87 -44.12
C TRP C 184 -12.32 34.09 -43.15
N LYS C 185 -13.63 34.07 -43.37
CA LYS C 185 -14.50 33.31 -42.49
C LYS C 185 -14.70 31.91 -43.01
N ILE C 186 -14.97 31.74 -44.31
CA ILE C 186 -15.32 30.39 -44.70
C ILE C 186 -14.07 29.56 -44.90
N GLY C 187 -12.95 30.21 -45.24
CA GLY C 187 -11.72 29.51 -45.55
C GLY C 187 -11.22 28.64 -44.42
N PRO C 188 -11.02 29.24 -43.24
CA PRO C 188 -10.65 28.42 -42.08
C PRO C 188 -11.72 27.42 -41.68
N ALA C 189 -12.99 27.86 -41.67
CA ALA C 189 -14.08 26.99 -41.28
C ALA C 189 -14.17 25.78 -42.18
N LEU C 190 -14.07 25.98 -43.50
CA LEU C 190 -14.20 24.88 -44.44
C LEU C 190 -12.96 23.98 -44.42
N SER C 191 -11.79 24.58 -44.25
CA SER C 191 -10.56 23.80 -44.21
C SER C 191 -10.59 22.78 -43.07
N CYS C 192 -11.16 23.14 -41.94
CA CYS C 192 -11.23 22.22 -40.80
C CYS C 192 -12.38 21.23 -40.89
N GLY C 193 -13.25 21.35 -41.87
CA GLY C 193 -14.34 20.40 -42.01
C GLY C 193 -15.67 20.82 -41.44
N ASN C 194 -15.87 22.11 -41.13
CA ASN C 194 -17.18 22.57 -40.70
C ASN C 194 -18.11 22.73 -41.90
N THR C 195 -19.38 23.04 -41.62
CA THR C 195 -20.38 23.49 -42.58
C THR C 195 -20.85 24.86 -42.10
N VAL C 196 -21.22 25.74 -43.01
CA VAL C 196 -21.37 27.14 -42.62
C VAL C 196 -22.66 27.75 -43.16
N VAL C 197 -23.20 28.70 -42.39
CA VAL C 197 -24.33 29.55 -42.79
C VAL C 197 -23.88 31.00 -42.67
N VAL C 198 -23.78 31.68 -43.81
CA VAL C 198 -23.23 33.02 -43.87
C VAL C 198 -24.36 34.03 -44.04
N LYS C 199 -24.26 35.13 -43.31
CA LYS C 199 -25.17 36.24 -43.56
C LYS C 199 -24.33 37.42 -43.93
N PRO C 200 -24.24 37.72 -45.21
CA PRO C 200 -23.46 38.89 -45.64
C PRO C 200 -24.20 40.18 -45.28
N ALA C 201 -23.45 41.28 -45.33
CA ALA C 201 -24.01 42.58 -44.98
C ALA C 201 -25.13 42.97 -45.95
N GLU C 202 -26.13 43.67 -45.41
CA GLU C 202 -27.26 44.06 -46.26
C GLU C 202 -26.83 44.98 -47.39
N GLN C 203 -25.82 45.81 -47.15
CA GLN C 203 -25.34 46.71 -48.20
C GLN C 203 -24.63 45.96 -49.33
N THR C 204 -23.95 44.85 -49.05
CA THR C 204 -23.05 44.23 -50.03
C THR C 204 -23.21 42.71 -50.12
N PRO C 205 -24.36 42.20 -50.54
CA PRO C 205 -24.51 40.74 -50.62
C PRO C 205 -24.11 40.11 -51.93
N LEU C 206 -23.96 40.90 -52.99
CA LEU C 206 -23.88 40.35 -54.34
C LEU C 206 -22.64 39.49 -54.55
N THR C 207 -21.46 39.99 -54.17
CA THR C 207 -20.25 39.22 -54.44
C THR C 207 -20.27 37.88 -53.71
N ALA C 208 -20.81 37.84 -52.48
CA ALA C 208 -20.90 36.57 -51.77
C ALA C 208 -21.79 35.59 -52.52
N LEU C 209 -22.91 36.08 -53.03
CA LEU C 209 -23.81 35.21 -53.77
C LEU C 209 -23.09 34.66 -54.99
N HIS C 210 -22.26 35.47 -55.64
CA HIS C 210 -21.57 35.00 -56.83
C HIS C 210 -20.53 33.96 -56.49
N LEU C 211 -19.90 34.07 -55.32
CA LEU C 211 -18.98 33.01 -54.90
C LEU C 211 -19.74 31.73 -54.63
N ALA C 212 -20.97 31.84 -54.10
CA ALA C 212 -21.78 30.66 -53.86
C ALA C 212 -21.94 29.85 -55.15
N SER C 213 -22.17 30.53 -56.28
CA SER C 213 -22.25 29.83 -57.55
C SER C 213 -20.93 29.14 -57.86
N LEU C 214 -19.80 29.80 -57.57
CA LEU C 214 -18.51 29.20 -57.83
C LEU C 214 -18.24 28.03 -56.90
N ILE C 215 -18.81 28.08 -55.69
CA ILE C 215 -18.69 26.97 -54.75
C ILE C 215 -19.41 25.74 -55.29
N LYS C 216 -20.62 25.92 -55.85
CA LYS C 216 -21.30 24.83 -56.52
C LYS C 216 -20.43 24.28 -57.65
N GLU C 217 -19.88 25.17 -58.49
CA GLU C 217 -19.09 24.70 -59.63
C GLU C 217 -17.89 23.88 -59.18
N ALA C 218 -17.26 24.28 -58.07
CA ALA C 218 -16.06 23.59 -57.58
C ALA C 218 -16.35 22.20 -57.04
N GLY C 219 -17.61 21.89 -56.73
CA GLY C 219 -17.99 20.57 -56.30
C GLY C 219 -18.21 20.36 -54.82
N PHE C 220 -18.41 21.41 -54.04
CA PHE C 220 -18.68 21.25 -52.62
C PHE C 220 -19.98 20.48 -52.42
N PRO C 221 -20.02 19.56 -51.46
CA PRO C 221 -21.26 18.81 -51.22
C PRO C 221 -22.37 19.75 -50.83
N PRO C 222 -23.62 19.43 -51.18
CA PRO C 222 -24.72 20.34 -50.87
C PRO C 222 -24.86 20.60 -49.38
N GLY C 223 -25.16 21.85 -49.04
CA GLY C 223 -25.31 22.25 -47.66
C GLY C 223 -24.04 22.63 -46.94
N VAL C 224 -22.87 22.40 -47.53
CA VAL C 224 -21.65 22.70 -46.80
C VAL C 224 -21.50 24.20 -46.68
N VAL C 225 -21.91 24.95 -47.72
CA VAL C 225 -21.91 26.41 -47.71
C VAL C 225 -23.30 26.90 -48.05
N ASN C 226 -23.87 27.71 -47.15
CA ASN C 226 -25.19 28.29 -47.33
C ASN C 226 -25.07 29.79 -47.08
N ILE C 227 -25.75 30.60 -47.90
CA ILE C 227 -25.67 32.05 -47.78
C ILE C 227 -27.07 32.62 -47.70
N VAL C 228 -27.33 33.40 -46.65
CA VAL C 228 -28.64 34.02 -46.45
C VAL C 228 -28.50 35.54 -46.45
N PRO C 229 -28.74 36.20 -47.57
CA PRO C 229 -28.79 37.67 -47.56
C PRO C 229 -30.00 38.18 -46.78
N GLY C 230 -29.87 39.38 -46.26
CA GLY C 230 -30.95 40.01 -45.51
C GLY C 230 -30.36 41.00 -44.51
N TYR C 231 -31.21 41.42 -43.58
CA TYR C 231 -30.82 42.43 -42.58
C TYR C 231 -30.27 41.82 -41.29
N GLY C 232 -29.58 42.68 -40.53
CA GLY C 232 -28.90 42.31 -39.31
C GLY C 232 -29.82 41.94 -38.17
N PRO C 233 -30.73 42.85 -37.82
CA PRO C 233 -31.69 42.54 -36.74
C PRO C 233 -32.75 41.50 -37.09
N THR C 234 -32.77 40.92 -38.32
CA THR C 234 -33.71 39.85 -38.65
C THR C 234 -33.05 38.53 -38.98
N ALA C 235 -31.94 38.52 -39.68
CA ALA C 235 -31.34 37.26 -40.06
C ALA C 235 -30.08 36.99 -39.30
N GLY C 236 -29.34 38.06 -38.97
CA GLY C 236 -28.20 37.94 -38.09
C GLY C 236 -28.63 37.55 -36.69
N ALA C 237 -29.67 38.22 -36.15
CA ALA C 237 -30.18 37.83 -34.85
C ALA C 237 -30.67 36.39 -34.88
N ALA C 238 -31.32 35.97 -35.97
CA ALA C 238 -31.77 34.58 -36.08
C ALA C 238 -30.58 33.61 -36.01
N ILE C 239 -29.46 33.97 -36.64
CA ILE C 239 -28.25 33.13 -36.57
C ILE C 239 -27.71 33.13 -35.14
N SER C 240 -27.55 34.32 -34.55
CA SER C 240 -26.88 34.41 -33.25
C SER C 240 -27.68 33.74 -32.14
N SER C 241 -29.02 33.76 -32.20
CA SER C 241 -29.80 33.11 -31.15
C SER C 241 -30.28 31.71 -31.53
N HIS C 242 -29.81 31.16 -32.65
CA HIS C 242 -30.28 29.86 -33.08
C HIS C 242 -29.82 28.75 -32.14
N MET C 243 -30.70 27.79 -31.89
CA MET C 243 -30.42 26.72 -30.94
C MET C 243 -29.56 25.58 -31.52
N ASP C 244 -29.36 25.49 -32.84
CA ASP C 244 -28.57 24.40 -33.42
C ASP C 244 -27.36 24.93 -34.20
N VAL C 245 -26.95 26.17 -33.96
CA VAL C 245 -25.71 26.72 -34.49
C VAL C 245 -24.64 26.54 -33.42
N ASP C 246 -23.52 25.92 -33.79
CA ASP C 246 -22.50 25.57 -32.82
C ASP C 246 -21.54 26.74 -32.53
N LYS C 247 -21.31 27.60 -33.51
CA LYS C 247 -20.43 28.74 -33.34
C LYS C 247 -20.96 29.88 -34.19
N VAL C 248 -20.76 31.10 -33.71
CA VAL C 248 -21.06 32.27 -34.51
C VAL C 248 -19.83 33.15 -34.55
N ALA C 249 -19.42 33.54 -35.76
CA ALA C 249 -18.32 34.48 -35.98
C ALA C 249 -18.90 35.72 -36.62
N PHE C 250 -18.55 36.87 -36.06
CA PHE C 250 -19.14 38.15 -36.42
C PHE C 250 -18.06 39.21 -36.49
N THR C 251 -18.06 40.00 -37.56
CA THR C 251 -17.25 41.19 -37.66
C THR C 251 -18.19 42.37 -37.82
N GLY C 252 -18.02 43.38 -36.98
CA GLY C 252 -18.88 44.54 -37.05
C GLY C 252 -18.71 45.44 -35.84
N SER C 253 -19.78 46.14 -35.51
CA SER C 253 -19.71 47.17 -34.49
C SER C 253 -19.57 46.53 -33.13
N THR C 254 -19.10 47.33 -32.17
CA THR C 254 -18.93 46.79 -30.84
C THR C 254 -20.27 46.50 -30.20
N GLN C 255 -21.25 47.37 -30.40
CA GLN C 255 -22.55 47.16 -29.78
C GLN C 255 -23.25 45.93 -30.33
N VAL C 256 -23.20 45.72 -31.64
CA VAL C 256 -23.80 44.51 -32.19
C VAL C 256 -23.05 43.26 -31.70
N GLY C 257 -21.73 43.36 -31.51
CA GLY C 257 -21.01 42.26 -30.91
C GLY C 257 -21.49 41.96 -29.49
N LYS C 258 -21.73 43.02 -28.70
CA LYS C 258 -22.29 42.82 -27.36
C LYS C 258 -23.62 42.09 -27.42
N LEU C 259 -24.44 42.50 -28.38
CA LEU C 259 -25.74 41.91 -28.61
C LEU C 259 -25.63 40.45 -29.03
N ILE C 260 -24.62 40.12 -29.82
CA ILE C 260 -24.45 38.77 -30.33
C ILE C 260 -23.97 37.81 -29.22
N LYS C 261 -22.90 38.19 -28.50
CA LYS C 261 -22.44 37.36 -27.39
C LYS C 261 -23.52 37.19 -26.34
N GLU C 262 -24.28 38.26 -26.06
CA GLU C 262 -25.37 38.15 -25.10
C GLU C 262 -26.42 37.16 -25.57
N ALA C 263 -26.81 37.21 -26.85
CA ALA C 263 -27.79 36.26 -27.36
C ALA C 263 -27.23 34.85 -27.36
N ALA C 264 -25.94 34.72 -27.67
CA ALA C 264 -25.29 33.41 -27.61
C ALA C 264 -25.37 32.83 -26.21
N GLY C 265 -25.15 33.65 -25.18
CA GLY C 265 -25.33 33.14 -23.84
C GLY C 265 -26.74 32.66 -23.56
N LYS C 266 -27.74 33.45 -23.99
CA LYS C 266 -29.15 33.16 -23.69
C LYS C 266 -29.73 31.98 -24.46
N SER C 267 -29.21 31.68 -25.65
CA SER C 267 -29.87 30.78 -26.58
C SER C 267 -29.41 29.34 -26.39
N ASN C 268 -28.16 29.07 -26.67
CA ASN C 268 -27.52 27.79 -26.47
C ASN C 268 -26.10 28.23 -26.32
N LEU C 269 -25.41 27.66 -25.37
CA LEU C 269 -24.03 28.17 -25.24
C LEU C 269 -23.27 27.86 -26.52
N LYS C 270 -23.27 28.83 -27.44
CA LYS C 270 -22.54 28.66 -28.68
C LYS C 270 -21.18 29.33 -28.55
N ARG C 271 -20.21 28.80 -29.29
CA ARG C 271 -18.93 29.44 -29.38
C ARG C 271 -19.12 30.76 -30.13
N VAL C 272 -18.29 31.74 -29.79
CA VAL C 272 -18.40 33.07 -30.37
C VAL C 272 -17.00 33.60 -30.64
N THR C 273 -16.82 34.22 -31.80
CA THR C 273 -15.64 35.02 -32.10
C THR C 273 -16.14 36.36 -32.58
N LEU C 274 -15.58 37.45 -32.07
CA LEU C 274 -15.97 38.78 -32.51
C LEU C 274 -14.74 39.51 -33.01
N GLU C 275 -14.91 40.31 -34.04
CA GLU C 275 -13.86 41.18 -34.55
C GLU C 275 -14.47 42.57 -34.62
N LEU C 276 -14.16 43.40 -33.63
CA LEU C 276 -14.82 44.67 -33.49
C LEU C 276 -13.98 45.82 -34.04
N GLY C 277 -14.45 47.04 -33.90
CA GLY C 277 -13.76 48.17 -34.47
C GLY C 277 -12.55 48.52 -33.64
N GLY C 278 -11.85 49.56 -34.07
CA GLY C 278 -10.74 50.05 -33.31
C GLY C 278 -10.71 51.56 -33.26
N LYS C 279 -9.83 52.03 -32.41
CA LYS C 279 -9.31 53.40 -32.41
C LYS C 279 -7.84 53.08 -32.38
N SER C 280 -7.25 52.85 -33.55
CA SER C 280 -5.96 52.24 -33.54
C SER C 280 -4.97 53.38 -33.65
N PRO C 281 -4.09 53.50 -32.71
CA PRO C 281 -3.22 54.66 -32.70
C PRO C 281 -1.89 54.39 -33.38
N CYS C 282 -1.23 55.42 -33.89
CA CYS C 282 0.13 55.31 -34.37
C CYS C 282 1.00 56.19 -33.50
N ILE C 283 2.17 55.70 -33.14
CA ILE C 283 3.16 56.49 -32.41
C ILE C 283 4.33 56.74 -33.33
N VAL C 284 4.62 58.01 -33.59
CA VAL C 284 5.76 58.40 -34.42
C VAL C 284 6.80 59.05 -33.51
N PHE C 285 7.95 58.41 -33.35
CA PHE C 285 9.03 58.94 -32.52
C PHE C 285 9.94 59.84 -33.37
N ALA C 286 10.65 60.76 -32.70
CA ALA C 286 11.53 61.68 -33.42
C ALA C 286 12.60 60.94 -34.22
N ASP C 287 13.00 59.77 -33.74
CA ASP C 287 14.01 59.02 -34.46
C ASP C 287 13.45 58.21 -35.60
N ALA C 288 12.17 58.37 -35.92
CA ALA C 288 11.55 57.69 -37.05
C ALA C 288 12.03 58.24 -38.38
N ASP C 289 11.80 57.45 -39.41
CA ASP C 289 11.98 57.87 -40.79
C ASP C 289 10.73 58.68 -41.08
N LEU C 290 10.91 60.01 -41.26
CA LEU C 290 9.76 60.90 -41.35
C LEU C 290 8.84 60.55 -42.50
N ASP C 291 9.40 60.32 -43.66
CA ASP C 291 8.55 60.05 -44.81
C ASP C 291 7.85 58.68 -44.70
N ILE C 292 8.56 57.65 -44.24
CA ILE C 292 7.88 56.37 -44.09
C ILE C 292 6.74 56.51 -43.10
N ALA C 293 6.97 57.24 -42.01
CA ALA C 293 5.92 57.42 -41.01
C ALA C 293 4.73 58.14 -41.62
N VAL C 294 4.99 59.26 -42.31
CA VAL C 294 3.90 60.05 -42.86
C VAL C 294 3.14 59.23 -43.90
N GLU C 295 3.86 58.56 -44.79
CA GLU C 295 3.22 57.81 -45.86
C GLU C 295 2.35 56.68 -45.31
N PHE C 296 2.91 55.88 -44.38
CA PHE C 296 2.19 54.73 -43.85
C PHE C 296 1.06 55.12 -42.91
N ALA C 297 1.28 56.17 -42.10
CA ALA C 297 0.19 56.65 -41.27
C ALA C 297 -0.94 57.15 -42.16
N HIS C 298 -0.59 57.90 -43.20
CA HIS C 298 -1.60 58.32 -44.15
C HIS C 298 -2.35 57.13 -44.73
N HIS C 299 -1.62 56.12 -45.21
CA HIS C 299 -2.27 54.97 -45.82
C HIS C 299 -3.21 54.31 -44.84
N GLY C 300 -2.79 54.18 -43.59
CA GLY C 300 -3.59 53.54 -42.58
C GLY C 300 -4.83 54.30 -42.17
N VAL C 301 -4.87 55.61 -42.40
CA VAL C 301 -6.05 56.37 -42.01
C VAL C 301 -6.98 56.62 -43.20
N PHE C 302 -6.47 56.58 -44.44
CA PHE C 302 -7.28 56.90 -45.62
C PHE C 302 -7.67 55.71 -46.48
N TYR C 303 -7.04 54.56 -46.34
CA TYR C 303 -7.31 53.45 -47.24
C TYR C 303 -8.78 53.08 -47.23
N HIS C 304 -9.31 52.85 -48.43
CA HIS C 304 -10.72 52.55 -48.64
C HIS C 304 -11.62 53.58 -47.95
N GLN C 305 -11.30 54.85 -48.18
CA GLN C 305 -12.08 55.95 -47.62
C GLN C 305 -12.17 55.90 -46.10
N GLY C 306 -11.12 55.38 -45.45
CA GLY C 306 -11.02 55.31 -44.00
C GLY C 306 -12.02 54.40 -43.35
N GLN C 307 -12.69 53.54 -44.09
CA GLN C 307 -13.66 52.60 -43.53
C GLN C 307 -12.99 51.30 -43.18
N CYS C 308 -11.68 51.34 -43.08
CA CYS C 308 -10.88 50.14 -42.93
C CYS C 308 -11.11 49.41 -41.61
N CYS C 309 -10.93 48.09 -41.68
CA CYS C 309 -11.03 47.21 -40.53
C CYS C 309 -10.24 47.80 -39.35
N VAL C 310 -8.97 48.12 -39.61
CA VAL C 310 -8.02 48.63 -38.61
C VAL C 310 -7.52 49.97 -39.12
N ALA C 311 -8.23 51.05 -38.84
CA ALA C 311 -7.82 52.36 -39.32
C ALA C 311 -7.05 53.11 -38.25
N ALA C 312 -5.96 53.76 -38.66
CA ALA C 312 -5.08 54.50 -37.76
C ALA C 312 -5.62 55.91 -37.51
N SER C 313 -6.55 56.03 -36.59
CA SER C 313 -7.23 57.29 -36.48
C SER C 313 -6.37 58.29 -35.72
N ARG C 314 -5.92 57.92 -34.52
CA ARG C 314 -5.03 58.75 -33.73
C ARG C 314 -3.57 58.57 -34.13
N ILE C 315 -2.89 59.67 -34.45
CA ILE C 315 -1.45 59.65 -34.72
C ILE C 315 -0.77 60.56 -33.71
N PHE C 316 0.00 59.98 -32.80
CA PHE C 316 0.75 60.72 -31.80
C PHE C 316 2.16 60.93 -32.33
N VAL C 317 2.62 62.19 -32.40
CA VAL C 317 3.93 62.49 -32.94
C VAL C 317 4.72 63.20 -31.86
N GLU C 318 6.01 62.89 -31.74
CA GLU C 318 6.81 63.59 -30.76
C GLU C 318 6.98 65.04 -31.22
N GLU C 319 6.92 65.96 -30.25
CA GLU C 319 6.83 67.39 -30.55
C GLU C 319 7.92 67.86 -31.51
N SER C 320 9.15 67.36 -31.35
CA SER C 320 10.28 67.82 -32.17
C SER C 320 9.97 67.73 -33.66
N VAL C 321 9.19 66.71 -34.01
CA VAL C 321 8.83 66.34 -35.35
C VAL C 321 7.38 66.63 -35.65
N TYR C 322 6.65 67.16 -34.67
CA TYR C 322 5.19 67.33 -34.79
C TYR C 322 4.82 68.23 -35.96
N ASP C 323 5.38 69.44 -36.01
CA ASP C 323 4.99 70.39 -37.05
C ASP C 323 5.37 69.89 -38.46
N GLU C 324 6.58 69.34 -38.61
CA GLU C 324 7.01 68.79 -39.89
C GLU C 324 6.11 67.65 -40.33
N PHE C 325 5.71 66.80 -39.39
CA PHE C 325 4.78 65.72 -39.72
C PHE C 325 3.44 66.27 -40.22
N VAL C 326 2.88 67.28 -39.52
CA VAL C 326 1.59 67.82 -39.94
C VAL C 326 1.71 68.41 -41.33
N LYS C 327 2.82 69.11 -41.59
CA LYS C 327 3.07 69.68 -42.91
C LYS C 327 2.97 68.60 -43.98
N ARG C 328 3.73 67.51 -43.83
CA ARG C 328 3.76 66.48 -44.85
C ARG C 328 2.43 65.74 -44.93
N SER C 329 1.76 65.61 -43.80
CA SER C 329 0.47 64.93 -43.80
C SER C 329 -0.54 65.68 -44.65
N VAL C 330 -0.64 67.00 -44.44
CA VAL C 330 -1.57 67.80 -45.23
C VAL C 330 -1.19 67.78 -46.70
N GLU C 331 0.11 67.82 -46.99
CA GLU C 331 0.55 67.77 -48.39
C GLU C 331 0.12 66.47 -49.03
N ARG C 332 0.20 65.37 -48.29
CA ARG C 332 -0.22 64.10 -48.85
C ARG C 332 -1.73 63.99 -48.94
N ALA C 333 -2.44 64.69 -48.07
CA ALA C 333 -3.89 64.62 -48.10
C ALA C 333 -4.50 65.34 -49.28
N LYS C 334 -3.77 66.26 -49.90
CA LYS C 334 -4.28 67.03 -51.04
C LYS C 334 -4.12 66.29 -52.36
N LYS C 335 -3.69 65.04 -52.34
CA LYS C 335 -3.35 64.29 -53.54
C LYS C 335 -4.46 63.34 -53.98
N TYR C 336 -5.69 63.54 -53.51
CA TYR C 336 -6.81 62.66 -53.85
C TYR C 336 -7.70 63.23 -54.97
N VAL C 337 -8.39 62.30 -55.64
CA VAL C 337 -9.36 62.60 -56.68
C VAL C 337 -10.61 61.78 -56.36
N LEU C 338 -11.70 62.44 -55.96
CA LEU C 338 -12.92 61.73 -55.56
C LEU C 338 -13.84 61.53 -56.75
N GLY C 339 -14.60 60.44 -56.71
CA GLY C 339 -15.54 60.19 -57.80
C GLY C 339 -15.92 58.72 -57.87
N ASN C 340 -16.51 58.36 -59.00
CA ASN C 340 -16.95 57.01 -59.26
C ASN C 340 -15.77 56.03 -59.12
N PRO C 341 -15.87 55.01 -58.28
CA PRO C 341 -14.75 54.07 -58.13
C PRO C 341 -14.35 53.36 -59.43
N LEU C 342 -15.24 53.30 -60.41
CA LEU C 342 -14.94 52.66 -61.70
C LEU C 342 -14.24 53.60 -62.67
N THR C 343 -14.29 54.91 -62.46
CA THR C 343 -13.59 55.82 -63.36
C THR C 343 -12.08 55.73 -63.14
N PRO C 344 -11.29 55.64 -64.20
CA PRO C 344 -9.83 55.59 -64.02
C PRO C 344 -9.32 56.92 -63.46
N GLY C 345 -8.36 56.83 -62.54
CA GLY C 345 -7.81 58.03 -61.95
C GLY C 345 -8.44 58.41 -60.62
N ILE C 346 -9.59 57.82 -60.27
CA ILE C 346 -10.25 58.12 -58.99
C ILE C 346 -9.50 57.46 -57.85
N ASN C 347 -9.23 58.23 -56.79
CA ASN C 347 -8.48 57.78 -55.62
C ASN C 347 -9.34 57.48 -54.41
N GLN C 348 -10.49 58.12 -54.31
CA GLN C 348 -11.32 58.04 -53.14
C GLN C 348 -12.74 57.87 -53.63
N GLY C 349 -13.34 56.79 -53.18
CA GLY C 349 -14.72 56.56 -53.48
C GLY C 349 -15.58 57.11 -52.39
N PRO C 350 -16.80 56.63 -52.36
CA PRO C 350 -17.77 57.05 -51.35
C PRO C 350 -17.71 56.22 -50.06
N GLN C 351 -18.40 56.73 -49.05
CA GLN C 351 -18.70 55.91 -47.89
C GLN C 351 -19.85 54.98 -48.26
N ILE C 352 -20.02 53.91 -47.47
CA ILE C 352 -20.88 52.83 -47.96
C ILE C 352 -22.36 53.21 -47.98
N ASP C 353 -22.77 54.23 -47.25
CA ASP C 353 -24.17 54.65 -47.28
C ASP C 353 -24.31 55.95 -46.51
N LYS C 354 -25.54 56.46 -46.47
CA LYS C 354 -25.81 57.76 -45.86
C LYS C 354 -25.64 57.74 -44.35
N GLU C 355 -26.02 56.62 -43.71
CA GLU C 355 -25.90 56.51 -42.27
C GLU C 355 -24.47 56.79 -41.83
N GLN C 356 -23.50 56.20 -42.53
CA GLN C 356 -22.09 56.41 -42.22
C GLN C 356 -21.66 57.81 -42.58
N HIS C 357 -22.23 58.35 -43.66
CA HIS C 357 -21.90 59.69 -44.15
C HIS C 357 -22.27 60.77 -43.13
N ASP C 358 -23.51 60.74 -42.61
CA ASP C 358 -23.92 61.70 -41.59
C ASP C 358 -23.08 61.57 -40.31
N LYS C 359 -22.80 60.33 -39.89
CA LYS C 359 -21.99 60.13 -38.71
C LYS C 359 -20.63 60.83 -38.86
N ILE C 360 -19.96 60.62 -39.99
CA ILE C 360 -18.62 61.18 -40.16
C ILE C 360 -18.67 62.70 -40.11
N LEU C 361 -19.63 63.28 -40.83
CA LEU C 361 -19.75 64.73 -40.92
C LEU C 361 -20.05 65.36 -39.56
N ASP C 362 -20.95 64.75 -38.78
CA ASP C 362 -21.20 65.27 -37.44
C ASP C 362 -19.91 65.26 -36.61
N LEU C 363 -19.11 64.17 -36.71
CA LEU C 363 -17.86 64.13 -35.96
C LEU C 363 -16.87 65.20 -36.42
N ILE C 364 -16.83 65.49 -37.73
CA ILE C 364 -15.90 66.52 -38.21
C ILE C 364 -16.21 67.87 -37.60
N GLU C 365 -17.48 68.28 -37.64
CA GLU C 365 -17.85 69.54 -37.04
C GLU C 365 -17.63 69.51 -35.54
N SER C 366 -17.94 68.38 -34.89
CA SER C 366 -17.70 68.27 -33.46
C SER C 366 -16.25 68.57 -33.14
N GLY C 367 -15.34 68.02 -33.94
CA GLY C 367 -13.92 68.33 -33.79
C GLY C 367 -13.60 69.80 -33.93
N LYS C 368 -14.20 70.47 -34.92
CA LYS C 368 -13.94 71.89 -35.08
C LYS C 368 -14.51 72.68 -33.89
N LYS C 369 -15.74 72.36 -33.44
CA LYS C 369 -16.32 73.07 -32.30
C LYS C 369 -15.53 72.80 -31.02
N GLU C 370 -14.94 71.60 -30.89
CA GLU C 370 -14.20 71.30 -29.67
C GLU C 370 -12.81 71.95 -29.67
N GLY C 371 -12.47 72.67 -30.73
CA GLY C 371 -11.23 73.43 -30.80
C GLY C 371 -10.05 72.70 -31.42
N ALA C 372 -10.30 71.83 -32.40
CA ALA C 372 -9.22 71.17 -33.11
C ALA C 372 -8.93 71.96 -34.38
N LYS C 373 -7.68 71.97 -34.79
CA LYS C 373 -7.31 72.76 -35.96
C LYS C 373 -7.56 71.97 -37.24
N LEU C 374 -8.48 72.46 -38.06
CA LEU C 374 -8.81 71.83 -39.32
C LEU C 374 -7.75 72.25 -40.34
N GLU C 375 -7.05 71.29 -40.90
CA GLU C 375 -5.94 71.58 -41.78
C GLU C 375 -6.33 71.49 -43.24
N CYS C 376 -7.22 70.58 -43.57
CA CYS C 376 -7.80 70.53 -44.90
C CYS C 376 -9.02 69.61 -44.76
N GLY C 377 -10.00 69.76 -45.65
CA GLY C 377 -11.27 69.04 -45.61
C GLY C 377 -12.33 69.69 -44.73
N GLY C 378 -13.24 68.89 -44.14
CA GLY C 378 -14.30 69.34 -43.24
C GLY C 378 -15.74 69.26 -43.73
N GLY C 379 -15.99 68.80 -44.96
CA GLY C 379 -17.34 68.80 -45.50
C GLY C 379 -17.60 67.73 -46.53
N ARG C 380 -18.82 67.72 -47.12
CA ARG C 380 -19.16 66.71 -48.14
C ARG C 380 -18.66 67.11 -49.54
N TRP C 381 -18.84 66.20 -50.51
CA TRP C 381 -18.48 66.46 -51.91
C TRP C 381 -19.57 65.98 -52.83
N GLY C 382 -20.00 66.86 -53.77
CA GLY C 382 -21.00 66.49 -54.75
C GLY C 382 -22.41 66.61 -54.21
N ASN C 383 -23.36 66.43 -55.13
CA ASN C 383 -24.77 66.38 -54.76
C ASN C 383 -25.27 64.96 -54.70
N LYS C 384 -24.66 64.07 -55.45
CA LYS C 384 -25.06 62.68 -55.40
C LYS C 384 -23.92 61.87 -54.83
N GLY C 385 -24.31 60.85 -54.09
CA GLY C 385 -23.40 59.95 -53.44
C GLY C 385 -23.08 60.37 -52.03
N PHE C 386 -22.33 59.48 -51.41
CA PHE C 386 -21.90 59.60 -50.05
C PHE C 386 -20.40 59.82 -50.11
N PHE C 387 -20.01 61.07 -50.35
CA PHE C 387 -18.59 61.37 -50.41
C PHE C 387 -18.18 62.30 -49.28
N VAL C 388 -16.96 62.08 -48.80
CA VAL C 388 -16.42 62.92 -47.75
C VAL C 388 -15.03 63.37 -48.20
N GLN C 389 -14.77 64.66 -48.11
CA GLN C 389 -13.46 65.17 -48.46
C GLN C 389 -12.41 64.69 -47.46
N PRO C 390 -11.23 64.30 -47.93
CA PRO C 390 -10.16 63.89 -47.01
C PRO C 390 -9.84 65.01 -46.04
N THR C 391 -10.05 64.72 -44.76
CA THR C 391 -9.95 65.73 -43.72
C THR C 391 -8.76 65.42 -42.82
N VAL C 392 -8.05 66.45 -42.41
CA VAL C 392 -6.94 66.30 -41.47
C VAL C 392 -7.11 67.32 -40.35
N PHE C 393 -7.16 66.81 -39.12
CA PHE C 393 -7.25 67.61 -37.91
C PHE C 393 -5.90 67.56 -37.22
N SER C 394 -5.46 68.70 -36.72
CA SER C 394 -4.28 68.76 -35.87
C SER C 394 -4.69 69.35 -34.51
N ASN C 395 -3.74 69.39 -33.59
CA ASN C 395 -3.97 69.88 -32.25
C ASN C 395 -5.13 69.13 -31.59
N VAL C 396 -5.21 67.83 -31.82
CA VAL C 396 -6.28 67.04 -31.21
C VAL C 396 -5.88 66.67 -29.78
N THR C 397 -6.84 66.77 -28.87
CA THR C 397 -6.62 66.39 -27.48
C THR C 397 -7.46 65.16 -27.14
N ASP C 398 -7.08 64.51 -26.05
CA ASP C 398 -7.65 63.21 -25.73
C ASP C 398 -9.12 63.31 -25.34
N GLU C 399 -9.56 64.45 -24.80
CA GLU C 399 -10.96 64.62 -24.40
C GLU C 399 -11.84 64.99 -25.58
N MET C 400 -11.27 65.07 -26.78
CA MET C 400 -12.04 65.46 -27.94
C MET C 400 -12.76 64.25 -28.46
N ARG C 401 -13.96 64.49 -28.97
CA ARG C 401 -14.77 63.36 -29.39
C ARG C 401 -14.07 62.58 -30.48
N ILE C 402 -13.68 63.27 -31.55
CA ILE C 402 -13.01 62.58 -32.65
C ILE C 402 -11.86 61.72 -32.17
N ALA C 403 -11.35 62.00 -30.96
CA ALA C 403 -10.28 61.23 -30.38
C ALA C 403 -10.81 60.01 -29.61
N LYS C 404 -12.14 59.97 -29.37
CA LYS C 404 -12.82 58.89 -28.66
C LYS C 404 -13.81 58.07 -29.50
N GLU C 405 -14.46 58.61 -30.54
CA GLU C 405 -15.39 57.80 -31.33
C GLU C 405 -14.75 57.22 -32.59
N GLU C 406 -15.07 55.95 -32.87
CA GLU C 406 -14.58 55.29 -34.08
C GLU C 406 -15.17 56.09 -35.24
N ILE C 407 -14.34 56.79 -36.00
CA ILE C 407 -14.95 57.67 -37.02
C ILE C 407 -15.32 56.84 -38.23
N PHE C 408 -14.57 55.77 -38.46
CA PHE C 408 -14.76 54.91 -39.63
C PHE C 408 -14.95 55.76 -40.89
N GLY C 409 -14.08 56.76 -41.02
CA GLY C 409 -14.14 57.69 -42.14
C GLY C 409 -12.78 58.27 -42.50
N PRO C 410 -12.71 58.95 -43.64
CA PRO C 410 -11.43 59.51 -44.10
C PRO C 410 -10.99 60.71 -43.28
N VAL C 411 -10.89 60.57 -41.96
CA VAL C 411 -10.50 61.68 -41.10
C VAL C 411 -9.26 61.33 -40.30
N GLN C 412 -8.23 62.18 -40.36
CA GLN C 412 -7.01 61.95 -39.62
C GLN C 412 -6.86 62.97 -38.49
N GLN C 413 -6.51 62.46 -37.30
CA GLN C 413 -6.31 63.24 -36.08
C GLN C 413 -4.86 63.09 -35.69
N ILE C 414 -4.17 64.20 -35.52
CA ILE C 414 -2.76 64.18 -35.15
C ILE C 414 -2.62 64.81 -33.78
N MET C 415 -1.85 64.16 -32.91
CA MET C 415 -1.65 64.62 -31.55
C MET C 415 -0.16 64.71 -31.29
N LYS C 416 0.15 65.31 -30.15
CA LYS C 416 1.50 65.57 -29.75
C LYS C 416 1.78 64.76 -28.52
N PHE C 417 3.04 64.42 -28.34
CA PHE C 417 3.46 63.77 -27.13
C PHE C 417 4.92 64.12 -26.91
N LYS C 418 5.33 64.10 -25.64
CA LYS C 418 6.72 64.33 -25.29
C LYS C 418 7.31 63.21 -24.44
N SER C 419 6.52 62.45 -23.68
CA SER C 419 6.98 61.38 -22.82
C SER C 419 6.58 60.01 -23.31
N VAL C 420 7.52 59.07 -23.24
CA VAL C 420 7.27 57.72 -23.77
C VAL C 420 6.16 57.04 -22.97
N ASP C 421 6.29 57.05 -21.65
CA ASP C 421 5.28 56.41 -20.79
C ASP C 421 3.94 57.10 -20.95
N ASP C 422 3.96 58.43 -21.06
CA ASP C 422 2.74 59.20 -21.33
C ASP C 422 2.04 58.69 -22.58
N VAL C 423 2.78 58.56 -23.68
CA VAL C 423 2.12 58.17 -24.93
C VAL C 423 1.74 56.68 -24.91
N ILE C 424 2.54 55.81 -24.27
CA ILE C 424 2.11 54.41 -24.17
C ILE C 424 0.78 54.33 -23.44
N LYS C 425 0.66 55.08 -22.34
CA LYS C 425 -0.58 55.14 -21.58
C LYS C 425 -1.73 55.73 -22.42
N ARG C 426 -1.46 56.83 -23.11
CA ARG C 426 -2.50 57.49 -23.89
C ARG C 426 -2.97 56.63 -25.08
N ALA C 427 -2.05 55.99 -25.77
CA ALA C 427 -2.46 55.05 -26.83
C ALA C 427 -3.23 53.85 -26.25
N ASN C 428 -2.82 53.33 -25.08
CA ASN C 428 -3.60 52.22 -24.54
C ASN C 428 -4.90 52.66 -23.91
N ASN C 429 -5.12 53.96 -23.69
CA ASN C 429 -6.27 54.41 -22.92
C ASN C 429 -7.47 54.50 -23.86
N THR C 430 -7.93 53.32 -24.23
CA THR C 430 -9.09 53.13 -25.09
C THR C 430 -9.73 51.81 -24.69
N THR C 431 -11.02 51.70 -25.08
CA THR C 431 -11.81 50.51 -24.88
C THR C 431 -11.59 49.50 -26.02
N TYR C 432 -10.80 49.93 -27.01
CA TYR C 432 -10.42 49.17 -28.20
C TYR C 432 -8.96 48.79 -28.08
N GLY C 433 -8.63 47.60 -28.58
CA GLY C 433 -7.27 47.12 -28.63
C GLY C 433 -6.99 46.27 -29.85
N LEU C 434 -7.47 46.67 -31.04
CA LEU C 434 -7.31 45.83 -32.22
C LEU C 434 -5.92 45.89 -32.81
N ALA C 435 -5.40 47.08 -33.01
CA ALA C 435 -4.13 47.21 -33.73
C ALA C 435 -3.40 48.45 -33.26
N ALA C 436 -2.16 48.59 -33.69
CA ALA C 436 -1.35 49.76 -33.37
C ALA C 436 -0.25 49.91 -34.41
N GLY C 437 0.22 51.13 -34.55
CA GLY C 437 1.34 51.42 -35.44
C GLY C 437 2.44 52.07 -34.63
N LEU C 438 3.67 51.76 -34.98
CA LEU C 438 4.82 52.23 -34.23
C LEU C 438 5.90 52.57 -35.22
N PHE C 439 6.50 53.75 -35.10
CA PHE C 439 7.49 54.20 -36.07
C PHE C 439 8.77 54.59 -35.35
N THR C 440 9.83 53.82 -35.58
CA THR C 440 11.11 54.07 -34.94
C THR C 440 12.21 53.31 -35.67
N LYS C 441 13.44 53.81 -35.52
CA LYS C 441 14.60 53.09 -36.00
C LYS C 441 15.37 52.42 -34.88
N ASP C 442 14.95 52.64 -33.64
CA ASP C 442 15.64 52.11 -32.46
C ASP C 442 15.11 50.72 -32.10
N LEU C 443 16.03 49.75 -32.05
CA LEU C 443 15.69 48.36 -31.74
C LEU C 443 14.96 48.23 -30.41
N ASP C 444 15.51 48.83 -29.35
CA ASP C 444 14.92 48.65 -28.03
C ASP C 444 13.52 49.24 -27.93
N LYS C 445 13.33 50.42 -28.49
CA LYS C 445 12.01 51.04 -28.42
C LYS C 445 11.01 50.20 -29.19
N ALA C 446 11.38 49.72 -30.38
CA ALA C 446 10.48 48.92 -31.20
C ALA C 446 9.97 47.70 -30.44
N ILE C 447 10.88 46.94 -29.81
CA ILE C 447 10.51 45.71 -29.12
C ILE C 447 9.74 46.01 -27.83
N THR C 448 10.27 46.88 -26.97
CA THR C 448 9.59 47.09 -25.69
C THR C 448 8.26 47.83 -25.88
N VAL C 449 8.22 48.89 -26.71
CA VAL C 449 6.96 49.64 -26.91
C VAL C 449 5.90 48.72 -27.54
N SER C 450 6.29 47.88 -28.48
CA SER C 450 5.30 46.97 -29.03
C SER C 450 4.82 45.99 -27.98
N SER C 451 5.68 45.62 -27.01
CA SER C 451 5.23 44.74 -25.94
C SER C 451 4.22 45.43 -25.05
N ALA C 452 4.39 46.72 -24.80
CA ALA C 452 3.50 47.40 -23.89
C ALA C 452 2.17 47.74 -24.53
N LEU C 453 2.10 47.77 -25.86
CA LEU C 453 0.88 48.18 -26.50
C LEU C 453 -0.18 47.11 -26.39
N GLN C 454 -1.37 47.52 -26.00
CA GLN C 454 -2.51 46.63 -25.87
C GLN C 454 -3.20 46.55 -27.20
N ALA C 455 -2.57 45.84 -28.12
CA ALA C 455 -3.11 45.72 -29.45
C ALA C 455 -2.87 44.31 -29.93
N GLY C 456 -3.78 43.84 -30.75
CA GLY C 456 -3.65 42.52 -31.31
C GLY C 456 -2.61 42.39 -32.38
N VAL C 457 -2.42 43.44 -33.17
CA VAL C 457 -1.40 43.49 -34.19
C VAL C 457 -0.65 44.79 -34.01
N VAL C 458 0.66 44.71 -33.94
CA VAL C 458 1.50 45.90 -33.87
C VAL C 458 2.38 45.90 -35.11
N TRP C 459 2.20 46.90 -35.95
CA TRP C 459 3.04 47.14 -37.10
C TRP C 459 4.12 48.13 -36.72
N VAL C 460 5.36 47.87 -37.12
CA VAL C 460 6.46 48.76 -36.83
C VAL C 460 7.11 49.21 -38.15
N ASN C 461 7.16 50.53 -38.36
CA ASN C 461 7.69 51.14 -39.58
C ASN C 461 6.97 50.60 -40.80
N CYS C 462 5.70 50.27 -40.63
CA CYS C 462 4.77 49.96 -41.71
C CYS C 462 3.37 49.99 -41.11
N TYR C 463 2.37 49.72 -41.94
CA TYR C 463 1.00 49.70 -41.46
C TYR C 463 0.14 48.94 -42.46
N MET C 464 -0.88 48.27 -41.95
CA MET C 464 -1.83 47.52 -42.77
C MET C 464 -1.12 46.58 -43.72
N MET C 465 -0.11 45.90 -43.18
CA MET C 465 0.56 44.81 -43.90
C MET C 465 -0.11 43.53 -43.43
N LEU C 466 -1.28 43.25 -44.01
CA LEU C 466 -2.07 42.10 -43.61
C LEU C 466 -1.73 40.95 -44.55
N SER C 467 -1.28 39.86 -43.99
CA SER C 467 -1.00 38.68 -44.78
C SER C 467 -1.84 37.55 -44.22
N ALA C 468 -1.85 36.43 -44.93
CA ALA C 468 -2.65 35.33 -44.42
C ALA C 468 -1.89 34.53 -43.37
N GLN C 469 -0.57 34.55 -43.38
CA GLN C 469 0.14 33.70 -42.45
C GLN C 469 0.03 34.19 -41.00
N CYS C 470 -0.37 35.45 -40.79
CA CYS C 470 -0.38 36.00 -39.44
C CYS C 470 -1.78 36.03 -38.84
N PRO C 471 -1.90 35.64 -37.57
CA PRO C 471 -3.17 35.79 -36.86
C PRO C 471 -3.36 37.24 -36.47
N PHE C 472 -4.61 37.69 -36.39
CA PHE C 472 -4.86 39.07 -35.93
C PHE C 472 -5.68 38.95 -34.63
N GLY C 473 -5.07 39.16 -33.48
CA GLY C 473 -5.94 38.88 -32.36
C GLY C 473 -6.37 40.09 -31.61
N GLY C 474 -7.64 40.53 -31.58
CA GLY C 474 -7.99 41.77 -30.90
C GLY C 474 -7.92 41.71 -29.38
N PHE C 475 -7.51 42.83 -28.77
CA PHE C 475 -7.49 42.96 -27.31
C PHE C 475 -8.73 43.68 -26.81
N LYS C 476 -8.95 43.58 -25.49
CA LYS C 476 -10.03 44.28 -24.80
C LYS C 476 -11.36 44.12 -25.52
N MET C 477 -12.04 45.23 -25.78
CA MET C 477 -13.30 45.18 -26.51
C MET C 477 -13.11 45.32 -28.02
N SER C 478 -11.90 45.17 -28.53
CA SER C 478 -11.79 45.12 -29.99
C SER C 478 -12.08 43.74 -30.52
N GLY C 479 -12.54 42.85 -29.67
CA GLY C 479 -12.85 41.54 -30.15
C GLY C 479 -12.41 40.41 -29.26
N ASN C 480 -12.75 39.24 -29.77
CA ASN C 480 -12.64 37.99 -29.04
C ASN C 480 -12.22 37.01 -30.12
N GLY C 481 -10.98 36.57 -30.06
CA GLY C 481 -10.42 35.69 -31.06
C GLY C 481 -9.70 36.43 -32.18
N ARG C 482 -8.97 35.62 -32.98
CA ARG C 482 -8.14 35.98 -34.13
C ARG C 482 -8.44 35.04 -35.29
N GLU C 483 -8.25 35.48 -36.53
CA GLU C 483 -8.41 34.60 -37.69
C GLU C 483 -7.14 34.54 -38.55
N LEU C 484 -7.24 33.60 -39.49
CA LEU C 484 -6.29 33.45 -40.58
C LEU C 484 -4.86 33.15 -40.10
N GLY C 485 -4.66 32.48 -38.98
CA GLY C 485 -3.28 32.10 -38.80
C GLY C 485 -3.23 30.62 -38.57
N GLU C 486 -2.10 30.07 -38.12
CA GLU C 486 -2.21 28.71 -37.58
C GLU C 486 -3.18 28.74 -36.40
N HIS C 487 -3.08 29.78 -35.56
CA HIS C 487 -3.97 29.90 -34.42
C HIS C 487 -5.42 30.08 -34.88
N GLY C 488 -5.62 30.81 -35.98
CA GLY C 488 -6.97 31.03 -36.45
C GLY C 488 -7.58 29.74 -36.97
N LEU C 489 -6.80 28.89 -37.63
CA LEU C 489 -7.37 27.66 -38.15
C LEU C 489 -7.83 26.77 -37.01
N TYR C 490 -7.05 26.70 -35.92
CA TYR C 490 -7.40 25.85 -34.79
C TYR C 490 -8.61 26.36 -34.02
N GLU C 491 -8.98 27.65 -34.15
CA GLU C 491 -10.18 28.10 -33.46
C GLU C 491 -11.45 27.57 -34.10
N TYR C 492 -11.36 26.99 -35.29
CA TYR C 492 -12.49 26.32 -35.91
C TYR C 492 -12.45 24.80 -35.68
N THR C 493 -11.74 24.36 -34.64
CA THR C 493 -11.76 22.96 -34.28
C THR C 493 -12.27 22.78 -32.85
N GLU C 494 -12.75 21.59 -32.59
CA GLU C 494 -13.17 21.18 -31.27
C GLU C 494 -12.25 20.04 -30.84
N LEU C 495 -11.71 20.13 -29.63
CA LEU C 495 -10.76 19.13 -29.17
C LEU C 495 -11.46 18.01 -28.41
N LYS C 496 -11.07 16.77 -28.71
CA LYS C 496 -11.60 15.57 -28.09
C LYS C 496 -10.45 14.72 -27.56
N THR C 497 -10.48 14.41 -26.27
CA THR C 497 -9.45 13.57 -25.69
C THR C 497 -9.96 12.13 -25.59
N VAL C 498 -9.17 11.19 -26.11
CA VAL C 498 -9.50 9.76 -26.05
C VAL C 498 -8.46 9.06 -25.19
N ALA C 499 -8.93 8.36 -24.13
CA ALA C 499 -8.05 7.71 -23.16
C ALA C 499 -8.37 6.21 -23.09
N MET C 500 -7.45 5.40 -23.59
CA MET C 500 -7.66 3.97 -23.74
C MET C 500 -6.81 3.22 -22.73
N LYS C 501 -7.46 2.47 -21.85
CA LYS C 501 -6.73 1.62 -20.92
C LYS C 501 -5.97 0.54 -21.69
N ILE C 502 -4.72 0.32 -21.31
CA ILE C 502 -3.91 -0.71 -21.94
C ILE C 502 -3.25 -1.53 -20.85
N SER C 503 -2.87 -2.76 -21.21
CA SER C 503 -2.35 -3.68 -20.20
C SER C 503 -1.03 -3.18 -19.63
N GLN C 504 -0.14 -2.67 -20.50
CA GLN C 504 1.10 -2.07 -20.05
C GLN C 504 1.58 -1.01 -21.05
N LYS C 505 2.04 0.12 -20.52
CA LYS C 505 2.58 1.19 -21.36
C LYS C 505 4.09 1.26 -21.25
N ASN C 506 4.72 1.62 -22.36
CA ASN C 506 6.15 1.85 -22.42
C ASN C 506 6.43 3.15 -23.12
N SER C 507 7.55 3.75 -22.75
CA SER C 507 7.84 5.09 -23.22
C SER C 507 7.98 5.20 -24.74
N ALA D 14 -10.75 4.98 -64.54
CA ALA D 14 -10.38 4.91 -65.96
C ALA D 14 -8.86 4.90 -66.14
N VAL D 15 -8.33 3.75 -66.60
CA VAL D 15 -6.90 3.62 -66.87
C VAL D 15 -6.69 3.72 -68.38
N PRO D 16 -5.99 4.75 -68.87
CA PRO D 16 -5.93 5.01 -70.30
C PRO D 16 -4.87 4.18 -71.02
N ALA D 17 -4.91 4.28 -72.34
CA ALA D 17 -3.91 3.49 -73.05
C ALA D 17 -2.56 4.21 -73.00
N PRO D 18 -1.47 3.47 -72.99
CA PRO D 18 -0.14 4.10 -72.92
C PRO D 18 0.23 4.82 -74.22
N LEU D 19 1.08 5.83 -74.05
CA LEU D 19 1.80 6.50 -75.14
C LEU D 19 2.45 5.50 -76.09
N ALA D 20 2.02 5.54 -77.36
CA ALA D 20 2.51 4.69 -78.43
C ALA D 20 3.77 5.27 -79.04
N ASP D 21 3.69 6.51 -79.51
CA ASP D 21 4.85 7.21 -80.09
C ASP D 21 5.48 8.03 -78.96
N LEU D 22 6.41 7.39 -78.25
CA LEU D 22 7.12 7.99 -77.11
C LEU D 22 8.56 8.34 -77.47
N LYS D 23 8.86 9.63 -77.54
CA LYS D 23 10.20 10.12 -77.82
C LYS D 23 10.84 10.62 -76.52
N ILE D 24 12.06 10.17 -76.24
CA ILE D 24 12.79 10.70 -75.10
C ILE D 24 13.43 11.99 -75.54
N GLN D 25 13.07 13.06 -74.86
CA GLN D 25 13.48 14.39 -75.27
C GLN D 25 14.64 14.94 -74.45
N HIS D 26 14.67 14.70 -73.14
CA HIS D 26 15.67 15.33 -72.29
C HIS D 26 16.60 14.25 -71.76
N THR D 27 17.84 14.33 -72.19
CA THR D 27 18.85 13.31 -71.94
C THR D 27 20.18 13.84 -71.41
N LYS D 28 20.32 15.14 -71.19
CA LYS D 28 21.56 15.80 -70.84
C LYS D 28 21.57 16.18 -69.35
N ILE D 29 22.66 16.85 -68.91
CA ILE D 29 22.80 17.31 -67.53
C ILE D 29 22.05 18.63 -67.38
N PHE D 30 21.37 18.82 -66.24
CA PHE D 30 20.51 19.99 -66.03
C PHE D 30 21.09 20.89 -64.94
N ILE D 31 21.61 22.04 -65.34
CA ILE D 31 22.24 23.01 -64.44
C ILE D 31 21.84 24.40 -64.87
N ASN D 32 21.48 25.25 -63.90
CA ASN D 32 21.11 26.64 -64.16
C ASN D 32 20.02 26.73 -65.22
N ASN D 33 19.09 25.76 -65.18
CA ASN D 33 17.97 25.68 -66.11
C ASN D 33 18.42 25.61 -67.57
N GLU D 34 19.62 25.08 -67.78
CA GLU D 34 20.15 24.86 -69.12
C GLU D 34 20.74 23.46 -69.20
N TRP D 35 20.75 22.91 -70.42
CA TRP D 35 21.20 21.55 -70.67
C TRP D 35 22.66 21.55 -71.07
N HIS D 36 23.41 20.60 -70.51
CA HIS D 36 24.85 20.52 -70.66
C HIS D 36 25.27 19.14 -71.16
N ASN D 37 26.33 19.13 -71.96
CA ASN D 37 27.03 17.88 -72.20
C ASN D 37 27.91 17.59 -71.00
N SER D 38 28.25 16.32 -70.84
CA SER D 38 29.16 16.00 -69.74
C SER D 38 30.52 16.61 -70.07
N VAL D 39 31.22 17.09 -69.04
CA VAL D 39 32.51 17.73 -69.26
C VAL D 39 33.44 16.78 -70.00
N SER D 40 33.35 15.46 -69.73
CA SER D 40 34.19 14.50 -70.44
C SER D 40 33.66 14.16 -71.83
N GLY D 41 32.39 14.46 -72.12
CA GLY D 41 31.79 14.02 -73.35
C GLY D 41 31.25 12.60 -73.36
N LYS D 42 31.43 11.85 -72.27
CA LYS D 42 30.93 10.48 -72.21
C LYS D 42 29.42 10.41 -72.07
N LYS D 43 28.81 9.42 -72.71
CA LYS D 43 27.42 9.06 -72.46
C LYS D 43 27.37 7.64 -71.88
N PHE D 44 26.22 7.27 -71.33
CA PHE D 44 26.08 5.91 -70.82
C PHE D 44 24.70 5.40 -71.20
N PRO D 45 24.56 4.10 -71.45
CA PRO D 45 23.30 3.60 -71.99
C PRO D 45 22.27 3.36 -70.90
N VAL D 46 21.02 3.58 -71.24
CA VAL D 46 19.89 3.27 -70.38
C VAL D 46 19.08 2.15 -71.01
N LEU D 47 18.93 1.06 -70.29
CA LEU D 47 18.31 -0.16 -70.80
C LEU D 47 16.84 -0.24 -70.41
N ASN D 48 16.14 -1.18 -71.03
CA ASN D 48 14.76 -1.47 -70.71
C ASN D 48 14.75 -2.82 -70.01
N PRO D 49 14.38 -2.88 -68.73
CA PRO D 49 14.53 -4.15 -68.00
C PRO D 49 13.59 -5.24 -68.48
N ALA D 50 12.69 -4.96 -69.41
CA ALA D 50 11.82 -6.03 -69.88
C ALA D 50 12.37 -6.69 -71.12
N THR D 51 13.04 -5.91 -71.96
CA THR D 51 13.57 -6.38 -73.23
C THR D 51 15.08 -6.32 -73.37
N GLU D 52 15.82 -5.71 -72.44
CA GLU D 52 17.27 -5.58 -72.54
C GLU D 52 17.69 -4.81 -73.78
N GLU D 53 16.85 -3.92 -74.30
CA GLU D 53 17.18 -3.12 -75.47
C GLU D 53 17.58 -1.73 -74.99
N VAL D 54 18.51 -1.11 -75.70
CA VAL D 54 18.96 0.22 -75.29
C VAL D 54 17.88 1.23 -75.60
N ILE D 55 17.44 1.97 -74.60
CA ILE D 55 16.42 2.99 -74.80
C ILE D 55 17.05 4.26 -75.34
N CYS D 56 18.17 4.68 -74.76
CA CYS D 56 18.92 5.83 -75.25
C CYS D 56 20.21 5.92 -74.44
N HIS D 57 21.01 6.94 -74.76
CA HIS D 57 22.23 7.27 -74.05
C HIS D 57 22.08 8.62 -73.37
N VAL D 58 22.59 8.71 -72.14
CA VAL D 58 22.47 9.88 -71.27
C VAL D 58 23.87 10.39 -70.95
N GLU D 59 24.00 11.69 -70.80
CA GLU D 59 25.29 12.27 -70.46
C GLU D 59 25.79 11.72 -69.13
N GLU D 60 27.06 11.36 -69.08
CA GLU D 60 27.62 10.72 -67.89
C GLU D 60 28.25 11.80 -67.03
N GLY D 61 27.54 12.21 -65.99
CA GLY D 61 28.12 13.16 -65.09
C GLY D 61 29.23 12.53 -64.25
N ASP D 62 30.15 13.38 -63.80
CA ASP D 62 31.27 13.01 -62.95
C ASP D 62 31.54 14.19 -62.04
N LYS D 63 32.70 14.17 -61.37
CA LYS D 63 33.10 15.21 -60.43
C LYS D 63 32.92 16.61 -61.04
N ALA D 64 33.38 16.81 -62.29
CA ALA D 64 33.32 18.13 -62.89
C ALA D 64 31.89 18.60 -63.08
N ASP D 65 31.00 17.69 -63.50
CA ASP D 65 29.61 18.01 -63.70
C ASP D 65 28.92 18.31 -62.37
N VAL D 66 29.25 17.52 -61.34
CA VAL D 66 28.73 17.80 -60.01
C VAL D 66 29.25 19.14 -59.50
N ASP D 67 30.52 19.47 -59.76
CA ASP D 67 31.04 20.74 -59.25
C ASP D 67 30.28 21.93 -59.85
N LYS D 68 30.03 21.86 -61.15
CA LYS D 68 29.21 22.85 -61.83
C LYS D 68 27.84 22.98 -61.18
N ALA D 69 27.20 21.85 -60.89
CA ALA D 69 25.86 21.90 -60.32
C ALA D 69 25.87 22.52 -58.91
N VAL D 70 26.91 22.21 -58.12
CA VAL D 70 26.97 22.76 -56.77
C VAL D 70 27.26 24.27 -56.80
N LYS D 71 28.13 24.72 -57.71
CA LYS D 71 28.34 26.18 -57.87
C LYS D 71 27.05 26.87 -58.27
N ALA D 72 26.30 26.25 -59.18
CA ALA D 72 25.00 26.79 -59.59
C ALA D 72 24.07 26.88 -58.40
N ALA D 73 23.97 25.80 -57.63
CA ALA D 73 23.04 25.80 -56.53
C ALA D 73 23.49 26.75 -55.43
N ARG D 74 24.80 26.79 -55.15
CA ARG D 74 25.28 27.70 -54.11
C ARG D 74 24.98 29.16 -54.45
N GLN D 75 25.18 29.54 -55.72
CA GLN D 75 24.87 30.88 -56.18
C GLN D 75 23.39 31.18 -56.06
N ALA D 76 22.54 30.22 -56.45
CA ALA D 76 21.10 30.39 -56.35
C ALA D 76 20.64 30.50 -54.89
N PHE D 77 21.48 30.11 -53.92
CA PHE D 77 21.15 30.18 -52.50
C PHE D 77 21.73 31.42 -51.80
N GLN D 78 22.58 32.22 -52.47
CA GLN D 78 23.22 33.38 -51.82
C GLN D 78 22.20 34.44 -51.44
N ILE D 79 22.44 35.10 -50.30
CA ILE D 79 21.58 36.16 -49.80
C ILE D 79 21.38 37.20 -50.87
N GLY D 80 20.12 37.59 -51.07
CA GLY D 80 19.75 38.55 -52.09
C GLY D 80 19.32 37.93 -53.40
N SER D 81 19.50 36.63 -53.58
CA SER D 81 19.09 35.94 -54.78
C SER D 81 17.57 35.74 -54.79
N PRO D 82 16.97 35.56 -55.98
CA PRO D 82 15.50 35.39 -56.06
C PRO D 82 14.95 34.30 -55.16
N TRP D 83 15.63 33.15 -55.10
CA TRP D 83 15.10 32.04 -54.32
C TRP D 83 15.10 32.34 -52.84
N ARG D 84 16.00 33.19 -52.36
CA ARG D 84 16.06 33.53 -50.94
C ARG D 84 15.13 34.69 -50.60
N THR D 85 14.83 35.57 -51.55
CA THR D 85 14.06 36.77 -51.26
C THR D 85 12.56 36.65 -51.57
N MET D 86 12.14 35.64 -52.34
CA MET D 86 10.72 35.51 -52.60
C MET D 86 9.98 34.98 -51.38
N ASP D 87 8.70 35.37 -51.29
CA ASP D 87 7.85 34.90 -50.22
C ASP D 87 7.81 33.39 -50.20
N ALA D 88 7.71 32.83 -48.99
CA ALA D 88 7.54 31.40 -48.85
C ALA D 88 6.31 30.92 -49.63
N SER D 89 5.23 31.68 -49.59
CA SER D 89 4.04 31.31 -50.34
C SER D 89 4.33 31.20 -51.83
N GLU D 90 5.31 31.96 -52.32
CA GLU D 90 5.71 31.85 -53.72
C GLU D 90 6.35 30.51 -53.99
N ARG D 91 7.22 30.05 -53.08
CA ARG D 91 7.80 28.72 -53.23
C ARG D 91 6.69 27.69 -53.28
N GLY D 92 5.66 27.87 -52.46
CA GLY D 92 4.51 26.99 -52.49
C GLY D 92 3.77 27.04 -53.82
N ARG D 93 3.50 28.25 -54.33
CA ARG D 93 2.77 28.35 -55.59
C ARG D 93 3.55 27.70 -56.71
N LEU D 94 4.89 27.83 -56.69
CA LEU D 94 5.74 27.20 -57.69
C LEU D 94 5.66 25.69 -57.62
N LEU D 95 5.70 25.12 -56.42
CA LEU D 95 5.61 23.67 -56.27
C LEU D 95 4.25 23.18 -56.73
N ASN D 96 3.20 23.93 -56.38
CA ASN D 96 1.86 23.55 -56.84
C ASN D 96 1.81 23.55 -58.36
N LYS D 97 2.42 24.54 -59.00
CA LYS D 97 2.39 24.59 -60.46
C LYS D 97 3.16 23.42 -61.06
N LEU D 98 4.25 23.01 -60.43
CA LEU D 98 4.94 21.80 -60.87
C LEU D 98 4.04 20.58 -60.77
N ALA D 99 3.22 20.52 -59.72
CA ALA D 99 2.30 19.40 -59.58
C ALA D 99 1.27 19.41 -60.69
N ASP D 100 0.69 20.58 -60.97
CA ASP D 100 -0.27 20.69 -62.07
C ASP D 100 0.37 20.30 -63.40
N LEU D 101 1.63 20.69 -63.60
CA LEU D 101 2.34 20.31 -64.82
C LEU D 101 2.48 18.79 -64.89
N MET D 102 2.84 18.18 -63.77
CA MET D 102 2.95 16.73 -63.69
C MET D 102 1.62 16.06 -64.00
N GLU D 103 0.51 16.69 -63.59
CA GLU D 103 -0.83 16.17 -63.89
C GLU D 103 -1.11 16.22 -65.37
N ARG D 104 -0.73 17.34 -66.02
CA ARG D 104 -0.96 17.54 -67.45
C ARG D 104 -0.22 16.50 -68.27
N ASP D 105 1.07 16.32 -67.97
CA ASP D 105 1.91 15.29 -68.58
C ASP D 105 1.86 14.10 -67.64
N ARG D 106 0.70 13.50 -67.51
CA ARG D 106 0.58 12.36 -66.63
C ARG D 106 0.78 11.07 -67.39
N LEU D 107 0.21 10.99 -68.60
CA LEU D 107 0.33 9.83 -69.46
C LEU D 107 1.76 9.67 -69.92
N LEU D 108 2.37 10.75 -70.41
CA LEU D 108 3.77 10.69 -70.83
C LEU D 108 4.64 10.17 -69.69
N LEU D 109 4.57 10.78 -68.51
CA LEU D 109 5.43 10.35 -67.41
C LEU D 109 5.16 8.91 -67.01
N ALA D 110 3.90 8.51 -66.97
CA ALA D 110 3.58 7.13 -66.61
C ALA D 110 4.18 6.13 -67.59
N THR D 111 4.07 6.38 -68.89
CA THR D 111 4.69 5.48 -69.87
C THR D 111 6.20 5.50 -69.75
N MET D 112 6.79 6.70 -69.69
CA MET D 112 8.23 6.79 -69.57
C MET D 112 8.71 6.06 -68.33
N GLU D 113 7.98 6.21 -67.22
CA GLU D 113 8.31 5.52 -65.98
C GLU D 113 8.13 4.02 -66.10
N ALA D 114 7.00 3.60 -66.68
CA ALA D 114 6.73 2.18 -66.81
C ALA D 114 7.75 1.52 -67.73
N LEU D 115 8.04 2.17 -68.86
CA LEU D 115 9.00 1.63 -69.82
C LEU D 115 10.39 1.53 -69.20
N ASN D 116 10.86 2.61 -68.57
CA ASN D 116 12.23 2.64 -68.08
C ASN D 116 12.43 1.83 -66.81
N GLY D 117 11.46 1.81 -65.90
CA GLY D 117 11.71 1.10 -64.67
C GLY D 117 11.02 -0.24 -64.55
N GLY D 118 10.60 -0.82 -65.68
CA GLY D 118 9.86 -2.07 -65.68
C GLY D 118 8.74 -2.13 -64.67
N LYS D 119 7.94 -1.07 -64.60
CA LYS D 119 6.87 -0.95 -63.63
C LYS D 119 5.55 -1.11 -64.36
N VAL D 120 4.63 -1.90 -63.78
CA VAL D 120 3.33 -2.14 -64.41
C VAL D 120 2.66 -0.82 -64.71
N PHE D 121 2.23 -0.65 -65.96
CA PHE D 121 1.80 0.67 -66.40
C PHE D 121 0.67 1.20 -65.54
N ALA D 122 -0.33 0.37 -65.24
CA ALA D 122 -1.47 0.81 -64.44
C ALA D 122 -1.01 1.39 -63.10
N ASN D 123 0.01 0.79 -62.49
CA ASN D 123 0.55 1.27 -61.24
C ASN D 123 1.25 2.62 -61.43
N ALA D 124 2.07 2.71 -62.47
CA ALA D 124 2.80 3.94 -62.73
C ALA D 124 1.83 5.10 -62.95
N TYR D 125 0.69 4.84 -63.59
CA TYR D 125 -0.22 5.91 -63.93
C TYR D 125 -1.08 6.33 -62.73
N LEU D 126 -1.61 5.37 -61.98
CA LEU D 126 -2.48 5.69 -60.85
C LEU D 126 -1.72 5.84 -59.55
N SER D 127 -0.77 4.96 -59.27
CA SER D 127 -0.10 5.00 -57.97
C SER D 127 1.17 5.83 -57.98
N ASP D 128 2.05 5.67 -58.99
CA ASP D 128 3.26 6.49 -59.01
C ASP D 128 2.97 7.95 -59.31
N LEU D 129 2.23 8.24 -60.38
CA LEU D 129 2.00 9.65 -60.69
C LEU D 129 1.08 10.28 -59.66
N GLY D 130 -0.01 9.60 -59.31
CA GLY D 130 -0.94 10.13 -58.33
C GLY D 130 -0.25 10.49 -57.03
N GLY D 131 0.65 9.63 -56.56
CA GLY D 131 1.37 9.94 -55.33
C GLY D 131 2.33 11.10 -55.50
N CYS D 132 2.99 11.18 -56.65
CA CYS D 132 3.90 12.30 -56.91
C CYS D 132 3.15 13.63 -56.83
N ILE D 133 2.00 13.69 -57.47
CA ILE D 133 1.23 14.92 -57.49
C ILE D 133 0.71 15.26 -56.10
N LYS D 134 0.20 14.26 -55.37
CA LYS D 134 -0.30 14.49 -54.01
C LYS D 134 0.81 14.94 -53.09
N ALA D 135 1.98 14.33 -53.21
CA ALA D 135 3.10 14.69 -52.38
C ALA D 135 3.54 16.12 -52.64
N LEU D 136 3.65 16.49 -53.92
CA LEU D 136 4.04 17.85 -54.30
C LEU D 136 3.06 18.88 -53.76
N LYS D 137 1.77 18.61 -53.86
CA LYS D 137 0.77 19.54 -53.35
C LYS D 137 0.86 19.66 -51.84
N TYR D 138 1.10 18.55 -51.14
CA TYR D 138 1.29 18.61 -49.69
C TYR D 138 2.50 19.45 -49.35
N CYS D 139 3.63 19.23 -50.03
CA CYS D 139 4.79 20.04 -49.72
C CYS D 139 4.52 21.50 -50.02
N ALA D 140 3.85 21.77 -51.15
CA ALA D 140 3.47 23.13 -51.50
C ALA D 140 2.74 23.82 -50.35
N GLY D 141 1.81 23.12 -49.71
CA GLY D 141 1.11 23.72 -48.61
C GLY D 141 2.00 24.04 -47.40
N TRP D 142 3.15 23.40 -47.28
CA TRP D 142 3.95 23.62 -46.08
C TRP D 142 4.87 24.82 -46.18
N ALA D 143 5.18 25.29 -47.40
CA ALA D 143 6.25 26.27 -47.60
C ALA D 143 6.12 27.49 -46.68
N ASP D 144 4.92 28.03 -46.52
CA ASP D 144 4.72 29.23 -45.71
C ASP D 144 4.12 28.93 -44.35
N LYS D 145 4.19 27.68 -43.90
CA LYS D 145 3.70 27.30 -42.60
C LYS D 145 4.79 26.72 -41.72
N ILE D 146 6.02 26.66 -42.22
CA ILE D 146 7.15 26.34 -41.38
C ILE D 146 7.40 27.55 -40.49
N HIS D 147 7.39 27.32 -39.18
CA HIS D 147 7.60 28.45 -38.29
C HIS D 147 8.67 28.17 -37.26
N GLY D 148 9.23 29.25 -36.73
CA GLY D 148 10.11 29.20 -35.58
C GLY D 148 9.33 29.65 -34.36
N GLN D 149 10.05 29.87 -33.28
CA GLN D 149 9.43 30.19 -32.00
C GLN D 149 9.95 31.50 -31.40
N THR D 150 9.08 32.15 -30.61
CA THR D 150 9.48 33.18 -29.66
C THR D 150 9.45 32.56 -28.25
N ILE D 151 10.58 32.61 -27.55
CA ILE D 151 10.82 31.82 -26.35
C ILE D 151 10.92 32.76 -25.15
N PRO D 152 10.27 32.46 -24.02
CA PRO D 152 10.38 33.35 -22.85
C PRO D 152 11.57 33.01 -21.95
N SER D 153 12.78 33.07 -22.51
CA SER D 153 13.93 32.62 -21.74
C SER D 153 14.34 33.63 -20.68
N ASP D 154 15.16 33.19 -19.74
CA ASP D 154 15.49 34.01 -18.59
C ASP D 154 16.24 35.25 -19.02
N GLY D 155 16.10 36.30 -18.23
CA GLY D 155 16.83 37.53 -18.40
C GLY D 155 16.08 38.55 -19.26
N ASP D 156 16.58 39.77 -19.21
CA ASP D 156 16.00 40.87 -20.00
C ASP D 156 16.47 40.76 -21.46
N ILE D 157 15.82 39.84 -22.16
CA ILE D 157 16.12 39.45 -23.53
C ILE D 157 14.80 39.21 -24.25
N PHE D 158 14.89 39.23 -25.57
CA PHE D 158 13.85 38.81 -26.48
C PHE D 158 14.49 37.72 -27.34
N THR D 159 14.02 36.48 -27.22
CA THR D 159 14.63 35.38 -27.97
C THR D 159 13.61 34.80 -28.95
N TYR D 160 14.06 34.60 -30.18
CA TYR D 160 13.25 33.92 -31.17
C TYR D 160 14.17 33.00 -31.95
N THR D 161 13.58 32.08 -32.68
CA THR D 161 14.32 31.22 -33.56
C THR D 161 13.82 31.44 -34.97
N ARG D 162 14.65 31.05 -35.92
CA ARG D 162 14.36 31.09 -37.34
C ARG D 162 14.58 29.69 -37.88
N ARG D 163 13.64 29.18 -38.70
CA ARG D 163 13.84 27.89 -39.36
C ARG D 163 14.36 28.25 -40.75
N GLU D 164 15.66 28.30 -40.89
CA GLU D 164 16.16 28.72 -42.19
C GLU D 164 16.27 27.53 -43.12
N PRO D 165 16.37 27.76 -44.42
CA PRO D 165 16.80 26.67 -45.30
C PRO D 165 18.23 26.30 -44.96
N ILE D 166 18.56 25.01 -45.13
CA ILE D 166 19.89 24.51 -44.76
C ILE D 166 20.95 25.05 -45.71
N GLY D 167 20.68 25.00 -47.01
CA GLY D 167 21.64 25.38 -48.03
C GLY D 167 21.56 24.48 -49.25
N VAL D 168 22.70 23.97 -49.71
CA VAL D 168 22.74 23.11 -50.89
C VAL D 168 22.57 21.66 -50.46
N CYS D 169 21.53 21.01 -50.99
CA CYS D 169 21.18 19.65 -50.60
C CYS D 169 21.41 18.70 -51.75
N GLY D 170 22.29 17.72 -51.54
CA GLY D 170 22.46 16.63 -52.49
C GLY D 170 21.53 15.48 -52.15
N GLN D 171 20.87 14.96 -53.19
CA GLN D 171 19.79 13.99 -53.02
C GLN D 171 20.05 12.87 -54.02
N ILE D 172 20.35 11.68 -53.51
CA ILE D 172 20.73 10.51 -54.31
C ILE D 172 19.58 9.52 -54.33
N ILE D 173 19.01 9.29 -55.51
CA ILE D 173 17.74 8.59 -55.68
C ILE D 173 17.94 7.14 -56.09
N PRO D 174 17.12 6.21 -55.61
CA PRO D 174 17.22 4.81 -56.07
C PRO D 174 16.39 4.59 -57.33
N TRP D 175 16.40 3.39 -57.89
CA TRP D 175 15.70 3.12 -59.14
C TRP D 175 14.30 2.53 -58.97
N ASN D 176 13.91 2.13 -57.76
CA ASN D 176 12.66 1.39 -57.62
C ASN D 176 11.43 2.28 -57.78
N PHE D 177 11.44 3.47 -57.24
CA PHE D 177 10.34 4.41 -57.47
C PHE D 177 11.00 5.74 -57.83
N PRO D 178 11.54 5.84 -59.05
CA PRO D 178 12.37 7.00 -59.40
C PRO D 178 11.64 8.33 -59.29
N MET D 179 10.41 8.41 -59.78
CA MET D 179 9.67 9.66 -59.69
C MET D 179 9.23 9.92 -58.25
N LEU D 180 8.68 8.90 -57.59
CA LEU D 180 8.21 9.06 -56.23
C LEU D 180 9.35 9.50 -55.31
N MET D 181 10.46 8.77 -55.37
CA MET D 181 11.63 9.16 -54.59
C MET D 181 12.15 10.54 -55.00
N PHE D 182 12.12 10.85 -56.30
CA PHE D 182 12.52 12.18 -56.74
C PHE D 182 11.66 13.21 -56.04
N ILE D 183 10.33 13.01 -56.05
CA ILE D 183 9.44 14.00 -55.45
C ILE D 183 9.58 14.03 -53.94
N TRP D 184 9.69 12.86 -53.29
CA TRP D 184 9.81 12.86 -51.84
C TRP D 184 11.07 13.57 -51.39
N LYS D 185 12.08 13.69 -52.24
CA LYS D 185 13.29 14.38 -51.83
C LYS D 185 13.26 15.87 -52.16
N ILE D 186 12.84 16.26 -53.37
CA ILE D 186 12.94 17.68 -53.71
C ILE D 186 11.74 18.48 -53.16
N GLY D 187 10.58 17.88 -53.01
CA GLY D 187 9.42 18.58 -52.53
C GLY D 187 9.64 19.22 -51.18
N PRO D 188 10.06 18.44 -50.19
CA PRO D 188 10.38 19.04 -48.89
C PRO D 188 11.56 20.01 -48.96
N ALA D 189 12.61 19.64 -49.69
CA ALA D 189 13.81 20.48 -49.78
C ALA D 189 13.48 21.86 -50.38
N LEU D 190 12.62 21.90 -51.39
CA LEU D 190 12.25 23.16 -52.01
C LEU D 190 11.22 23.92 -51.17
N SER D 191 10.29 23.20 -50.53
CA SER D 191 9.32 23.88 -49.68
C SER D 191 10.04 24.72 -48.64
N CYS D 192 11.14 24.20 -48.09
CA CYS D 192 11.87 24.96 -47.08
C CYS D 192 12.78 26.04 -47.66
N GLY D 193 12.99 26.07 -48.97
CA GLY D 193 13.85 27.05 -49.55
C GLY D 193 15.27 26.60 -49.82
N ASN D 194 15.55 25.30 -49.88
CA ASN D 194 16.90 24.89 -50.23
C ASN D 194 17.14 24.94 -51.75
N THR D 195 18.37 24.72 -52.16
CA THR D 195 18.65 24.41 -53.55
C THR D 195 19.26 23.00 -53.55
N VAL D 196 19.02 22.26 -54.64
CA VAL D 196 19.30 20.83 -54.63
C VAL D 196 20.08 20.42 -55.86
N VAL D 197 20.91 19.39 -55.69
CA VAL D 197 21.61 18.72 -56.79
C VAL D 197 21.19 17.25 -56.70
N VAL D 198 20.44 16.78 -57.66
CA VAL D 198 19.85 15.46 -57.59
C VAL D 198 20.68 14.53 -58.45
N LYS D 199 20.95 13.33 -57.95
CA LYS D 199 21.61 12.31 -58.76
C LYS D 199 20.74 11.07 -58.83
N PRO D 200 19.98 10.86 -59.90
CA PRO D 200 19.13 9.66 -59.97
C PRO D 200 19.96 8.40 -60.22
N ALA D 201 19.32 7.26 -60.03
CA ALA D 201 19.99 5.98 -60.28
C ALA D 201 20.41 5.83 -61.75
N GLU D 202 21.49 5.07 -61.99
CA GLU D 202 21.96 4.87 -63.37
C GLU D 202 20.88 4.24 -64.22
N GLN D 203 20.07 3.39 -63.63
CA GLN D 203 19.05 2.69 -64.36
C GLN D 203 17.91 3.59 -64.80
N THR D 204 17.58 4.65 -64.06
CA THR D 204 16.33 5.39 -64.30
C THR D 204 16.52 6.91 -64.22
N PRO D 205 17.30 7.50 -65.12
CA PRO D 205 17.50 8.96 -65.06
C PRO D 205 16.45 9.74 -65.82
N LEU D 206 15.66 9.09 -66.66
CA LEU D 206 14.86 9.79 -67.67
C LEU D 206 13.74 10.62 -67.04
N THR D 207 12.95 10.04 -66.13
CA THR D 207 11.82 10.80 -65.60
C THR D 207 12.29 12.01 -64.82
N ALA D 208 13.44 11.90 -64.16
CA ALA D 208 13.98 13.06 -63.47
C ALA D 208 14.32 14.16 -64.47
N LEU D 209 14.94 13.80 -65.60
CA LEU D 209 15.25 14.81 -66.61
C LEU D 209 13.98 15.43 -67.19
N HIS D 210 12.92 14.62 -67.42
CA HIS D 210 11.72 15.23 -67.94
C HIS D 210 11.06 16.15 -66.92
N LEU D 211 11.14 15.83 -65.61
CA LEU D 211 10.64 16.76 -64.61
C LEU D 211 11.49 18.00 -64.56
N ALA D 212 12.80 17.86 -64.80
CA ALA D 212 13.66 19.05 -64.84
C ALA D 212 13.12 20.05 -65.84
N SER D 213 12.70 19.58 -67.01
CA SER D 213 12.11 20.45 -68.00
C SER D 213 10.84 21.11 -67.47
N LEU D 214 10.03 20.36 -66.71
CA LEU D 214 8.81 20.94 -66.13
C LEU D 214 9.14 21.98 -65.08
N ILE D 215 10.23 21.78 -64.34
CA ILE D 215 10.68 22.75 -63.34
C ILE D 215 11.09 24.07 -64.00
N LYS D 216 11.79 24.01 -65.14
CA LYS D 216 12.02 25.22 -65.93
C LYS D 216 10.70 25.88 -66.31
N GLU D 217 9.74 25.09 -66.80
CA GLU D 217 8.48 25.65 -67.26
C GLU D 217 7.73 26.29 -66.10
N ALA D 218 7.84 25.70 -64.92
CA ALA D 218 7.09 26.22 -63.80
C ALA D 218 7.62 27.56 -63.32
N GLY D 219 8.86 27.92 -63.67
CA GLY D 219 9.42 29.20 -63.27
C GLY D 219 10.39 29.16 -62.08
N PHE D 220 10.95 28.01 -61.76
CA PHE D 220 11.93 28.00 -60.68
C PHE D 220 13.17 28.76 -61.12
N PRO D 221 13.74 29.59 -60.24
CA PRO D 221 14.92 30.34 -60.60
C PRO D 221 16.03 29.42 -61.06
N PRO D 222 16.94 29.91 -61.89
CA PRO D 222 18.03 29.05 -62.36
C PRO D 222 18.87 28.60 -61.17
N GLY D 223 19.25 27.31 -61.18
CA GLY D 223 20.10 26.75 -60.15
C GLY D 223 19.40 26.19 -58.93
N VAL D 224 18.10 26.42 -58.73
CA VAL D 224 17.47 25.93 -57.52
C VAL D 224 17.33 24.40 -57.59
N VAL D 225 17.11 23.85 -58.78
CA VAL D 225 17.08 22.41 -58.99
C VAL D 225 18.10 22.07 -60.09
N ASN D 226 19.05 21.21 -59.77
CA ASN D 226 20.07 20.74 -60.71
C ASN D 226 20.09 19.22 -60.70
N ILE D 227 20.21 18.61 -61.88
CA ILE D 227 20.19 17.16 -61.98
C ILE D 227 21.41 16.69 -62.75
N VAL D 228 22.19 15.81 -62.12
CA VAL D 228 23.41 15.27 -62.69
C VAL D 228 23.28 13.76 -62.77
N PRO D 229 22.92 13.22 -63.92
CA PRO D 229 22.92 11.76 -64.08
C PRO D 229 24.34 11.20 -64.07
N GLY D 230 24.43 9.92 -63.75
CA GLY D 230 25.72 9.24 -63.76
C GLY D 230 25.71 8.07 -62.80
N TYR D 231 26.90 7.52 -62.57
CA TYR D 231 27.07 6.34 -61.76
C TYR D 231 27.30 6.71 -60.30
N GLY D 232 27.03 5.75 -59.41
CA GLY D 232 27.09 6.00 -57.99
C GLY D 232 28.47 6.30 -57.43
N PRO D 233 29.43 5.38 -57.62
CA PRO D 233 30.79 5.63 -57.11
C PRO D 233 31.56 6.72 -57.86
N THR D 234 30.99 7.38 -58.86
CA THR D 234 31.59 8.55 -59.44
C THR D 234 30.79 9.79 -59.09
N ALA D 235 29.51 9.83 -59.44
CA ALA D 235 28.76 11.05 -59.32
C ALA D 235 28.08 11.21 -57.96
N GLY D 236 27.59 10.10 -57.40
CA GLY D 236 27.08 10.10 -56.05
C GLY D 236 28.21 10.38 -55.09
N ALA D 237 29.34 9.68 -55.25
CA ALA D 237 30.46 9.91 -54.35
C ALA D 237 30.92 11.36 -54.39
N ALA D 238 30.96 11.96 -55.59
CA ALA D 238 31.36 13.35 -55.74
C ALA D 238 30.42 14.27 -54.96
N ILE D 239 29.12 13.94 -54.95
CA ILE D 239 28.16 14.70 -54.16
C ILE D 239 28.42 14.54 -52.67
N SER D 240 28.57 13.30 -52.19
CA SER D 240 28.59 13.15 -50.75
C SER D 240 29.85 13.76 -50.13
N SER D 241 30.97 13.78 -50.84
CA SER D 241 32.16 14.34 -50.22
C SER D 241 32.39 15.80 -50.60
N HIS D 242 31.46 16.43 -51.29
CA HIS D 242 31.72 17.79 -51.74
C HIS D 242 31.78 18.75 -50.56
N MET D 243 32.79 19.64 -50.57
CA MET D 243 33.02 20.54 -49.46
C MET D 243 31.99 21.66 -49.42
N ASP D 244 31.15 21.82 -50.44
CA ASP D 244 30.22 22.93 -50.43
C ASP D 244 28.77 22.46 -50.41
N VAL D 245 28.54 21.19 -50.17
CA VAL D 245 27.20 20.63 -50.04
C VAL D 245 26.88 20.54 -48.56
N ASP D 246 25.74 21.11 -48.16
CA ASP D 246 25.37 21.17 -46.74
C ASP D 246 24.66 19.92 -46.26
N LYS D 247 23.97 19.18 -47.13
CA LYS D 247 23.32 17.96 -46.70
C LYS D 247 23.33 16.95 -47.86
N VAL D 248 23.35 15.67 -47.52
CA VAL D 248 23.10 14.61 -48.49
C VAL D 248 21.96 13.76 -47.95
N ALA D 249 20.99 13.47 -48.80
CA ALA D 249 19.90 12.56 -48.46
C ALA D 249 20.03 11.38 -49.40
N PHE D 250 19.87 10.18 -48.88
CA PHE D 250 20.14 9.03 -49.70
C PHE D 250 19.09 7.97 -49.43
N THR D 251 18.54 7.37 -50.48
CA THR D 251 17.75 6.16 -50.36
C THR D 251 18.45 5.06 -51.16
N GLY D 252 18.71 3.93 -50.53
CA GLY D 252 19.41 2.86 -51.21
C GLY D 252 19.89 1.80 -50.23
N SER D 253 20.98 1.13 -50.60
CA SER D 253 21.45 -0.01 -49.83
C SER D 253 22.16 0.43 -48.56
N THR D 254 22.31 -0.51 -47.62
CA THR D 254 22.95 -0.17 -46.36
C THR D 254 24.44 0.07 -46.54
N GLN D 255 25.13 -0.78 -47.29
CA GLN D 255 26.57 -0.63 -47.44
C GLN D 255 26.98 0.60 -48.22
N VAL D 256 26.09 1.22 -49.00
CA VAL D 256 26.38 2.51 -49.62
C VAL D 256 26.15 3.65 -48.61
N GLY D 257 25.10 3.54 -47.79
CA GLY D 257 24.84 4.53 -46.75
C GLY D 257 25.97 4.65 -45.75
N LYS D 258 26.58 3.51 -45.40
CA LYS D 258 27.78 3.58 -44.57
C LYS D 258 28.86 4.42 -45.24
N LEU D 259 29.11 4.18 -46.54
CA LEU D 259 30.12 4.95 -47.26
C LEU D 259 29.78 6.43 -47.30
N ILE D 260 28.50 6.76 -47.48
CA ILE D 260 28.08 8.15 -47.58
C ILE D 260 28.27 8.87 -46.26
N LYS D 261 27.84 8.24 -45.16
CA LYS D 261 27.99 8.84 -43.86
C LYS D 261 29.46 9.08 -43.54
N GLU D 262 30.31 8.11 -43.90
CA GLU D 262 31.74 8.27 -43.70
C GLU D 262 32.30 9.44 -44.54
N ALA D 263 31.87 9.54 -45.81
CA ALA D 263 32.40 10.60 -46.65
C ALA D 263 32.01 11.97 -46.10
N ALA D 264 30.78 12.09 -45.60
CA ALA D 264 30.33 13.35 -45.00
C ALA D 264 31.18 13.75 -43.80
N GLY D 265 31.47 12.81 -42.90
CA GLY D 265 32.33 13.11 -41.77
C GLY D 265 33.73 13.54 -42.17
N LYS D 266 34.34 12.85 -43.14
CA LYS D 266 35.71 13.16 -43.54
C LYS D 266 35.86 14.49 -44.30
N SER D 267 34.78 14.98 -44.90
CA SER D 267 34.92 16.15 -45.76
C SER D 267 34.55 17.41 -44.98
N ASN D 268 33.25 17.77 -44.94
CA ASN D 268 32.79 18.98 -44.26
C ASN D 268 31.71 18.78 -43.17
N LEU D 269 31.64 17.62 -42.55
CA LEU D 269 30.60 17.32 -41.56
C LEU D 269 29.23 17.83 -41.99
N LYS D 270 28.86 17.51 -43.23
CA LYS D 270 27.55 17.89 -43.73
C LYS D 270 26.48 17.03 -43.06
N ARG D 271 25.24 17.53 -43.05
CA ARG D 271 24.16 16.71 -42.51
C ARG D 271 23.92 15.53 -43.44
N VAL D 272 23.51 14.40 -42.85
CA VAL D 272 23.25 13.17 -43.61
C VAL D 272 21.94 12.59 -43.16
N THR D 273 21.11 12.20 -44.12
CA THR D 273 19.91 11.42 -43.85
C THR D 273 19.88 10.24 -44.79
N LEU D 274 19.68 9.05 -44.23
CA LEU D 274 19.70 7.82 -45.00
C LEU D 274 18.37 7.12 -44.79
N GLU D 275 17.87 6.45 -45.82
CA GLU D 275 16.69 5.61 -45.70
C GLU D 275 17.06 4.27 -46.31
N LEU D 276 17.38 3.30 -45.49
CA LEU D 276 17.83 2.02 -46.00
C LEU D 276 16.64 1.08 -46.01
N GLY D 277 16.83 -0.14 -46.47
CA GLY D 277 15.63 -0.93 -46.63
C GLY D 277 15.53 -2.07 -45.64
N GLY D 278 14.46 -2.14 -44.90
CA GLY D 278 14.38 -3.19 -43.90
C GLY D 278 13.90 -4.55 -44.34
N LYS D 279 14.09 -5.49 -43.41
CA LYS D 279 13.42 -6.78 -43.44
C LYS D 279 12.19 -6.58 -42.58
N SER D 280 11.07 -6.17 -43.18
CA SER D 280 9.98 -5.68 -42.37
C SER D 280 9.05 -6.84 -42.03
N PRO D 281 8.82 -7.14 -40.75
CA PRO D 281 8.09 -8.37 -40.41
C PRO D 281 6.60 -8.13 -40.24
N CYS D 282 5.81 -9.19 -40.42
CA CYS D 282 4.38 -9.17 -40.14
C CYS D 282 4.08 -10.14 -39.01
N ILE D 283 3.20 -9.74 -38.11
CA ILE D 283 2.67 -10.63 -37.10
C ILE D 283 1.20 -10.86 -37.41
N VAL D 284 0.84 -12.12 -37.62
CA VAL D 284 -0.53 -12.49 -37.91
C VAL D 284 -1.02 -13.26 -36.71
N PHE D 285 -1.99 -12.70 -36.00
CA PHE D 285 -2.49 -13.29 -34.76
C PHE D 285 -3.68 -14.21 -35.05
N ALA D 286 -3.90 -15.16 -34.13
CA ALA D 286 -4.95 -16.16 -34.33
C ALA D 286 -6.31 -15.52 -34.51
N ASP D 287 -6.54 -14.39 -33.85
CA ASP D 287 -7.78 -13.66 -33.99
C ASP D 287 -7.77 -12.67 -35.14
N ALA D 288 -6.73 -12.66 -35.97
CA ALA D 288 -6.73 -11.75 -37.10
C ALA D 288 -7.77 -12.16 -38.13
N ASP D 289 -8.16 -11.19 -38.94
CA ASP D 289 -9.00 -11.47 -40.10
C ASP D 289 -8.10 -12.09 -41.15
N LEU D 290 -8.30 -13.39 -41.36
CA LEU D 290 -7.41 -14.23 -42.14
C LEU D 290 -7.33 -13.74 -43.59
N ASP D 291 -8.49 -13.44 -44.21
CA ASP D 291 -8.50 -13.05 -45.61
C ASP D 291 -7.73 -11.76 -45.83
N ILE D 292 -8.03 -10.73 -45.05
CA ILE D 292 -7.36 -9.43 -45.19
C ILE D 292 -5.88 -9.52 -44.82
N ALA D 293 -5.55 -10.32 -43.80
CA ALA D 293 -4.15 -10.48 -43.45
C ALA D 293 -3.42 -11.09 -44.62
N VAL D 294 -4.04 -12.10 -45.26
CA VAL D 294 -3.43 -12.74 -46.43
C VAL D 294 -3.25 -11.73 -47.56
N GLU D 295 -4.31 -10.98 -47.84
CA GLU D 295 -4.32 -10.04 -48.95
C GLU D 295 -3.23 -8.98 -48.79
N PHE D 296 -3.18 -8.35 -47.62
CA PHE D 296 -2.23 -7.26 -47.38
C PHE D 296 -0.82 -7.80 -47.17
N ALA D 297 -0.68 -8.95 -46.51
CA ALA D 297 0.66 -9.49 -46.29
C ALA D 297 1.34 -9.84 -47.62
N HIS D 298 0.62 -10.48 -48.55
CA HIS D 298 1.23 -10.59 -49.88
C HIS D 298 1.44 -9.21 -50.48
N HIS D 299 0.39 -8.37 -50.47
CA HIS D 299 0.49 -7.03 -51.07
C HIS D 299 1.82 -6.37 -50.73
N GLY D 300 2.26 -6.47 -49.48
CA GLY D 300 3.47 -5.80 -49.01
C GLY D 300 4.80 -6.36 -49.48
N VAL D 301 4.89 -7.63 -49.82
CA VAL D 301 6.18 -8.19 -50.25
C VAL D 301 6.32 -8.34 -51.77
N PHE D 302 5.23 -8.42 -52.53
CA PHE D 302 5.34 -8.61 -53.97
C PHE D 302 5.07 -7.36 -54.78
N TYR D 303 4.50 -6.32 -54.18
CA TYR D 303 4.16 -5.10 -54.93
C TYR D 303 5.38 -4.59 -55.66
N HIS D 304 5.18 -4.24 -56.93
CA HIS D 304 6.28 -3.86 -57.82
C HIS D 304 7.39 -4.93 -57.79
N GLN D 305 6.96 -6.20 -57.96
CA GLN D 305 7.89 -7.33 -57.99
C GLN D 305 8.77 -7.37 -56.74
N GLY D 306 8.22 -6.96 -55.61
CA GLY D 306 8.95 -7.02 -54.35
C GLY D 306 10.15 -6.12 -54.22
N GLN D 307 10.28 -5.13 -55.09
CA GLN D 307 11.33 -4.13 -55.06
C GLN D 307 10.93 -2.89 -54.26
N CYS D 308 9.86 -3.00 -53.45
CA CYS D 308 9.36 -1.88 -52.68
C CYS D 308 10.30 -1.41 -51.58
N CYS D 309 10.20 -0.11 -51.27
CA CYS D 309 10.94 0.48 -50.18
C CYS D 309 10.69 -0.30 -48.87
N VAL D 310 9.44 -0.69 -48.60
CA VAL D 310 9.10 -1.43 -47.38
C VAL D 310 8.52 -2.77 -47.79
N ALA D 311 9.38 -3.76 -47.91
CA ALA D 311 8.97 -5.10 -48.25
C ALA D 311 8.64 -5.89 -46.99
N ALA D 312 7.59 -6.70 -47.06
CA ALA D 312 7.24 -7.57 -45.94
C ALA D 312 7.95 -8.91 -46.09
N SER D 313 9.23 -8.91 -45.71
CA SER D 313 10.12 -10.03 -46.02
C SER D 313 10.06 -11.16 -44.98
N ARG D 314 9.37 -10.97 -43.87
CA ARG D 314 9.10 -12.02 -42.89
C ARG D 314 7.62 -11.99 -42.54
N ILE D 315 6.95 -13.13 -42.62
CA ILE D 315 5.54 -13.21 -42.21
C ILE D 315 5.44 -14.26 -41.11
N PHE D 316 5.21 -13.81 -39.89
CA PHE D 316 5.05 -14.64 -38.70
C PHE D 316 3.57 -14.84 -38.44
N VAL D 317 3.14 -16.10 -38.34
CA VAL D 317 1.75 -16.45 -38.13
C VAL D 317 1.62 -17.30 -36.86
N GLU D 318 0.57 -17.04 -36.08
CA GLU D 318 0.32 -17.86 -34.91
C GLU D 318 -0.10 -19.26 -35.33
N GLU D 319 0.37 -20.27 -34.59
CA GLU D 319 0.19 -21.67 -34.96
C GLU D 319 -1.24 -22.01 -35.35
N SER D 320 -2.19 -21.43 -34.63
CA SER D 320 -3.62 -21.69 -34.79
C SER D 320 -4.14 -21.49 -36.22
N VAL D 321 -3.57 -20.55 -36.97
CA VAL D 321 -4.01 -20.23 -38.32
C VAL D 321 -2.92 -20.50 -39.38
N TYR D 322 -1.80 -21.11 -38.97
CA TYR D 322 -0.63 -21.23 -39.82
C TYR D 322 -0.92 -21.91 -41.15
N ASP D 323 -1.43 -23.13 -41.12
CA ASP D 323 -1.47 -23.91 -42.35
C ASP D 323 -2.42 -23.28 -43.36
N GLU D 324 -3.59 -22.87 -42.90
CA GLU D 324 -4.58 -22.25 -43.80
C GLU D 324 -4.02 -20.97 -44.42
N PHE D 325 -3.29 -20.19 -43.63
CA PHE D 325 -2.71 -18.98 -44.16
C PHE D 325 -1.76 -19.27 -45.33
N VAL D 326 -0.90 -20.28 -45.18
CA VAL D 326 0.05 -20.58 -46.26
C VAL D 326 -0.70 -21.02 -47.51
N LYS D 327 -1.73 -21.85 -47.35
CA LYS D 327 -2.54 -22.28 -48.49
C LYS D 327 -3.08 -21.07 -49.27
N ARG D 328 -3.67 -20.10 -48.56
CA ARG D 328 -4.19 -18.92 -49.24
C ARG D 328 -3.08 -18.10 -49.86
N SER D 329 -1.91 -18.06 -49.21
CA SER D 329 -0.77 -17.32 -49.76
C SER D 329 -0.32 -17.94 -51.08
N VAL D 330 -0.17 -19.27 -51.11
CA VAL D 330 0.21 -19.94 -52.36
C VAL D 330 -0.87 -19.76 -53.40
N GLU D 331 -2.14 -19.83 -52.97
CA GLU D 331 -3.26 -19.69 -53.89
C GLU D 331 -3.32 -18.31 -54.54
N ARG D 332 -3.10 -17.26 -53.74
CA ARG D 332 -3.10 -15.89 -54.25
C ARG D 332 -1.84 -15.61 -55.05
N ALA D 333 -0.74 -16.31 -54.75
CA ALA D 333 0.49 -16.05 -55.50
C ALA D 333 0.36 -16.53 -56.95
N LYS D 334 -0.53 -17.48 -57.25
CA LYS D 334 -0.73 -17.97 -58.61
C LYS D 334 -1.85 -17.22 -59.33
N LYS D 335 -1.68 -15.89 -59.46
CA LYS D 335 -2.69 -15.05 -60.12
C LYS D 335 -2.08 -14.02 -61.06
N TYR D 336 -0.77 -14.07 -61.27
CA TYR D 336 -0.06 -13.04 -62.00
C TYR D 336 0.14 -13.41 -63.48
N VAL D 337 0.44 -12.38 -64.27
CA VAL D 337 0.69 -12.45 -65.70
C VAL D 337 2.02 -11.75 -65.95
N LEU D 338 3.06 -12.51 -66.26
CA LEU D 338 4.36 -11.89 -66.45
C LEU D 338 4.53 -11.44 -67.90
N GLY D 339 5.22 -10.32 -68.08
CA GLY D 339 5.42 -9.76 -69.40
C GLY D 339 5.76 -8.28 -69.34
N ASN D 340 5.65 -7.63 -70.50
CA ASN D 340 5.93 -6.20 -70.69
C ASN D 340 5.02 -5.30 -69.84
N PRO D 341 5.57 -4.43 -69.00
CA PRO D 341 4.72 -3.56 -68.17
C PRO D 341 3.80 -2.63 -68.95
N LEU D 342 4.15 -2.24 -70.17
CA LEU D 342 3.25 -1.35 -70.90
C LEU D 342 2.11 -2.12 -71.55
N THR D 343 2.28 -3.42 -71.74
CA THR D 343 1.24 -4.22 -72.38
C THR D 343 0.04 -4.28 -71.46
N PRO D 344 -1.17 -4.04 -71.97
CA PRO D 344 -2.34 -4.10 -71.10
C PRO D 344 -2.58 -5.52 -70.64
N GLY D 345 -2.90 -5.65 -69.35
CA GLY D 345 -3.12 -6.93 -68.72
C GLY D 345 -1.95 -7.48 -67.93
N ILE D 346 -0.73 -6.98 -68.16
CA ILE D 346 0.43 -7.48 -67.43
C ILE D 346 0.37 -7.05 -65.98
N ASN D 347 0.61 -7.99 -65.07
CA ASN D 347 0.52 -7.82 -63.63
C ASN D 347 1.86 -7.79 -62.93
N GLN D 348 2.90 -8.33 -63.55
CA GLN D 348 4.23 -8.43 -62.95
C GLN D 348 5.29 -8.14 -64.03
N GLY D 349 6.14 -7.15 -63.77
CA GLY D 349 7.23 -6.85 -64.67
C GLY D 349 8.54 -7.52 -64.29
N PRO D 350 9.65 -7.04 -64.85
CA PRO D 350 10.96 -7.60 -64.53
C PRO D 350 11.62 -6.88 -63.36
N GLN D 351 12.70 -7.47 -62.87
CA GLN D 351 13.59 -6.76 -61.98
C GLN D 351 14.44 -5.78 -62.81
N ILE D 352 15.03 -4.81 -62.12
CA ILE D 352 15.61 -3.68 -62.84
C ILE D 352 16.83 -4.05 -63.67
N ASP D 353 17.49 -5.17 -63.40
CA ASP D 353 18.74 -5.46 -64.11
C ASP D 353 19.24 -6.86 -63.78
N LYS D 354 20.39 -7.21 -64.39
CA LYS D 354 20.96 -8.53 -64.20
C LYS D 354 21.63 -8.68 -62.83
N GLU D 355 22.29 -7.62 -62.34
CA GLU D 355 22.92 -7.66 -61.02
C GLU D 355 21.90 -8.00 -59.94
N GLN D 356 20.72 -7.38 -60.02
CA GLN D 356 19.63 -7.70 -59.10
C GLN D 356 19.14 -9.13 -59.31
N HIS D 357 19.06 -9.56 -60.57
CA HIS D 357 18.54 -10.86 -60.93
C HIS D 357 19.38 -11.98 -60.33
N ASP D 358 20.69 -11.84 -60.41
CA ASP D 358 21.59 -12.83 -59.83
C ASP D 358 21.43 -12.88 -58.31
N LYS D 359 21.37 -11.72 -57.67
CA LYS D 359 21.17 -11.67 -56.22
C LYS D 359 19.90 -12.42 -55.82
N ILE D 360 18.80 -12.18 -56.54
CA ILE D 360 17.52 -12.79 -56.18
C ILE D 360 17.58 -14.30 -56.31
N LEU D 361 18.11 -14.79 -57.43
CA LEU D 361 18.12 -16.23 -57.69
C LEU D 361 18.99 -16.99 -56.70
N ASP D 362 20.17 -16.45 -56.38
CA ASP D 362 21.04 -17.11 -55.41
C ASP D 362 20.35 -17.21 -54.05
N LEU D 363 19.57 -16.19 -53.68
CA LEU D 363 18.87 -16.26 -52.40
C LEU D 363 17.87 -17.42 -52.38
N ILE D 364 17.18 -17.65 -53.51
CA ILE D 364 16.30 -18.82 -53.60
C ILE D 364 17.09 -20.10 -53.46
N GLU D 365 18.28 -20.17 -54.09
CA GLU D 365 19.10 -21.37 -53.92
C GLU D 365 19.50 -21.55 -52.47
N SER D 366 19.86 -20.47 -51.80
CA SER D 366 20.10 -20.56 -50.36
C SER D 366 18.87 -21.10 -49.65
N GLY D 367 17.69 -20.62 -50.05
CA GLY D 367 16.46 -21.10 -49.43
C GLY D 367 16.23 -22.59 -49.55
N LYS D 368 16.40 -23.15 -50.75
CA LYS D 368 16.24 -24.60 -50.89
C LYS D 368 17.30 -25.38 -50.13
N LYS D 369 18.55 -24.94 -50.23
CA LYS D 369 19.64 -25.68 -49.61
C LYS D 369 19.58 -25.63 -48.08
N GLU D 370 19.08 -24.54 -47.51
CA GLU D 370 19.01 -24.46 -46.05
C GLU D 370 17.76 -25.15 -45.47
N GLY D 371 16.88 -25.69 -46.30
CA GLY D 371 15.78 -26.54 -45.85
C GLY D 371 14.41 -25.93 -45.59
N ALA D 372 13.99 -24.95 -46.38
CA ALA D 372 12.64 -24.39 -46.30
C ALA D 372 11.76 -25.01 -47.38
N LYS D 373 10.48 -25.17 -47.08
CA LYS D 373 9.55 -25.76 -48.04
C LYS D 373 9.02 -24.67 -48.96
N LEU D 374 9.41 -24.74 -50.23
CA LEU D 374 8.93 -23.85 -51.28
C LEU D 374 7.67 -24.44 -51.92
N GLU D 375 6.61 -23.64 -52.00
CA GLU D 375 5.36 -24.14 -52.57
C GLU D 375 5.21 -23.79 -54.03
N CYS D 376 5.78 -22.67 -54.48
CA CYS D 376 5.71 -22.29 -55.89
C CYS D 376 6.86 -21.35 -56.22
N GLY D 377 7.16 -21.23 -57.52
CA GLY D 377 8.28 -20.42 -57.99
C GLY D 377 9.62 -21.10 -57.83
N GLY D 378 10.66 -20.31 -57.59
CA GLY D 378 11.98 -20.85 -57.34
C GLY D 378 12.96 -20.76 -58.50
N GLY D 379 12.56 -20.20 -59.63
CA GLY D 379 13.46 -20.16 -60.77
C GLY D 379 13.34 -18.95 -61.65
N ARG D 380 14.04 -18.99 -62.78
CA ARG D 380 13.96 -17.95 -63.79
C ARG D 380 12.64 -18.05 -64.53
N TRP D 381 12.28 -16.97 -65.22
CA TRP D 381 11.06 -16.97 -66.01
C TRP D 381 11.30 -16.25 -67.32
N GLY D 382 10.90 -16.90 -68.41
CA GLY D 382 11.01 -16.36 -69.75
C GLY D 382 12.43 -16.50 -70.30
N ASN D 383 12.54 -16.26 -71.59
CA ASN D 383 13.83 -16.39 -72.27
C ASN D 383 14.54 -15.06 -72.40
N LYS D 384 13.78 -13.97 -72.24
CA LYS D 384 14.26 -12.60 -72.33
C LYS D 384 14.02 -11.87 -71.03
N GLY D 385 14.92 -10.97 -70.74
CA GLY D 385 14.71 -10.22 -69.57
C GLY D 385 15.34 -10.88 -68.36
N PHE D 386 15.11 -10.20 -67.25
CA PHE D 386 15.33 -10.71 -65.91
C PHE D 386 13.94 -10.70 -65.29
N PHE D 387 13.26 -11.83 -65.40
CA PHE D 387 11.97 -12.05 -64.78
C PHE D 387 12.16 -13.15 -63.74
N VAL D 388 11.44 -13.04 -62.62
CA VAL D 388 11.58 -13.98 -61.53
C VAL D 388 10.19 -14.50 -61.19
N GLN D 389 10.07 -15.82 -61.14
CA GLN D 389 8.80 -16.43 -60.77
C GLN D 389 8.41 -16.00 -59.36
N PRO D 390 7.12 -15.71 -59.12
CA PRO D 390 6.65 -15.51 -57.74
C PRO D 390 6.89 -16.74 -56.89
N THR D 391 7.73 -16.58 -55.89
CA THR D 391 8.17 -17.68 -55.05
C THR D 391 7.60 -17.51 -53.65
N VAL D 392 7.19 -18.63 -53.04
CA VAL D 392 6.69 -18.66 -51.67
C VAL D 392 7.44 -19.75 -50.92
N PHE D 393 8.09 -19.38 -49.83
CA PHE D 393 8.79 -20.29 -48.94
C PHE D 393 7.98 -20.44 -47.66
N SER D 394 7.87 -21.67 -47.18
CA SER D 394 7.20 -21.97 -45.92
C SER D 394 8.18 -22.57 -44.92
N ASN D 395 7.75 -22.63 -43.66
CA ASN D 395 8.57 -23.13 -42.56
C ASN D 395 9.97 -22.53 -42.55
N VAL D 396 10.12 -21.22 -42.82
CA VAL D 396 11.47 -20.68 -42.80
C VAL D 396 11.86 -20.45 -41.35
N THR D 397 13.16 -20.56 -41.05
CA THR D 397 13.70 -20.32 -39.72
C THR D 397 14.61 -19.09 -39.75
N ASP D 398 14.89 -18.55 -38.56
CA ASP D 398 15.46 -17.21 -38.48
C ASP D 398 16.89 -17.08 -38.98
N GLU D 399 17.72 -18.12 -38.89
CA GLU D 399 19.12 -17.96 -39.30
C GLU D 399 19.33 -18.23 -40.79
N MET D 400 18.28 -18.39 -41.57
CA MET D 400 18.39 -18.69 -43.00
C MET D 400 18.69 -17.41 -43.77
N ARG D 401 19.40 -17.54 -44.89
CA ARG D 401 19.74 -16.33 -45.65
C ARG D 401 18.49 -15.58 -46.06
N ILE D 402 17.49 -16.30 -46.58
CA ILE D 402 16.23 -15.68 -47.01
C ILE D 402 15.48 -15.01 -45.85
N ALA D 403 15.74 -15.38 -44.60
CA ALA D 403 15.06 -14.73 -43.49
C ALA D 403 15.83 -13.56 -42.89
N LYS D 404 17.16 -13.50 -43.12
CA LYS D 404 17.96 -12.42 -42.58
C LYS D 404 18.65 -11.58 -43.66
N GLU D 405 18.91 -12.11 -44.86
CA GLU D 405 19.54 -11.30 -45.89
C GLU D 405 18.43 -10.58 -46.62
N GLU D 406 18.62 -9.30 -46.84
CA GLU D 406 17.58 -8.50 -47.43
C GLU D 406 17.26 -9.03 -48.83
N ILE D 407 15.98 -9.28 -49.06
CA ILE D 407 15.49 -9.73 -50.35
C ILE D 407 14.80 -8.57 -51.02
N PHE D 408 15.26 -8.25 -52.22
CA PHE D 408 14.55 -7.39 -53.16
C PHE D 408 14.13 -8.36 -54.26
N GLY D 409 12.90 -8.82 -54.17
CA GLY D 409 12.37 -9.78 -55.10
C GLY D 409 11.07 -10.31 -54.55
N PRO D 410 10.34 -11.02 -55.36
CA PRO D 410 9.02 -11.49 -54.93
C PRO D 410 9.07 -12.62 -53.92
N VAL D 411 10.27 -13.10 -53.62
CA VAL D 411 10.42 -14.20 -52.66
C VAL D 411 9.72 -13.83 -51.37
N GLN D 412 8.78 -14.67 -50.95
CA GLN D 412 8.01 -14.46 -49.73
C GLN D 412 8.38 -15.52 -48.70
N GLN D 413 8.54 -15.10 -47.44
CA GLN D 413 8.90 -16.02 -46.37
C GLN D 413 7.78 -16.09 -45.35
N ILE D 414 7.29 -17.31 -45.09
CA ILE D 414 6.26 -17.56 -44.08
C ILE D 414 6.82 -18.45 -42.96
N MET D 415 6.56 -18.04 -41.71
CA MET D 415 6.96 -18.71 -40.46
C MET D 415 5.83 -18.70 -39.45
N LYS D 416 6.04 -19.49 -38.38
CA LYS D 416 5.14 -19.63 -37.25
C LYS D 416 5.78 -19.22 -35.94
N PHE D 417 4.90 -18.85 -35.02
CA PHE D 417 5.22 -18.44 -33.67
C PHE D 417 4.14 -18.92 -32.73
N LYS D 418 4.54 -19.14 -31.47
CA LYS D 418 3.65 -19.68 -30.47
C LYS D 418 3.50 -18.74 -29.26
N SER D 419 4.51 -17.97 -28.91
CA SER D 419 4.39 -17.04 -27.79
C SER D 419 4.49 -15.62 -28.35
N VAL D 420 3.73 -14.69 -27.77
CA VAL D 420 3.70 -13.34 -28.35
C VAL D 420 5.05 -12.68 -28.21
N ASP D 421 5.64 -12.73 -27.01
CA ASP D 421 6.96 -12.12 -26.84
C ASP D 421 8.01 -12.83 -27.69
N ASP D 422 7.92 -14.15 -27.81
CA ASP D 422 8.83 -14.88 -28.69
C ASP D 422 8.87 -14.24 -30.08
N VAL D 423 7.69 -13.95 -30.64
CA VAL D 423 7.65 -13.41 -31.99
C VAL D 423 8.04 -11.93 -31.99
N ILE D 424 7.73 -11.20 -30.92
CA ILE D 424 8.18 -9.81 -30.88
C ILE D 424 9.71 -9.78 -30.88
N LYS D 425 10.33 -10.69 -30.11
CA LYS D 425 11.79 -10.77 -30.10
C LYS D 425 12.33 -11.09 -31.49
N ARG D 426 11.70 -12.06 -32.16
CA ARG D 426 12.17 -12.47 -33.47
C ARG D 426 11.99 -11.36 -34.49
N ALA D 427 10.86 -10.64 -34.43
CA ALA D 427 10.62 -9.48 -35.30
C ALA D 427 11.63 -8.36 -35.04
N ASN D 428 11.91 -8.06 -33.77
CA ASN D 428 12.87 -7.01 -33.44
C ASN D 428 14.31 -7.48 -33.62
N ASN D 429 14.52 -8.77 -33.88
CA ASN D 429 15.85 -9.33 -33.99
C ASN D 429 16.29 -9.15 -35.43
N THR D 430 16.49 -7.88 -35.74
CA THR D 430 16.95 -7.43 -37.03
C THR D 430 17.81 -6.22 -36.72
N THR D 431 18.71 -5.89 -37.65
CA THR D 431 19.36 -4.60 -37.60
C THR D 431 18.55 -3.56 -38.38
N TYR D 432 17.40 -3.97 -38.94
CA TYR D 432 16.53 -3.11 -39.74
C TYR D 432 15.25 -2.79 -38.99
N GLY D 433 14.80 -1.53 -39.06
CA GLY D 433 13.58 -1.14 -38.37
C GLY D 433 12.71 -0.22 -39.18
N LEU D 434 12.66 -0.46 -40.49
CA LEU D 434 11.91 0.44 -41.34
C LEU D 434 10.42 0.26 -41.14
N ALA D 435 9.92 -0.97 -41.14
CA ALA D 435 8.48 -1.12 -41.10
C ALA D 435 8.11 -2.41 -40.41
N ALA D 436 6.81 -2.56 -40.19
CA ALA D 436 6.26 -3.75 -39.55
C ALA D 436 4.78 -3.83 -39.86
N GLY D 437 4.28 -5.05 -39.82
CA GLY D 437 2.88 -5.31 -40.05
C GLY D 437 2.28 -6.04 -38.86
N LEU D 438 1.02 -5.73 -38.59
CA LEU D 438 0.39 -6.31 -37.43
C LEU D 438 -1.07 -6.54 -37.78
N PHE D 439 -1.57 -7.76 -37.60
CA PHE D 439 -2.95 -8.07 -37.97
C PHE D 439 -3.63 -8.72 -36.79
N THR D 440 -4.61 -8.03 -36.25
CA THR D 440 -5.43 -8.50 -35.15
C THR D 440 -6.60 -7.56 -34.98
N LYS D 441 -7.63 -8.04 -34.30
CA LYS D 441 -8.75 -7.19 -33.96
C LYS D 441 -8.68 -6.73 -32.51
N ASP D 442 -7.66 -7.15 -31.77
CA ASP D 442 -7.60 -6.89 -30.33
C ASP D 442 -7.01 -5.50 -30.05
N LEU D 443 -7.79 -4.70 -29.34
CA LEU D 443 -7.38 -3.34 -29.02
C LEU D 443 -6.08 -3.37 -28.24
N ASP D 444 -6.00 -4.21 -27.21
CA ASP D 444 -4.82 -4.21 -26.35
C ASP D 444 -3.57 -4.63 -27.10
N LYS D 445 -3.66 -5.68 -27.90
CA LYS D 445 -2.47 -6.11 -28.62
C LYS D 445 -2.06 -5.11 -29.69
N ALA D 446 -3.03 -4.56 -30.40
CA ALA D 446 -2.70 -3.56 -31.43
C ALA D 446 -1.82 -2.47 -30.82
N ILE D 447 -2.24 -1.90 -29.69
CA ILE D 447 -1.46 -0.82 -29.09
C ILE D 447 -0.15 -1.35 -28.48
N THR D 448 -0.22 -2.40 -27.65
CA THR D 448 0.95 -2.84 -26.89
C THR D 448 2.02 -3.44 -27.81
N VAL D 449 1.62 -4.24 -28.79
CA VAL D 449 2.61 -4.79 -29.72
C VAL D 449 3.19 -3.70 -30.61
N SER D 450 2.35 -2.80 -31.15
CA SER D 450 2.91 -1.75 -32.02
C SER D 450 3.88 -0.84 -31.26
N SER D 451 3.64 -0.59 -29.98
CA SER D 451 4.59 0.17 -29.22
C SER D 451 5.89 -0.59 -29.03
N ALA D 452 5.83 -1.92 -28.96
CA ALA D 452 7.01 -2.71 -28.67
C ALA D 452 7.89 -2.95 -29.89
N LEU D 453 7.31 -2.86 -31.09
CA LEU D 453 8.07 -3.16 -32.30
C LEU D 453 9.09 -2.07 -32.58
N GLN D 454 10.32 -2.48 -32.86
CA GLN D 454 11.40 -1.55 -33.18
C GLN D 454 11.39 -1.28 -34.68
N ALA D 455 10.39 -0.50 -35.09
CA ALA D 455 10.19 -0.16 -36.50
C ALA D 455 9.68 1.27 -36.61
N GLY D 456 10.07 1.93 -37.71
CA GLY D 456 9.67 3.32 -37.92
C GLY D 456 8.20 3.50 -38.26
N VAL D 457 7.58 2.53 -38.93
CA VAL D 457 6.15 2.54 -39.24
C VAL D 457 5.55 1.18 -38.89
N VAL D 458 4.42 1.18 -38.19
CA VAL D 458 3.70 -0.04 -37.90
C VAL D 458 2.31 0.09 -38.51
N TRP D 459 1.99 -0.82 -39.42
CA TRP D 459 0.65 -0.92 -39.96
C TRP D 459 -0.13 -1.95 -39.17
N VAL D 460 -1.40 -1.65 -38.93
CA VAL D 460 -2.29 -2.54 -38.22
C VAL D 460 -3.45 -2.88 -39.15
N ASN D 461 -3.62 -4.18 -39.43
CA ASN D 461 -4.67 -4.66 -40.32
C ASN D 461 -4.59 -4.04 -41.71
N CYS D 462 -3.39 -3.71 -42.16
CA CYS D 462 -3.16 -3.22 -43.52
C CYS D 462 -1.67 -3.21 -43.76
N TYR D 463 -1.27 -2.74 -44.96
CA TYR D 463 0.14 -2.66 -45.30
C TYR D 463 0.35 -1.72 -46.48
N MET D 464 1.51 -1.05 -46.47
CA MET D 464 1.95 -0.16 -47.56
C MET D 464 0.90 0.86 -47.99
N MET D 465 0.17 1.37 -47.01
CA MET D 465 -0.75 2.47 -47.26
C MET D 465 0.06 3.70 -46.87
N LEU D 466 0.85 4.17 -47.82
CA LEU D 466 1.74 5.29 -47.61
C LEU D 466 0.96 6.56 -47.90
N SER D 467 1.47 7.68 -47.40
CA SER D 467 0.83 8.96 -47.65
C SER D 467 1.83 10.07 -47.48
N ALA D 468 1.38 11.25 -47.88
CA ALA D 468 2.23 12.40 -47.66
C ALA D 468 2.06 12.94 -46.25
N GLN D 469 0.92 12.71 -45.59
CA GLN D 469 0.80 13.28 -44.25
C GLN D 469 1.63 12.57 -43.19
N CYS D 470 2.05 11.31 -43.43
CA CYS D 470 2.76 10.64 -42.33
C CYS D 470 4.25 10.67 -42.54
N PRO D 471 5.01 10.87 -41.47
CA PRO D 471 6.48 10.83 -41.58
C PRO D 471 7.00 9.40 -41.72
N PHE D 472 7.99 9.24 -42.59
CA PHE D 472 8.42 7.94 -43.05
C PHE D 472 9.94 7.76 -42.95
N GLY D 473 10.36 6.78 -42.17
CA GLY D 473 11.76 6.54 -41.93
C GLY D 473 11.90 5.44 -40.90
N GLY D 474 13.14 5.08 -40.63
CA GLY D 474 13.44 3.89 -39.88
C GLY D 474 14.23 4.06 -38.58
N PHE D 475 14.19 2.95 -37.83
CA PHE D 475 14.92 2.63 -36.62
C PHE D 475 16.17 1.84 -37.03
N LYS D 476 17.10 1.70 -36.09
CA LYS D 476 18.37 0.93 -36.21
C LYS D 476 19.09 1.30 -37.51
N MET D 477 19.55 0.31 -38.28
CA MET D 477 20.33 0.43 -39.50
C MET D 477 19.46 0.56 -40.74
N SER D 478 18.15 0.77 -40.55
CA SER D 478 17.26 1.03 -41.67
C SER D 478 17.24 2.48 -42.06
N GLY D 479 18.13 3.30 -41.54
CA GLY D 479 18.15 4.69 -41.92
C GLY D 479 18.14 5.60 -40.71
N ASN D 480 18.08 6.89 -40.98
CA ASN D 480 17.91 7.87 -39.91
C ASN D 480 17.16 9.04 -40.54
N GLY D 481 16.19 9.59 -39.81
CA GLY D 481 15.39 10.67 -40.30
C GLY D 481 14.11 10.18 -40.94
N ARG D 482 13.21 11.13 -41.19
CA ARG D 482 11.86 10.89 -41.70
C ARG D 482 11.62 11.71 -42.96
N GLU D 483 10.67 11.25 -43.77
CA GLU D 483 10.28 12.01 -44.94
C GLU D 483 8.82 12.40 -44.87
N LEU D 484 8.53 13.47 -45.61
CA LEU D 484 7.16 13.84 -45.95
C LEU D 484 6.25 14.01 -44.75
N GLY D 485 6.72 14.41 -43.59
CA GLY D 485 5.70 14.64 -42.59
C GLY D 485 5.83 16.07 -42.18
N GLU D 486 5.15 16.50 -41.13
CA GLU D 486 5.58 17.79 -40.60
C GLU D 486 7.00 17.64 -40.12
N HIS D 487 7.31 16.50 -39.50
CA HIS D 487 8.68 16.24 -39.07
C HIS D 487 9.58 16.15 -40.28
N GLY D 488 9.06 15.62 -41.39
CA GLY D 488 9.86 15.51 -42.59
C GLY D 488 10.21 16.84 -43.22
N LEU D 489 9.28 17.79 -43.17
CA LEU D 489 9.56 19.11 -43.72
C LEU D 489 10.58 19.86 -42.87
N TYR D 490 10.52 19.74 -41.55
CA TYR D 490 11.48 20.50 -40.73
C TYR D 490 12.89 19.95 -40.85
N GLU D 491 13.06 18.74 -41.37
CA GLU D 491 14.39 18.17 -41.54
C GLU D 491 15.22 18.88 -42.59
N TYR D 492 14.58 19.69 -43.44
CA TYR D 492 15.29 20.49 -44.41
C TYR D 492 15.44 21.93 -43.96
N THR D 493 15.37 22.18 -42.64
CA THR D 493 15.62 23.51 -42.10
C THR D 493 16.79 23.49 -41.12
N GLU D 494 17.36 24.69 -40.91
CA GLU D 494 18.41 24.91 -39.94
C GLU D 494 17.88 25.86 -38.89
N LEU D 495 18.11 25.55 -37.63
CA LEU D 495 17.58 26.36 -36.56
C LEU D 495 18.57 27.44 -36.13
N LYS D 496 18.09 28.68 -36.01
CA LYS D 496 18.94 29.79 -35.58
C LYS D 496 18.29 30.55 -34.44
N THR D 497 19.01 30.69 -33.35
CA THR D 497 18.49 31.43 -32.22
C THR D 497 19.08 32.82 -32.22
N VAL D 498 18.19 33.81 -32.16
CA VAL D 498 18.56 35.20 -32.05
C VAL D 498 18.10 35.71 -30.69
N ALA D 499 19.04 36.25 -29.92
CA ALA D 499 18.78 36.71 -28.56
C ALA D 499 19.13 38.19 -28.46
N MET D 500 18.12 39.04 -28.32
CA MET D 500 18.35 40.47 -28.34
C MET D 500 18.14 41.05 -26.94
N LYS D 501 19.21 41.59 -26.36
CA LYS D 501 19.10 42.18 -25.04
C LYS D 501 18.23 43.42 -25.14
N ILE D 502 17.29 43.57 -24.21
CA ILE D 502 16.36 44.69 -24.18
C ILE D 502 16.33 45.30 -22.78
N SER D 503 15.85 46.55 -22.71
CA SER D 503 15.96 47.30 -21.46
C SER D 503 15.08 46.73 -20.35
N GLN D 504 13.83 46.31 -20.63
CA GLN D 504 13.04 45.67 -19.59
C GLN D 504 12.06 44.66 -20.19
N LYS D 505 11.95 43.49 -19.58
CA LYS D 505 11.11 42.43 -20.11
C LYS D 505 9.77 42.34 -19.40
N ASN D 506 8.72 42.12 -20.17
CA ASN D 506 7.38 41.96 -19.64
C ASN D 506 6.85 40.65 -20.20
N SER D 507 6.02 39.97 -19.44
CA SER D 507 5.58 38.67 -19.89
C SER D 507 4.78 38.81 -21.20
N ALA E 14 4.11 3.51 1.36
CA ALA E 14 4.37 4.94 1.35
C ALA E 14 3.86 5.60 2.63
N VAL E 15 4.62 6.51 3.23
CA VAL E 15 4.24 7.09 4.52
C VAL E 15 4.11 8.60 4.41
N PRO E 16 3.44 9.28 5.35
CA PRO E 16 3.32 10.73 5.30
C PRO E 16 4.65 11.41 5.62
N ALA E 17 4.68 12.70 5.40
CA ALA E 17 5.92 13.41 5.61
C ALA E 17 6.18 13.62 7.09
N PRO E 18 7.45 13.66 7.50
CA PRO E 18 7.79 13.91 8.91
C PRO E 18 7.46 15.32 9.30
N LEU E 19 7.01 15.47 10.53
CA LEU E 19 6.87 16.80 11.11
C LEU E 19 8.14 17.62 10.87
N ALA E 20 8.05 18.65 10.02
CA ALA E 20 9.20 19.48 9.70
C ALA E 20 9.72 20.22 10.93
N ASP E 21 8.88 21.06 11.53
CA ASP E 21 9.29 21.91 12.66
C ASP E 21 8.98 21.20 13.97
N LEU E 22 9.88 20.26 14.33
CA LEU E 22 9.73 19.48 15.55
C LEU E 22 10.37 20.21 16.73
N LYS E 23 9.55 20.64 17.66
CA LYS E 23 10.00 21.25 18.90
C LYS E 23 9.78 20.23 20.02
N ILE E 24 10.83 19.98 20.78
CA ILE E 24 10.78 19.09 21.92
C ILE E 24 10.29 19.84 23.15
N GLN E 25 9.23 19.35 23.75
CA GLN E 25 8.56 20.03 24.85
C GLN E 25 8.90 19.46 26.22
N HIS E 26 9.09 18.16 26.32
CA HIS E 26 9.31 17.53 27.60
C HIS E 26 10.74 17.04 27.69
N THR E 27 11.46 17.65 28.59
CA THR E 27 12.88 17.44 28.78
C THR E 27 13.29 17.18 30.24
N LYS E 28 12.36 17.29 31.19
CA LYS E 28 12.62 17.18 32.63
C LYS E 28 12.36 15.75 33.11
N ILE E 29 12.61 15.52 34.43
CA ILE E 29 12.37 14.24 35.08
C ILE E 29 10.88 14.14 35.40
N PHE E 30 10.30 12.93 35.26
CA PHE E 30 8.86 12.73 35.44
C PHE E 30 8.63 11.92 36.71
N ILE E 31 8.09 12.56 37.73
CA ILE E 31 7.80 11.89 39.00
C ILE E 31 6.48 12.41 39.54
N ASN E 32 5.59 11.49 39.94
CA ASN E 32 4.29 11.87 40.50
C ASN E 32 3.51 12.76 39.54
N ASN E 33 3.53 12.40 38.25
CA ASN E 33 2.83 13.16 37.20
C ASN E 33 3.27 14.61 37.16
N GLU E 34 4.49 14.90 37.61
CA GLU E 34 4.99 16.26 37.59
C GLU E 34 6.42 16.28 37.04
N TRP E 35 6.80 17.42 36.49
CA TRP E 35 8.12 17.58 35.92
C TRP E 35 9.07 18.23 36.91
N HIS E 36 10.24 17.62 37.08
CA HIS E 36 11.24 18.02 38.08
C HIS E 36 12.56 18.28 37.38
N ASN E 37 13.30 19.27 37.86
CA ASN E 37 14.68 19.44 37.46
C ASN E 37 15.57 18.49 38.26
N SER E 38 16.81 18.33 37.76
CA SER E 38 17.77 17.48 38.44
C SER E 38 18.08 18.04 39.81
N VAL E 39 18.31 17.15 40.77
CA VAL E 39 18.61 17.60 42.12
C VAL E 39 19.85 18.48 42.09
N SER E 40 20.84 18.07 41.30
CA SER E 40 22.09 18.79 41.14
C SER E 40 21.94 19.97 40.22
N GLY E 41 20.86 19.98 39.42
CA GLY E 41 20.66 20.98 38.40
C GLY E 41 21.42 20.71 37.13
N LYS E 42 22.27 19.68 37.11
CA LYS E 42 23.05 19.40 35.92
C LYS E 42 22.16 18.85 34.81
N LYS E 43 22.45 19.24 33.59
CA LYS E 43 21.79 18.76 32.40
C LYS E 43 22.80 18.01 31.52
N PHE E 44 22.30 17.33 30.51
CA PHE E 44 23.24 16.67 29.61
C PHE E 44 22.75 16.74 28.18
N PRO E 45 23.66 16.81 27.21
CA PRO E 45 23.24 16.98 25.82
C PRO E 45 22.87 15.65 25.19
N VAL E 46 21.87 15.69 24.33
CA VAL E 46 21.44 14.56 23.54
C VAL E 46 21.67 14.89 22.08
N LEU E 47 22.40 14.01 21.40
CA LEU E 47 22.85 14.26 20.04
C LEU E 47 21.88 13.66 19.03
N ASN E 48 22.08 14.07 17.78
CA ASN E 48 21.38 13.58 16.61
C ASN E 48 22.44 12.76 15.91
N PRO E 49 22.29 11.44 15.82
CA PRO E 49 23.37 10.62 15.27
C PRO E 49 23.63 10.87 13.81
N ALA E 50 22.61 11.29 13.03
CA ALA E 50 22.80 11.62 11.63
C ALA E 50 23.57 12.91 11.40
N THR E 51 23.41 13.91 12.27
CA THR E 51 24.03 15.19 12.02
C THR E 51 25.11 15.56 13.02
N GLU E 52 25.22 14.83 14.13
CA GLU E 52 26.11 15.16 15.24
C GLU E 52 25.81 16.52 15.85
N GLU E 53 24.59 17.04 15.73
CA GLU E 53 24.24 18.33 16.33
C GLU E 53 23.35 18.09 17.55
N VAL E 54 23.53 18.94 18.55
CA VAL E 54 22.75 18.81 19.78
C VAL E 54 21.31 19.19 19.52
N ILE E 55 20.40 18.27 19.85
CA ILE E 55 18.99 18.52 19.70
C ILE E 55 18.49 19.40 20.84
N CYS E 56 18.91 19.04 22.04
CA CYS E 56 18.52 19.75 23.25
C CYS E 56 19.29 19.12 24.41
N HIS E 57 19.12 19.69 25.58
CA HIS E 57 19.72 19.20 26.81
C HIS E 57 18.63 18.61 27.68
N VAL E 58 19.00 17.56 28.42
CA VAL E 58 18.07 16.80 29.26
C VAL E 58 18.51 16.86 30.72
N GLU E 59 17.54 16.93 31.62
CA GLU E 59 17.88 16.92 33.04
C GLU E 59 18.53 15.57 33.36
N GLU E 60 19.66 15.63 34.07
CA GLU E 60 20.46 14.44 34.33
C GLU E 60 20.09 13.86 35.69
N GLY E 61 19.45 12.71 35.71
CA GLY E 61 19.14 12.06 36.96
C GLY E 61 20.37 11.41 37.58
N ASP E 62 20.36 11.33 38.91
CA ASP E 62 21.42 10.67 39.66
C ASP E 62 20.75 10.01 40.86
N LYS E 63 21.59 9.50 41.78
CA LYS E 63 21.10 8.71 42.90
C LYS E 63 19.98 9.42 43.66
N ALA E 64 20.13 10.73 43.89
CA ALA E 64 19.09 11.48 44.58
C ALA E 64 17.78 11.46 43.80
N ASP E 65 17.85 11.58 42.48
CA ASP E 65 16.66 11.57 41.62
C ASP E 65 15.98 10.21 41.62
N VAL E 66 16.77 9.13 41.54
CA VAL E 66 16.23 7.78 41.63
C VAL E 66 15.57 7.58 42.98
N ASP E 67 16.20 8.09 44.05
CA ASP E 67 15.59 7.92 45.38
C ASP E 67 14.25 8.61 45.46
N LYS E 68 14.18 9.83 44.94
CA LYS E 68 12.93 10.53 44.88
C LYS E 68 11.89 9.68 44.13
N ALA E 69 12.24 9.16 42.96
CA ALA E 69 11.27 8.46 42.14
C ALA E 69 10.79 7.17 42.81
N VAL E 70 11.70 6.42 43.44
CA VAL E 70 11.34 5.13 44.07
C VAL E 70 10.37 5.36 45.24
N LYS E 71 10.61 6.39 46.05
CA LYS E 71 9.66 6.74 47.11
C LYS E 71 8.29 7.05 46.52
N ALA E 72 8.26 7.80 45.40
CA ALA E 72 7.00 8.13 44.74
C ALA E 72 6.27 6.88 44.31
N ALA E 73 6.99 5.94 43.68
CA ALA E 73 6.39 4.70 43.21
C ALA E 73 5.92 3.85 44.37
N ARG E 74 6.71 3.78 45.45
CA ARG E 74 6.32 3.02 46.62
C ARG E 74 5.04 3.59 47.22
N GLN E 75 4.93 4.92 47.21
CA GLN E 75 3.71 5.56 47.70
C GLN E 75 2.51 5.11 46.89
N ALA E 76 2.66 5.04 45.57
CA ALA E 76 1.56 4.60 44.70
C ALA E 76 1.20 3.13 44.90
N PHE E 77 2.11 2.32 45.44
CA PHE E 77 1.88 0.88 45.58
C PHE E 77 1.32 0.48 46.95
N GLN E 78 1.17 1.41 47.89
CA GLN E 78 0.66 1.08 49.21
C GLN E 78 -0.77 0.52 49.16
N ILE E 79 -1.05 -0.40 50.09
CA ILE E 79 -2.40 -0.94 50.24
C ILE E 79 -3.40 0.20 50.35
N GLY E 80 -4.53 0.10 49.65
CA GLY E 80 -5.51 1.15 49.75
C GLY E 80 -5.34 2.27 48.75
N SER E 81 -4.24 2.26 48.01
CA SER E 81 -3.93 3.30 47.05
C SER E 81 -4.84 3.19 45.84
N PRO E 82 -5.01 4.30 45.09
CA PRO E 82 -5.84 4.23 43.87
C PRO E 82 -5.40 3.14 42.92
N TRP E 83 -4.08 2.98 42.74
CA TRP E 83 -3.55 1.98 41.82
C TRP E 83 -3.75 0.56 42.34
N ARG E 84 -3.79 0.38 43.67
CA ARG E 84 -3.94 -0.96 44.22
C ARG E 84 -5.39 -1.40 44.31
N THR E 85 -6.31 -0.44 44.46
CA THR E 85 -7.72 -0.73 44.65
C THR E 85 -8.55 -0.67 43.38
N MET E 86 -8.07 -0.04 42.32
CA MET E 86 -8.93 0.04 41.14
C MET E 86 -9.01 -1.33 40.47
N ASP E 87 -10.13 -1.57 39.79
CA ASP E 87 -10.38 -2.84 39.11
C ASP E 87 -9.24 -3.11 38.13
N ALA E 88 -8.86 -4.38 37.98
CA ALA E 88 -7.87 -4.74 36.98
C ALA E 88 -8.29 -4.23 35.59
N SER E 89 -9.57 -4.37 35.25
CA SER E 89 -10.02 -3.89 33.95
C SER E 89 -9.78 -2.38 33.82
N GLU E 90 -9.80 -1.66 34.95
CA GLU E 90 -9.49 -0.23 34.90
C GLU E 90 -8.05 -0.01 34.45
N ARG E 91 -7.11 -0.81 34.95
CA ARG E 91 -5.74 -0.71 34.47
C ARG E 91 -5.69 -0.96 32.96
N GLY E 92 -6.45 -1.92 32.47
CA GLY E 92 -6.47 -2.16 31.05
C GLY E 92 -6.98 -0.96 30.29
N ARG E 93 -8.07 -0.37 30.77
CA ARG E 93 -8.65 0.79 30.09
C ARG E 93 -7.64 1.90 29.98
N LEU E 94 -6.86 2.10 31.05
CA LEU E 94 -5.80 3.09 31.02
C LEU E 94 -4.72 2.72 30.02
N LEU E 95 -4.34 1.43 29.96
CA LEU E 95 -3.33 1.06 28.97
C LEU E 95 -3.88 1.24 27.56
N ASN E 96 -5.12 0.83 27.34
CA ASN E 96 -5.77 1.01 26.06
C ASN E 96 -5.83 2.49 25.72
N LYS E 97 -6.12 3.32 26.72
CA LYS E 97 -6.18 4.75 26.47
C LYS E 97 -4.83 5.28 26.04
N LEU E 98 -3.75 4.80 26.68
CA LEU E 98 -2.42 5.22 26.28
C LEU E 98 -2.15 4.84 24.83
N ALA E 99 -2.56 3.64 24.42
CA ALA E 99 -2.35 3.21 23.04
C ALA E 99 -3.08 4.14 22.08
N ASP E 100 -4.32 4.49 22.40
CA ASP E 100 -5.07 5.41 21.56
C ASP E 100 -4.37 6.75 21.45
N LEU E 101 -3.85 7.24 22.56
CA LEU E 101 -3.10 8.49 22.57
C LEU E 101 -1.84 8.38 21.72
N MET E 102 -1.12 7.24 21.82
CA MET E 102 0.06 7.06 20.99
C MET E 102 -0.30 7.10 19.51
N GLU E 103 -1.45 6.51 19.14
CA GLU E 103 -1.89 6.55 17.76
C GLU E 103 -2.22 7.97 17.32
N ARG E 104 -2.87 8.74 18.20
CA ARG E 104 -3.18 10.12 17.86
C ARG E 104 -1.91 10.90 17.55
N ASP E 105 -0.89 10.73 18.39
CA ASP E 105 0.41 11.40 18.26
C ASP E 105 1.45 10.54 17.54
N ARG E 106 1.02 9.61 16.68
CA ARG E 106 1.94 8.71 16.00
C ARG E 106 3.01 9.46 15.22
N LEU E 107 2.60 10.46 14.43
CA LEU E 107 3.52 11.20 13.57
C LEU E 107 4.54 11.98 14.37
N LEU E 108 4.07 12.69 15.40
CA LEU E 108 4.99 13.38 16.30
C LEU E 108 6.02 12.40 16.88
N LEU E 109 5.54 11.27 17.46
CA LEU E 109 6.45 10.29 18.06
C LEU E 109 7.38 9.64 17.04
N ALA E 110 6.88 9.28 15.85
CA ALA E 110 7.76 8.65 14.86
C ALA E 110 8.92 9.56 14.44
N THR E 111 8.62 10.83 14.17
CA THR E 111 9.69 11.75 13.81
C THR E 111 10.68 11.89 14.92
N MET E 112 10.18 12.08 16.15
CA MET E 112 11.08 12.23 17.31
C MET E 112 11.95 11.00 17.47
N GLU E 113 11.39 9.83 17.18
CA GLU E 113 12.17 8.60 17.26
C GLU E 113 13.24 8.55 16.17
N ALA E 114 12.87 8.90 14.94
CA ALA E 114 13.83 8.87 13.84
C ALA E 114 14.94 9.91 14.06
N LEU E 115 14.56 11.10 14.50
CA LEU E 115 15.54 12.16 14.78
C LEU E 115 16.57 11.71 15.81
N ASN E 116 16.10 11.23 16.96
CA ASN E 116 17.01 10.94 18.08
C ASN E 116 17.73 9.61 17.94
N GLY E 117 17.13 8.60 17.35
CA GLY E 117 17.86 7.36 17.33
C GLY E 117 18.45 6.96 16.01
N GLY E 118 18.56 7.88 15.05
CA GLY E 118 18.96 7.53 13.69
C GLY E 118 18.19 6.40 13.03
N LYS E 119 16.87 6.45 13.10
CA LYS E 119 16.01 5.41 12.58
C LYS E 119 15.33 5.90 11.31
N VAL E 120 15.36 5.09 10.26
CA VAL E 120 14.67 5.45 9.04
C VAL E 120 13.21 5.72 9.38
N PHE E 121 12.71 6.91 9.01
CA PHE E 121 11.41 7.40 9.45
C PHE E 121 10.29 6.44 9.09
N ALA E 122 10.27 5.94 7.84
CA ALA E 122 9.24 5.00 7.46
C ALA E 122 9.22 3.78 8.40
N ASN E 123 10.39 3.34 8.87
CA ASN E 123 10.46 2.22 9.80
C ASN E 123 9.87 2.61 11.16
N ALA E 124 10.30 3.75 11.70
CA ALA E 124 9.76 4.18 12.97
C ALA E 124 8.26 4.40 12.93
N TYR E 125 7.74 4.85 11.79
CA TYR E 125 6.32 5.19 11.73
C TYR E 125 5.43 3.95 11.53
N LEU E 126 5.83 3.00 10.69
CA LEU E 126 4.92 1.91 10.43
C LEU E 126 5.10 0.75 11.39
N SER E 127 6.34 0.34 11.61
CA SER E 127 6.60 -0.86 12.40
C SER E 127 6.91 -0.59 13.86
N ASP E 128 7.67 0.48 14.18
CA ASP E 128 8.02 0.77 15.57
C ASP E 128 6.83 1.32 16.34
N LEU E 129 6.16 2.34 15.79
CA LEU E 129 4.97 2.85 16.44
C LEU E 129 3.87 1.81 16.38
N GLY E 130 3.76 1.12 15.25
CA GLY E 130 2.77 0.06 15.12
C GLY E 130 2.96 -1.02 16.18
N GLY E 131 4.21 -1.44 16.41
CA GLY E 131 4.46 -2.48 17.39
C GLY E 131 4.19 -1.99 18.80
N CYS E 132 4.53 -0.74 19.09
CA CYS E 132 4.21 -0.16 20.38
C CYS E 132 2.70 -0.16 20.62
N ILE E 133 1.93 0.26 19.62
CA ILE E 133 0.48 0.32 19.82
C ILE E 133 -0.08 -1.08 20.02
N LYS E 134 0.35 -2.05 19.21
CA LYS E 134 -0.15 -3.42 19.32
C LYS E 134 0.26 -4.04 20.66
N ALA E 135 1.49 -3.80 21.09
CA ALA E 135 1.94 -4.33 22.37
C ALA E 135 1.17 -3.72 23.53
N LEU E 136 0.89 -2.42 23.48
CA LEU E 136 0.08 -1.82 24.54
C LEU E 136 -1.34 -2.39 24.57
N LYS E 137 -1.96 -2.56 23.39
CA LYS E 137 -3.30 -3.13 23.35
C LYS E 137 -3.30 -4.55 23.90
N TYR E 138 -2.26 -5.33 23.58
CA TYR E 138 -2.16 -6.70 24.07
C TYR E 138 -2.02 -6.74 25.58
N CYS E 139 -1.15 -5.91 26.13
CA CYS E 139 -0.98 -5.91 27.57
C CYS E 139 -2.23 -5.41 28.27
N ALA E 140 -2.87 -4.39 27.73
CA ALA E 140 -4.12 -3.95 28.31
C ALA E 140 -5.07 -5.12 28.47
N GLY E 141 -5.18 -5.94 27.43
CA GLY E 141 -6.08 -7.07 27.48
C GLY E 141 -5.71 -8.11 28.53
N TRP E 142 -4.47 -8.12 29.00
CA TRP E 142 -4.08 -9.10 30.00
C TRP E 142 -4.44 -8.70 31.43
N ALA E 143 -4.70 -7.41 31.69
CA ALA E 143 -4.81 -6.93 33.07
C ALA E 143 -5.75 -7.77 33.94
N ASP E 144 -6.94 -8.08 33.43
CA ASP E 144 -7.97 -8.77 34.21
C ASP E 144 -8.11 -10.23 33.86
N LYS E 145 -7.10 -10.78 33.22
CA LYS E 145 -7.08 -12.19 32.90
C LYS E 145 -5.89 -12.87 33.56
N ILE E 146 -5.10 -12.12 34.32
CA ILE E 146 -4.06 -12.66 35.18
C ILE E 146 -4.75 -13.27 36.40
N HIS E 147 -4.67 -14.59 36.55
CA HIS E 147 -5.38 -15.25 37.62
C HIS E 147 -4.53 -16.24 38.40
N GLY E 148 -4.96 -16.49 39.64
CA GLY E 148 -4.39 -17.54 40.44
C GLY E 148 -5.25 -18.80 40.39
N GLN E 149 -4.95 -19.72 41.28
CA GLN E 149 -5.61 -21.01 41.32
C GLN E 149 -6.28 -21.28 42.65
N THR E 150 -7.33 -22.10 42.61
CA THR E 150 -7.86 -22.77 43.78
C THR E 150 -7.37 -24.20 43.68
N ILE E 151 -6.70 -24.68 44.72
CA ILE E 151 -5.96 -25.94 44.67
C ILE E 151 -6.61 -26.96 45.59
N PRO E 152 -6.80 -28.22 45.15
CA PRO E 152 -7.33 -29.28 46.02
C PRO E 152 -6.22 -29.99 46.79
N SER E 153 -5.54 -29.26 47.66
CA SER E 153 -4.42 -29.83 48.37
C SER E 153 -4.90 -30.75 49.49
N ASP E 154 -3.96 -31.49 50.07
CA ASP E 154 -4.32 -32.48 51.10
C ASP E 154 -4.85 -31.81 52.37
N GLY E 155 -5.75 -32.52 53.03
CA GLY E 155 -6.28 -32.07 54.30
C GLY E 155 -7.53 -31.22 54.17
N ASP E 156 -8.17 -31.02 55.31
CA ASP E 156 -9.42 -30.25 55.37
C ASP E 156 -9.08 -28.77 55.32
N ILE E 157 -8.75 -28.28 54.13
CA ILE E 157 -8.32 -26.90 53.92
C ILE E 157 -8.88 -26.35 52.63
N PHE E 158 -8.99 -25.03 52.53
CA PHE E 158 -9.30 -24.34 51.29
C PHE E 158 -8.08 -23.52 50.95
N THR E 159 -7.41 -23.88 49.85
CA THR E 159 -6.15 -23.23 49.48
C THR E 159 -6.31 -22.55 48.13
N TYR E 160 -5.91 -21.30 48.08
CA TYR E 160 -6.01 -20.59 46.83
C TYR E 160 -4.74 -19.77 46.66
N THR E 161 -4.51 -19.31 45.46
CA THR E 161 -3.36 -18.48 45.19
C THR E 161 -3.87 -17.14 44.70
N ARG E 162 -3.00 -16.16 44.83
CA ARG E 162 -3.19 -14.82 44.32
C ARG E 162 -1.97 -14.44 43.48
N ARG E 163 -2.19 -13.90 42.29
CA ARG E 163 -1.06 -13.39 41.50
C ARG E 163 -1.06 -11.90 41.78
N GLU E 164 -0.28 -11.49 42.78
CA GLU E 164 -0.21 -10.10 43.16
C GLU E 164 0.81 -9.36 42.32
N PRO E 165 0.70 -8.05 42.23
CA PRO E 165 1.80 -7.26 41.66
C PRO E 165 3.02 -7.36 42.56
N ILE E 166 4.21 -7.30 41.95
CA ILE E 166 5.41 -7.40 42.77
C ILE E 166 5.59 -6.14 43.60
N GLY E 167 5.45 -5.00 42.96
CA GLY E 167 5.74 -3.72 43.59
C GLY E 167 6.49 -2.75 42.68
N VAL E 168 7.61 -2.24 43.20
CA VAL E 168 8.39 -1.24 42.48
C VAL E 168 9.37 -1.95 41.56
N CYS E 169 9.26 -1.68 40.26
CA CYS E 169 10.10 -2.30 39.26
C CYS E 169 10.92 -1.21 38.60
N GLY E 170 12.24 -1.30 38.72
CA GLY E 170 13.12 -0.43 37.99
C GLY E 170 13.43 -1.08 36.66
N GLN E 171 13.34 -0.29 35.58
CA GLN E 171 13.40 -0.81 34.22
C GLN E 171 14.40 0.04 33.45
N ILE E 172 15.47 -0.60 32.98
CA ILE E 172 16.60 0.07 32.32
C ILE E 172 16.56 -0.26 30.83
N ILE E 173 16.29 0.77 30.02
CA ILE E 173 15.91 0.64 28.60
C ILE E 173 17.10 0.94 27.69
N PRO E 174 17.30 0.19 26.60
CA PRO E 174 18.39 0.50 25.67
C PRO E 174 18.04 1.61 24.67
N TRP E 175 19.02 1.95 23.83
CA TRP E 175 18.85 3.02 22.85
C TRP E 175 18.41 2.53 21.47
N ASN E 176 18.43 1.22 21.23
CA ASN E 176 18.17 0.74 19.87
C ASN E 176 16.69 0.83 19.50
N PHE E 177 15.79 0.49 20.41
CA PHE E 177 14.36 0.65 20.17
C PHE E 177 13.76 1.30 21.41
N PRO E 178 13.98 2.62 21.57
CA PRO E 178 13.52 3.28 22.80
C PRO E 178 12.05 3.12 23.11
N MET E 179 11.18 3.36 22.14
CA MET E 179 9.75 3.26 22.43
C MET E 179 9.33 1.80 22.56
N LEU E 180 9.76 0.96 21.62
CA LEU E 180 9.36 -0.45 21.68
C LEU E 180 9.79 -1.09 22.99
N MET E 181 11.07 -0.97 23.35
CA MET E 181 11.56 -1.51 24.61
C MET E 181 10.84 -0.88 25.79
N PHE E 182 10.56 0.43 25.72
CA PHE E 182 9.82 1.10 26.78
C PHE E 182 8.46 0.41 27.03
N ILE E 183 7.67 0.20 25.97
CA ILE E 183 6.35 -0.41 26.13
C ILE E 183 6.49 -1.86 26.57
N TRP E 184 7.47 -2.57 26.03
CA TRP E 184 7.72 -3.96 26.40
C TRP E 184 8.06 -4.13 27.89
N LYS E 185 8.63 -3.10 28.51
CA LYS E 185 8.94 -3.18 29.92
C LYS E 185 7.79 -2.69 30.78
N ILE E 186 7.20 -1.54 30.48
CA ILE E 186 6.14 -1.06 31.36
C ILE E 186 4.78 -1.67 31.02
N GLY E 187 4.61 -2.19 29.81
CA GLY E 187 3.35 -2.80 29.41
C GLY E 187 2.93 -3.99 30.28
N PRO E 188 3.79 -5.01 30.38
CA PRO E 188 3.52 -6.09 31.33
C PRO E 188 3.53 -5.61 32.79
N ALA E 189 4.49 -4.76 33.13
CA ALA E 189 4.62 -4.33 34.51
C ALA E 189 3.36 -3.61 34.99
N LEU E 190 2.85 -2.67 34.20
CA LEU E 190 1.65 -1.94 34.65
C LEU E 190 0.39 -2.77 34.52
N SER E 191 0.33 -3.67 33.54
CA SER E 191 -0.82 -4.53 33.42
C SER E 191 -1.04 -5.36 34.68
N CYS E 192 0.05 -5.81 35.31
CA CYS E 192 -0.08 -6.61 36.53
C CYS E 192 -0.30 -5.78 37.79
N GLY E 193 -0.27 -4.46 37.70
CA GLY E 193 -0.53 -3.65 38.87
C GLY E 193 0.70 -3.19 39.59
N ASN E 194 1.87 -3.27 38.94
CA ASN E 194 3.09 -2.73 39.51
C ASN E 194 3.11 -1.22 39.32
N THR E 195 4.11 -0.59 39.93
CA THR E 195 4.48 0.79 39.65
C THR E 195 5.94 0.77 39.22
N VAL E 196 6.36 1.70 38.36
CA VAL E 196 7.64 1.55 37.68
C VAL E 196 8.50 2.81 37.76
N VAL E 197 9.82 2.58 37.75
CA VAL E 197 10.86 3.60 37.69
C VAL E 197 11.76 3.29 36.49
N VAL E 198 11.70 4.14 35.46
CA VAL E 198 12.35 3.86 34.19
C VAL E 198 13.62 4.70 34.09
N LYS E 199 14.68 4.12 33.57
CA LYS E 199 15.86 4.91 33.22
C LYS E 199 16.08 4.66 31.74
N PRO E 200 15.58 5.55 30.87
CA PRO E 200 15.76 5.36 29.45
C PRO E 200 17.22 5.62 29.10
N ALA E 201 17.64 5.14 27.93
CA ALA E 201 19.03 5.29 27.55
C ALA E 201 19.37 6.78 27.42
N GLU E 202 20.63 7.12 27.76
CA GLU E 202 21.06 8.52 27.68
C GLU E 202 21.09 9.04 26.24
N GLN E 203 21.36 8.17 25.27
CA GLN E 203 21.38 8.57 23.87
C GLN E 203 19.99 8.90 23.38
N THR E 204 18.96 8.24 23.91
CA THR E 204 17.60 8.32 23.38
C THR E 204 16.55 8.46 24.50
N PRO E 205 16.60 9.56 25.27
CA PRO E 205 15.61 9.73 26.35
C PRO E 205 14.35 10.46 25.91
N LEU E 206 14.37 11.12 24.75
CA LEU E 206 13.31 12.06 24.43
C LEU E 206 11.96 11.36 24.29
N THR E 207 11.90 10.26 23.53
CA THR E 207 10.60 9.62 23.31
C THR E 207 10.00 9.15 24.61
N ALA E 208 10.84 8.68 25.54
CA ALA E 208 10.31 8.25 26.81
C ALA E 208 9.65 9.40 27.56
N LEU E 209 10.32 10.56 27.57
CA LEU E 209 9.73 11.70 28.26
C LEU E 209 8.43 12.12 27.62
N HIS E 210 8.33 12.09 26.28
CA HIS E 210 7.07 12.45 25.63
C HIS E 210 5.98 11.43 25.94
N LEU E 211 6.37 10.19 26.16
CA LEU E 211 5.41 9.17 26.53
C LEU E 211 4.87 9.45 27.93
N ALA E 212 5.70 10.01 28.81
CA ALA E 212 5.25 10.37 30.16
C ALA E 212 4.06 11.32 30.12
N SER E 213 4.08 12.34 29.26
CA SER E 213 2.95 13.26 29.18
C SER E 213 1.68 12.53 28.76
N LEU E 214 1.80 11.57 27.85
CA LEU E 214 0.62 10.80 27.44
C LEU E 214 0.14 9.92 28.57
N ILE E 215 1.07 9.45 29.40
CA ILE E 215 0.67 8.68 30.57
C ILE E 215 -0.11 9.57 31.53
N LYS E 216 0.37 10.79 31.76
CA LYS E 216 -0.42 11.73 32.54
C LYS E 216 -1.78 11.94 31.91
N GLU E 217 -1.81 12.20 30.59
CA GLU E 217 -3.05 12.53 29.92
C GLU E 217 -4.07 11.38 29.98
N ALA E 218 -3.60 10.13 29.88
CA ALA E 218 -4.54 9.02 29.89
C ALA E 218 -5.20 8.84 31.26
N GLY E 219 -4.63 9.43 32.31
CA GLY E 219 -5.20 9.40 33.63
C GLY E 219 -4.58 8.44 34.63
N PHE E 220 -3.35 7.96 34.38
CA PHE E 220 -2.66 7.10 35.33
C PHE E 220 -2.44 7.84 36.65
N PRO E 221 -2.62 7.16 37.79
CA PRO E 221 -2.41 7.83 39.08
C PRO E 221 -0.99 8.28 39.23
N PRO E 222 -0.76 9.35 39.99
CA PRO E 222 0.61 9.84 40.20
C PRO E 222 1.48 8.79 40.91
N GLY E 223 2.73 8.70 40.50
CA GLY E 223 3.68 7.78 41.06
C GLY E 223 3.69 6.40 40.42
N VAL E 224 2.68 6.08 39.61
CA VAL E 224 2.61 4.75 39.03
C VAL E 224 3.68 4.62 37.93
N VAL E 225 3.95 5.70 37.22
CA VAL E 225 5.01 5.73 36.23
C VAL E 225 5.94 6.89 36.54
N ASN E 226 7.22 6.58 36.72
CA ASN E 226 8.27 7.56 36.96
C ASN E 226 9.41 7.34 35.96
N ILE E 227 9.92 8.42 35.38
CA ILE E 227 11.01 8.35 34.40
C ILE E 227 12.15 9.26 34.86
N VAL E 228 13.33 8.68 35.01
CA VAL E 228 14.54 9.40 35.39
C VAL E 228 15.61 9.19 34.32
N PRO E 229 15.74 10.09 33.35
CA PRO E 229 16.84 9.99 32.39
C PRO E 229 18.17 10.23 33.07
N GLY E 230 19.22 9.75 32.42
CA GLY E 230 20.56 9.85 32.97
C GLY E 230 21.47 8.84 32.32
N TYR E 231 22.60 8.61 32.96
CA TYR E 231 23.67 7.76 32.45
C TYR E 231 23.61 6.37 33.07
N GLY E 232 24.37 5.42 32.49
CA GLY E 232 24.39 4.07 32.97
C GLY E 232 24.99 3.87 34.36
N PRO E 233 26.24 4.27 34.57
CA PRO E 233 26.85 4.12 35.91
C PRO E 233 26.39 5.12 36.96
N THR E 234 25.43 6.03 36.67
CA THR E 234 24.97 7.00 37.67
C THR E 234 23.55 6.74 38.14
N ALA E 235 22.64 6.49 37.21
CA ALA E 235 21.25 6.35 37.55
C ALA E 235 20.82 4.91 37.44
N GLY E 236 21.38 4.20 36.45
CA GLY E 236 21.11 2.78 36.33
C GLY E 236 21.67 2.02 37.51
N ALA E 237 22.94 2.27 37.85
CA ALA E 237 23.52 1.61 39.02
C ALA E 237 22.74 1.93 40.28
N ALA E 238 22.24 3.17 40.39
CA ALA E 238 21.43 3.55 41.55
C ALA E 238 20.16 2.70 41.64
N ILE E 239 19.51 2.46 40.50
CA ILE E 239 18.34 1.60 40.48
C ILE E 239 18.71 0.19 40.91
N SER E 240 19.78 -0.35 40.33
CA SER E 240 20.15 -1.75 40.58
C SER E 240 20.61 -2.00 42.01
N SER E 241 21.13 -1.00 42.71
CA SER E 241 21.51 -1.23 44.10
C SER E 241 20.48 -0.72 45.09
N HIS E 242 19.34 -0.23 44.62
CA HIS E 242 18.37 0.37 45.54
C HIS E 242 17.74 -0.68 46.44
N MET E 243 17.59 -0.33 47.72
CA MET E 243 17.05 -1.22 48.73
C MET E 243 15.53 -1.31 48.72
N ASP E 244 14.85 -0.45 47.96
CA ASP E 244 13.39 -0.50 47.95
C ASP E 244 12.84 -0.79 46.56
N VAL E 245 13.68 -1.25 45.63
CA VAL E 245 13.25 -1.67 44.31
C VAL E 245 13.05 -3.18 44.35
N ASP E 246 11.83 -3.64 44.03
CA ASP E 246 11.56 -5.06 44.19
C ASP E 246 12.11 -5.87 43.02
N LYS E 247 12.15 -5.31 41.83
CA LYS E 247 12.64 -6.04 40.67
C LYS E 247 13.36 -5.06 39.74
N VAL E 248 14.38 -5.56 39.07
CA VAL E 248 15.06 -4.76 38.07
C VAL E 248 15.05 -5.55 36.77
N ALA E 249 14.59 -4.89 35.70
CA ALA E 249 14.56 -5.44 34.35
C ALA E 249 15.51 -4.61 33.52
N PHE E 250 16.37 -5.28 32.76
CA PHE E 250 17.41 -4.58 32.01
C PHE E 250 17.59 -5.20 30.64
N THR E 251 17.65 -4.37 29.60
CA THR E 251 18.04 -4.85 28.28
C THR E 251 19.28 -4.10 27.81
N GLY E 252 20.32 -4.85 27.47
CA GLY E 252 21.57 -4.25 27.05
C GLY E 252 22.69 -5.24 26.98
N SER E 253 23.91 -4.76 27.18
CA SER E 253 25.07 -5.62 26.96
C SER E 253 25.20 -6.66 28.06
N THR E 254 26.04 -7.67 27.80
CA THR E 254 26.20 -8.76 28.75
C THR E 254 26.89 -8.31 30.04
N GLN E 255 27.94 -7.49 29.91
CA GLN E 255 28.70 -7.09 31.10
C GLN E 255 27.87 -6.24 32.06
N VAL E 256 27.09 -5.28 31.54
CA VAL E 256 26.24 -4.51 32.46
C VAL E 256 25.21 -5.43 33.10
N GLY E 257 24.73 -6.43 32.36
CA GLY E 257 23.77 -7.37 32.91
C GLY E 257 24.34 -8.16 34.08
N LYS E 258 25.57 -8.64 33.93
CA LYS E 258 26.27 -9.30 35.05
C LYS E 258 26.35 -8.36 36.25
N LEU E 259 26.74 -7.10 35.99
CA LEU E 259 26.90 -6.13 37.05
C LEU E 259 25.59 -5.88 37.78
N ILE E 260 24.48 -5.87 37.03
CA ILE E 260 23.19 -5.57 37.64
C ILE E 260 22.79 -6.67 38.60
N LYS E 261 22.88 -7.93 38.18
CA LYS E 261 22.59 -9.04 39.08
C LYS E 261 23.53 -9.05 40.27
N GLU E 262 24.81 -8.74 40.02
CA GLU E 262 25.78 -8.66 41.10
C GLU E 262 25.35 -7.62 42.11
N ALA E 263 24.88 -6.47 41.61
CA ALA E 263 24.35 -5.42 42.45
C ALA E 263 23.05 -5.83 43.09
N ALA E 264 22.22 -6.58 42.37
CA ALA E 264 20.93 -7.03 42.92
C ALA E 264 21.14 -7.94 44.14
N GLY E 265 22.01 -8.94 44.01
CA GLY E 265 22.34 -9.79 45.14
C GLY E 265 23.03 -9.03 46.26
N LYS E 266 23.94 -8.13 45.91
CA LYS E 266 24.69 -7.42 46.94
C LYS E 266 23.80 -6.47 47.72
N SER E 267 22.72 -6.00 47.08
CA SER E 267 21.90 -4.94 47.64
C SER E 267 20.73 -5.55 48.41
N ASN E 268 19.59 -5.79 47.73
CA ASN E 268 18.47 -6.35 48.49
C ASN E 268 17.87 -7.63 47.90
N LEU E 269 18.68 -8.50 47.27
CA LEU E 269 18.19 -9.70 46.59
C LEU E 269 16.87 -9.48 45.83
N LYS E 270 16.86 -8.45 45.00
CA LYS E 270 15.69 -8.17 44.17
C LYS E 270 15.70 -9.10 42.97
N ARG E 271 14.51 -9.31 42.41
CA ARG E 271 14.43 -10.07 41.17
C ARG E 271 15.11 -9.30 40.05
N VAL E 272 15.67 -10.05 39.10
CA VAL E 272 16.36 -9.50 37.94
C VAL E 272 15.89 -10.24 36.70
N THR E 273 15.57 -9.49 35.67
CA THR E 273 15.36 -10.06 34.34
C THR E 273 16.33 -9.33 33.44
N LEU E 274 17.06 -10.09 32.66
CA LEU E 274 18.06 -9.56 31.78
C LEU E 274 17.72 -10.01 30.38
N GLU E 275 17.94 -9.14 29.41
CA GLU E 275 17.86 -9.51 28.00
C GLU E 275 19.12 -8.96 27.37
N LEU E 276 20.10 -9.82 27.20
CA LEU E 276 21.41 -9.37 26.76
C LEU E 276 21.50 -9.54 25.25
N GLY E 277 22.69 -9.37 24.70
CA GLY E 277 22.82 -9.36 23.27
C GLY E 277 22.74 -10.76 22.73
N GLY E 278 23.00 -10.86 21.44
CA GLY E 278 23.08 -12.15 20.82
C GLY E 278 24.25 -12.25 19.87
N LYS E 279 24.50 -13.51 19.50
CA LYS E 279 25.19 -13.87 18.26
C LYS E 279 24.30 -14.94 17.66
N SER E 280 23.33 -14.51 16.88
CA SER E 280 22.21 -15.36 16.56
C SER E 280 22.47 -15.98 15.19
N PRO E 281 22.49 -17.29 15.09
CA PRO E 281 22.89 -17.91 13.83
C PRO E 281 21.72 -18.23 12.93
N CYS E 282 22.00 -18.38 11.65
CA CYS E 282 21.05 -18.91 10.68
C CYS E 282 21.61 -20.22 10.13
N ILE E 283 20.74 -21.21 9.94
CA ILE E 283 21.14 -22.41 9.21
C ILE E 283 20.28 -22.44 7.95
N VAL E 284 20.93 -22.38 6.79
CA VAL E 284 20.26 -22.41 5.49
C VAL E 284 20.59 -23.74 4.83
N PHE E 285 19.60 -24.61 4.71
CA PHE E 285 19.79 -25.93 4.14
C PHE E 285 19.56 -25.91 2.63
N ALA E 286 20.22 -26.86 1.93
CA ALA E 286 20.15 -26.90 0.47
C ALA E 286 18.72 -27.00 -0.03
N ASP E 287 17.84 -27.61 0.76
CA ASP E 287 16.43 -27.76 0.42
C ASP E 287 15.61 -26.53 0.79
N ALA E 288 16.25 -25.49 1.33
CA ALA E 288 15.53 -24.27 1.62
C ALA E 288 15.18 -23.51 0.33
N ASP E 289 14.18 -22.63 0.44
CA ASP E 289 13.83 -21.73 -0.64
C ASP E 289 14.87 -20.62 -0.62
N LEU E 290 15.83 -20.71 -1.53
CA LEU E 290 16.96 -19.79 -1.50
C LEU E 290 16.52 -18.33 -1.58
N ASP E 291 15.47 -18.06 -2.35
CA ASP E 291 15.02 -16.69 -2.55
C ASP E 291 14.60 -16.04 -1.22
N ILE E 292 13.76 -16.73 -0.45
CA ILE E 292 13.35 -16.18 0.85
C ILE E 292 14.47 -16.27 1.91
N ALA E 293 15.29 -17.32 1.87
CA ALA E 293 16.39 -17.44 2.84
C ALA E 293 17.35 -16.27 2.75
N VAL E 294 17.73 -15.87 1.51
CA VAL E 294 18.57 -14.69 1.32
C VAL E 294 17.83 -13.45 1.80
N GLU E 295 16.57 -13.34 1.43
CA GLU E 295 15.77 -12.18 1.80
C GLU E 295 15.66 -12.02 3.31
N PHE E 296 15.29 -13.09 4.02
CA PHE E 296 15.11 -12.93 5.47
C PHE E 296 16.43 -12.80 6.22
N ALA E 297 17.45 -13.57 5.83
CA ALA E 297 18.73 -13.47 6.54
C ALA E 297 19.30 -12.08 6.41
N HIS E 298 19.20 -11.52 5.20
CA HIS E 298 19.63 -10.16 4.97
C HIS E 298 18.90 -9.18 5.89
N HIS E 299 17.58 -9.30 5.95
CA HIS E 299 16.78 -8.44 6.81
C HIS E 299 17.26 -8.54 8.25
N GLY E 300 17.55 -9.76 8.69
CA GLY E 300 17.92 -9.99 10.06
C GLY E 300 19.26 -9.41 10.47
N VAL E 301 20.17 -9.18 9.53
CA VAL E 301 21.49 -8.69 9.89
C VAL E 301 21.56 -7.17 9.73
N PHE E 302 20.72 -6.64 8.84
CA PHE E 302 20.81 -5.27 8.43
C PHE E 302 19.73 -4.39 8.99
N TYR E 303 18.66 -4.95 9.53
CA TYR E 303 17.56 -4.12 9.98
C TYR E 303 18.02 -3.12 11.04
N HIS E 304 17.62 -1.87 10.86
CA HIS E 304 18.03 -0.74 11.69
C HIS E 304 19.57 -0.70 11.83
N GLN E 305 20.26 -0.78 10.69
CA GLN E 305 21.73 -0.71 10.65
C GLN E 305 22.36 -1.78 11.52
N GLY E 306 21.74 -2.95 11.59
CA GLY E 306 22.24 -4.10 12.31
C GLY E 306 22.29 -3.93 13.81
N GLN E 307 21.59 -2.95 14.38
CA GLN E 307 21.59 -2.70 15.81
C GLN E 307 20.51 -3.49 16.50
N CYS E 308 19.94 -4.44 15.78
CA CYS E 308 18.83 -5.25 16.26
C CYS E 308 19.20 -6.21 17.40
N CYS E 309 18.23 -6.41 18.29
CA CYS E 309 18.29 -7.31 19.44
C CYS E 309 18.71 -8.72 19.06
N VAL E 310 18.15 -9.23 17.98
CA VAL E 310 18.28 -10.61 17.56
C VAL E 310 18.99 -10.70 16.21
N ALA E 311 19.77 -9.68 15.87
CA ALA E 311 20.50 -9.60 14.59
C ALA E 311 21.16 -10.93 14.21
N ALA E 312 20.97 -11.32 12.96
CA ALA E 312 21.43 -12.62 12.49
C ALA E 312 22.90 -12.55 12.11
N SER E 313 23.78 -12.60 13.09
CA SER E 313 25.17 -12.29 12.81
C SER E 313 25.97 -13.48 12.31
N ARG E 314 25.44 -14.70 12.34
CA ARG E 314 26.11 -15.84 11.73
C ARG E 314 25.15 -16.53 10.78
N ILE E 315 25.53 -16.66 9.51
CA ILE E 315 24.70 -17.33 8.51
C ILE E 315 25.47 -18.54 8.01
N PHE E 316 25.02 -19.74 8.40
CA PHE E 316 25.61 -21.00 7.95
C PHE E 316 24.81 -21.46 6.75
N VAL E 317 25.51 -21.70 5.63
CA VAL E 317 24.88 -22.12 4.39
C VAL E 317 25.46 -23.46 4.00
N GLU E 318 24.60 -24.33 3.47
CA GLU E 318 25.07 -25.63 3.00
C GLU E 318 25.90 -25.45 1.72
N GLU E 319 26.97 -26.23 1.62
CA GLU E 319 27.88 -26.12 0.48
C GLU E 319 27.11 -26.13 -0.86
N SER E 320 26.02 -26.92 -0.96
CA SER E 320 25.30 -27.11 -2.22
C SER E 320 24.83 -25.78 -2.79
N VAL E 321 24.24 -24.93 -1.95
CA VAL E 321 23.70 -23.64 -2.36
C VAL E 321 24.56 -22.49 -1.84
N TYR E 322 25.72 -22.82 -1.27
CA TYR E 322 26.58 -21.83 -0.66
C TYR E 322 26.94 -20.72 -1.64
N ASP E 323 27.48 -21.09 -2.81
CA ASP E 323 28.00 -20.07 -3.73
C ASP E 323 26.91 -19.11 -4.18
N GLU E 324 25.75 -19.64 -4.52
CA GLU E 324 24.68 -18.78 -4.99
C GLU E 324 24.23 -17.82 -3.89
N PHE E 325 24.13 -18.34 -2.67
CA PHE E 325 23.72 -17.53 -1.52
C PHE E 325 24.66 -16.33 -1.34
N VAL E 326 25.97 -16.58 -1.40
CA VAL E 326 26.92 -15.51 -1.20
C VAL E 326 26.72 -14.44 -2.26
N LYS E 327 26.56 -14.86 -3.52
CA LYS E 327 26.32 -13.92 -4.59
C LYS E 327 25.08 -13.08 -4.33
N ARG E 328 23.95 -13.75 -4.03
CA ARG E 328 22.68 -13.03 -3.90
C ARG E 328 22.68 -12.07 -2.72
N SER E 329 23.35 -12.45 -1.64
CA SER E 329 23.40 -11.57 -0.48
C SER E 329 24.09 -10.25 -0.82
N VAL E 330 25.22 -10.33 -1.51
CA VAL E 330 25.96 -9.12 -1.88
C VAL E 330 25.15 -8.25 -2.82
N GLU E 331 24.38 -8.87 -3.72
CA GLU E 331 23.52 -8.09 -4.61
C GLU E 331 22.50 -7.33 -3.81
N ARG E 332 21.96 -7.95 -2.76
CA ARG E 332 20.97 -7.30 -1.90
C ARG E 332 21.64 -6.22 -1.06
N ALA E 333 22.90 -6.43 -0.66
CA ALA E 333 23.58 -5.46 0.19
C ALA E 333 23.93 -4.19 -0.57
N LYS E 334 24.00 -4.25 -1.90
CA LYS E 334 24.31 -3.09 -2.74
C LYS E 334 23.09 -2.20 -3.00
N LYS E 335 21.96 -2.46 -2.35
CA LYS E 335 20.70 -1.81 -2.67
C LYS E 335 20.36 -0.66 -1.71
N TYR E 336 21.34 -0.17 -0.96
CA TYR E 336 21.10 0.78 0.10
C TYR E 336 21.43 2.22 -0.28
N VAL E 337 20.74 3.17 0.36
CA VAL E 337 21.00 4.61 0.17
C VAL E 337 21.12 5.25 1.55
N LEU E 338 22.34 5.65 1.92
CA LEU E 338 22.64 6.17 3.23
C LEU E 338 22.44 7.68 3.30
N GLY E 339 22.06 8.18 4.47
CA GLY E 339 21.86 9.59 4.66
C GLY E 339 20.99 9.87 5.88
N ASN E 340 20.51 11.11 5.94
CA ASN E 340 19.64 11.55 7.05
C ASN E 340 18.37 10.68 7.11
N PRO E 341 18.11 9.99 8.23
CA PRO E 341 16.93 9.10 8.33
C PRO E 341 15.58 9.77 8.08
N LEU E 342 15.48 11.09 8.22
CA LEU E 342 14.22 11.80 7.94
C LEU E 342 14.03 12.17 6.46
N THR E 343 15.07 12.16 5.66
CA THR E 343 14.89 12.43 4.23
C THR E 343 14.26 11.21 3.56
N PRO E 344 13.21 11.39 2.74
CA PRO E 344 12.57 10.24 2.08
C PRO E 344 13.48 9.62 1.03
N GLY E 345 13.43 8.29 0.93
CA GLY E 345 14.26 7.54 0.00
C GLY E 345 15.51 6.94 0.63
N ILE E 346 15.94 7.47 1.77
CA ILE E 346 17.09 6.93 2.46
C ILE E 346 16.70 5.61 3.15
N ASN E 347 17.54 4.60 2.96
CA ASN E 347 17.29 3.21 3.32
C ASN E 347 17.96 2.83 4.62
N GLN E 348 19.04 3.53 4.96
CA GLN E 348 19.92 3.20 6.06
C GLN E 348 20.37 4.49 6.74
N GLY E 349 20.14 4.55 8.04
CA GLY E 349 20.58 5.66 8.85
C GLY E 349 21.94 5.43 9.48
N PRO E 350 22.25 6.22 10.50
CA PRO E 350 23.55 6.09 11.16
C PRO E 350 23.54 5.06 12.29
N GLN E 351 24.73 4.75 12.79
CA GLN E 351 24.85 4.07 14.06
C GLN E 351 24.58 5.09 15.16
N ILE E 352 24.29 4.61 16.37
CA ILE E 352 23.72 5.48 17.39
C ILE E 352 24.71 6.54 17.89
N ASP E 353 26.01 6.26 17.86
CA ASP E 353 26.96 7.21 18.42
C ASP E 353 28.36 6.75 18.07
N LYS E 354 29.36 7.51 18.53
CA LYS E 354 30.73 7.24 18.11
C LYS E 354 31.31 5.99 18.78
N GLU E 355 30.99 5.73 20.05
CA GLU E 355 31.53 4.53 20.70
C GLU E 355 31.21 3.27 19.89
N GLN E 356 29.94 3.14 19.46
CA GLN E 356 29.54 2.00 18.63
C GLN E 356 30.17 2.08 17.25
N HIS E 357 30.27 3.28 16.70
CA HIS E 357 30.90 3.45 15.39
C HIS E 357 32.35 3.00 15.43
N ASP E 358 33.08 3.43 16.45
CA ASP E 358 34.48 3.04 16.58
C ASP E 358 34.62 1.54 16.74
N LYS E 359 33.82 0.96 17.64
CA LYS E 359 33.89 -0.47 17.85
C LYS E 359 33.65 -1.21 16.55
N ILE E 360 32.54 -0.88 15.86
CA ILE E 360 32.22 -1.63 14.66
C ILE E 360 33.33 -1.55 13.61
N LEU E 361 33.91 -0.36 13.41
CA LEU E 361 34.96 -0.23 12.38
C LEU E 361 36.22 -1.02 12.72
N ASP E 362 36.68 -0.99 13.97
CA ASP E 362 37.84 -1.79 14.35
C ASP E 362 37.53 -3.27 14.10
N LEU E 363 36.28 -3.69 14.34
CA LEU E 363 35.86 -5.08 14.10
C LEU E 363 35.94 -5.47 12.63
N ILE E 364 35.45 -4.62 11.74
CA ILE E 364 35.52 -4.89 10.30
C ILE E 364 36.98 -5.02 9.92
N GLU E 365 37.83 -4.19 10.54
CA GLU E 365 39.25 -4.27 10.28
C GLU E 365 39.81 -5.63 10.68
N SER E 366 39.38 -6.19 11.83
CA SER E 366 39.74 -7.57 12.15
C SER E 366 39.29 -8.51 11.04
N GLY E 367 38.08 -8.31 10.51
CA GLY E 367 37.60 -9.13 9.41
C GLY E 367 38.58 -9.17 8.26
N LYS E 368 39.12 -8.00 7.86
CA LYS E 368 40.20 -8.01 6.89
C LYS E 368 41.44 -8.67 7.49
N LYS E 369 41.75 -8.35 8.76
CA LYS E 369 42.98 -8.87 9.38
C LYS E 369 42.97 -10.39 9.53
N GLU E 370 41.83 -10.99 9.88
CA GLU E 370 41.86 -12.42 10.16
C GLU E 370 41.91 -13.22 8.87
N GLY E 371 41.40 -12.65 7.78
CA GLY E 371 41.50 -13.27 6.47
C GLY E 371 40.19 -13.50 5.74
N ALA E 372 39.07 -13.12 6.36
CA ALA E 372 37.79 -13.26 5.70
C ALA E 372 37.77 -12.50 4.37
N LYS E 373 37.06 -13.07 3.39
CA LYS E 373 36.99 -12.47 2.06
C LYS E 373 35.88 -11.41 2.04
N LEU E 374 36.27 -10.15 1.90
CA LEU E 374 35.33 -9.05 1.91
C LEU E 374 34.67 -8.91 0.54
N GLU E 375 33.33 -8.81 0.54
CA GLU E 375 32.57 -8.80 -0.70
C GLU E 375 32.03 -7.44 -1.09
N CYS E 376 31.62 -6.62 -0.12
CA CYS E 376 31.20 -5.23 -0.32
C CYS E 376 31.30 -4.59 1.05
N GLY E 377 31.43 -3.28 1.06
CA GLY E 377 31.64 -2.54 2.31
C GLY E 377 33.07 -2.65 2.84
N GLY E 378 33.21 -2.38 4.14
CA GLY E 378 34.51 -2.40 4.78
C GLY E 378 35.08 -1.05 5.23
N GLY E 379 34.34 0.05 5.08
CA GLY E 379 34.86 1.36 5.50
C GLY E 379 33.80 2.33 6.03
N ARG E 380 34.19 3.56 6.31
CA ARG E 380 33.23 4.56 6.74
C ARG E 380 32.43 5.00 5.53
N TRP E 381 31.39 5.79 5.77
CA TRP E 381 30.62 6.40 4.70
C TRP E 381 30.46 7.86 5.09
N GLY E 382 30.81 8.76 4.17
CA GLY E 382 30.66 10.17 4.46
C GLY E 382 31.81 10.78 5.23
N ASN E 383 31.64 12.06 5.51
CA ASN E 383 32.62 12.81 6.29
C ASN E 383 32.20 12.96 7.75
N LYS E 384 30.96 13.34 7.98
CA LYS E 384 30.43 13.47 9.32
C LYS E 384 29.22 12.56 9.48
N GLY E 385 28.93 12.27 10.74
CA GLY E 385 27.92 11.34 11.16
C GLY E 385 28.55 9.96 11.36
N PHE E 386 27.72 9.05 11.86
CA PHE E 386 28.20 7.72 12.17
C PHE E 386 27.54 6.80 11.16
N PHE E 387 28.16 6.69 9.98
CA PHE E 387 27.61 5.84 8.95
C PHE E 387 28.61 4.75 8.62
N VAL E 388 28.11 3.56 8.33
CA VAL E 388 28.96 2.43 7.96
C VAL E 388 28.38 1.83 6.70
N GLN E 389 29.20 1.74 5.64
CA GLN E 389 28.75 1.12 4.40
C GLN E 389 28.44 -0.35 4.65
N PRO E 390 27.34 -0.84 4.10
CA PRO E 390 26.94 -2.25 4.29
C PRO E 390 28.04 -3.19 3.84
N THR E 391 28.47 -4.07 4.73
CA THR E 391 29.58 -4.96 4.49
C THR E 391 29.10 -6.40 4.47
N VAL E 392 29.66 -7.22 3.59
CA VAL E 392 29.38 -8.65 3.59
C VAL E 392 30.71 -9.37 3.52
N PHE E 393 30.94 -10.24 4.49
CA PHE E 393 32.14 -11.06 4.57
C PHE E 393 31.80 -12.50 4.21
N SER E 394 32.66 -13.14 3.44
CA SER E 394 32.51 -14.52 3.05
C SER E 394 33.70 -15.34 3.57
N ASN E 395 33.57 -16.67 3.43
CA ASN E 395 34.62 -17.61 3.83
C ASN E 395 35.12 -17.35 5.27
N VAL E 396 34.15 -17.14 6.16
CA VAL E 396 34.41 -16.91 7.58
C VAL E 396 34.44 -18.24 8.33
N THR E 397 35.37 -18.36 9.29
CA THR E 397 35.64 -19.52 10.12
C THR E 397 34.99 -19.39 11.51
N ASP E 398 35.18 -20.41 12.33
CA ASP E 398 34.49 -20.43 13.64
C ASP E 398 35.21 -19.57 14.66
N GLU E 399 36.52 -19.49 14.58
CA GLU E 399 37.32 -18.69 15.49
C GLU E 399 37.49 -17.30 14.88
N MET E 400 36.40 -16.56 14.82
CA MET E 400 36.49 -15.22 14.26
C MET E 400 36.00 -14.23 15.29
N ARG E 401 36.74 -13.12 15.40
CA ARG E 401 36.28 -12.03 16.23
C ARG E 401 34.94 -11.54 15.72
N ILE E 402 34.83 -11.41 14.40
CA ILE E 402 33.56 -11.04 13.80
C ILE E 402 32.52 -12.10 14.11
N ALA E 403 32.94 -13.34 14.41
CA ALA E 403 32.08 -14.45 14.79
C ALA E 403 31.97 -14.65 16.31
N LYS E 404 32.80 -13.97 17.12
CA LYS E 404 32.72 -14.10 18.57
C LYS E 404 32.14 -12.87 19.22
N GLU E 405 32.33 -11.71 18.62
CA GLU E 405 31.81 -10.47 19.16
C GLU E 405 30.49 -10.13 18.49
N GLU E 406 29.53 -9.69 19.30
CA GLU E 406 28.30 -9.15 18.72
C GLU E 406 28.69 -7.89 17.97
N ILE E 407 28.37 -7.87 16.69
CA ILE E 407 28.89 -6.83 15.83
C ILE E 407 28.06 -5.54 15.93
N PHE E 408 26.77 -5.65 16.27
CA PHE E 408 25.86 -4.50 16.33
C PHE E 408 26.06 -3.51 15.18
N GLY E 409 26.19 -4.03 13.97
CA GLY E 409 26.39 -3.19 12.83
C GLY E 409 25.98 -3.84 11.54
N PRO E 410 25.95 -3.07 10.46
CA PRO E 410 25.55 -3.64 9.17
C PRO E 410 26.63 -4.55 8.57
N VAL E 411 27.12 -5.51 9.35
CA VAL E 411 28.14 -6.46 8.88
C VAL E 411 27.52 -7.87 8.84
N GLN E 412 27.62 -8.54 7.71
CA GLN E 412 27.07 -9.88 7.53
C GLN E 412 28.20 -10.90 7.36
N GLN E 413 28.09 -12.03 8.06
CA GLN E 413 29.10 -13.09 8.05
C GLN E 413 28.51 -14.38 7.48
N ILE E 414 29.14 -14.95 6.46
CA ILE E 414 28.65 -16.17 5.83
C ILE E 414 29.65 -17.30 6.00
N MET E 415 29.15 -18.47 6.37
CA MET E 415 29.94 -19.67 6.50
C MET E 415 29.28 -20.86 5.83
N LYS E 416 30.06 -21.92 5.72
CA LYS E 416 29.64 -23.12 5.04
C LYS E 416 29.67 -24.30 6.01
N PHE E 417 28.82 -25.27 5.74
CA PHE E 417 28.70 -26.46 6.56
C PHE E 417 28.24 -27.59 5.66
N LYS E 418 28.58 -28.81 6.09
CA LYS E 418 28.19 -29.97 5.32
C LYS E 418 27.39 -31.00 6.11
N SER E 419 27.56 -31.12 7.43
CA SER E 419 26.76 -32.07 8.18
C SER E 419 25.95 -31.35 9.26
N VAL E 420 24.74 -31.87 9.47
CA VAL E 420 23.78 -31.23 10.37
C VAL E 420 24.32 -31.16 11.81
N ASP E 421 24.91 -32.26 12.30
CA ASP E 421 25.43 -32.27 13.66
C ASP E 421 26.54 -31.25 13.84
N ASP E 422 27.45 -31.16 12.86
CA ASP E 422 28.52 -30.16 12.92
C ASP E 422 27.96 -28.75 13.03
N VAL E 423 27.00 -28.40 12.17
CA VAL E 423 26.52 -27.02 12.13
C VAL E 423 25.64 -26.70 13.34
N ILE E 424 24.84 -27.67 13.82
CA ILE E 424 24.08 -27.45 15.04
C ILE E 424 25.04 -27.26 16.20
N LYS E 425 26.15 -28.01 16.22
CA LYS E 425 27.18 -27.80 17.22
C LYS E 425 27.74 -26.39 17.13
N ARG E 426 28.05 -25.94 15.90
CA ARG E 426 28.63 -24.61 15.66
C ARG E 426 27.65 -23.49 16.02
N ALA E 427 26.39 -23.64 15.63
CA ALA E 427 25.36 -22.66 15.98
C ALA E 427 25.17 -22.59 17.50
N ASN E 428 25.10 -23.74 18.16
CA ASN E 428 24.95 -23.74 19.62
C ASN E 428 26.26 -23.41 20.31
N ASN E 429 27.36 -23.33 19.58
CA ASN E 429 28.66 -23.11 20.20
C ASN E 429 28.96 -21.62 20.31
N THR E 430 28.16 -20.97 21.15
CA THR E 430 28.33 -19.58 21.58
C THR E 430 27.73 -19.44 22.97
N THR E 431 28.14 -18.39 23.66
CA THR E 431 27.56 -18.10 24.96
C THR E 431 26.30 -17.25 24.84
N TYR E 432 25.89 -16.93 23.63
CA TYR E 432 24.66 -16.20 23.36
C TYR E 432 23.65 -17.20 22.81
N GLY E 433 22.40 -17.11 23.28
CA GLY E 433 21.36 -17.98 22.79
C GLY E 433 20.02 -17.30 22.66
N LEU E 434 19.99 -16.02 22.26
CA LEU E 434 18.74 -15.27 22.28
C LEU E 434 17.76 -15.76 21.22
N ALA E 435 18.23 -15.90 19.98
CA ALA E 435 17.33 -16.30 18.88
C ALA E 435 18.13 -17.03 17.82
N ALA E 436 17.41 -17.63 16.88
CA ALA E 436 18.06 -18.38 15.80
C ALA E 436 17.11 -18.50 14.64
N GLY E 437 17.70 -18.69 13.47
CA GLY E 437 16.95 -18.87 12.24
C GLY E 437 17.29 -20.20 11.60
N LEU E 438 16.31 -20.78 10.93
CA LEU E 438 16.47 -22.07 10.29
C LEU E 438 15.63 -22.14 9.03
N PHE E 439 16.22 -22.59 7.93
CA PHE E 439 15.51 -22.61 6.65
C PHE E 439 15.54 -24.00 6.04
N THR E 440 14.35 -24.56 5.82
CA THR E 440 14.13 -25.87 5.22
C THR E 440 12.68 -26.02 4.83
N LYS E 441 12.45 -26.83 3.79
CA LYS E 441 11.11 -27.24 3.43
C LYS E 441 10.80 -28.60 4.02
N ASP E 442 11.78 -29.21 4.69
CA ASP E 442 11.60 -30.54 5.24
C ASP E 442 10.95 -30.39 6.61
N LEU E 443 9.79 -31.04 6.76
CA LEU E 443 9.08 -31.01 8.03
C LEU E 443 9.97 -31.47 9.18
N ASP E 444 10.54 -32.67 9.03
CA ASP E 444 11.33 -33.27 10.10
C ASP E 444 12.51 -32.40 10.46
N LYS E 445 13.17 -31.83 9.45
CA LYS E 445 14.33 -31.01 9.75
C LYS E 445 13.89 -29.81 10.59
N ALA E 446 12.78 -29.18 10.23
CA ALA E 446 12.31 -28.03 10.97
C ALA E 446 12.16 -28.36 12.45
N ILE E 447 11.46 -29.44 12.76
CA ILE E 447 11.19 -29.75 14.15
C ILE E 447 12.45 -30.19 14.89
N THR E 448 13.18 -31.17 14.34
CA THR E 448 14.27 -31.74 15.13
C THR E 448 15.37 -30.73 15.37
N VAL E 449 15.71 -29.95 14.33
CA VAL E 449 16.79 -28.98 14.45
C VAL E 449 16.38 -27.83 15.39
N SER E 450 15.14 -27.34 15.30
CA SER E 450 14.74 -26.26 16.21
C SER E 450 14.70 -26.73 17.66
N SER E 451 14.39 -28.02 17.88
CA SER E 451 14.42 -28.57 19.23
C SER E 451 15.84 -28.66 19.75
N ALA E 452 16.81 -28.88 18.87
CA ALA E 452 18.20 -29.03 19.26
C ALA E 452 18.91 -27.71 19.48
N LEU E 453 18.38 -26.63 18.89
CA LEU E 453 19.02 -25.32 18.94
C LEU E 453 18.88 -24.68 20.30
N GLN E 454 19.98 -24.15 20.81
CA GLN E 454 19.94 -23.55 22.14
C GLN E 454 19.61 -22.06 22.05
N ALA E 455 18.35 -21.78 21.71
CA ALA E 455 17.91 -20.41 21.49
C ALA E 455 16.49 -20.22 22.01
N GLY E 456 16.22 -19.02 22.52
CA GLY E 456 14.91 -18.74 23.09
C GLY E 456 13.81 -18.61 22.06
N VAL E 457 14.14 -18.09 20.88
CA VAL E 457 13.21 -17.94 19.78
C VAL E 457 13.87 -18.59 18.58
N VAL E 458 13.17 -19.47 17.91
CA VAL E 458 13.65 -20.08 16.69
C VAL E 458 12.66 -19.74 15.60
N TRP E 459 13.13 -19.02 14.57
CA TRP E 459 12.33 -18.77 13.40
C TRP E 459 12.67 -19.82 12.35
N VAL E 460 11.66 -20.31 11.66
CA VAL E 460 11.83 -21.27 10.59
C VAL E 460 11.28 -20.64 9.31
N ASN E 461 12.14 -20.49 8.30
CA ASN E 461 11.79 -19.86 7.01
C ASN E 461 11.29 -18.43 7.20
N CYS E 462 11.80 -17.72 8.20
CA CYS E 462 11.51 -16.30 8.37
C CYS E 462 12.48 -15.75 9.41
N TYR E 463 12.36 -14.45 9.70
CA TYR E 463 13.22 -13.84 10.71
C TYR E 463 12.61 -12.53 11.19
N MET E 464 12.86 -12.21 12.44
CA MET E 464 12.38 -10.99 13.08
C MET E 464 10.88 -10.84 12.90
N MET E 465 10.18 -11.94 13.13
CA MET E 465 8.73 -11.94 13.13
C MET E 465 8.37 -11.84 14.62
N LEU E 466 8.37 -10.62 15.14
CA LEU E 466 8.13 -10.41 16.56
C LEU E 466 6.67 -10.04 16.80
N SER E 467 5.97 -10.84 17.58
CA SER E 467 4.60 -10.44 17.89
C SER E 467 4.44 -10.28 19.39
N ALA E 468 3.33 -9.64 19.78
CA ALA E 468 3.09 -9.37 21.20
C ALA E 468 2.57 -10.62 21.91
N GLN E 469 2.00 -11.55 21.14
CA GLN E 469 1.53 -12.82 21.68
C GLN E 469 2.67 -13.78 21.99
N CYS E 470 3.88 -13.54 21.46
CA CYS E 470 4.97 -14.47 21.70
C CYS E 470 5.96 -13.96 22.74
N PRO E 471 6.39 -14.86 23.62
CA PRO E 471 7.36 -14.50 24.66
C PRO E 471 8.77 -14.36 24.13
N PHE E 472 9.48 -13.37 24.69
CA PHE E 472 10.84 -13.01 24.32
C PHE E 472 11.79 -13.69 25.30
N GLY E 473 12.39 -14.81 24.89
CA GLY E 473 13.18 -15.45 25.93
C GLY E 473 14.62 -15.70 25.56
N GLY E 474 15.42 -16.01 26.57
CA GLY E 474 16.85 -16.15 26.36
C GLY E 474 17.40 -17.41 26.98
N PHE E 475 18.34 -18.02 26.26
CA PHE E 475 19.13 -19.16 26.71
C PHE E 475 20.55 -18.71 27.06
N LYS E 476 21.29 -19.63 27.69
CA LYS E 476 22.70 -19.45 28.02
C LYS E 476 22.84 -18.08 28.68
N MET E 477 23.76 -17.25 28.23
CA MET E 477 24.00 -15.91 28.74
C MET E 477 23.23 -14.82 27.98
N SER E 478 22.23 -15.17 27.19
CA SER E 478 21.48 -14.13 26.46
C SER E 478 20.47 -13.44 27.35
N GLY E 479 20.10 -14.03 28.46
CA GLY E 479 19.16 -13.38 29.34
C GLY E 479 18.60 -14.36 30.33
N ASN E 480 17.71 -13.85 31.17
CA ASN E 480 17.10 -14.63 32.23
C ASN E 480 15.64 -14.28 32.21
N GLY E 481 14.83 -15.28 31.89
CA GLY E 481 13.42 -15.05 31.79
C GLY E 481 13.04 -14.52 30.42
N ARG E 482 11.74 -14.56 30.17
CA ARG E 482 11.14 -14.12 28.92
C ARG E 482 10.21 -12.96 29.24
N GLU E 483 10.03 -12.09 28.26
CA GLU E 483 9.17 -10.93 28.38
C GLU E 483 8.02 -11.03 27.38
N LEU E 484 6.98 -10.23 27.56
CA LEU E 484 5.83 -10.13 26.65
C LEU E 484 5.00 -11.30 26.16
N GLY E 485 4.83 -12.40 26.89
CA GLY E 485 3.90 -13.34 26.32
C GLY E 485 2.81 -13.55 27.34
N GLU E 486 1.97 -14.57 27.24
CA GLU E 486 1.23 -14.89 28.44
C GLU E 486 2.23 -15.17 29.55
N HIS E 487 3.30 -15.87 29.19
CA HIS E 487 4.37 -16.12 30.13
C HIS E 487 5.00 -14.82 30.62
N GLY E 488 5.11 -13.82 29.75
CA GLY E 488 5.75 -12.58 30.10
C GLY E 488 4.98 -11.74 31.09
N LEU E 489 3.65 -11.79 31.03
CA LEU E 489 2.85 -11.02 31.97
C LEU E 489 3.01 -11.55 33.38
N TYR E 490 3.07 -12.87 33.52
CA TYR E 490 3.18 -13.47 34.83
C TYR E 490 4.52 -13.20 35.50
N GLU E 491 5.56 -12.83 34.74
CA GLU E 491 6.84 -12.51 35.37
C GLU E 491 6.79 -11.20 36.15
N TYR E 492 5.74 -10.40 35.96
CA TYR E 492 5.55 -9.22 36.78
C TYR E 492 4.54 -9.45 37.90
N THR E 493 4.32 -10.70 38.30
CA THR E 493 3.47 -11.06 39.43
C THR E 493 4.26 -11.77 40.50
N GLU E 494 3.73 -11.69 41.72
CA GLU E 494 4.26 -12.43 42.86
C GLU E 494 3.18 -13.40 43.27
N LEU E 495 3.55 -14.66 43.52
CA LEU E 495 2.54 -15.64 43.87
C LEU E 495 2.39 -15.72 45.39
N LYS E 496 1.14 -15.71 45.88
CA LYS E 496 0.84 -15.80 47.31
C LYS E 496 -0.15 -16.92 47.53
N THR E 497 0.20 -17.85 48.41
CA THR E 497 -0.65 -18.98 48.75
C THR E 497 -1.34 -18.72 50.07
N VAL E 498 -2.67 -18.81 50.05
CA VAL E 498 -3.52 -18.63 51.22
C VAL E 498 -4.19 -19.97 51.53
N ALA E 499 -4.04 -20.42 52.77
CA ALA E 499 -4.51 -21.73 53.21
C ALA E 499 -5.42 -21.51 54.42
N MET E 500 -6.71 -21.76 54.24
CA MET E 500 -7.70 -21.50 55.26
C MET E 500 -8.24 -22.81 55.82
N LYS E 501 -8.10 -23.01 57.12
CA LYS E 501 -8.63 -24.23 57.74
C LYS E 501 -10.15 -24.20 57.66
N ILE E 502 -10.75 -25.33 57.29
CA ILE E 502 -12.20 -25.45 57.25
C ILE E 502 -12.64 -26.73 57.94
N SER E 503 -13.89 -26.75 58.36
CA SER E 503 -14.39 -27.84 59.19
C SER E 503 -14.44 -29.15 58.41
N GLN E 504 -14.85 -29.11 57.14
CA GLN E 504 -14.81 -30.29 56.28
C GLN E 504 -14.70 -29.90 54.81
N LYS E 505 -13.84 -30.57 54.07
CA LYS E 505 -13.71 -30.26 52.64
C LYS E 505 -14.45 -31.31 51.82
N ASN E 506 -15.03 -30.85 50.71
CA ASN E 506 -15.67 -31.75 49.78
C ASN E 506 -15.14 -31.43 48.39
N SER E 507 -15.08 -32.46 47.55
CA SER E 507 -14.42 -32.34 46.26
C SER E 507 -15.11 -31.35 45.29
N PRO F 16 5.23 -64.62 27.55
CA PRO F 16 3.78 -64.48 27.51
C PRO F 16 3.09 -65.78 27.04
N ALA F 17 2.71 -66.64 27.93
CA ALA F 17 1.82 -67.71 27.56
C ALA F 17 0.37 -67.24 27.47
N PRO F 18 -0.46 -67.98 26.83
CA PRO F 18 -1.89 -67.66 26.90
C PRO F 18 -2.83 -68.25 27.96
N LEU F 19 -2.34 -68.48 29.19
CA LEU F 19 -3.13 -68.66 30.41
C LEU F 19 -3.90 -69.97 30.61
N ALA F 20 -3.59 -71.01 29.87
CA ALA F 20 -4.10 -72.36 30.18
C ALA F 20 -5.64 -72.39 30.19
N ASP F 21 -6.29 -73.06 31.17
CA ASP F 21 -7.74 -73.13 31.29
C ASP F 21 -8.19 -71.90 32.03
N LEU F 22 -9.43 -71.49 31.81
CA LEU F 22 -9.86 -70.19 32.30
C LEU F 22 -11.20 -70.30 32.98
N LYS F 23 -11.23 -69.96 34.26
CA LYS F 23 -12.46 -69.99 35.03
C LYS F 23 -12.93 -68.56 35.15
N ILE F 24 -14.13 -68.29 34.67
CA ILE F 24 -14.74 -66.97 34.77
C ILE F 24 -15.45 -66.93 36.12
N GLN F 25 -15.05 -66.00 36.97
CA GLN F 25 -15.48 -66.03 38.36
C GLN F 25 -16.64 -65.11 38.65
N HIS F 26 -16.59 -63.92 38.09
CA HIS F 26 -17.53 -62.87 38.43
C HIS F 26 -18.42 -62.70 37.21
N THR F 27 -19.67 -62.98 37.36
CA THR F 27 -20.58 -62.86 36.24
C THR F 27 -21.76 -61.98 36.55
N LYS F 28 -22.00 -61.64 37.79
CA LYS F 28 -23.26 -61.02 38.21
C LYS F 28 -23.13 -59.49 38.22
N ILE F 29 -24.19 -58.81 38.66
CA ILE F 29 -24.20 -57.34 38.72
C ILE F 29 -23.36 -56.90 39.90
N PHE F 30 -22.69 -55.76 39.74
CA PHE F 30 -21.83 -55.18 40.75
C PHE F 30 -22.45 -53.86 41.21
N ILE F 31 -22.93 -53.81 42.45
CA ILE F 31 -23.52 -52.60 43.03
C ILE F 31 -23.08 -52.52 44.48
N ASN F 32 -22.64 -51.33 44.90
CA ASN F 32 -22.24 -51.09 46.29
C ASN F 32 -21.20 -52.11 46.72
N ASN F 33 -20.27 -52.44 45.82
CA ASN F 33 -19.20 -53.39 46.07
C ASN F 33 -19.72 -54.77 46.47
N GLU F 34 -20.94 -55.12 46.04
CA GLU F 34 -21.53 -56.41 46.34
C GLU F 34 -22.10 -56.99 45.06
N TRP F 35 -22.14 -58.31 44.97
CA TRP F 35 -22.60 -58.96 43.76
C TRP F 35 -24.10 -59.23 43.85
N HIS F 36 -24.82 -58.90 42.78
CA HIS F 36 -26.28 -58.95 42.77
C HIS F 36 -26.78 -59.81 41.62
N ASN F 37 -27.87 -60.51 41.89
CA ASN F 37 -28.67 -61.10 40.83
C ASN F 37 -29.62 -60.03 40.29
N SER F 38 -30.10 -60.26 39.06
CA SER F 38 -30.99 -59.32 38.41
C SER F 38 -32.38 -59.34 39.04
N VAL F 39 -33.05 -58.18 39.01
CA VAL F 39 -34.38 -58.08 39.61
C VAL F 39 -35.32 -59.10 39.01
N SER F 40 -35.21 -59.34 37.70
CA SER F 40 -36.01 -60.39 37.08
C SER F 40 -35.44 -61.77 37.32
N GLY F 41 -34.16 -61.87 37.66
CA GLY F 41 -33.49 -63.15 37.72
C GLY F 41 -33.02 -63.67 36.39
N LYS F 42 -33.37 -63.01 35.28
CA LYS F 42 -32.99 -63.50 33.96
C LYS F 42 -31.50 -63.32 33.73
N LYS F 43 -30.91 -64.28 33.03
CA LYS F 43 -29.52 -64.23 32.59
C LYS F 43 -29.52 -64.18 31.06
N PHE F 44 -28.37 -63.89 30.49
CA PHE F 44 -28.29 -63.81 29.03
C PHE F 44 -26.96 -64.38 28.56
N PRO F 45 -26.90 -64.89 27.33
CA PRO F 45 -25.70 -65.58 26.87
C PRO F 45 -24.60 -64.63 26.42
N VAL F 46 -23.38 -64.96 26.79
CA VAL F 46 -22.20 -64.25 26.30
C VAL F 46 -21.43 -65.23 25.45
N LEU F 47 -21.31 -64.90 24.15
CA LEU F 47 -20.77 -65.82 23.17
C LEU F 47 -19.36 -65.43 22.73
N ASN F 48 -18.71 -66.38 22.05
CA ASN F 48 -17.36 -66.28 21.52
C ASN F 48 -17.38 -66.12 20.00
N PRO F 49 -16.78 -65.03 19.51
CA PRO F 49 -16.81 -64.75 18.06
C PRO F 49 -16.08 -65.76 17.22
N ALA F 50 -14.97 -66.26 17.74
CA ALA F 50 -14.11 -67.15 16.98
C ALA F 50 -14.73 -68.51 16.75
N THR F 51 -15.43 -69.04 17.75
CA THR F 51 -15.96 -70.40 17.69
C THR F 51 -17.49 -70.49 17.84
N GLU F 52 -18.16 -69.36 18.10
CA GLU F 52 -19.62 -69.31 18.18
C GLU F 52 -20.22 -70.21 19.25
N GLU F 53 -19.44 -70.51 20.31
CA GLU F 53 -19.89 -71.32 21.43
C GLU F 53 -20.06 -70.48 22.69
N VAL F 54 -20.98 -70.94 23.54
CA VAL F 54 -21.32 -70.22 24.77
C VAL F 54 -20.15 -70.27 25.73
N ILE F 55 -19.71 -69.10 26.19
CA ILE F 55 -18.69 -68.98 27.25
C ILE F 55 -19.32 -69.07 28.63
N CYS F 56 -20.37 -68.29 28.86
CA CYS F 56 -21.07 -68.28 30.13
C CYS F 56 -22.29 -67.39 29.97
N HIS F 57 -23.14 -67.38 31.02
CA HIS F 57 -24.33 -66.53 31.06
C HIS F 57 -24.18 -65.54 32.22
N VAL F 58 -24.62 -64.29 31.99
CA VAL F 58 -24.43 -63.19 32.92
C VAL F 58 -25.77 -62.58 33.33
N GLU F 59 -25.83 -62.11 34.58
CA GLU F 59 -27.07 -61.54 35.09
C GLU F 59 -27.48 -60.35 34.24
N GLU F 60 -28.72 -60.35 33.78
CA GLU F 60 -29.21 -59.38 32.80
C GLU F 60 -29.86 -58.21 33.52
N GLY F 61 -29.17 -57.06 33.52
CA GLY F 61 -29.72 -55.88 34.12
C GLY F 61 -30.77 -55.25 33.24
N ASP F 62 -31.68 -54.51 33.88
CA ASP F 62 -32.76 -53.82 33.18
C ASP F 62 -33.03 -52.54 33.92
N LYS F 63 -34.09 -51.83 33.53
CA LYS F 63 -34.33 -50.55 34.19
C LYS F 63 -34.26 -50.71 35.69
N ALA F 64 -34.97 -51.70 36.24
CA ALA F 64 -35.04 -51.84 37.68
C ALA F 64 -33.67 -52.03 38.30
N ASP F 65 -32.77 -52.77 37.64
CA ASP F 65 -31.43 -52.95 38.22
C ASP F 65 -30.62 -51.65 38.18
N VAL F 66 -30.70 -50.89 37.08
CA VAL F 66 -30.01 -49.59 37.03
C VAL F 66 -30.59 -48.63 38.08
N ASP F 67 -31.89 -48.72 38.40
CA ASP F 67 -32.48 -47.85 39.43
C ASP F 67 -31.72 -48.10 40.74
N LYS F 68 -31.48 -49.38 41.05
CA LYS F 68 -30.69 -49.79 42.19
C LYS F 68 -29.28 -49.21 42.11
N ALA F 69 -28.64 -49.31 40.93
CA ALA F 69 -27.25 -48.88 40.78
C ALA F 69 -27.09 -47.37 40.93
N VAL F 70 -28.03 -46.57 40.40
CA VAL F 70 -27.95 -45.11 40.52
C VAL F 70 -28.15 -44.65 41.96
N LYS F 71 -29.05 -45.32 42.70
CA LYS F 71 -29.25 -45.02 44.11
C LYS F 71 -27.95 -45.22 44.88
N ALA F 72 -27.21 -46.28 44.55
CA ALA F 72 -25.87 -46.50 45.15
C ALA F 72 -24.92 -45.36 44.79
N ALA F 73 -24.86 -45.01 43.50
CA ALA F 73 -23.90 -44.02 43.07
C ALA F 73 -24.23 -42.64 43.63
N ARG F 74 -25.53 -42.29 43.66
CA ARG F 74 -25.93 -41.00 44.22
C ARG F 74 -25.57 -40.89 45.69
N GLN F 75 -25.83 -41.96 46.47
CA GLN F 75 -25.51 -41.98 47.89
C GLN F 75 -24.02 -41.87 48.12
N ALA F 76 -23.20 -42.54 47.30
CA ALA F 76 -21.76 -42.40 47.42
C ALA F 76 -21.30 -40.99 47.10
N PHE F 77 -22.11 -40.21 46.40
CA PHE F 77 -21.69 -38.86 46.03
C PHE F 77 -22.18 -37.80 47.02
N GLN F 78 -22.98 -38.16 48.04
CA GLN F 78 -23.46 -37.17 48.99
C GLN F 78 -22.32 -36.53 49.75
N ILE F 79 -22.44 -35.24 50.01
CA ILE F 79 -21.49 -34.51 50.83
C ILE F 79 -21.34 -35.15 52.20
N GLY F 80 -20.10 -35.24 52.64
CA GLY F 80 -19.77 -35.93 53.86
C GLY F 80 -19.36 -37.37 53.64
N SER F 81 -19.50 -37.89 52.43
CA SER F 81 -19.11 -39.26 52.14
C SER F 81 -17.60 -39.39 52.01
N PRO F 82 -17.08 -40.60 52.23
CA PRO F 82 -15.63 -40.83 52.04
C PRO F 82 -15.13 -40.40 50.67
N TRP F 83 -15.90 -40.65 49.63
CA TRP F 83 -15.45 -40.30 48.29
C TRP F 83 -15.40 -38.80 48.08
N ARG F 84 -16.25 -38.05 48.80
CA ARG F 84 -16.27 -36.60 48.70
C ARG F 84 -15.32 -35.94 49.68
N THR F 85 -15.05 -36.56 50.81
CA THR F 85 -14.24 -35.91 51.82
C THR F 85 -12.77 -36.30 51.74
N MET F 86 -12.45 -37.38 51.01
CA MET F 86 -11.06 -37.78 50.93
C MET F 86 -10.23 -36.84 50.06
N ASP F 87 -8.93 -36.78 50.38
CA ASP F 87 -8.01 -35.98 49.59
C ASP F 87 -8.05 -36.44 48.14
N ALA F 88 -7.95 -35.47 47.22
CA ALA F 88 -7.86 -35.84 45.81
C ALA F 88 -6.66 -36.74 45.58
N SER F 89 -5.52 -36.46 46.25
CA SER F 89 -4.36 -37.32 46.06
C SER F 89 -4.68 -38.75 46.48
N GLU F 90 -5.61 -38.91 47.42
CA GLU F 90 -6.08 -40.24 47.81
C GLU F 90 -6.83 -40.90 46.65
N ARG F 91 -7.65 -40.14 45.91
CA ARG F 91 -8.25 -40.69 44.70
C ARG F 91 -7.17 -41.15 43.71
N GLY F 92 -6.08 -40.39 43.60
CA GLY F 92 -4.98 -40.82 42.75
C GLY F 92 -4.34 -42.11 43.25
N ARG F 93 -4.13 -42.20 44.56
CA ARG F 93 -3.54 -43.40 45.12
C ARG F 93 -4.41 -44.61 44.81
N LEU F 94 -5.74 -44.48 44.89
CA LEU F 94 -6.61 -45.60 44.56
C LEU F 94 -6.50 -45.98 43.09
N LEU F 95 -6.47 -44.98 42.20
CA LEU F 95 -6.33 -45.28 40.79
C LEU F 95 -4.97 -45.90 40.51
N ASN F 96 -3.93 -45.45 41.19
CA ASN F 96 -2.63 -46.07 40.99
C ASN F 96 -2.68 -47.53 41.45
N LYS F 97 -3.38 -47.81 42.56
CA LYS F 97 -3.48 -49.18 43.04
C LYS F 97 -4.25 -50.06 42.07
N LEU F 98 -5.31 -49.53 41.46
CA LEU F 98 -6.06 -50.31 40.49
C LEU F 98 -5.18 -50.63 39.29
N ALA F 99 -4.32 -49.70 38.90
CA ALA F 99 -3.41 -49.97 37.80
C ALA F 99 -2.45 -51.10 38.16
N ASP F 100 -1.87 -51.05 39.36
CA ASP F 100 -0.97 -52.11 39.78
C ASP F 100 -1.69 -53.44 39.82
N LEU F 101 -2.94 -53.45 40.28
CA LEU F 101 -3.67 -54.71 40.36
C LEU F 101 -3.87 -55.31 38.98
N MET F 102 -4.23 -54.47 38.01
CA MET F 102 -4.30 -54.92 36.63
C MET F 102 -2.95 -55.40 36.12
N GLU F 103 -1.87 -54.77 36.58
CA GLU F 103 -0.52 -55.19 36.19
C GLU F 103 -0.22 -56.62 36.63
N ARG F 104 -0.56 -56.93 37.88
CA ARG F 104 -0.38 -58.28 38.40
C ARG F 104 -1.23 -59.29 37.63
N ASP F 105 -2.48 -58.94 37.34
CA ASP F 105 -3.40 -59.81 36.64
C ASP F 105 -3.40 -59.59 35.14
N ARG F 106 -2.30 -59.06 34.59
CA ARG F 106 -2.22 -58.76 33.17
C ARG F 106 -2.53 -59.98 32.33
N LEU F 107 -1.95 -61.11 32.71
CA LEU F 107 -2.14 -62.33 31.95
C LEU F 107 -3.61 -62.77 31.95
N LEU F 108 -4.24 -62.80 33.14
CA LEU F 108 -5.63 -63.19 33.23
C LEU F 108 -6.51 -62.32 32.34
N LEU F 109 -6.39 -61.00 32.51
CA LEU F 109 -7.24 -60.05 31.80
C LEU F 109 -7.05 -60.17 30.30
N ALA F 110 -5.79 -60.23 29.88
CA ALA F 110 -5.47 -60.33 28.46
C ALA F 110 -6.10 -61.57 27.85
N THR F 111 -6.03 -62.69 28.56
CA THR F 111 -6.67 -63.89 28.03
C THR F 111 -8.17 -63.73 27.92
N MET F 112 -8.83 -63.22 28.96
CA MET F 112 -10.28 -63.07 28.84
C MET F 112 -10.62 -62.11 27.72
N GLU F 113 -9.87 -61.01 27.63
CA GLU F 113 -10.12 -60.01 26.61
C GLU F 113 -9.89 -60.58 25.21
N ALA F 114 -8.80 -61.32 25.02
CA ALA F 114 -8.54 -61.95 23.73
C ALA F 114 -9.56 -63.03 23.46
N LEU F 115 -9.96 -63.77 24.50
CA LEU F 115 -10.96 -64.84 24.34
C LEU F 115 -12.30 -64.28 23.89
N ASN F 116 -12.83 -63.28 24.63
CA ASN F 116 -14.18 -62.80 24.42
C ASN F 116 -14.29 -61.90 23.18
N GLY F 117 -13.23 -61.16 22.85
CA GLY F 117 -13.21 -60.36 21.64
C GLY F 117 -12.32 -61.04 20.62
N GLY F 118 -12.63 -60.89 19.35
CA GLY F 118 -11.61 -61.28 18.39
C GLY F 118 -10.39 -60.40 18.54
N LYS F 119 -9.28 -60.92 19.04
CA LYS F 119 -8.16 -60.04 19.31
C LYS F 119 -6.94 -60.91 19.52
N VAL F 120 -5.86 -60.58 18.83
CA VAL F 120 -4.63 -61.33 18.96
C VAL F 120 -4.19 -61.26 20.41
N PHE F 121 -3.98 -62.42 21.04
CA PHE F 121 -3.66 -62.42 22.47
C PHE F 121 -2.43 -61.56 22.75
N ALA F 122 -1.37 -61.71 21.95
CA ALA F 122 -0.20 -60.86 22.14
C ALA F 122 -0.56 -59.37 21.96
N ASN F 123 -1.46 -59.06 21.02
CA ASN F 123 -1.89 -57.68 20.81
C ASN F 123 -2.66 -57.17 22.02
N ALA F 124 -3.69 -57.93 22.42
CA ALA F 124 -4.52 -57.62 23.58
C ALA F 124 -3.75 -57.63 24.89
N TYR F 125 -2.63 -58.36 24.98
CA TYR F 125 -1.79 -58.41 26.17
C TYR F 125 -0.79 -57.23 26.24
N LEU F 126 -0.14 -56.84 25.13
CA LEU F 126 0.80 -55.70 25.13
C LEU F 126 0.15 -54.35 24.82
N SER F 127 -0.87 -54.32 23.94
CA SER F 127 -1.46 -53.07 23.53
C SER F 127 -2.76 -52.75 24.27
N ASP F 128 -3.69 -53.70 24.42
CA ASP F 128 -4.86 -53.32 25.19
C ASP F 128 -4.51 -53.16 26.66
N LEU F 129 -3.88 -54.16 27.28
CA LEU F 129 -3.59 -54.05 28.70
C LEU F 129 -2.49 -53.03 28.98
N GLY F 130 -1.44 -53.04 28.17
CA GLY F 130 -0.36 -52.06 28.36
C GLY F 130 -0.88 -50.64 28.32
N GLY F 131 -1.73 -50.33 27.34
CA GLY F 131 -2.33 -49.01 27.26
C GLY F 131 -3.29 -48.74 28.40
N CYS F 132 -4.02 -49.77 28.86
CA CYS F 132 -4.91 -49.64 30.02
C CYS F 132 -4.18 -49.17 31.25
N ILE F 133 -3.05 -49.80 31.53
CA ILE F 133 -2.31 -49.48 32.74
C ILE F 133 -1.76 -48.06 32.66
N LYS F 134 -1.25 -47.70 31.49
CA LYS F 134 -0.68 -46.38 31.27
C LYS F 134 -1.75 -45.29 31.39
N ALA F 135 -2.94 -45.56 30.84
CA ALA F 135 -4.02 -44.58 30.96
C ALA F 135 -4.44 -44.41 32.41
N LEU F 136 -4.55 -45.52 33.15
CA LEU F 136 -4.89 -45.41 34.55
C LEU F 136 -3.82 -44.64 35.29
N LYS F 137 -2.55 -44.91 35.01
CA LYS F 137 -1.49 -44.20 35.69
C LYS F 137 -1.56 -42.73 35.38
N TYR F 138 -1.88 -42.39 34.13
CA TYR F 138 -2.00 -41.00 33.74
C TYR F 138 -3.11 -40.29 34.49
N CYS F 139 -4.27 -40.94 34.61
CA CYS F 139 -5.40 -40.35 35.32
C CYS F 139 -5.11 -40.19 36.81
N ALA F 140 -4.47 -41.16 37.43
CA ALA F 140 -4.09 -41.01 38.84
C ALA F 140 -3.33 -39.71 39.07
N GLY F 141 -2.38 -39.41 38.19
CA GLY F 141 -1.55 -38.23 38.39
C GLY F 141 -2.29 -36.92 38.32
N TRP F 142 -3.44 -36.89 37.70
CA TRP F 142 -4.19 -35.66 37.56
C TRP F 142 -5.12 -35.33 38.71
N ALA F 143 -5.49 -36.32 39.54
CA ALA F 143 -6.56 -36.13 40.50
C ALA F 143 -6.35 -34.89 41.37
N ASP F 144 -5.12 -34.63 41.80
CA ASP F 144 -4.84 -33.47 42.64
C ASP F 144 -4.21 -32.31 41.87
N LYS F 145 -4.30 -32.30 40.55
CA LYS F 145 -3.83 -31.18 39.73
C LYS F 145 -4.99 -30.58 38.96
N ILE F 146 -6.20 -31.10 39.17
CA ILE F 146 -7.42 -30.43 38.77
C ILE F 146 -7.58 -29.22 39.66
N HIS F 147 -7.57 -28.03 39.07
CA HIS F 147 -7.66 -26.80 39.85
C HIS F 147 -8.69 -25.84 39.28
N GLY F 148 -9.13 -24.92 40.13
CA GLY F 148 -9.94 -23.80 39.74
C GLY F 148 -9.09 -22.53 39.70
N GLN F 149 -9.77 -21.39 39.59
CA GLN F 149 -9.13 -20.10 39.43
C GLN F 149 -9.61 -19.08 40.46
N THR F 150 -8.73 -18.14 40.80
CA THR F 150 -9.10 -16.92 41.51
C THR F 150 -9.03 -15.76 40.51
N ILE F 151 -10.14 -15.04 40.37
CA ILE F 151 -10.31 -14.13 39.23
C ILE F 151 -10.32 -12.69 39.72
N PRO F 152 -9.65 -11.74 39.02
CA PRO F 152 -9.66 -10.34 39.46
C PRO F 152 -10.86 -9.57 38.89
N SER F 153 -12.06 -9.98 39.27
CA SER F 153 -13.25 -9.40 38.66
C SER F 153 -13.54 -7.99 39.22
N ASP F 154 -14.42 -7.29 38.54
CA ASP F 154 -14.73 -5.93 38.93
C ASP F 154 -15.42 -5.90 40.28
N GLY F 155 -15.23 -4.79 40.99
CA GLY F 155 -15.88 -4.53 42.26
C GLY F 155 -15.09 -5.10 43.44
N ASP F 156 -15.46 -4.63 44.65
CA ASP F 156 -14.80 -5.03 45.89
C ASP F 156 -15.33 -6.42 46.26
N ILE F 157 -14.74 -7.42 45.64
CA ILE F 157 -15.21 -8.79 45.77
C ILE F 157 -14.02 -9.72 45.63
N PHE F 158 -14.14 -10.92 46.20
CA PHE F 158 -13.17 -11.99 46.02
C PHE F 158 -13.89 -13.13 45.31
N THR F 159 -13.52 -13.39 44.07
CA THR F 159 -14.19 -14.38 43.24
C THR F 159 -13.20 -15.49 42.93
N TYR F 160 -13.64 -16.72 43.10
CA TYR F 160 -12.84 -17.87 42.76
C TYR F 160 -13.75 -18.88 42.11
N THR F 161 -13.15 -19.90 41.51
CA THR F 161 -13.93 -21.00 40.96
C THR F 161 -13.58 -22.32 41.63
N ARG F 162 -14.52 -23.23 41.60
CA ARG F 162 -14.33 -24.57 42.09
C ARG F 162 -14.64 -25.47 40.92
N ARG F 163 -13.75 -26.42 40.63
CA ARG F 163 -13.99 -27.45 39.62
C ARG F 163 -14.42 -28.68 40.39
N GLU F 164 -15.71 -28.78 40.62
CA GLU F 164 -16.31 -29.85 41.40
C GLU F 164 -16.57 -31.06 40.50
N PRO F 165 -16.68 -32.25 41.07
CA PRO F 165 -17.18 -33.36 40.26
C PRO F 165 -18.65 -33.14 39.91
N ILE F 166 -19.05 -33.74 38.79
CA ILE F 166 -20.41 -33.59 38.29
C ILE F 166 -21.39 -34.37 39.15
N GLY F 167 -21.06 -35.61 39.48
CA GLY F 167 -22.02 -36.44 40.18
C GLY F 167 -22.09 -37.85 39.65
N VAL F 168 -23.29 -38.30 39.28
CA VAL F 168 -23.49 -39.65 38.78
C VAL F 168 -23.32 -39.65 37.27
N CYS F 169 -22.37 -40.43 36.78
CA CYS F 169 -22.08 -40.50 35.36
C CYS F 169 -22.35 -41.90 34.84
N GLY F 170 -23.29 -42.02 33.91
CA GLY F 170 -23.54 -43.27 33.23
C GLY F 170 -22.66 -43.37 32.00
N GLN F 171 -22.02 -44.52 31.83
CA GLN F 171 -20.99 -44.71 30.81
C GLN F 171 -21.27 -46.01 30.10
N ILE F 172 -21.54 -45.93 28.79
CA ILE F 172 -21.93 -47.07 27.97
C ILE F 172 -20.75 -47.46 27.10
N ILE F 173 -20.23 -48.67 27.32
CA ILE F 173 -18.97 -49.12 26.75
C ILE F 173 -19.22 -49.92 25.47
N PRO F 174 -18.42 -49.71 24.42
CA PRO F 174 -18.55 -50.53 23.21
C PRO F 174 -17.72 -51.81 23.31
N TRP F 175 -17.88 -52.66 22.29
CA TRP F 175 -17.31 -54.01 22.33
C TRP F 175 -15.95 -54.15 21.65
N ASN F 176 -15.48 -53.14 20.95
CA ASN F 176 -14.28 -53.33 20.14
C ASN F 176 -13.02 -53.38 21.00
N PHE F 177 -12.92 -52.45 21.95
CA PHE F 177 -11.78 -52.40 22.85
C PHE F 177 -12.40 -52.24 24.23
N PRO F 178 -12.91 -53.32 24.79
CA PRO F 178 -13.65 -53.23 26.07
C PRO F 178 -12.91 -52.62 27.24
N MET F 179 -11.67 -53.02 27.50
CA MET F 179 -10.98 -52.49 28.68
C MET F 179 -10.51 -51.05 28.45
N LEU F 180 -9.95 -50.75 27.27
CA LEU F 180 -9.49 -49.39 27.00
C LEU F 180 -10.66 -48.43 27.08
N MET F 181 -11.75 -48.74 26.37
CA MET F 181 -12.96 -47.93 26.47
C MET F 181 -13.44 -47.84 27.90
N PHE F 182 -13.38 -48.95 28.63
CA PHE F 182 -13.79 -48.93 30.03
C PHE F 182 -12.95 -47.95 30.83
N ILE F 183 -11.62 -48.11 30.73
CA ILE F 183 -10.67 -47.26 31.45
C ILE F 183 -10.76 -45.82 30.97
N TRP F 184 -10.88 -45.63 29.66
CA TRP F 184 -10.89 -44.29 29.09
C TRP F 184 -12.08 -43.50 29.59
N LYS F 185 -13.14 -44.18 30.01
CA LYS F 185 -14.30 -43.47 30.53
C LYS F 185 -14.23 -43.33 32.05
N ILE F 186 -13.84 -44.38 32.80
CA ILE F 186 -13.89 -44.21 34.26
C ILE F 186 -12.65 -43.53 34.82
N GLY F 187 -11.50 -43.67 34.16
CA GLY F 187 -10.27 -43.12 34.67
C GLY F 187 -10.40 -41.64 34.93
N PRO F 188 -10.79 -40.88 33.90
CA PRO F 188 -11.09 -39.46 34.14
C PRO F 188 -12.26 -39.26 35.09
N ALA F 189 -13.32 -40.06 34.95
CA ALA F 189 -14.52 -39.89 35.77
C ALA F 189 -14.20 -39.98 37.27
N LEU F 190 -13.41 -40.97 37.66
CA LEU F 190 -13.04 -41.14 39.07
C LEU F 190 -11.98 -40.15 39.50
N SER F 191 -11.06 -39.83 38.60
CA SER F 191 -9.98 -38.90 38.91
C SER F 191 -10.54 -37.56 39.38
N CYS F 192 -11.63 -37.13 38.76
CA CYS F 192 -12.29 -35.89 39.11
C CYS F 192 -13.26 -36.04 40.28
N GLY F 193 -13.49 -37.25 40.78
CA GLY F 193 -14.34 -37.45 41.93
C GLY F 193 -15.79 -37.78 41.65
N ASN F 194 -16.13 -38.20 40.44
CA ASN F 194 -17.50 -38.61 40.15
C ASN F 194 -17.77 -40.02 40.67
N THR F 195 -19.02 -40.45 40.57
CA THR F 195 -19.37 -41.85 40.72
C THR F 195 -20.05 -42.29 39.43
N VAL F 196 -19.89 -43.57 39.09
CA VAL F 196 -20.25 -44.04 37.76
C VAL F 196 -21.08 -45.30 37.81
N VAL F 197 -21.95 -45.42 36.81
CA VAL F 197 -22.72 -46.61 36.52
C VAL F 197 -22.31 -46.99 35.12
N VAL F 198 -21.61 -48.12 34.98
CA VAL F 198 -21.07 -48.53 33.69
C VAL F 198 -21.96 -49.61 33.13
N LYS F 199 -22.24 -49.54 31.84
CA LYS F 199 -22.95 -50.60 31.15
C LYS F 199 -22.01 -51.10 30.06
N PRO F 200 -21.32 -52.21 30.27
CA PRO F 200 -20.41 -52.72 29.25
C PRO F 200 -21.20 -53.30 28.06
N ALA F 201 -20.48 -53.57 26.99
CA ALA F 201 -21.14 -54.14 25.83
C ALA F 201 -21.77 -55.48 26.20
N GLU F 202 -22.92 -55.78 25.60
CA GLU F 202 -23.56 -57.05 25.85
C GLU F 202 -22.70 -58.21 25.35
N GLN F 203 -21.97 -57.97 24.26
CA GLN F 203 -21.10 -59.00 23.70
C GLN F 203 -19.88 -59.23 24.58
N THR F 204 -19.41 -58.20 25.29
CA THR F 204 -18.13 -58.25 26.00
C THR F 204 -18.25 -57.68 27.43
N PRO F 205 -18.98 -58.35 28.32
CA PRO F 205 -19.08 -57.83 29.69
C PRO F 205 -18.02 -58.37 30.63
N LEU F 206 -17.29 -59.42 30.24
CA LEU F 206 -16.52 -60.20 31.21
C LEU F 206 -15.39 -59.40 31.85
N THR F 207 -14.55 -58.76 31.04
CA THR F 207 -13.38 -58.09 31.59
C THR F 207 -13.78 -56.96 32.54
N ALA F 208 -14.88 -56.27 32.25
CA ALA F 208 -15.34 -55.20 33.14
C ALA F 208 -15.70 -55.75 34.52
N LEU F 209 -16.36 -56.92 34.55
CA LEU F 209 -16.72 -57.54 35.83
C LEU F 209 -15.49 -57.94 36.65
N HIS F 210 -14.47 -58.54 36.02
CA HIS F 210 -13.27 -58.86 36.78
C HIS F 210 -12.56 -57.59 37.25
N LEU F 211 -12.64 -56.50 36.48
CA LEU F 211 -12.08 -55.26 36.98
C LEU F 211 -12.88 -54.72 38.14
N ALA F 212 -14.19 -54.93 38.13
CA ALA F 212 -15.00 -54.53 39.27
C ALA F 212 -14.48 -55.19 40.55
N SER F 213 -14.13 -56.49 40.48
CA SER F 213 -13.57 -57.18 41.63
C SER F 213 -12.26 -56.56 42.05
N LEU F 214 -11.43 -56.14 41.07
CA LEU F 214 -10.17 -55.48 41.40
C LEU F 214 -10.40 -54.09 41.98
N ILE F 215 -11.46 -53.40 41.54
CA ILE F 215 -11.79 -52.11 42.11
C ILE F 215 -12.14 -52.29 43.58
N LYS F 216 -12.95 -53.32 43.87
CA LYS F 216 -13.22 -53.70 45.25
C LYS F 216 -11.93 -53.94 46.00
N GLU F 217 -11.01 -54.74 45.42
CA GLU F 217 -9.77 -55.05 46.10
C GLU F 217 -8.95 -53.78 46.35
N ALA F 218 -8.97 -52.82 45.43
CA ALA F 218 -8.18 -51.61 45.57
C ALA F 218 -8.67 -50.72 46.69
N GLY F 219 -9.92 -50.90 47.12
CA GLY F 219 -10.43 -50.16 48.26
C GLY F 219 -11.31 -48.97 47.95
N PHE F 220 -11.89 -48.90 46.76
CA PHE F 220 -12.80 -47.81 46.45
C PHE F 220 -14.04 -47.89 47.34
N PRO F 221 -14.54 -46.76 47.85
CA PRO F 221 -15.75 -46.82 48.68
C PRO F 221 -16.91 -47.40 47.95
N PRO F 222 -17.85 -48.05 48.66
CA PRO F 222 -18.99 -48.69 48.01
C PRO F 222 -19.85 -47.68 47.27
N GLY F 223 -20.37 -48.11 46.13
CA GLY F 223 -21.21 -47.29 45.30
C GLY F 223 -20.46 -46.40 44.31
N VAL F 224 -19.13 -46.29 44.45
CA VAL F 224 -18.37 -45.37 43.62
C VAL F 224 -18.29 -45.88 42.20
N VAL F 225 -18.22 -47.20 42.02
CA VAL F 225 -18.23 -47.84 40.70
C VAL F 225 -19.31 -48.90 40.70
N ASN F 226 -20.25 -48.79 39.78
CA ASN F 226 -21.30 -49.79 39.62
C ASN F 226 -21.32 -50.25 38.17
N ILE F 227 -21.46 -51.55 37.94
CA ILE F 227 -21.48 -52.09 36.59
C ILE F 227 -22.74 -52.94 36.43
N VAL F 228 -23.52 -52.62 35.42
CA VAL F 228 -24.74 -53.35 35.10
C VAL F 228 -24.62 -53.85 33.67
N PRO F 229 -24.19 -55.09 33.46
CA PRO F 229 -24.24 -55.66 32.11
C PRO F 229 -25.69 -55.82 31.66
N GLY F 230 -25.87 -55.92 30.36
CA GLY F 230 -27.20 -56.07 29.81
C GLY F 230 -27.21 -55.53 28.40
N TYR F 231 -28.42 -55.35 27.88
CA TYR F 231 -28.58 -54.91 26.49
C TYR F 231 -28.67 -53.39 26.40
N GLY F 232 -28.42 -52.89 25.18
CA GLY F 232 -28.45 -51.47 24.90
C GLY F 232 -29.84 -50.88 25.01
N PRO F 233 -30.82 -51.43 24.27
CA PRO F 233 -32.18 -50.92 24.36
C PRO F 233 -32.93 -51.26 25.65
N THR F 234 -32.31 -51.98 26.62
CA THR F 234 -32.93 -52.24 27.91
C THR F 234 -32.24 -51.56 29.08
N ALA F 235 -30.91 -51.51 29.10
CA ALA F 235 -30.20 -50.95 30.22
C ALA F 235 -29.61 -49.62 29.88
N GLY F 236 -29.19 -49.47 28.62
CA GLY F 236 -28.74 -48.17 28.18
C GLY F 236 -29.88 -47.18 28.22
N ALA F 237 -31.05 -47.57 27.72
CA ALA F 237 -32.18 -46.65 27.71
C ALA F 237 -32.52 -46.16 29.12
N ALA F 238 -32.53 -47.06 30.10
CA ALA F 238 -32.82 -46.65 31.48
C ALA F 238 -31.73 -45.74 32.03
N ILE F 239 -30.47 -45.99 31.64
CA ILE F 239 -29.37 -45.12 32.06
C ILE F 239 -29.53 -43.73 31.46
N SER F 240 -29.66 -43.67 30.13
CA SER F 240 -29.67 -42.38 29.45
C SER F 240 -30.91 -41.57 29.77
N SER F 241 -32.01 -42.24 30.10
CA SER F 241 -33.27 -41.55 30.41
C SER F 241 -33.50 -41.38 31.90
N HIS F 242 -32.52 -41.72 32.73
CA HIS F 242 -32.70 -41.64 34.18
C HIS F 242 -32.78 -40.19 34.64
N MET F 243 -33.65 -39.94 35.62
CA MET F 243 -33.82 -38.57 36.11
C MET F 243 -32.74 -38.17 37.11
N ASP F 244 -31.94 -39.10 37.60
CA ASP F 244 -30.93 -38.82 38.61
C ASP F 244 -29.50 -39.11 38.15
N VAL F 245 -29.28 -39.29 36.86
CA VAL F 245 -27.94 -39.40 36.30
C VAL F 245 -27.60 -38.03 35.74
N ASP F 246 -26.46 -37.48 36.15
CA ASP F 246 -26.09 -36.13 35.74
C ASP F 246 -25.40 -36.08 34.38
N LYS F 247 -24.68 -37.14 34.00
CA LYS F 247 -24.01 -37.15 32.70
C LYS F 247 -24.01 -38.55 32.13
N VAL F 248 -24.05 -38.63 30.80
CA VAL F 248 -23.88 -39.89 30.08
C VAL F 248 -22.77 -39.72 29.07
N ALA F 249 -21.83 -40.67 29.05
CA ALA F 249 -20.79 -40.76 28.05
C ALA F 249 -20.99 -42.05 27.27
N PHE F 250 -20.97 -41.96 25.94
CA PHE F 250 -21.34 -43.10 25.10
C PHE F 250 -20.37 -43.21 23.94
N THR F 251 -19.88 -44.40 23.65
CA THR F 251 -19.13 -44.63 22.42
C THR F 251 -19.88 -45.65 21.58
N GLY F 252 -20.08 -45.37 20.30
CA GLY F 252 -20.79 -46.35 19.51
C GLY F 252 -21.29 -45.82 18.18
N SER F 253 -22.41 -46.40 17.74
CA SER F 253 -22.93 -46.07 16.44
C SER F 253 -23.55 -44.69 16.44
N THR F 254 -23.61 -44.10 15.24
CA THR F 254 -24.17 -42.77 15.13
C THR F 254 -25.65 -42.78 15.48
N GLN F 255 -26.38 -43.78 14.99
CA GLN F 255 -27.79 -43.78 15.23
C GLN F 255 -28.09 -43.86 16.71
N VAL F 256 -27.40 -44.73 17.46
CA VAL F 256 -27.67 -44.84 18.88
C VAL F 256 -27.30 -43.55 19.62
N GLY F 257 -26.21 -42.89 19.22
CA GLY F 257 -25.87 -41.60 19.80
C GLY F 257 -26.97 -40.57 19.58
N LYS F 258 -27.56 -40.58 18.38
CA LYS F 258 -28.71 -39.75 18.08
C LYS F 258 -29.81 -40.02 19.11
N LEU F 259 -30.06 -41.32 19.41
CA LEU F 259 -31.06 -41.69 20.41
C LEU F 259 -30.65 -41.22 21.81
N ILE F 260 -29.35 -41.27 22.13
CA ILE F 260 -28.89 -40.92 23.47
C ILE F 260 -29.05 -39.43 23.75
N LYS F 261 -28.56 -38.59 22.83
CA LYS F 261 -28.66 -37.14 23.03
C LYS F 261 -30.12 -36.70 23.11
N GLU F 262 -30.96 -37.27 22.25
CA GLU F 262 -32.38 -36.94 22.25
C GLU F 262 -33.02 -37.35 23.58
N ALA F 263 -32.69 -38.54 24.07
CA ALA F 263 -33.26 -38.96 25.35
C ALA F 263 -32.77 -38.07 26.47
N ALA F 264 -31.51 -37.63 26.41
CA ALA F 264 -31.00 -36.71 27.42
C ALA F 264 -31.79 -35.40 27.44
N GLY F 265 -32.09 -34.85 26.26
CA GLY F 265 -32.93 -33.67 26.21
C GLY F 265 -34.31 -33.94 26.78
N LYS F 266 -34.89 -35.08 26.42
CA LYS F 266 -36.25 -35.41 26.85
C LYS F 266 -36.33 -35.72 28.34
N SER F 267 -35.23 -36.21 28.93
CA SER F 267 -35.28 -36.79 30.27
C SER F 267 -34.93 -35.83 31.41
N ASN F 268 -33.67 -35.44 31.58
CA ASN F 268 -33.37 -34.50 32.65
C ASN F 268 -32.23 -33.56 32.29
N LEU F 269 -32.18 -33.12 31.02
CA LEU F 269 -31.08 -32.34 30.47
C LEU F 269 -29.73 -32.75 31.03
N LYS F 270 -29.41 -34.02 31.00
CA LYS F 270 -28.10 -34.42 31.48
C LYS F 270 -27.06 -34.05 30.43
N ARG F 271 -25.82 -33.84 30.89
CA ARG F 271 -24.73 -33.61 29.97
C ARG F 271 -24.46 -34.89 29.19
N VAL F 272 -24.02 -34.76 27.93
CA VAL F 272 -23.80 -35.91 27.07
C VAL F 272 -22.43 -35.80 26.43
N THR F 273 -21.62 -36.84 26.51
CA THR F 273 -20.42 -36.87 25.69
C THR F 273 -20.45 -38.20 24.98
N LEU F 274 -20.56 -38.17 23.70
CA LEU F 274 -20.60 -39.40 22.95
C LEU F 274 -19.54 -39.28 21.86
N GLU F 275 -18.93 -40.41 21.53
CA GLU F 275 -17.92 -40.52 20.51
C GLU F 275 -18.38 -41.57 19.52
N LEU F 276 -18.65 -41.15 18.29
CA LEU F 276 -19.23 -42.00 17.29
C LEU F 276 -18.18 -42.61 16.38
N GLY F 277 -18.63 -43.31 15.35
CA GLY F 277 -17.73 -43.97 14.45
C GLY F 277 -17.14 -42.96 13.52
N GLY F 278 -16.28 -43.43 12.63
CA GLY F 278 -15.70 -42.52 11.67
C GLY F 278 -15.61 -43.10 10.28
N LYS F 279 -15.36 -42.16 9.35
CA LYS F 279 -14.84 -42.47 8.02
C LYS F 279 -13.64 -41.54 7.90
N SER F 280 -12.48 -42.05 8.27
CA SER F 280 -11.33 -41.21 8.52
C SER F 280 -10.43 -41.26 7.30
N PRO F 281 -10.15 -40.14 6.65
CA PRO F 281 -9.41 -40.21 5.40
C PRO F 281 -7.90 -40.02 5.58
N CYS F 282 -7.14 -40.61 4.68
CA CYS F 282 -5.71 -40.40 4.59
C CYS F 282 -5.41 -39.73 3.27
N ILE F 283 -4.51 -38.75 3.28
CA ILE F 283 -4.07 -38.11 2.05
C ILE F 283 -2.59 -38.45 1.90
N VAL F 284 -2.25 -39.13 0.80
CA VAL F 284 -0.88 -39.54 0.52
C VAL F 284 -0.35 -38.70 -0.64
N PHE F 285 0.66 -37.88 -0.36
CA PHE F 285 1.23 -37.00 -1.37
C PHE F 285 2.40 -37.66 -2.09
N ALA F 286 2.63 -37.22 -3.33
CA ALA F 286 3.66 -37.85 -4.15
C ALA F 286 5.02 -37.80 -3.48
N ASP F 287 5.31 -36.75 -2.72
CA ASP F 287 6.60 -36.59 -2.05
C ASP F 287 6.67 -37.31 -0.72
N ALA F 288 5.66 -38.07 -0.34
CA ALA F 288 5.76 -38.76 0.93
C ALA F 288 6.82 -39.84 0.87
N ASP F 289 7.31 -40.19 2.04
CA ASP F 289 8.13 -41.40 2.09
C ASP F 289 7.11 -42.54 2.01
N LEU F 290 6.92 -43.03 0.77
CA LEU F 290 5.79 -43.90 0.44
C LEU F 290 5.78 -45.22 1.20
N ASP F 291 6.93 -45.81 1.50
CA ASP F 291 6.90 -47.12 2.14
C ASP F 291 6.18 -47.04 3.47
N ILE F 292 6.52 -46.02 4.25
CA ILE F 292 5.93 -45.81 5.57
C ILE F 292 4.42 -45.53 5.46
N ALA F 293 3.97 -44.86 4.40
CA ALA F 293 2.54 -44.59 4.24
C ALA F 293 1.72 -45.89 4.13
N VAL F 294 2.15 -46.85 3.30
CA VAL F 294 1.40 -48.10 3.20
C VAL F 294 1.41 -48.81 4.55
N GLU F 295 2.59 -48.85 5.20
CA GLU F 295 2.69 -49.55 6.47
C GLU F 295 1.68 -49.01 7.48
N PHE F 296 1.58 -47.68 7.61
CA PHE F 296 0.67 -47.07 8.59
C PHE F 296 -0.78 -47.03 8.13
N ALA F 297 -1.03 -46.72 6.86
CA ALA F 297 -2.41 -46.72 6.36
C ALA F 297 -3.00 -48.12 6.43
N HIS F 298 -2.21 -49.13 6.06
CA HIS F 298 -2.61 -50.52 6.21
C HIS F 298 -2.94 -50.85 7.67
N HIS F 299 -2.04 -50.51 8.58
CA HIS F 299 -2.27 -50.74 10.01
C HIS F 299 -3.54 -50.04 10.46
N GLY F 300 -3.74 -48.80 10.00
CA GLY F 300 -4.89 -48.03 10.44
C GLY F 300 -6.24 -48.51 9.94
N VAL F 301 -6.28 -49.27 8.84
CA VAL F 301 -7.57 -49.75 8.33
C VAL F 301 -7.82 -51.21 8.73
N PHE F 302 -6.77 -51.97 9.04
CA PHE F 302 -6.90 -53.39 9.35
C PHE F 302 -6.79 -53.75 10.82
N TYR F 303 -6.22 -52.87 11.66
CA TYR F 303 -5.93 -53.20 13.05
C TYR F 303 -7.18 -53.65 13.80
N HIS F 304 -7.00 -54.68 14.60
CA HIS F 304 -8.11 -55.38 15.23
C HIS F 304 -9.20 -55.64 14.19
N GLN F 305 -8.71 -56.09 13.03
CA GLN F 305 -9.57 -56.48 11.93
C GLN F 305 -10.59 -55.38 11.54
N GLY F 306 -10.15 -54.13 11.52
CA GLY F 306 -11.00 -53.02 11.09
C GLY F 306 -12.16 -52.63 12.00
N GLN F 307 -12.15 -53.11 13.24
CA GLN F 307 -13.13 -52.68 14.23
C GLN F 307 -12.59 -51.52 15.07
N CYS F 308 -11.45 -50.97 14.69
CA CYS F 308 -10.83 -49.94 15.52
C CYS F 308 -11.65 -48.68 15.53
N CYS F 309 -11.56 -47.98 16.66
CA CYS F 309 -12.27 -46.74 16.86
C CYS F 309 -12.04 -45.79 15.67
N VAL F 310 -10.80 -45.68 15.19
CA VAL F 310 -10.48 -44.81 14.04
C VAL F 310 -9.88 -45.67 12.92
N ALA F 311 -10.73 -46.21 12.04
CA ALA F 311 -10.23 -46.96 10.91
C ALA F 311 -10.08 -46.00 9.74
N ALA F 312 -8.92 -46.05 9.07
CA ALA F 312 -8.65 -45.17 7.91
C ALA F 312 -9.15 -45.87 6.65
N SER F 313 -10.45 -45.81 6.45
CA SER F 313 -11.12 -46.58 5.41
C SER F 313 -11.20 -45.87 4.07
N ARG F 314 -10.76 -44.61 3.98
CA ARG F 314 -10.67 -43.90 2.72
C ARG F 314 -9.24 -43.40 2.56
N ILE F 315 -8.56 -43.85 1.52
CA ILE F 315 -7.15 -43.55 1.29
C ILE F 315 -7.01 -42.82 -0.03
N PHE F 316 -6.64 -41.54 0.03
CA PHE F 316 -6.41 -40.73 -1.16
C PHE F 316 -4.93 -40.75 -1.53
N VAL F 317 -4.63 -41.14 -2.76
CA VAL F 317 -3.25 -41.23 -3.24
C VAL F 317 -3.10 -40.34 -4.47
N GLU F 318 -1.96 -39.63 -4.53
CA GLU F 318 -1.71 -38.73 -5.65
C GLU F 318 -1.37 -39.56 -6.88
N GLU F 319 -1.85 -39.11 -8.04
CA GLU F 319 -1.73 -39.87 -9.28
C GLU F 319 -0.32 -40.36 -9.49
N SER F 320 0.67 -39.54 -9.12
CA SER F 320 2.07 -39.91 -9.32
C SER F 320 2.41 -41.24 -8.64
N VAL F 321 1.83 -41.48 -7.47
CA VAL F 321 2.14 -42.68 -6.70
C VAL F 321 0.93 -43.59 -6.59
N TYR F 322 -0.16 -43.28 -7.29
CA TYR F 322 -1.40 -44.03 -7.10
C TYR F 322 -1.16 -45.52 -7.32
N ASP F 323 -0.71 -45.89 -8.52
CA ASP F 323 -0.46 -47.30 -8.79
C ASP F 323 0.74 -47.85 -8.05
N GLU F 324 1.79 -47.05 -7.91
CA GLU F 324 2.93 -47.52 -7.14
C GLU F 324 2.48 -47.88 -5.72
N PHE F 325 1.60 -47.05 -5.12
CA PHE F 325 1.01 -47.37 -3.82
C PHE F 325 0.12 -48.61 -3.87
N VAL F 326 -0.90 -48.58 -4.76
CA VAL F 326 -1.87 -49.67 -4.80
C VAL F 326 -1.15 -50.98 -5.10
N LYS F 327 -0.12 -50.94 -5.94
CA LYS F 327 0.67 -52.15 -6.15
C LYS F 327 1.21 -52.68 -4.83
N ARG F 328 1.87 -51.80 -4.06
CA ARG F 328 2.48 -52.20 -2.80
C ARG F 328 1.46 -52.47 -1.70
N SER F 329 0.31 -51.77 -1.69
CA SER F 329 -0.62 -51.97 -0.59
C SER F 329 -1.12 -53.40 -0.52
N VAL F 330 -1.63 -53.93 -1.64
CA VAL F 330 -2.09 -55.30 -1.70
C VAL F 330 -0.92 -56.25 -1.49
N GLU F 331 0.31 -55.77 -1.68
CA GLU F 331 1.45 -56.60 -1.36
C GLU F 331 1.46 -56.91 0.15
N ARG F 332 1.14 -55.92 1.00
CA ARG F 332 1.11 -56.17 2.44
C ARG F 332 -0.12 -56.94 2.93
N ALA F 333 -1.26 -56.79 2.27
CA ALA F 333 -2.52 -57.28 2.84
C ALA F 333 -2.61 -58.81 2.99
N LYS F 334 -1.83 -59.58 2.24
CA LYS F 334 -1.89 -61.05 2.28
C LYS F 334 -0.94 -61.71 3.31
N LYS F 335 -0.34 -60.97 4.25
CA LYS F 335 0.64 -61.61 5.14
C LYS F 335 0.04 -62.08 6.44
N TYR F 336 -1.29 -62.03 6.56
CA TYR F 336 -1.91 -62.36 7.83
C TYR F 336 -2.51 -63.77 7.81
N VAL F 337 -2.72 -64.31 9.01
CA VAL F 337 -3.15 -65.69 9.25
C VAL F 337 -4.42 -65.70 10.07
N LEU F 338 -5.52 -66.16 9.47
CA LEU F 338 -6.80 -66.18 10.17
C LEU F 338 -6.96 -67.46 10.98
N GLY F 339 -7.65 -67.33 12.11
CA GLY F 339 -7.86 -68.42 13.04
C GLY F 339 -8.17 -67.91 14.45
N ASN F 340 -8.04 -68.83 15.40
CA ASN F 340 -8.29 -68.57 16.82
C ASN F 340 -7.39 -67.45 17.39
N PRO F 341 -7.95 -66.41 18.01
CA PRO F 341 -7.12 -65.31 18.53
C PRO F 341 -6.04 -65.74 19.51
N LEU F 342 -6.22 -66.89 20.19
CA LEU F 342 -5.24 -67.37 21.17
C LEU F 342 -4.14 -68.26 20.59
N THR F 343 -4.32 -68.85 19.40
CA THR F 343 -3.29 -69.70 18.82
C THR F 343 -2.11 -68.85 18.34
N PRO F 344 -0.87 -69.21 18.69
CA PRO F 344 0.27 -68.41 18.25
C PRO F 344 0.48 -68.49 16.75
N GLY F 345 0.78 -67.34 16.12
CA GLY F 345 0.97 -67.26 14.69
C GLY F 345 -0.22 -66.70 13.94
N ILE F 346 -1.39 -66.67 14.56
CA ILE F 346 -2.54 -66.08 13.94
C ILE F 346 -2.44 -64.57 13.95
N ASN F 347 -2.71 -63.94 12.80
CA ASN F 347 -2.60 -62.50 12.65
C ASN F 347 -3.95 -61.81 12.68
N GLN F 348 -5.02 -62.52 12.35
CA GLN F 348 -6.33 -61.89 12.27
C GLN F 348 -7.34 -62.84 12.86
N GLY F 349 -8.02 -62.40 13.91
CA GLY F 349 -9.02 -63.20 14.54
C GLY F 349 -10.36 -62.93 13.89
N PRO F 350 -11.44 -63.29 14.58
CA PRO F 350 -12.75 -63.02 14.02
C PRO F 350 -13.22 -61.61 14.37
N GLN F 351 -14.07 -61.05 13.46
CA GLN F 351 -14.89 -59.87 13.76
C GLN F 351 -15.96 -60.28 14.74
N ILE F 352 -16.06 -59.55 15.86
CA ILE F 352 -16.99 -59.94 16.92
C ILE F 352 -18.43 -59.67 16.45
N ASP F 353 -19.28 -60.71 16.60
CA ASP F 353 -20.71 -60.90 16.29
C ASP F 353 -21.10 -60.79 14.81
N LYS F 354 -22.38 -61.08 14.50
CA LYS F 354 -22.92 -61.22 13.15
C LYS F 354 -23.32 -59.93 12.43
N GLU F 355 -24.00 -59.00 13.11
CA GLU F 355 -24.38 -57.77 12.41
C GLU F 355 -23.15 -57.16 11.79
N GLN F 356 -22.03 -57.25 12.52
CA GLN F 356 -20.75 -56.81 12.01
C GLN F 356 -20.31 -57.70 10.85
N HIS F 357 -20.44 -59.02 11.00
CA HIS F 357 -20.18 -59.89 9.85
C HIS F 357 -21.15 -59.55 8.72
N ASP F 358 -22.46 -59.88 8.87
CA ASP F 358 -23.42 -59.67 7.79
C ASP F 358 -23.27 -58.32 7.11
N LYS F 359 -23.23 -57.25 7.90
CA LYS F 359 -23.10 -55.90 7.33
C LYS F 359 -21.85 -55.79 6.47
N ILE F 360 -20.70 -56.27 6.96
CA ILE F 360 -19.46 -56.17 6.20
C ILE F 360 -19.61 -56.88 4.88
N LEU F 361 -20.13 -58.12 4.90
CA LEU F 361 -20.21 -58.93 3.68
C LEU F 361 -21.14 -58.31 2.64
N ASP F 362 -22.34 -57.89 3.05
CA ASP F 362 -23.25 -57.25 2.11
C ASP F 362 -22.62 -55.99 1.53
N LEU F 363 -21.95 -55.21 2.37
CA LEU F 363 -21.32 -53.98 1.92
C LEU F 363 -20.18 -54.27 0.93
N ILE F 364 -19.33 -55.27 1.22
CA ILE F 364 -18.29 -55.64 0.25
C ILE F 364 -18.93 -56.08 -1.06
N GLU F 365 -19.98 -56.89 -0.96
CA GLU F 365 -20.70 -57.35 -2.14
C GLU F 365 -21.24 -56.15 -2.91
N SER F 366 -21.77 -55.16 -2.18
CA SER F 366 -22.17 -53.91 -2.79
C SER F 366 -20.99 -53.18 -3.45
N GLY F 367 -19.87 -53.05 -2.74
CA GLY F 367 -18.71 -52.40 -3.33
C GLY F 367 -18.22 -53.08 -4.60
N LYS F 368 -18.15 -54.40 -4.55
CA LYS F 368 -17.75 -55.16 -5.73
C LYS F 368 -18.81 -55.02 -6.84
N LYS F 369 -20.09 -54.94 -6.44
CA LYS F 369 -21.19 -54.82 -7.41
C LYS F 369 -21.16 -53.52 -8.20
N GLU F 370 -20.78 -52.39 -7.60
CA GLU F 370 -20.73 -51.12 -8.36
C GLU F 370 -19.42 -50.94 -9.12
N GLY F 371 -18.64 -52.01 -9.25
CA GLY F 371 -17.46 -52.06 -10.09
C GLY F 371 -16.20 -51.51 -9.48
N ALA F 372 -16.04 -51.60 -8.17
CA ALA F 372 -14.75 -51.26 -7.61
C ALA F 372 -13.85 -52.44 -7.91
N LYS F 373 -12.61 -52.18 -8.27
CA LYS F 373 -11.74 -53.26 -8.70
C LYS F 373 -11.27 -53.97 -7.45
N LEU F 374 -11.60 -55.24 -7.35
CA LEU F 374 -11.16 -56.00 -6.19
C LEU F 374 -9.72 -56.38 -6.45
N GLU F 375 -8.82 -55.97 -5.57
CA GLU F 375 -7.41 -56.20 -5.79
C GLU F 375 -6.97 -57.47 -5.11
N CYS F 376 -7.53 -57.76 -3.95
CA CYS F 376 -7.28 -59.03 -3.27
C CYS F 376 -8.41 -59.16 -2.28
N GLY F 377 -8.67 -60.39 -1.83
CA GLY F 377 -9.71 -60.62 -0.85
C GLY F 377 -11.10 -60.48 -1.45
N GLY F 378 -12.08 -60.07 -0.64
CA GLY F 378 -13.43 -59.87 -1.08
C GLY F 378 -14.44 -60.89 -0.61
N GLY F 379 -14.04 -61.89 0.18
CA GLY F 379 -14.96 -62.96 0.55
C GLY F 379 -14.80 -63.51 1.95
N ARG F 380 -15.57 -64.52 2.36
CA ARG F 380 -15.42 -65.02 3.73
C ARG F 380 -14.20 -65.95 3.85
N TRP F 381 -13.85 -66.32 5.09
CA TRP F 381 -12.81 -67.30 5.40
C TRP F 381 -13.35 -68.22 6.48
N GLY F 382 -13.22 -69.53 6.24
CA GLY F 382 -13.55 -70.55 7.21
C GLY F 382 -14.99 -70.98 7.36
N ASN F 383 -15.17 -72.09 8.07
CA ASN F 383 -16.49 -72.71 8.15
C ASN F 383 -17.23 -72.27 9.41
N LYS F 384 -16.50 -71.96 10.47
CA LYS F 384 -17.09 -71.59 11.74
C LYS F 384 -16.58 -70.25 12.24
N GLY F 385 -17.44 -69.51 12.92
CA GLY F 385 -17.01 -68.22 13.41
C GLY F 385 -17.38 -67.10 12.45
N PHE F 386 -17.01 -65.91 12.85
CA PHE F 386 -17.27 -64.71 12.06
C PHE F 386 -15.92 -64.23 11.56
N PHE F 387 -15.58 -64.64 10.35
CA PHE F 387 -14.36 -64.20 9.69
C PHE F 387 -14.70 -63.57 8.36
N VAL F 388 -13.96 -62.53 8.01
CA VAL F 388 -14.05 -61.88 6.71
C VAL F 388 -12.63 -61.73 6.22
N GLN F 389 -12.38 -62.19 5.00
CA GLN F 389 -11.03 -62.15 4.47
C GLN F 389 -10.55 -60.71 4.27
N PRO F 390 -9.26 -60.45 4.48
CA PRO F 390 -8.74 -59.11 4.18
C PRO F 390 -9.07 -58.73 2.74
N THR F 391 -9.85 -57.67 2.59
CA THR F 391 -10.31 -57.21 1.29
C THR F 391 -9.70 -55.85 1.01
N VAL F 392 -9.26 -55.63 -0.23
CA VAL F 392 -8.77 -54.33 -0.66
C VAL F 392 -9.42 -53.99 -1.99
N PHE F 393 -10.10 -52.85 -2.03
CA PHE F 393 -10.74 -52.33 -3.23
C PHE F 393 -9.93 -51.12 -3.69
N SER F 394 -9.69 -51.02 -4.99
CA SER F 394 -9.00 -49.86 -5.51
C SER F 394 -9.91 -49.13 -6.50
N ASN F 395 -9.44 -47.98 -6.95
CA ASN F 395 -10.20 -47.10 -7.85
C ASN F 395 -11.60 -46.81 -7.29
N VAL F 396 -11.70 -46.54 -6.00
CA VAL F 396 -13.00 -46.23 -5.41
C VAL F 396 -13.35 -44.77 -5.66
N THR F 397 -14.64 -44.52 -5.89
CA THR F 397 -15.17 -43.19 -6.13
C THR F 397 -16.11 -42.76 -5.00
N ASP F 398 -16.36 -41.45 -4.95
CA ASP F 398 -17.09 -40.83 -3.84
C ASP F 398 -18.55 -41.23 -3.78
N GLU F 399 -19.15 -41.59 -4.92
CA GLU F 399 -20.58 -41.91 -4.91
C GLU F 399 -20.86 -43.35 -4.49
N MET F 400 -19.82 -44.09 -4.11
CA MET F 400 -19.95 -45.49 -3.75
C MET F 400 -20.33 -45.62 -2.28
N ARG F 401 -21.10 -46.67 -1.99
CA ARG F 401 -21.49 -46.94 -0.60
C ARG F 401 -20.25 -47.22 0.25
N ILE F 402 -19.32 -48.01 -0.29
CA ILE F 402 -18.09 -48.31 0.42
C ILE F 402 -17.32 -47.05 0.77
N ALA F 403 -17.57 -45.92 0.07
CA ALA F 403 -16.91 -44.66 0.37
C ALA F 403 -17.73 -43.75 1.30
N LYS F 404 -19.02 -44.03 1.52
CA LYS F 404 -19.84 -43.18 2.39
C LYS F 404 -20.32 -43.85 3.65
N GLU F 405 -20.57 -45.15 3.60
CA GLU F 405 -21.08 -45.88 4.74
C GLU F 405 -19.90 -46.47 5.49
N GLU F 406 -19.94 -46.35 6.81
CA GLU F 406 -18.88 -46.89 7.63
C GLU F 406 -18.81 -48.39 7.45
N ILE F 407 -17.63 -48.89 7.10
CA ILE F 407 -17.47 -50.31 6.89
C ILE F 407 -17.41 -51.05 8.21
N PHE F 408 -16.46 -50.67 9.07
CA PHE F 408 -16.27 -51.32 10.37
C PHE F 408 -15.93 -52.80 10.15
N GLY F 409 -15.02 -53.02 9.21
CA GLY F 409 -14.57 -54.34 8.81
C GLY F 409 -13.18 -54.26 8.20
N PRO F 410 -12.55 -55.43 7.95
CA PRO F 410 -11.21 -55.43 7.37
C PRO F 410 -11.22 -55.09 5.88
N VAL F 411 -11.90 -54.01 5.50
CA VAL F 411 -12.04 -53.58 4.12
C VAL F 411 -11.34 -52.22 3.92
N GLN F 412 -10.45 -52.17 2.93
CA GLN F 412 -9.64 -50.99 2.58
C GLN F 412 -10.03 -50.42 1.21
N GLN F 413 -10.15 -49.09 1.14
CA GLN F 413 -10.47 -48.34 -0.09
C GLN F 413 -9.34 -47.42 -0.49
N ILE F 414 -8.90 -47.52 -1.75
CA ILE F 414 -7.85 -46.64 -2.27
C ILE F 414 -8.43 -45.79 -3.40
N MET F 415 -8.20 -44.47 -3.32
CA MET F 415 -8.77 -43.49 -4.24
C MET F 415 -7.66 -42.70 -4.90
N LYS F 416 -8.07 -41.92 -5.89
CA LYS F 416 -7.16 -41.12 -6.68
C LYS F 416 -7.46 -39.64 -6.40
N PHE F 417 -6.41 -38.82 -6.49
CA PHE F 417 -6.62 -37.39 -6.33
C PHE F 417 -5.53 -36.70 -7.13
N LYS F 418 -5.88 -35.54 -7.65
CA LYS F 418 -4.99 -34.77 -8.50
C LYS F 418 -4.76 -33.35 -8.02
N SER F 419 -5.70 -32.76 -7.27
CA SER F 419 -5.51 -31.42 -6.77
C SER F 419 -5.37 -31.44 -5.26
N VAL F 420 -4.89 -30.33 -4.70
CA VAL F 420 -4.69 -30.27 -3.27
C VAL F 420 -5.96 -29.85 -2.53
N ASP F 421 -6.57 -28.73 -2.93
CA ASP F 421 -7.82 -28.32 -2.29
C ASP F 421 -8.94 -29.30 -2.62
N ASP F 422 -8.96 -29.82 -3.85
CA ASP F 422 -9.99 -30.80 -4.18
C ASP F 422 -9.96 -31.96 -3.21
N VAL F 423 -8.77 -32.47 -2.86
CA VAL F 423 -8.71 -33.65 -2.00
C VAL F 423 -9.14 -33.31 -0.58
N ILE F 424 -8.83 -32.10 -0.11
CA ILE F 424 -9.36 -31.66 1.18
C ILE F 424 -10.87 -31.58 1.11
N LYS F 425 -11.38 -31.06 0.00
CA LYS F 425 -12.82 -30.93 -0.20
C LYS F 425 -13.49 -32.30 -0.12
N ARG F 426 -12.93 -33.30 -0.83
CA ARG F 426 -13.48 -34.65 -0.78
C ARG F 426 -13.28 -35.28 0.60
N ALA F 427 -12.11 -35.06 1.24
CA ALA F 427 -11.89 -35.62 2.58
C ALA F 427 -12.89 -35.05 3.60
N ASN F 428 -13.08 -33.73 3.57
CA ASN F 428 -14.00 -33.06 4.48
C ASN F 428 -15.44 -33.13 3.98
N ASN F 429 -15.62 -33.70 2.78
CA ASN F 429 -16.95 -34.00 2.21
C ASN F 429 -17.25 -35.41 2.72
N THR F 430 -17.54 -35.47 4.02
CA THR F 430 -18.18 -36.50 4.82
C THR F 430 -18.90 -35.81 5.97
N THR F 431 -19.92 -36.47 6.51
CA THR F 431 -20.53 -35.95 7.71
C THR F 431 -19.90 -36.49 9.00
N TYR F 432 -18.93 -37.42 8.93
CA TYR F 432 -18.26 -37.96 10.11
C TYR F 432 -16.83 -37.45 10.06
N GLY F 433 -16.34 -36.90 11.17
CA GLY F 433 -14.98 -36.42 11.21
C GLY F 433 -14.33 -36.62 12.56
N LEU F 434 -13.58 -37.71 12.71
CA LEU F 434 -12.98 -38.12 13.98
C LEU F 434 -11.46 -38.06 13.93
N ALA F 435 -10.86 -38.53 12.85
CA ALA F 435 -9.42 -38.56 12.71
C ALA F 435 -9.06 -38.48 11.22
N ALA F 436 -7.77 -38.34 10.95
CA ALA F 436 -7.28 -38.24 9.59
C ALA F 436 -5.80 -38.54 9.56
N GLY F 437 -5.33 -38.93 8.38
CA GLY F 437 -3.92 -39.19 8.16
C GLY F 437 -3.39 -38.33 7.04
N LEU F 438 -2.14 -37.92 7.18
CA LEU F 438 -1.50 -37.03 6.24
C LEU F 438 -0.06 -37.48 6.10
N PHE F 439 0.39 -37.70 4.87
CA PHE F 439 1.73 -38.21 4.64
C PHE F 439 2.45 -37.31 3.65
N THR F 440 3.47 -36.60 4.13
CA THR F 440 4.33 -35.73 3.33
C THR F 440 5.53 -35.35 4.18
N LYS F 441 6.63 -35.03 3.51
CA LYS F 441 7.82 -34.53 4.16
C LYS F 441 7.93 -33.00 4.08
N ASP F 442 6.96 -32.35 3.43
CA ASP F 442 7.00 -30.91 3.26
C ASP F 442 6.37 -30.21 4.46
N LEU F 443 7.14 -29.32 5.08
CA LEU F 443 6.68 -28.61 6.27
C LEU F 443 5.40 -27.83 6.02
N ASP F 444 5.35 -27.05 4.94
CA ASP F 444 4.20 -26.17 4.77
C ASP F 444 2.89 -26.95 4.61
N LYS F 445 2.90 -28.02 3.80
CA LYS F 445 1.69 -28.82 3.61
C LYS F 445 1.28 -29.53 4.88
N ALA F 446 2.25 -30.10 5.60
CA ALA F 446 1.92 -30.78 6.85
C ALA F 446 1.09 -29.89 7.76
N ILE F 447 1.56 -28.68 8.00
CA ILE F 447 0.88 -27.77 8.92
C ILE F 447 -0.44 -27.30 8.32
N THR F 448 -0.41 -26.85 7.05
CA THR F 448 -1.56 -26.21 6.40
C THR F 448 -2.72 -27.19 6.18
N VAL F 449 -2.43 -28.38 5.66
CA VAL F 449 -3.51 -29.34 5.44
C VAL F 449 -4.04 -29.86 6.77
N SER F 450 -3.13 -30.14 7.72
CA SER F 450 -3.62 -30.61 9.02
C SER F 450 -4.51 -29.56 9.68
N SER F 451 -4.23 -28.28 9.42
CA SER F 451 -5.11 -27.22 9.88
C SER F 451 -6.44 -27.21 9.14
N ALA F 452 -6.44 -27.58 7.87
CA ALA F 452 -7.65 -27.50 7.07
C ALA F 452 -8.58 -28.69 7.26
N LEU F 453 -8.06 -29.83 7.73
CA LEU F 453 -8.85 -31.05 7.81
C LEU F 453 -9.90 -30.95 8.91
N GLN F 454 -11.13 -31.36 8.61
CA GLN F 454 -12.21 -31.31 9.59
C GLN F 454 -12.24 -32.62 10.37
N ALA F 455 -11.24 -32.81 11.23
CA ALA F 455 -11.07 -34.05 11.98
C ALA F 455 -10.52 -33.76 13.36
N GLY F 456 -10.94 -34.59 14.33
CA GLY F 456 -10.54 -34.39 15.72
C GLY F 456 -9.08 -34.69 16.00
N VAL F 457 -8.51 -35.64 15.28
CA VAL F 457 -7.09 -35.99 15.38
C VAL F 457 -6.50 -36.02 13.98
N VAL F 458 -5.36 -35.37 13.80
CA VAL F 458 -4.65 -35.47 12.54
C VAL F 458 -3.25 -36.01 12.81
N TRP F 459 -2.96 -37.20 12.26
CA TRP F 459 -1.63 -37.80 12.25
C TRP F 459 -0.89 -37.44 10.97
N VAL F 460 0.41 -37.12 11.10
CA VAL F 460 1.28 -36.81 9.97
C VAL F 460 2.42 -37.83 9.97
N ASN F 461 2.51 -38.63 8.90
CA ASN F 461 3.52 -39.68 8.75
C ASN F 461 3.49 -40.70 9.89
N CYS F 462 2.31 -40.99 10.43
CA CYS F 462 2.12 -42.10 11.37
C CYS F 462 0.61 -42.34 11.50
N TYR F 463 0.24 -43.34 12.29
CA TYR F 463 -1.19 -43.57 12.43
C TYR F 463 -1.49 -44.40 13.67
N MET F 464 -2.65 -44.11 14.25
CA MET F 464 -3.20 -44.83 15.40
C MET F 464 -2.16 -44.98 16.53
N MET F 465 -1.48 -43.87 16.80
CA MET F 465 -0.53 -43.75 17.89
C MET F 465 -1.16 -43.06 19.11
N LEU F 466 -2.49 -43.17 19.25
CA LEU F 466 -3.22 -42.56 20.36
C LEU F 466 -2.44 -42.70 21.66
N SER F 467 -2.28 -41.59 22.37
CA SER F 467 -1.64 -41.66 23.66
C SER F 467 -2.62 -41.16 24.71
N ALA F 468 -2.25 -41.38 25.97
CA ALA F 468 -3.09 -40.96 27.08
C ALA F 468 -2.96 -39.47 27.35
N GLN F 469 -1.85 -38.85 26.94
CA GLN F 469 -1.69 -37.40 27.08
C GLN F 469 -2.47 -36.62 26.03
N CYS F 470 -2.87 -37.26 24.94
CA CYS F 470 -3.51 -36.43 23.93
C CYS F 470 -5.01 -36.56 24.02
N PRO F 471 -5.73 -35.44 23.89
CA PRO F 471 -7.19 -35.54 23.89
C PRO F 471 -7.70 -36.08 22.55
N PHE F 472 -8.68 -36.96 22.62
CA PHE F 472 -9.22 -37.61 21.42
C PHE F 472 -10.74 -37.43 21.41
N GLY F 473 -11.21 -36.58 20.50
CA GLY F 473 -12.60 -36.24 20.29
C GLY F 473 -12.83 -35.97 18.81
N GLY F 474 -14.08 -35.73 18.38
CA GLY F 474 -14.38 -35.60 16.97
C GLY F 474 -15.05 -34.29 16.63
N PHE F 475 -14.98 -33.93 15.34
CA PHE F 475 -15.63 -32.76 14.77
C PHE F 475 -16.99 -33.16 14.18
N LYS F 476 -17.93 -32.20 14.24
CA LYS F 476 -19.32 -32.34 13.74
C LYS F 476 -19.99 -33.64 14.22
N MET F 477 -20.42 -34.53 13.32
CA MET F 477 -21.15 -35.72 13.76
C MET F 477 -20.27 -36.86 14.26
N SER F 478 -18.98 -36.68 14.45
CA SER F 478 -18.23 -37.75 15.08
C SER F 478 -18.22 -37.65 16.62
N GLY F 479 -19.10 -36.89 17.24
CA GLY F 479 -19.06 -36.86 18.68
C GLY F 479 -19.18 -35.47 19.27
N ASN F 480 -19.07 -35.44 20.60
CA ASN F 480 -19.19 -34.21 21.39
C ASN F 480 -18.20 -34.36 22.52
N GLY F 481 -17.17 -33.51 22.54
CA GLY F 481 -16.18 -33.53 23.59
C GLY F 481 -15.06 -34.53 23.34
N ARG F 482 -14.01 -34.41 24.14
CA ARG F 482 -12.90 -35.34 24.09
C ARG F 482 -12.61 -35.80 25.52
N GLU F 483 -12.06 -37.02 25.63
CA GLU F 483 -11.65 -37.58 26.91
C GLU F 483 -10.15 -37.88 26.85
N LEU F 484 -9.61 -38.25 28.01
CA LEU F 484 -8.24 -38.71 28.16
C LEU F 484 -7.15 -37.70 27.83
N GLY F 485 -7.41 -36.42 27.99
CA GLY F 485 -6.33 -35.45 27.96
C GLY F 485 -6.49 -34.62 29.21
N GLU F 486 -5.75 -33.51 29.26
CA GLU F 486 -6.07 -32.50 30.25
C GLU F 486 -7.45 -31.93 29.94
N HIS F 487 -7.74 -31.71 28.65
CA HIS F 487 -9.09 -31.29 28.30
C HIS F 487 -10.09 -32.39 28.62
N GLY F 488 -9.69 -33.64 28.41
CA GLY F 488 -10.55 -34.76 28.71
C GLY F 488 -10.80 -34.89 30.19
N LEU F 489 -9.79 -34.61 30.99
CA LEU F 489 -10.07 -34.67 32.41
C LEU F 489 -10.98 -33.54 32.85
N TYR F 490 -10.77 -32.36 32.31
CA TYR F 490 -11.62 -31.27 32.78
C TYR F 490 -13.08 -31.42 32.36
N GLU F 491 -13.36 -32.27 31.35
CA GLU F 491 -14.75 -32.49 30.94
C GLU F 491 -15.58 -33.27 31.95
N TYR F 492 -14.97 -33.87 32.95
CA TYR F 492 -15.69 -34.53 34.03
C TYR F 492 -15.77 -33.67 35.28
N THR F 493 -15.69 -32.36 35.13
CA THR F 493 -15.89 -31.44 36.23
C THR F 493 -17.04 -30.52 35.90
N GLU F 494 -17.59 -29.98 36.97
CA GLU F 494 -18.59 -28.94 36.95
C GLU F 494 -17.96 -27.76 37.67
N LEU F 495 -18.01 -26.58 37.08
CA LEU F 495 -17.42 -25.46 37.80
C LEU F 495 -18.47 -24.60 38.46
N LYS F 496 -18.14 -24.16 39.67
CA LYS F 496 -18.94 -23.30 40.52
C LYS F 496 -18.13 -22.03 40.75
N THR F 497 -18.76 -20.88 40.55
CA THR F 497 -18.16 -19.59 40.83
C THR F 497 -18.65 -19.11 42.20
N VAL F 498 -17.71 -18.76 43.06
CA VAL F 498 -18.03 -18.22 44.37
C VAL F 498 -17.50 -16.80 44.39
N ALA F 499 -18.39 -15.85 44.70
CA ALA F 499 -18.09 -14.43 44.71
C ALA F 499 -18.49 -13.86 46.07
N MET F 500 -17.50 -13.44 46.84
CA MET F 500 -17.67 -13.02 48.22
C MET F 500 -17.45 -11.51 48.33
N LYS F 501 -18.44 -10.78 48.81
CA LYS F 501 -18.25 -9.35 49.04
C LYS F 501 -17.16 -9.13 50.09
N ILE F 502 -16.29 -8.13 49.86
CA ILE F 502 -15.27 -7.77 50.83
C ILE F 502 -15.22 -6.26 51.00
N SER F 503 -14.72 -5.81 52.16
CA SER F 503 -14.78 -4.40 52.48
C SER F 503 -13.87 -3.58 51.56
N GLN F 504 -12.66 -4.09 51.28
CA GLN F 504 -11.77 -3.40 50.37
C GLN F 504 -10.93 -4.41 49.59
N LYS F 505 -10.84 -4.23 48.27
CA LYS F 505 -10.03 -5.11 47.45
C LYS F 505 -8.76 -4.38 47.04
N ASN F 506 -7.70 -5.15 46.99
CA ASN F 506 -6.37 -4.74 46.62
C ASN F 506 -5.85 -5.71 45.58
N SER F 507 -4.93 -5.22 44.76
CA SER F 507 -4.46 -6.03 43.67
C SER F 507 -3.84 -7.31 44.26
N ALA G 14 -22.33 11.63 35.39
CA ALA G 14 -23.56 12.04 34.71
C ALA G 14 -24.55 10.89 34.56
N VAL G 15 -25.83 11.28 34.59
CA VAL G 15 -26.98 10.41 34.35
C VAL G 15 -27.88 11.08 33.30
N PRO G 16 -27.55 11.00 32.01
CA PRO G 16 -28.28 11.78 31.00
C PRO G 16 -29.74 11.36 30.91
N ALA G 17 -30.54 12.29 30.40
CA ALA G 17 -31.96 12.13 30.19
C ALA G 17 -32.24 11.36 28.90
N PRO G 18 -33.39 10.70 28.81
CA PRO G 18 -33.67 9.91 27.61
C PRO G 18 -33.85 10.77 26.37
N LEU G 19 -33.51 10.16 25.24
CA LEU G 19 -33.69 10.77 23.93
C LEU G 19 -35.16 10.92 23.57
N ALA G 20 -35.48 12.02 22.90
CA ALA G 20 -36.86 12.29 22.47
C ALA G 20 -37.11 11.99 20.99
N ASP G 21 -36.12 12.21 20.13
CA ASP G 21 -36.23 11.96 18.69
C ASP G 21 -35.78 10.53 18.41
N LEU G 22 -36.58 9.57 18.88
CA LEU G 22 -36.24 8.16 18.69
C LEU G 22 -36.90 7.67 17.40
N LYS G 23 -36.11 7.50 16.37
CA LYS G 23 -36.59 6.93 15.12
C LYS G 23 -36.06 5.51 15.10
N ILE G 24 -36.93 4.57 14.77
CA ILE G 24 -36.47 3.21 14.59
C ILE G 24 -36.01 3.09 13.15
N GLN G 25 -34.72 2.80 12.94
CA GLN G 25 -34.13 2.78 11.61
C GLN G 25 -34.01 1.38 11.07
N HIS G 26 -33.76 0.41 11.93
CA HIS G 26 -33.49 -0.95 11.51
C HIS G 26 -34.57 -1.90 12.01
N THR G 27 -35.31 -2.46 11.09
CA THR G 27 -36.35 -3.43 11.35
C THR G 27 -36.26 -4.69 10.52
N LYS G 28 -35.34 -4.77 9.56
CA LYS G 28 -35.34 -5.89 8.63
C LYS G 28 -34.36 -6.98 9.07
N ILE G 29 -34.30 -8.10 8.30
CA ILE G 29 -33.38 -9.19 8.59
C ILE G 29 -31.98 -8.78 8.15
N PHE G 30 -30.98 -9.14 8.95
CA PHE G 30 -29.60 -8.77 8.71
C PHE G 30 -28.81 -10.02 8.29
N ILE G 31 -28.43 -10.08 7.02
CA ILE G 31 -27.67 -11.21 6.47
C ILE G 31 -26.60 -10.68 5.54
N ASN G 32 -25.38 -11.20 5.66
CA ASN G 32 -24.25 -10.76 4.85
C ASN G 32 -24.07 -9.24 4.89
N ASN G 33 -24.28 -8.65 6.07
CA ASN G 33 -24.18 -7.20 6.25
C ASN G 33 -25.14 -6.42 5.35
N GLU G 34 -26.24 -7.05 4.94
CA GLU G 34 -27.24 -6.34 4.17
C GLU G 34 -28.61 -6.64 4.77
N TRP G 35 -29.54 -5.72 4.59
CA TRP G 35 -30.88 -5.84 5.16
C TRP G 35 -31.79 -6.54 4.15
N HIS G 36 -32.58 -7.46 4.66
CA HIS G 36 -33.40 -8.33 3.83
C HIS G 36 -34.86 -8.23 4.26
N ASN G 37 -35.76 -8.34 3.29
CA ASN G 37 -37.13 -8.57 3.69
C ASN G 37 -37.33 -10.06 3.98
N SER G 38 -38.37 -10.39 4.73
CA SER G 38 -38.67 -11.79 5.01
C SER G 38 -39.11 -12.49 3.72
N VAL G 39 -38.70 -13.74 3.55
CA VAL G 39 -39.00 -14.47 2.32
C VAL G 39 -40.51 -14.51 2.09
N SER G 40 -41.29 -14.63 3.16
CA SER G 40 -42.74 -14.62 3.03
C SER G 40 -43.29 -13.23 2.79
N GLY G 41 -42.50 -12.19 3.08
CA GLY G 41 -42.99 -10.82 3.08
C GLY G 41 -43.70 -10.41 4.36
N LYS G 42 -43.94 -11.35 5.28
CA LYS G 42 -44.68 -11.04 6.50
C LYS G 42 -43.87 -10.18 7.45
N LYS G 43 -44.56 -9.27 8.15
CA LYS G 43 -44.00 -8.50 9.25
C LYS G 43 -44.76 -8.84 10.53
N PHE G 44 -44.22 -8.43 11.67
CA PHE G 44 -44.92 -8.68 12.93
C PHE G 44 -44.74 -7.48 13.84
N PRO G 45 -45.68 -7.23 14.74
CA PRO G 45 -45.63 -6.01 15.55
C PRO G 45 -44.76 -6.13 16.81
N VAL G 46 -44.07 -5.05 17.13
CA VAL G 46 -43.32 -4.94 18.38
C VAL G 46 -43.92 -3.84 19.25
N LEU G 47 -44.31 -4.21 20.46
CA LEU G 47 -45.01 -3.33 21.38
C LEU G 47 -44.11 -2.67 22.41
N ASN G 48 -44.71 -1.77 23.17
CA ASN G 48 -44.09 -1.08 24.29
C ASN G 48 -44.75 -1.65 25.51
N PRO G 49 -44.07 -2.44 26.35
CA PRO G 49 -44.75 -3.12 27.45
C PRO G 49 -45.27 -2.19 28.53
N ALA G 50 -44.98 -0.89 28.46
CA ALA G 50 -45.46 0.06 29.45
C ALA G 50 -46.80 0.67 29.06
N THR G 51 -47.05 0.83 27.75
CA THR G 51 -48.26 1.45 27.23
C THR G 51 -49.14 0.55 26.35
N GLU G 52 -48.66 -0.64 25.92
CA GLU G 52 -49.38 -1.53 24.98
C GLU G 52 -49.67 -0.86 23.65
N GLU G 53 -48.83 0.08 23.23
CA GLU G 53 -48.98 0.72 21.93
C GLU G 53 -47.90 0.16 21.02
N VAL G 54 -48.20 0.02 19.74
CA VAL G 54 -47.24 -0.57 18.80
C VAL G 54 -46.09 0.40 18.58
N ILE G 55 -44.87 -0.08 18.81
CA ILE G 55 -43.70 0.74 18.53
C ILE G 55 -43.41 0.77 17.04
N CYS G 56 -43.41 -0.40 16.40
CA CYS G 56 -43.15 -0.53 14.99
C CYS G 56 -43.39 -1.97 14.59
N HIS G 57 -43.23 -2.23 13.31
CA HIS G 57 -43.33 -3.57 12.77
C HIS G 57 -41.98 -4.02 12.24
N VAL G 58 -41.66 -5.27 12.53
CA VAL G 58 -40.39 -5.87 12.19
C VAL G 58 -40.64 -7.05 11.27
N GLU G 59 -39.75 -7.24 10.30
CA GLU G 59 -39.84 -8.35 9.39
C GLU G 59 -39.76 -9.65 10.16
N GLU G 60 -40.66 -10.57 9.81
CA GLU G 60 -40.82 -11.82 10.53
C GLU G 60 -40.02 -12.93 9.87
N GLY G 61 -38.91 -13.30 10.49
CA GLY G 61 -38.12 -14.40 9.98
C GLY G 61 -38.77 -15.75 10.24
N ASP G 62 -38.43 -16.71 9.40
CA ASP G 62 -38.97 -18.04 9.51
C ASP G 62 -37.88 -19.01 9.12
N LYS G 63 -38.27 -20.27 8.91
CA LYS G 63 -37.36 -21.31 8.49
C LYS G 63 -36.59 -20.89 7.24
N ALA G 64 -37.28 -20.28 6.26
CA ALA G 64 -36.65 -19.89 5.01
C ALA G 64 -35.57 -18.81 5.20
N ASP G 65 -35.82 -17.83 6.08
CA ASP G 65 -34.85 -16.79 6.37
C ASP G 65 -33.65 -17.34 7.13
N VAL G 66 -33.87 -18.28 8.07
CA VAL G 66 -32.74 -18.85 8.80
C VAL G 66 -31.77 -19.55 7.86
N ASP G 67 -32.30 -20.28 6.86
CA ASP G 67 -31.44 -21.00 5.93
C ASP G 67 -30.54 -20.05 5.18
N LYS G 68 -31.12 -18.93 4.67
CA LYS G 68 -30.30 -17.88 4.06
C LYS G 68 -29.21 -17.41 5.02
N ALA G 69 -29.55 -17.22 6.29
CA ALA G 69 -28.58 -16.74 7.26
C ALA G 69 -27.49 -17.77 7.49
N VAL G 70 -27.84 -19.05 7.54
CA VAL G 70 -26.80 -20.05 7.76
C VAL G 70 -25.91 -20.19 6.51
N LYS G 71 -26.48 -20.13 5.30
CA LYS G 71 -25.61 -20.15 4.11
C LYS G 71 -24.61 -19.01 4.16
N ALA G 72 -25.07 -17.83 4.57
CA ALA G 72 -24.18 -16.69 4.68
C ALA G 72 -23.08 -16.99 5.67
N ALA G 73 -23.46 -17.41 6.89
CA ALA G 73 -22.52 -17.61 7.99
C ALA G 73 -21.55 -18.76 7.72
N ARG G 74 -22.05 -19.85 7.13
CA ARG G 74 -21.14 -20.94 6.75
C ARG G 74 -20.15 -20.48 5.70
N GLN G 75 -20.60 -19.61 4.78
CA GLN G 75 -19.71 -19.08 3.75
C GLN G 75 -18.58 -18.26 4.36
N ALA G 76 -18.92 -17.39 5.32
CA ALA G 76 -17.92 -16.57 5.97
C ALA G 76 -16.90 -17.40 6.73
N PHE G 77 -17.25 -18.64 7.07
CA PHE G 77 -16.39 -19.52 7.84
C PHE G 77 -15.48 -20.38 6.96
N GLN G 78 -15.63 -20.29 5.64
CA GLN G 78 -14.86 -21.13 4.75
C GLN G 78 -13.38 -20.88 4.89
N ILE G 79 -12.60 -21.95 4.80
CA ILE G 79 -11.14 -21.87 4.88
C ILE G 79 -10.63 -20.88 3.84
N GLY G 80 -9.77 -19.96 4.25
CA GLY G 80 -9.22 -18.99 3.34
C GLY G 80 -9.99 -17.69 3.25
N SER G 81 -11.19 -17.62 3.86
CA SER G 81 -12.03 -16.43 3.87
C SER G 81 -11.53 -15.43 4.90
N PRO G 82 -11.88 -14.13 4.73
CA PRO G 82 -11.35 -13.08 5.63
C PRO G 82 -11.49 -13.36 7.11
N TRP G 83 -12.64 -13.88 7.53
CA TRP G 83 -12.82 -14.11 8.95
C TRP G 83 -11.92 -15.23 9.46
N ARG G 84 -11.48 -16.14 8.59
CA ARG G 84 -10.59 -17.19 9.04
C ARG G 84 -9.13 -16.80 8.98
N THR G 85 -8.74 -15.94 8.05
CA THR G 85 -7.31 -15.66 7.84
C THR G 85 -6.81 -14.40 8.54
N MET G 86 -7.68 -13.54 9.04
CA MET G 86 -7.18 -12.37 9.76
C MET G 86 -6.60 -12.78 11.11
N ASP G 87 -5.68 -11.95 11.60
CA ASP G 87 -5.08 -12.19 12.91
C ASP G 87 -6.15 -12.23 13.99
N ALA G 88 -5.93 -13.07 15.01
CA ALA G 88 -6.84 -13.07 16.14
C ALA G 88 -6.93 -11.68 16.77
N SER G 89 -5.81 -10.98 16.88
CA SER G 89 -5.87 -9.62 17.43
C SER G 89 -6.78 -8.73 16.59
N GLU G 90 -6.88 -9.00 15.30
CA GLU G 90 -7.79 -8.25 14.44
C GLU G 90 -9.24 -8.47 14.85
N ARG G 91 -9.60 -9.73 15.16
CA ARG G 91 -10.92 -9.99 15.69
C ARG G 91 -11.11 -9.20 16.98
N GLY G 92 -10.10 -9.14 17.83
CA GLY G 92 -10.25 -8.38 19.04
C GLY G 92 -10.49 -6.90 18.76
N ARG G 93 -9.70 -6.34 17.85
CA ARG G 93 -9.82 -4.93 17.54
C ARG G 93 -11.18 -4.57 16.94
N LEU G 94 -11.76 -5.47 16.14
CA LEU G 94 -13.14 -5.23 15.69
C LEU G 94 -14.10 -5.28 16.87
N LEU G 95 -13.92 -6.22 17.78
CA LEU G 95 -14.76 -6.26 18.97
C LEU G 95 -14.58 -5.00 19.79
N ASN G 96 -13.32 -4.52 19.91
CA ASN G 96 -13.07 -3.29 20.65
C ASN G 96 -13.75 -2.09 20.02
N LYS G 97 -13.69 -2.01 18.68
CA LYS G 97 -14.31 -0.91 17.94
C LYS G 97 -15.82 -0.93 18.13
N LEU G 98 -16.39 -2.13 18.09
CA LEU G 98 -17.82 -2.29 18.33
C LEU G 98 -18.19 -1.84 19.75
N ALA G 99 -17.30 -2.04 20.73
CA ALA G 99 -17.60 -1.51 22.06
C ALA G 99 -17.64 0.02 22.04
N ASP G 100 -16.65 0.65 21.41
CA ASP G 100 -16.60 2.11 21.33
C ASP G 100 -17.82 2.66 20.63
N LEU G 101 -18.25 1.99 19.55
CA LEU G 101 -19.44 2.42 18.83
C LEU G 101 -20.67 2.37 19.74
N MET G 102 -20.77 1.32 20.55
CA MET G 102 -21.86 1.22 21.52
C MET G 102 -21.78 2.37 22.53
N GLU G 103 -20.56 2.76 22.90
CA GLU G 103 -20.39 3.91 23.79
C GLU G 103 -20.84 5.21 23.13
N ARG G 104 -20.49 5.41 21.86
CA ARG G 104 -20.92 6.61 21.15
C ARG G 104 -22.44 6.69 21.07
N ASP G 105 -23.10 5.58 20.73
CA ASP G 105 -24.54 5.52 20.59
C ASP G 105 -25.23 5.10 21.88
N ARG G 106 -24.56 5.31 23.02
CA ARG G 106 -25.06 4.88 24.31
C ARG G 106 -26.43 5.43 24.62
N LEU G 107 -26.63 6.72 24.40
CA LEU G 107 -27.91 7.34 24.75
C LEU G 107 -29.03 6.74 23.90
N LEU G 108 -28.79 6.63 22.60
CA LEU G 108 -29.76 6.04 21.69
C LEU G 108 -30.13 4.62 22.10
N LEU G 109 -29.10 3.77 22.31
CA LEU G 109 -29.37 2.37 22.64
C LEU G 109 -30.08 2.25 23.97
N ALA G 110 -29.66 3.01 24.98
CA ALA G 110 -30.31 2.95 26.29
C ALA G 110 -31.78 3.32 26.18
N THR G 111 -32.08 4.34 25.40
CA THR G 111 -33.47 4.71 25.20
C THR G 111 -34.24 3.60 24.52
N MET G 112 -33.69 3.06 23.42
CA MET G 112 -34.41 2.03 22.68
C MET G 112 -34.64 0.79 23.52
N GLU G 113 -33.64 0.39 24.32
CA GLU G 113 -33.76 -0.80 25.15
C GLU G 113 -34.81 -0.62 26.25
N ALA G 114 -34.80 0.53 26.91
CA ALA G 114 -35.77 0.82 27.98
C ALA G 114 -37.19 1.00 27.42
N LEU G 115 -37.33 1.64 26.27
CA LEU G 115 -38.65 1.76 25.64
C LEU G 115 -39.22 0.39 25.30
N ASN G 116 -38.41 -0.44 24.63
CA ASN G 116 -38.85 -1.74 24.12
C ASN G 116 -38.94 -2.79 25.22
N GLY G 117 -38.11 -2.72 26.24
CA GLY G 117 -38.20 -3.76 27.24
C GLY G 117 -38.83 -3.34 28.55
N GLY G 118 -39.54 -2.21 28.58
CA GLY G 118 -40.08 -1.69 29.83
C GLY G 118 -39.10 -1.72 30.98
N LYS G 119 -37.88 -1.29 30.73
CA LYS G 119 -36.79 -1.36 31.67
C LYS G 119 -36.52 0.05 32.18
N VAL G 120 -36.31 0.20 33.48
CA VAL G 120 -36.04 1.52 34.03
C VAL G 120 -34.84 2.14 33.33
N PHE G 121 -35.03 3.36 32.79
CA PHE G 121 -34.04 3.96 31.90
C PHE G 121 -32.65 4.09 32.54
N ALA G 122 -32.57 4.60 33.77
CA ALA G 122 -31.27 4.77 34.42
C ALA G 122 -30.48 3.45 34.47
N ASN G 123 -31.18 2.34 34.70
CA ASN G 123 -30.52 1.05 34.73
C ASN G 123 -30.00 0.67 33.34
N ALA G 124 -30.85 0.79 32.32
CA ALA G 124 -30.42 0.46 30.97
C ALA G 124 -29.28 1.33 30.52
N TYR G 125 -29.26 2.61 30.93
CA TYR G 125 -28.19 3.49 30.47
C TYR G 125 -26.90 3.20 31.23
N LEU G 126 -27.00 2.93 32.53
CA LEU G 126 -25.81 2.72 33.31
C LEU G 126 -25.38 1.24 33.35
N SER G 127 -26.34 0.33 33.54
CA SER G 127 -26.01 -1.07 33.76
C SER G 127 -26.08 -1.94 32.50
N ASP G 128 -27.12 -1.82 31.67
CA ASP G 128 -27.15 -2.67 30.49
C ASP G 128 -26.03 -2.27 29.55
N LEU G 129 -25.98 -0.98 29.25
CA LEU G 129 -25.00 -0.43 28.33
C LEU G 129 -23.61 -0.51 28.95
N GLY G 130 -23.49 -0.14 30.23
CA GLY G 130 -22.21 -0.25 30.88
C GLY G 130 -21.68 -1.67 30.85
N GLY G 131 -22.57 -2.64 31.15
CA GLY G 131 -22.17 -4.03 31.11
C GLY G 131 -21.89 -4.51 29.70
N CYS G 132 -22.69 -4.05 28.73
CA CYS G 132 -22.42 -4.43 27.35
C CYS G 132 -21.02 -4.01 26.94
N ILE G 133 -20.65 -2.76 27.23
CA ILE G 133 -19.34 -2.26 26.81
C ILE G 133 -18.24 -2.98 27.57
N LYS G 134 -18.42 -3.18 28.88
CA LYS G 134 -17.40 -3.90 29.64
C LYS G 134 -17.27 -5.34 29.14
N ALA G 135 -18.40 -6.00 28.84
CA ALA G 135 -18.33 -7.38 28.37
C ALA G 135 -17.63 -7.50 27.02
N LEU G 136 -17.97 -6.60 26.08
CA LEU G 136 -17.34 -6.64 24.76
C LEU G 136 -15.84 -6.42 24.88
N LYS G 137 -15.44 -5.43 25.65
CA LYS G 137 -14.02 -5.17 25.81
C LYS G 137 -13.34 -6.38 26.45
N TYR G 138 -14.04 -7.05 27.39
CA TYR G 138 -13.47 -8.25 28.01
C TYR G 138 -13.27 -9.36 27.01
N CYS G 139 -14.27 -9.62 26.17
CA CYS G 139 -14.15 -10.61 25.10
C CYS G 139 -13.10 -10.22 24.08
N ALA G 140 -13.04 -8.93 23.75
CA ALA G 140 -12.03 -8.44 22.84
C ALA G 140 -10.63 -8.84 23.29
N GLY G 141 -10.34 -8.67 24.58
CA GLY G 141 -9.02 -8.99 25.09
C GLY G 141 -8.63 -10.46 24.98
N TRP G 142 -9.61 -11.36 24.80
CA TRP G 142 -9.30 -12.78 24.75
C TRP G 142 -8.93 -13.27 23.35
N ALA G 143 -9.33 -12.57 22.29
CA ALA G 143 -9.23 -13.14 20.94
C ALA G 143 -7.84 -13.68 20.65
N ASP G 144 -6.79 -12.97 21.05
CA ASP G 144 -5.42 -13.39 20.75
C ASP G 144 -4.73 -14.02 21.94
N LYS G 145 -5.49 -14.43 22.95
CA LYS G 145 -4.92 -15.13 24.09
C LYS G 145 -5.50 -16.54 24.29
N ILE G 146 -6.43 -16.97 23.43
CA ILE G 146 -6.90 -18.34 23.39
C ILE G 146 -5.81 -19.18 22.78
N HIS G 147 -5.37 -20.22 23.50
CA HIS G 147 -4.26 -21.01 23.00
C HIS G 147 -4.51 -22.51 23.09
N GLY G 148 -3.70 -23.24 22.35
CA GLY G 148 -3.62 -24.67 22.51
C GLY G 148 -2.39 -25.04 23.32
N GLN G 149 -2.15 -26.35 23.34
CA GLN G 149 -1.08 -26.92 24.12
C GLN G 149 -0.14 -27.73 23.25
N THR G 150 1.13 -27.77 23.62
CA THR G 150 2.07 -28.74 23.09
C THR G 150 2.27 -29.81 24.15
N ILE G 151 1.98 -31.05 23.80
CA ILE G 151 1.87 -32.11 24.79
C ILE G 151 3.05 -33.04 24.62
N PRO G 152 3.74 -33.42 25.70
CA PRO G 152 4.89 -34.35 25.61
C PRO G 152 4.47 -35.82 25.74
N SER G 153 3.64 -36.27 24.81
CA SER G 153 3.04 -37.58 24.89
C SER G 153 4.07 -38.64 24.53
N ASP G 154 3.70 -39.90 24.77
CA ASP G 154 4.63 -41.01 24.56
C ASP G 154 5.01 -41.13 23.08
N GLY G 155 6.23 -41.62 22.86
CA GLY G 155 6.74 -41.92 21.53
C GLY G 155 7.45 -40.75 20.89
N ASP G 156 8.18 -41.06 19.82
CA ASP G 156 8.94 -40.06 19.04
C ASP G 156 7.99 -39.38 18.07
N ILE G 157 7.26 -38.41 18.62
CA ILE G 157 6.22 -37.64 17.93
C ILE G 157 6.24 -36.24 18.51
N PHE G 158 5.65 -35.31 17.77
CA PHE G 158 5.46 -33.94 18.22
C PHE G 158 3.96 -33.69 18.27
N THR G 159 3.41 -33.42 19.46
CA THR G 159 1.97 -33.31 19.65
C THR G 159 1.60 -31.89 20.02
N TYR G 160 0.58 -31.36 19.36
CA TYR G 160 0.07 -30.05 19.74
C TYR G 160 -1.44 -30.02 19.57
N THR G 161 -2.04 -29.00 20.14
CA THR G 161 -3.45 -28.77 19.99
C THR G 161 -3.70 -27.43 19.33
N ARG G 162 -4.86 -27.35 18.72
CA ARG G 162 -5.37 -26.14 18.14
C ARG G 162 -6.73 -25.92 18.72
N ARG G 163 -6.99 -24.69 19.19
CA ARG G 163 -8.32 -24.28 19.61
C ARG G 163 -8.93 -23.59 18.41
N GLU G 164 -9.57 -24.37 17.57
CA GLU G 164 -10.18 -23.79 16.40
C GLU G 164 -11.57 -23.27 16.77
N PRO G 165 -12.11 -22.31 16.02
CA PRO G 165 -13.52 -21.99 16.21
C PRO G 165 -14.40 -23.15 15.79
N ILE G 166 -15.58 -23.26 16.43
CA ILE G 166 -16.46 -24.39 16.15
C ILE G 166 -16.98 -24.35 14.72
N GLY G 167 -17.45 -23.17 14.28
CA GLY G 167 -18.13 -22.99 13.00
C GLY G 167 -19.33 -22.06 13.09
N VAL G 168 -20.49 -22.52 12.66
CA VAL G 168 -21.73 -21.73 12.71
C VAL G 168 -22.42 -21.97 14.05
N CYS G 169 -22.68 -20.88 14.77
CA CYS G 169 -23.33 -20.92 16.08
C CYS G 169 -24.66 -20.20 15.99
N GLY G 170 -25.74 -20.91 16.26
CA GLY G 170 -27.06 -20.29 16.40
C GLY G 170 -27.27 -19.92 17.85
N GLN G 171 -27.76 -18.71 18.07
CA GLN G 171 -27.78 -18.18 19.43
C GLN G 171 -29.13 -17.53 19.68
N ILE G 172 -29.86 -18.05 20.65
CA ILE G 172 -31.24 -17.63 20.89
C ILE G 172 -31.33 -16.82 22.18
N ILE G 173 -31.74 -15.57 22.03
CA ILE G 173 -31.69 -14.56 23.08
C ILE G 173 -33.06 -14.40 23.72
N PRO G 174 -33.12 -14.25 25.04
CA PRO G 174 -34.40 -13.97 25.71
C PRO G 174 -34.69 -12.48 25.73
N TRP G 175 -35.82 -12.09 26.29
CA TRP G 175 -36.30 -10.70 26.25
C TRP G 175 -35.91 -9.87 27.47
N ASN G 176 -35.38 -10.47 28.52
CA ASN G 176 -35.18 -9.72 29.78
C ASN G 176 -34.01 -8.74 29.67
N PHE G 177 -32.91 -9.18 29.05
CA PHE G 177 -31.75 -8.31 28.86
C PHE G 177 -31.33 -8.47 27.40
N PRO G 178 -32.05 -7.87 26.50
CA PRO G 178 -31.81 -8.13 25.07
C PRO G 178 -30.37 -7.87 24.65
N MET G 179 -29.81 -6.73 25.05
CA MET G 179 -28.44 -6.40 24.68
C MET G 179 -27.43 -7.22 25.47
N LEU G 180 -27.61 -7.32 26.79
CA LEU G 180 -26.64 -8.09 27.59
C LEU G 180 -26.60 -9.53 27.10
N MET G 181 -27.77 -10.15 26.94
CA MET G 181 -27.79 -11.50 26.41
C MET G 181 -27.16 -11.55 25.03
N PHE G 182 -27.43 -10.54 24.20
CA PHE G 182 -26.85 -10.47 22.87
C PHE G 182 -25.33 -10.43 22.94
N ILE G 183 -24.79 -9.51 23.73
CA ILE G 183 -23.33 -9.35 23.80
C ILE G 183 -22.69 -10.57 24.44
N TRP G 184 -23.35 -11.13 25.46
CA TRP G 184 -22.83 -12.31 26.12
C TRP G 184 -22.77 -13.51 25.22
N LYS G 185 -23.63 -13.60 24.21
CA LYS G 185 -23.59 -14.79 23.39
C LYS G 185 -22.63 -14.63 22.22
N ILE G 186 -22.67 -13.49 21.50
CA ILE G 186 -21.83 -13.33 20.32
C ILE G 186 -20.42 -12.84 20.63
N GLY G 187 -20.21 -12.20 21.77
CA GLY G 187 -18.89 -11.73 22.11
C GLY G 187 -17.90 -12.88 22.16
N PRO G 188 -18.20 -13.87 23.00
CA PRO G 188 -17.32 -15.04 23.06
C PRO G 188 -17.27 -15.79 21.74
N ALA G 189 -18.41 -15.97 21.10
CA ALA G 189 -18.46 -16.71 19.83
C ALA G 189 -17.56 -16.07 18.80
N LEU G 190 -17.58 -14.73 18.70
CA LEU G 190 -16.76 -14.02 17.75
C LEU G 190 -15.31 -13.98 18.16
N SER G 191 -15.05 -13.85 19.46
CA SER G 191 -13.67 -13.77 19.90
C SER G 191 -12.87 -15.00 19.48
N CYS G 192 -13.50 -16.16 19.48
CA CYS G 192 -12.80 -17.36 19.06
C CYS G 192 -12.83 -17.54 17.56
N GLY G 193 -13.59 -16.72 16.85
CA GLY G 193 -13.65 -16.79 15.41
C GLY G 193 -14.81 -17.57 14.82
N ASN G 194 -15.86 -17.83 15.59
CA ASN G 194 -17.02 -18.47 14.99
C ASN G 194 -17.82 -17.42 14.20
N THR G 195 -18.83 -17.89 13.47
CA THR G 195 -19.83 -17.03 12.87
C THR G 195 -21.18 -17.39 13.49
N VAL G 196 -22.08 -16.43 13.57
CA VAL G 196 -23.27 -16.61 14.37
C VAL G 196 -24.49 -16.23 13.56
N VAL G 197 -25.60 -16.87 13.90
CA VAL G 197 -26.92 -16.54 13.40
C VAL G 197 -27.75 -16.30 14.65
N VAL G 198 -28.09 -15.05 14.92
CA VAL G 198 -28.74 -14.72 16.18
C VAL G 198 -30.23 -14.59 15.91
N LYS G 199 -31.03 -15.18 16.80
CA LYS G 199 -32.49 -15.04 16.76
C LYS G 199 -32.85 -14.36 18.06
N PRO G 200 -33.05 -13.04 18.03
CA PRO G 200 -33.39 -12.29 19.23
C PRO G 200 -34.82 -12.54 19.66
N ALA G 201 -35.13 -12.08 20.88
CA ALA G 201 -36.48 -12.28 21.41
C ALA G 201 -37.50 -11.57 20.56
N GLU G 202 -38.66 -12.22 20.37
CA GLU G 202 -39.70 -11.64 19.52
C GLU G 202 -40.28 -10.40 20.19
N GLN G 203 -40.27 -10.38 21.51
CA GLN G 203 -40.78 -9.22 22.23
C GLN G 203 -39.86 -8.00 22.06
N THR G 204 -38.56 -8.24 21.88
CA THR G 204 -37.52 -7.21 21.92
C THR G 204 -36.48 -7.39 20.81
N PRO G 205 -36.86 -7.16 19.51
CA PRO G 205 -35.85 -7.36 18.47
C PRO G 205 -35.02 -6.12 18.14
N LEU G 206 -35.55 -4.95 18.53
CA LEU G 206 -35.06 -3.71 17.96
C LEU G 206 -33.61 -3.44 18.30
N THR G 207 -33.24 -3.54 19.57
CA THR G 207 -31.86 -3.21 19.93
C THR G 207 -30.88 -4.10 19.16
N ALA G 208 -31.14 -5.40 19.02
CA ALA G 208 -30.21 -6.27 18.31
C ALA G 208 -30.03 -5.80 16.88
N LEU G 209 -31.12 -5.47 16.17
CA LEU G 209 -30.99 -5.07 14.76
C LEU G 209 -30.14 -3.82 14.64
N HIS G 210 -30.40 -2.87 15.53
CA HIS G 210 -29.63 -1.64 15.56
C HIS G 210 -28.18 -1.91 15.91
N LEU G 211 -27.91 -2.97 16.66
CA LEU G 211 -26.52 -3.36 16.89
C LEU G 211 -25.86 -3.88 15.61
N ALA G 212 -26.62 -4.55 14.74
CA ALA G 212 -26.06 -4.99 13.46
C ALA G 212 -25.52 -3.81 12.64
N SER G 213 -26.23 -2.69 12.65
CA SER G 213 -25.74 -1.51 11.94
C SER G 213 -24.38 -1.08 12.48
N LEU G 214 -24.18 -1.18 13.79
CA LEU G 214 -22.89 -0.84 14.38
C LEU G 214 -21.83 -1.88 14.02
N ILE G 215 -22.25 -3.13 13.84
CA ILE G 215 -21.36 -4.18 13.35
C ILE G 215 -21.01 -3.92 11.89
N LYS G 216 -22.01 -3.52 11.10
CA LYS G 216 -21.78 -3.07 9.73
C LYS G 216 -20.68 -2.02 9.76
N GLU G 217 -20.86 -1.01 10.59
CA GLU G 217 -19.93 0.11 10.69
C GLU G 217 -18.57 -0.31 11.21
N ALA G 218 -18.52 -1.26 12.13
CA ALA G 218 -17.22 -1.58 12.69
C ALA G 218 -16.31 -2.28 11.70
N GLY G 219 -16.85 -2.88 10.65
CA GLY G 219 -16.01 -3.50 9.64
C GLY G 219 -15.92 -5.00 9.70
N PHE G 220 -16.87 -5.67 10.35
CA PHE G 220 -16.92 -7.12 10.33
C PHE G 220 -17.19 -7.63 8.90
N PRO G 221 -16.54 -8.72 8.50
CA PRO G 221 -16.81 -9.29 7.18
C PRO G 221 -18.26 -9.76 7.08
N PRO G 222 -18.83 -9.73 5.88
CA PRO G 222 -20.22 -10.14 5.71
C PRO G 222 -20.42 -11.60 6.06
N GLY G 223 -21.56 -11.88 6.69
CA GLY G 223 -21.93 -13.21 7.07
C GLY G 223 -21.44 -13.62 8.43
N VAL G 224 -20.54 -12.84 9.02
CA VAL G 224 -19.95 -13.21 10.29
C VAL G 224 -20.98 -13.10 11.41
N VAL G 225 -21.84 -12.08 11.33
CA VAL G 225 -22.96 -11.87 12.23
C VAL G 225 -24.22 -11.69 11.38
N ASN G 226 -25.21 -12.54 11.60
CA ASN G 226 -26.49 -12.54 10.91
C ASN G 226 -27.59 -12.50 11.95
N ILE G 227 -28.61 -11.69 11.73
CA ILE G 227 -29.65 -11.53 12.74
C ILE G 227 -31.00 -11.79 12.10
N VAL G 228 -31.73 -12.76 12.62
CA VAL G 228 -33.02 -13.13 12.06
C VAL G 228 -34.07 -12.96 13.17
N PRO G 229 -34.75 -11.82 13.23
CA PRO G 229 -35.85 -11.66 14.19
C PRO G 229 -37.00 -12.59 13.84
N GLY G 230 -37.83 -12.87 14.83
CA GLY G 230 -38.98 -13.72 14.60
C GLY G 230 -39.41 -14.43 15.87
N TYR G 231 -40.21 -15.47 15.66
CA TYR G 231 -40.81 -16.26 16.72
C TYR G 231 -39.97 -17.48 17.09
N GLY G 232 -40.26 -18.02 18.27
CA GLY G 232 -39.57 -19.17 18.78
C GLY G 232 -39.87 -20.45 18.02
N PRO G 233 -41.15 -20.82 17.94
CA PRO G 233 -41.50 -22.05 17.23
C PRO G 233 -41.35 -21.94 15.72
N THR G 234 -40.90 -20.82 15.18
CA THR G 234 -40.65 -20.72 13.77
C THR G 234 -39.16 -20.59 13.48
N ALA G 235 -38.51 -19.61 14.06
CA ALA G 235 -37.14 -19.29 13.69
C ALA G 235 -36.14 -19.88 14.64
N GLY G 236 -36.51 -19.91 15.93
CA GLY G 236 -35.70 -20.60 16.89
C GLY G 236 -35.68 -22.09 16.59
N ALA G 237 -36.85 -22.66 16.30
CA ALA G 237 -36.88 -24.07 15.94
C ALA G 237 -36.04 -24.32 14.70
N ALA G 238 -36.14 -23.45 13.69
CA ALA G 238 -35.36 -23.66 12.48
C ALA G 238 -33.87 -23.65 12.77
N ILE G 239 -33.43 -22.78 13.70
CA ILE G 239 -32.01 -22.77 14.08
C ILE G 239 -31.63 -24.06 14.79
N SER G 240 -32.37 -24.46 15.82
CA SER G 240 -31.95 -25.62 16.59
C SER G 240 -32.01 -26.92 15.78
N SER G 241 -32.93 -27.01 14.83
CA SER G 241 -33.01 -28.20 14.00
C SER G 241 -32.28 -28.05 12.67
N HIS G 242 -31.53 -26.96 12.47
CA HIS G 242 -30.79 -26.80 11.23
C HIS G 242 -29.60 -27.76 11.20
N MET G 243 -29.37 -28.36 10.02
CA MET G 243 -28.34 -29.38 9.81
C MET G 243 -26.94 -28.82 9.61
N ASP G 244 -26.80 -27.51 9.39
CA ASP G 244 -25.48 -26.94 9.16
C ASP G 244 -25.11 -25.94 10.26
N VAL G 245 -25.86 -25.93 11.35
CA VAL G 245 -25.52 -25.15 12.54
C VAL G 245 -24.73 -26.08 13.45
N ASP G 246 -23.52 -25.66 13.83
CA ASP G 246 -22.66 -26.55 14.62
C ASP G 246 -23.00 -26.52 16.10
N LYS G 247 -23.48 -25.39 16.60
CA LYS G 247 -23.84 -25.28 18.01
C LYS G 247 -25.03 -24.34 18.16
N VAL G 248 -25.87 -24.62 19.15
CA VAL G 248 -26.97 -23.75 19.55
C VAL G 248 -26.80 -23.45 21.03
N ALA G 249 -26.84 -22.16 21.37
CA ALA G 249 -26.81 -21.67 22.74
C ALA G 249 -28.12 -20.93 22.98
N PHE G 250 -28.76 -21.22 24.09
CA PHE G 250 -30.11 -20.73 24.35
C PHE G 250 -30.22 -20.31 25.80
N THR G 251 -30.82 -19.14 26.02
CA THR G 251 -31.17 -18.65 27.34
C THR G 251 -32.68 -18.46 27.38
N GLY G 252 -33.32 -18.97 28.41
CA GLY G 252 -34.76 -18.90 28.49
C GLY G 252 -35.30 -19.88 29.51
N SER G 253 -36.47 -20.44 29.20
CA SER G 253 -37.19 -21.39 30.03
C SER G 253 -36.59 -22.79 29.88
N THR G 254 -37.00 -23.68 30.78
CA THR G 254 -36.56 -25.08 30.80
C THR G 254 -37.26 -25.96 29.76
N GLN G 255 -38.56 -25.81 29.54
CA GLN G 255 -39.21 -26.71 28.58
C GLN G 255 -38.70 -26.47 27.17
N VAL G 256 -38.54 -25.21 26.78
CA VAL G 256 -38.01 -24.88 25.45
C VAL G 256 -36.57 -25.41 25.34
N GLY G 257 -35.83 -25.36 26.45
CA GLY G 257 -34.50 -25.95 26.46
C GLY G 257 -34.54 -27.44 26.18
N LYS G 258 -35.49 -28.16 26.78
CA LYS G 258 -35.62 -29.58 26.51
C LYS G 258 -35.82 -29.83 25.02
N LEU G 259 -36.72 -29.05 24.40
CA LEU G 259 -36.98 -29.15 22.98
C LEU G 259 -35.73 -28.85 22.18
N ILE G 260 -34.93 -27.91 22.65
CA ILE G 260 -33.72 -27.56 21.94
C ILE G 260 -32.71 -28.68 22.00
N LYS G 261 -32.43 -29.21 23.20
CA LYS G 261 -31.46 -30.29 23.28
C LYS G 261 -32.00 -31.52 22.54
N GLU G 262 -33.31 -31.75 22.64
CA GLU G 262 -33.94 -32.88 21.96
C GLU G 262 -33.86 -32.73 20.44
N ALA G 263 -34.15 -31.53 19.94
CA ALA G 263 -34.07 -31.29 18.50
C ALA G 263 -32.64 -31.39 17.99
N ALA G 264 -31.67 -30.90 18.78
CA ALA G 264 -30.29 -31.09 18.39
C ALA G 264 -29.96 -32.57 18.26
N GLY G 265 -30.41 -33.37 19.22
CA GLY G 265 -30.22 -34.81 19.14
C GLY G 265 -30.86 -35.41 17.91
N LYS G 266 -32.05 -34.92 17.55
CA LYS G 266 -32.76 -35.49 16.39
C LYS G 266 -32.14 -35.15 15.05
N SER G 267 -31.52 -33.98 14.88
CA SER G 267 -31.17 -33.52 13.54
C SER G 267 -29.70 -33.78 13.21
N ASN G 268 -28.74 -33.03 13.80
CA ASN G 268 -27.34 -33.24 13.43
C ASN G 268 -26.33 -33.18 14.60
N LEU G 269 -26.71 -33.68 15.76
CA LEU G 269 -25.88 -33.71 16.98
C LEU G 269 -25.01 -32.48 17.14
N LYS G 270 -25.64 -31.31 17.06
CA LYS G 270 -24.91 -30.08 17.25
C LYS G 270 -24.62 -29.90 18.74
N ARG G 271 -23.58 -29.16 19.05
CA ARG G 271 -23.32 -28.89 20.45
C ARG G 271 -24.43 -27.98 20.98
N VAL G 272 -24.72 -28.11 22.28
CA VAL G 272 -25.80 -27.37 22.92
C VAL G 272 -25.27 -26.79 24.22
N THR G 273 -25.60 -25.54 24.49
CA THR G 273 -25.43 -24.90 25.79
C THR G 273 -26.73 -24.19 26.15
N LEU G 274 -27.22 -24.41 27.38
CA LEU G 274 -28.45 -23.78 27.84
C LEU G 274 -28.18 -23.03 29.13
N GLU G 275 -28.85 -21.90 29.30
CA GLU G 275 -28.80 -21.10 30.52
C GLU G 275 -30.27 -20.92 30.84
N LEU G 276 -30.79 -21.76 31.70
CA LEU G 276 -32.22 -21.79 31.92
C LEU G 276 -32.58 -21.01 33.17
N GLY G 277 -33.83 -21.09 33.58
CA GLY G 277 -34.27 -20.30 34.69
C GLY G 277 -33.71 -20.88 35.97
N GLY G 278 -34.10 -20.24 37.07
CA GLY G 278 -33.71 -20.76 38.35
C GLY G 278 -34.85 -20.69 39.34
N LYS G 279 -34.61 -21.38 40.45
CA LYS G 279 -35.35 -21.15 41.68
C LYS G 279 -34.20 -20.99 42.66
N SER G 280 -33.75 -19.75 42.81
CA SER G 280 -32.46 -19.51 43.40
C SER G 280 -32.69 -19.09 44.84
N PRO G 281 -32.09 -19.77 45.76
CA PRO G 281 -32.38 -19.48 47.16
C PRO G 281 -31.41 -18.50 47.77
N CYS G 282 -31.87 -17.78 48.79
CA CYS G 282 -31.00 -17.02 49.66
C CYS G 282 -31.09 -17.62 51.04
N ILE G 283 -29.94 -17.76 51.67
CA ILE G 283 -29.82 -18.23 53.03
C ILE G 283 -29.30 -17.05 53.84
N VAL G 284 -30.10 -16.63 54.82
CA VAL G 284 -29.73 -15.55 55.72
C VAL G 284 -29.54 -16.14 57.11
N PHE G 285 -28.31 -16.12 57.60
CA PHE G 285 -28.01 -16.62 58.93
C PHE G 285 -28.11 -15.52 59.97
N ALA G 286 -28.44 -15.91 61.21
CA ALA G 286 -28.57 -14.92 62.27
C ALA G 286 -27.30 -14.12 62.45
N ASP G 287 -26.14 -14.70 62.15
CA ASP G 287 -24.89 -13.96 62.30
C ASP G 287 -24.57 -13.09 61.10
N ALA G 288 -25.49 -12.96 60.15
CA ALA G 288 -25.33 -12.05 59.02
C ALA G 288 -25.60 -10.61 59.42
N ASP G 289 -25.08 -9.69 58.61
CA ASP G 289 -25.44 -8.28 58.76
C ASP G 289 -26.84 -8.11 58.20
N LEU G 290 -27.81 -7.86 59.10
CA LEU G 290 -29.20 -7.85 58.68
C LEU G 290 -29.47 -6.78 57.62
N ASP G 291 -28.80 -5.62 57.74
CA ASP G 291 -29.03 -4.55 56.76
C ASP G 291 -28.56 -4.96 55.37
N ILE G 292 -27.33 -5.49 55.28
CA ILE G 292 -26.79 -5.94 54.01
C ILE G 292 -27.58 -7.11 53.47
N ALA G 293 -28.02 -8.02 54.34
CA ALA G 293 -28.80 -9.17 53.91
C ALA G 293 -30.13 -8.76 53.28
N VAL G 294 -30.87 -7.85 53.94
CA VAL G 294 -32.16 -7.46 53.41
C VAL G 294 -32.03 -6.73 52.08
N GLU G 295 -31.11 -5.76 52.00
CA GLU G 295 -30.96 -4.98 50.77
C GLU G 295 -30.62 -5.87 49.58
N PHE G 296 -29.65 -6.79 49.75
CA PHE G 296 -29.22 -7.58 48.61
C PHE G 296 -30.25 -8.64 48.22
N ALA G 297 -30.87 -9.29 49.21
CA ALA G 297 -31.92 -10.25 48.88
C ALA G 297 -33.05 -9.56 48.18
N HIS G 298 -33.38 -8.39 48.69
CA HIS G 298 -34.41 -7.60 48.07
C HIS G 298 -34.06 -7.24 46.64
N HIS G 299 -32.84 -6.73 46.42
CA HIS G 299 -32.37 -6.37 45.09
C HIS G 299 -32.41 -7.57 44.17
N GLY G 300 -31.98 -8.73 44.69
CA GLY G 300 -31.89 -9.95 43.91
C GLY G 300 -33.21 -10.55 43.49
N VAL G 301 -34.32 -10.21 44.16
CA VAL G 301 -35.62 -10.73 43.76
C VAL G 301 -36.43 -9.67 43.00
N PHE G 302 -36.10 -8.39 43.16
CA PHE G 302 -36.86 -7.28 42.60
C PHE G 302 -36.23 -6.57 41.41
N TYR G 303 -34.92 -6.77 41.16
CA TYR G 303 -34.27 -6.04 40.07
C TYR G 303 -34.96 -6.35 38.74
N HIS G 304 -35.21 -5.29 37.97
CA HIS G 304 -35.89 -5.40 36.69
C HIS G 304 -37.12 -6.28 36.82
N GLN G 305 -37.92 -5.99 37.86
CA GLN G 305 -39.24 -6.60 38.10
C GLN G 305 -39.19 -8.10 38.24
N GLY G 306 -38.13 -8.58 38.84
CA GLY G 306 -38.01 -9.97 39.11
C GLY G 306 -37.88 -10.84 37.90
N GLN G 307 -37.57 -10.25 36.74
CA GLN G 307 -37.39 -11.00 35.49
C GLN G 307 -35.94 -11.40 35.28
N CYS G 308 -35.11 -11.19 36.29
CA CYS G 308 -33.69 -11.44 36.14
C CYS G 308 -33.41 -12.92 35.99
N CYS G 309 -32.31 -13.18 35.27
CA CYS G 309 -31.80 -14.53 35.02
C CYS G 309 -31.70 -15.37 36.31
N VAL G 310 -31.23 -14.76 37.40
CA VAL G 310 -30.88 -15.47 38.61
C VAL G 310 -31.69 -15.03 39.83
N ALA G 311 -32.89 -14.47 39.61
CA ALA G 311 -33.73 -13.96 40.69
C ALA G 311 -33.72 -14.83 41.95
N ALA G 312 -33.61 -14.17 43.10
CA ALA G 312 -33.58 -14.81 44.41
C ALA G 312 -35.03 -14.98 44.87
N SER G 313 -35.64 -16.04 44.36
CA SER G 313 -37.06 -16.26 44.54
C SER G 313 -37.41 -17.02 45.82
N ARG G 314 -36.43 -17.61 46.52
CA ARG G 314 -36.66 -18.23 47.83
C ARG G 314 -35.67 -17.65 48.83
N ILE G 315 -36.17 -17.13 49.95
CA ILE G 315 -35.32 -16.54 50.97
C ILE G 315 -35.50 -17.31 52.27
N PHE G 316 -34.46 -18.07 52.68
CA PHE G 316 -34.47 -18.79 53.94
C PHE G 316 -33.78 -17.97 55.01
N VAL G 317 -34.50 -17.72 56.10
CA VAL G 317 -33.98 -16.93 57.21
C VAL G 317 -33.97 -17.76 58.49
N GLU G 318 -32.94 -17.58 59.30
CA GLU G 318 -32.83 -18.27 60.57
C GLU G 318 -33.89 -17.74 61.52
N GLU G 319 -34.48 -18.65 62.31
CA GLU G 319 -35.62 -18.31 63.15
C GLU G 319 -35.40 -17.07 64.01
N SER G 320 -34.22 -16.94 64.64
CA SER G 320 -34.01 -15.85 65.60
C SER G 320 -34.19 -14.48 64.98
N VAL G 321 -33.87 -14.31 63.70
CA VAL G 321 -33.93 -13.02 63.03
C VAL G 321 -35.06 -12.99 62.00
N TYR G 322 -35.88 -14.04 61.92
CA TYR G 322 -36.89 -14.12 60.88
C TYR G 322 -37.87 -12.95 60.89
N ASP G 323 -38.44 -12.68 62.06
CA ASP G 323 -39.49 -11.66 62.09
C ASP G 323 -38.92 -10.29 61.74
N GLU G 324 -37.73 -9.98 62.23
CA GLU G 324 -37.09 -8.72 61.89
C GLU G 324 -36.81 -8.61 60.38
N PHE G 325 -36.33 -9.70 59.78
CA PHE G 325 -36.03 -9.70 58.34
C PHE G 325 -37.28 -9.40 57.52
N VAL G 326 -38.40 -10.07 57.83
CA VAL G 326 -39.63 -9.79 57.11
C VAL G 326 -40.07 -8.36 57.38
N LYS G 327 -39.87 -7.87 58.60
CA LYS G 327 -40.21 -6.48 58.91
C LYS G 327 -39.50 -5.52 57.97
N ARG G 328 -38.17 -5.63 57.83
CA ARG G 328 -37.44 -4.72 56.96
C ARG G 328 -37.75 -4.95 55.49
N SER G 329 -37.95 -6.22 55.11
CA SER G 329 -38.27 -6.53 53.72
C SER G 329 -39.55 -5.86 53.30
N VAL G 330 -40.58 -5.90 54.15
CA VAL G 330 -41.82 -5.23 53.81
C VAL G 330 -41.60 -3.72 53.68
N GLU G 331 -40.75 -3.15 54.55
CA GLU G 331 -40.48 -1.71 54.49
C GLU G 331 -39.80 -1.33 53.19
N ARG G 332 -38.85 -2.16 52.72
CA ARG G 332 -38.18 -1.77 51.48
C ARG G 332 -39.10 -2.02 50.28
N ALA G 333 -39.92 -3.09 50.32
CA ALA G 333 -40.84 -3.35 49.20
C ALA G 333 -41.94 -2.30 49.14
N LYS G 334 -42.17 -1.58 50.23
CA LYS G 334 -43.17 -0.52 50.25
C LYS G 334 -42.66 0.76 49.61
N LYS G 335 -41.48 0.76 48.99
CA LYS G 335 -40.77 1.98 48.63
C LYS G 335 -40.65 2.20 47.10
N TYR G 336 -41.42 1.51 46.30
CA TYR G 336 -41.31 1.58 44.85
C TYR G 336 -42.31 2.51 44.20
N VAL G 337 -41.97 3.01 43.00
CA VAL G 337 -42.84 3.93 42.23
C VAL G 337 -42.98 3.39 40.81
N LEU G 338 -44.17 2.89 40.48
CA LEU G 338 -44.45 2.23 39.22
C LEU G 338 -44.89 3.22 38.15
N GLY G 339 -44.59 2.90 36.91
CA GLY G 339 -44.99 3.77 35.82
C GLY G 339 -44.13 3.55 34.59
N ASN G 340 -44.19 4.53 33.68
CA ASN G 340 -43.39 4.50 32.46
C ASN G 340 -41.91 4.45 32.84
N PRO G 341 -41.16 3.41 32.42
CA PRO G 341 -39.74 3.33 32.77
C PRO G 341 -38.89 4.53 32.38
N LEU G 342 -39.34 5.34 31.43
CA LEU G 342 -38.57 6.48 30.93
C LEU G 342 -38.75 7.76 31.74
N THR G 343 -39.86 7.89 32.48
CA THR G 343 -40.20 9.10 33.25
C THR G 343 -39.35 9.21 34.52
N PRO G 344 -38.89 10.41 34.88
CA PRO G 344 -38.08 10.56 36.09
C PRO G 344 -38.84 10.20 37.36
N GLY G 345 -38.15 9.48 38.26
CA GLY G 345 -38.70 9.07 39.52
C GLY G 345 -39.30 7.67 39.55
N ILE G 346 -39.62 7.10 38.39
CA ILE G 346 -40.25 5.78 38.38
C ILE G 346 -39.22 4.70 38.71
N ASN G 347 -39.58 3.78 39.60
CA ASN G 347 -38.70 2.73 40.10
C ASN G 347 -38.91 1.36 39.46
N GLN G 348 -40.10 1.07 38.97
CA GLN G 348 -40.48 -0.24 38.51
C GLN G 348 -41.30 -0.04 37.24
N GLY G 349 -40.90 -0.71 36.17
CA GLY G 349 -41.63 -0.69 34.93
C GLY G 349 -42.71 -1.80 34.82
N PRO G 350 -43.01 -2.21 33.59
CA PRO G 350 -43.95 -3.30 33.35
C PRO G 350 -43.28 -4.65 33.04
N GLN G 351 -44.05 -5.74 33.24
CA GLN G 351 -43.59 -7.05 32.79
C GLN G 351 -43.62 -7.13 31.26
N ILE G 352 -42.92 -8.13 30.69
CA ILE G 352 -42.59 -8.01 29.27
C ILE G 352 -43.79 -8.16 28.33
N ASP G 353 -44.83 -8.91 28.74
CA ASP G 353 -45.98 -9.15 27.87
C ASP G 353 -47.11 -9.72 28.70
N LYS G 354 -48.25 -9.98 28.05
CA LYS G 354 -49.43 -10.38 28.81
C LYS G 354 -49.33 -11.82 29.34
N GLU G 355 -48.71 -12.73 28.58
CA GLU G 355 -48.59 -14.09 29.08
C GLU G 355 -47.89 -14.07 30.45
N GLN G 356 -46.81 -13.28 30.57
CA GLN G 356 -46.10 -13.20 31.84
C GLN G 356 -46.91 -12.47 32.89
N HIS G 357 -47.66 -11.44 32.52
CA HIS G 357 -48.48 -10.73 33.49
C HIS G 357 -49.53 -11.68 34.05
N ASP G 358 -50.22 -12.39 33.18
CA ASP G 358 -51.21 -13.38 33.62
C ASP G 358 -50.57 -14.46 34.47
N LYS G 359 -49.44 -14.99 34.00
CA LYS G 359 -48.75 -16.04 34.74
C LYS G 359 -48.43 -15.61 36.16
N ILE G 360 -47.90 -14.39 36.33
CA ILE G 360 -47.55 -13.92 37.67
C ILE G 360 -48.79 -13.83 38.55
N LEU G 361 -49.88 -13.26 38.01
CA LEU G 361 -51.11 -13.07 38.77
C LEU G 361 -51.73 -14.38 39.19
N ASP G 362 -51.73 -15.40 38.31
CA ASP G 362 -52.21 -16.72 38.73
C ASP G 362 -51.37 -17.27 39.89
N LEU G 363 -50.04 -17.06 39.87
CA LEU G 363 -49.20 -17.50 40.99
C LEU G 363 -49.53 -16.75 42.27
N ILE G 364 -49.69 -15.42 42.20
CA ILE G 364 -50.07 -14.70 43.42
C ILE G 364 -51.39 -15.27 43.93
N GLU G 365 -52.30 -15.63 43.01
CA GLU G 365 -53.54 -16.27 43.41
C GLU G 365 -53.26 -17.58 44.14
N SER G 366 -52.34 -18.41 43.63
CA SER G 366 -51.95 -19.63 44.35
C SER G 366 -51.38 -19.31 45.73
N GLY G 367 -50.52 -18.30 45.82
CA GLY G 367 -49.95 -17.93 47.11
C GLY G 367 -51.00 -17.56 48.14
N LYS G 368 -52.01 -16.77 47.76
CA LYS G 368 -53.09 -16.44 48.69
C LYS G 368 -53.88 -17.70 49.07
N LYS G 369 -54.19 -18.53 48.06
CA LYS G 369 -54.99 -19.73 48.25
C LYS G 369 -54.26 -20.81 49.06
N GLU G 370 -52.94 -20.98 48.87
CA GLU G 370 -52.31 -22.06 49.60
C GLU G 370 -51.88 -21.68 51.03
N GLY G 371 -52.24 -20.48 51.51
CA GLY G 371 -52.03 -20.10 52.89
C GLY G 371 -50.75 -19.40 53.26
N ALA G 372 -50.19 -18.58 52.37
CA ALA G 372 -49.03 -17.78 52.70
C ALA G 372 -49.51 -16.41 53.17
N LYS G 373 -48.74 -15.81 54.07
CA LYS G 373 -49.11 -14.51 54.63
C LYS G 373 -48.65 -13.40 53.71
N LEU G 374 -49.61 -12.63 53.18
CA LEU G 374 -49.36 -11.49 52.31
C LEU G 374 -49.17 -10.21 53.12
N GLU G 375 -48.02 -9.54 52.94
CA GLU G 375 -47.77 -8.30 53.68
C GLU G 375 -48.02 -7.04 52.88
N CYS G 376 -47.72 -7.06 51.58
CA CYS G 376 -47.97 -5.91 50.71
C CYS G 376 -48.03 -6.41 49.27
N GLY G 377 -48.62 -5.59 48.40
CA GLY G 377 -48.84 -6.03 47.03
C GLY G 377 -50.04 -6.95 46.92
N GLY G 378 -49.95 -7.95 46.02
CA GLY G 378 -51.03 -8.90 45.82
C GLY G 378 -51.74 -8.79 44.48
N GLY G 379 -51.29 -7.93 43.58
CA GLY G 379 -52.01 -7.78 42.33
C GLY G 379 -51.50 -6.77 41.32
N ARG G 380 -52.42 -6.33 40.47
CA ARG G 380 -52.10 -5.43 39.41
C ARG G 380 -51.96 -4.00 39.95
N TRP G 381 -51.44 -3.12 39.10
CA TRP G 381 -51.28 -1.69 39.35
C TRP G 381 -51.59 -0.98 38.03
N GLY G 382 -52.56 -0.04 38.04
CA GLY G 382 -52.91 0.68 36.82
C GLY G 382 -53.80 -0.17 35.90
N ASN G 383 -54.30 0.44 34.83
CA ASN G 383 -55.04 -0.33 33.83
C ASN G 383 -54.27 -0.62 32.55
N LYS G 384 -53.31 0.21 32.18
CA LYS G 384 -52.59 0.01 30.92
C LYS G 384 -51.15 -0.32 31.23
N GLY G 385 -50.61 -1.23 30.42
CA GLY G 385 -49.31 -1.83 30.61
C GLY G 385 -49.42 -3.10 31.44
N PHE G 386 -48.29 -3.77 31.55
CA PHE G 386 -48.24 -5.03 32.28
C PHE G 386 -47.54 -4.72 33.59
N PHE G 387 -48.29 -4.25 34.57
CA PHE G 387 -47.71 -3.87 35.85
C PHE G 387 -48.22 -4.77 36.97
N VAL G 388 -47.32 -5.07 37.89
CA VAL G 388 -47.61 -5.91 39.04
C VAL G 388 -47.08 -5.22 40.30
N GLN G 389 -47.90 -5.21 41.34
CA GLN G 389 -47.48 -4.65 42.61
C GLN G 389 -46.28 -5.44 43.11
N PRO G 390 -45.25 -4.79 43.65
CA PRO G 390 -44.20 -5.55 44.33
C PRO G 390 -44.82 -6.33 45.48
N THR G 391 -44.78 -7.65 45.42
CA THR G 391 -45.48 -8.51 46.36
C THR G 391 -44.48 -9.24 47.25
N VAL G 392 -44.82 -9.37 48.52
CA VAL G 392 -43.98 -10.09 49.48
C VAL G 392 -44.86 -11.07 50.26
N PHE G 393 -44.48 -12.34 50.23
CA PHE G 393 -45.14 -13.40 50.97
C PHE G 393 -44.21 -13.91 52.08
N SER G 394 -44.77 -14.13 53.27
CA SER G 394 -44.04 -14.76 54.38
C SER G 394 -44.72 -16.07 54.75
N ASN G 395 -44.10 -16.76 55.69
CA ASN G 395 -44.59 -18.05 56.16
C ASN G 395 -44.79 -18.98 54.98
N VAL G 396 -43.85 -18.91 54.03
CA VAL G 396 -43.90 -19.78 52.89
C VAL G 396 -43.33 -21.13 53.29
N THR G 397 -43.99 -22.20 52.86
CA THR G 397 -43.51 -23.55 53.09
C THR G 397 -43.08 -24.07 51.73
N ASP G 398 -42.23 -25.10 51.77
CA ASP G 398 -41.57 -25.58 50.58
C ASP G 398 -42.57 -26.20 49.61
N GLU G 399 -43.73 -26.63 50.12
CA GLU G 399 -44.74 -27.34 49.36
C GLU G 399 -45.68 -26.41 48.60
N MET G 400 -45.50 -25.11 48.70
CA MET G 400 -46.44 -24.23 48.03
C MET G 400 -46.05 -23.98 46.59
N ARG G 401 -47.05 -23.59 45.80
CA ARG G 401 -46.83 -23.34 44.39
C ARG G 401 -45.74 -22.30 44.16
N ILE G 402 -45.83 -21.15 44.85
CA ILE G 402 -44.83 -20.09 44.69
C ILE G 402 -43.46 -20.46 45.25
N ALA G 403 -43.35 -21.57 45.98
CA ALA G 403 -42.04 -22.02 46.43
C ALA G 403 -41.39 -23.03 45.48
N LYS G 404 -42.19 -23.58 44.57
CA LYS G 404 -41.78 -24.61 43.64
C LYS G 404 -41.82 -24.17 42.20
N GLU G 405 -42.42 -23.02 41.92
CA GLU G 405 -42.53 -22.56 40.54
C GLU G 405 -41.71 -21.30 40.30
N GLU G 406 -40.97 -21.28 39.19
CA GLU G 406 -40.33 -20.03 38.85
C GLU G 406 -41.41 -19.01 38.56
N ILE G 407 -41.48 -17.96 39.36
CA ILE G 407 -42.54 -16.98 39.18
C ILE G 407 -42.19 -15.96 38.09
N PHE G 408 -40.90 -15.59 38.07
CA PHE G 408 -40.36 -14.61 37.13
C PHE G 408 -41.05 -13.27 37.30
N GLY G 409 -41.15 -12.81 38.54
CA GLY G 409 -41.83 -11.57 38.80
C GLY G 409 -41.43 -10.90 40.10
N PRO G 410 -41.90 -9.67 40.30
CA PRO G 410 -41.54 -8.96 41.54
C PRO G 410 -42.23 -9.55 42.78
N VAL G 411 -42.12 -10.87 42.95
CA VAL G 411 -42.70 -11.59 44.09
C VAL G 411 -41.58 -12.18 44.93
N GLN G 412 -41.60 -11.90 46.23
CA GLN G 412 -40.60 -12.38 47.17
C GLN G 412 -41.20 -13.44 48.10
N GLN G 413 -40.48 -14.52 48.31
CA GLN G 413 -40.88 -15.59 49.24
C GLN G 413 -39.87 -15.66 50.37
N ILE G 414 -40.35 -15.57 51.61
CA ILE G 414 -39.49 -15.71 52.77
C ILE G 414 -39.91 -16.95 53.53
N MET G 415 -38.94 -17.80 53.85
CA MET G 415 -39.19 -19.04 54.55
C MET G 415 -38.25 -19.07 55.74
N LYS G 416 -38.51 -19.98 56.65
CA LYS G 416 -37.70 -20.00 57.85
C LYS G 416 -36.98 -21.34 57.93
N PHE G 417 -35.86 -21.32 58.63
CA PHE G 417 -35.07 -22.52 58.88
C PHE G 417 -34.37 -22.32 60.21
N LYS G 418 -34.02 -23.44 60.85
CA LYS G 418 -33.27 -23.39 62.10
C LYS G 418 -31.96 -24.15 61.99
N SER G 419 -31.90 -25.15 61.13
CA SER G 419 -30.73 -26.01 61.06
C SER G 419 -29.96 -25.85 59.76
N VAL G 420 -28.63 -25.87 59.86
CA VAL G 420 -27.78 -25.66 58.69
C VAL G 420 -27.97 -26.81 57.71
N ASP G 421 -27.95 -28.04 58.22
CA ASP G 421 -28.12 -29.21 57.35
C ASP G 421 -29.48 -29.18 56.67
N ASP G 422 -30.53 -28.87 57.45
CA ASP G 422 -31.88 -28.80 56.91
C ASP G 422 -31.99 -27.78 55.77
N VAL G 423 -31.38 -26.59 55.94
CA VAL G 423 -31.56 -25.54 54.94
C VAL G 423 -30.76 -25.84 53.67
N ILE G 424 -29.58 -26.45 53.80
CA ILE G 424 -28.84 -26.83 52.59
C ILE G 424 -29.64 -27.84 51.79
N LYS G 425 -30.21 -28.84 52.46
CA LYS G 425 -31.04 -29.83 51.79
C LYS G 425 -32.23 -29.19 51.10
N ARG G 426 -32.91 -28.30 51.82
CA ARG G 426 -34.10 -27.63 51.30
C ARG G 426 -33.76 -26.71 50.15
N ALA G 427 -32.68 -25.93 50.30
CA ALA G 427 -32.24 -25.05 49.21
C ALA G 427 -31.86 -25.84 47.96
N ASN G 428 -31.22 -26.98 48.12
CA ASN G 428 -30.86 -27.82 47.00
C ASN G 428 -32.03 -28.63 46.46
N ASN G 429 -33.18 -28.58 47.12
CA ASN G 429 -34.32 -29.41 46.75
C ASN G 429 -35.18 -28.70 45.71
N THR G 430 -34.59 -28.59 44.54
CA THR G 430 -35.28 -28.07 43.38
C THR G 430 -34.61 -28.68 42.17
N THR G 431 -35.28 -28.55 41.04
CA THR G 431 -34.75 -28.98 39.75
C THR G 431 -33.89 -27.91 39.06
N TYR G 432 -33.62 -26.79 39.74
CA TYR G 432 -32.83 -25.69 39.19
C TYR G 432 -31.51 -25.57 39.94
N GLY G 433 -30.47 -25.11 39.26
CA GLY G 433 -29.22 -24.90 39.95
C GLY G 433 -28.41 -23.69 39.49
N LEU G 434 -29.05 -22.57 39.16
CA LEU G 434 -28.27 -21.50 38.54
C LEU G 434 -27.48 -20.71 39.55
N ALA G 435 -28.11 -20.29 40.65
CA ALA G 435 -27.41 -19.40 41.56
C ALA G 435 -27.96 -19.53 42.97
N ALA G 436 -27.26 -18.90 43.91
CA ALA G 436 -27.64 -18.87 45.31
C ALA G 436 -26.91 -17.72 45.99
N GLY G 437 -27.51 -17.23 47.08
CA GLY G 437 -26.91 -16.22 47.90
C GLY G 437 -26.85 -16.70 49.33
N LEU G 438 -25.80 -16.28 50.03
CA LEU G 438 -25.52 -16.74 51.38
C LEU G 438 -24.97 -15.58 52.20
N PHE G 439 -25.55 -15.33 53.37
CA PHE G 439 -25.17 -14.17 54.18
C PHE G 439 -24.74 -14.62 55.57
N THR G 440 -23.48 -14.38 55.88
CA THR G 440 -22.88 -14.69 57.16
C THR G 440 -21.54 -13.98 57.23
N LYS G 441 -21.09 -13.74 58.47
CA LYS G 441 -19.77 -13.18 58.67
C LYS G 441 -18.77 -14.26 59.06
N ASP G 442 -19.23 -15.50 59.15
CA ASP G 442 -18.39 -16.61 59.59
C ASP G 442 -17.65 -17.22 58.38
N LEU G 443 -16.32 -17.25 58.49
CA LEU G 443 -15.48 -17.80 57.43
C LEU G 443 -15.83 -19.25 57.13
N ASP G 444 -15.91 -20.08 58.18
CA ASP G 444 -16.19 -21.49 57.97
C ASP G 444 -17.54 -21.71 57.32
N LYS G 445 -18.57 -20.97 57.78
CA LYS G 445 -19.89 -21.18 57.22
C LYS G 445 -19.89 -20.79 55.75
N ALA G 446 -19.27 -19.65 55.44
CA ALA G 446 -19.22 -19.15 54.07
C ALA G 446 -18.60 -20.15 53.11
N ILE G 447 -17.41 -20.67 53.42
CA ILE G 447 -16.74 -21.60 52.52
C ILE G 447 -17.45 -22.96 52.48
N THR G 448 -17.78 -23.53 53.66
CA THR G 448 -18.33 -24.90 53.64
C THR G 448 -19.71 -24.92 53.01
N VAL G 449 -20.58 -23.97 53.39
CA VAL G 449 -21.94 -23.96 52.85
C VAL G 449 -21.92 -23.67 51.35
N SER G 450 -21.12 -22.69 50.89
CA SER G 450 -21.09 -22.42 49.46
C SER G 450 -20.56 -23.62 48.70
N SER G 451 -19.69 -24.41 49.34
CA SER G 451 -19.27 -25.66 48.71
C SER G 451 -20.41 -26.64 48.61
N ALA G 452 -21.34 -26.59 49.55
CA ALA G 452 -22.43 -27.56 49.62
C ALA G 452 -23.59 -27.24 48.68
N LEU G 453 -23.75 -25.98 48.28
CA LEU G 453 -24.92 -25.59 47.52
C LEU G 453 -24.86 -26.05 46.08
N GLN G 454 -25.97 -26.61 45.60
CA GLN G 454 -26.01 -27.11 44.22
C GLN G 454 -26.41 -25.96 43.30
N ALA G 455 -25.43 -25.08 43.10
CA ALA G 455 -25.61 -23.89 42.28
C ALA G 455 -24.30 -23.52 41.55
N GLY G 456 -24.46 -22.99 40.35
CA GLY G 456 -23.33 -22.57 39.54
C GLY G 456 -22.66 -21.30 40.02
N VAL G 457 -23.41 -20.41 40.67
CA VAL G 457 -22.87 -19.17 41.17
C VAL G 457 -23.30 -19.07 42.62
N VAL G 458 -22.36 -18.76 43.50
CA VAL G 458 -22.68 -18.50 44.90
C VAL G 458 -22.17 -17.11 45.25
N TRP G 459 -23.08 -16.21 45.57
CA TRP G 459 -22.70 -14.90 46.10
C TRP G 459 -22.75 -14.97 47.63
N VAL G 460 -21.74 -14.40 48.27
CA VAL G 460 -21.66 -14.35 49.72
C VAL G 460 -21.64 -12.89 50.15
N ASN G 461 -22.61 -12.51 50.99
CA ASN G 461 -22.77 -11.15 51.48
C ASN G 461 -22.90 -10.15 50.34
N CYS G 462 -23.45 -10.62 49.23
CA CYS G 462 -23.84 -9.77 48.11
C CYS G 462 -24.72 -10.63 47.23
N TYR G 463 -25.19 -10.04 46.14
CA TYR G 463 -26.04 -10.76 45.22
C TYR G 463 -26.08 -9.98 43.91
N MET G 464 -26.23 -10.71 42.82
CA MET G 464 -26.27 -10.15 41.48
C MET G 464 -25.07 -9.25 41.24
N MET G 465 -23.94 -9.73 41.74
CA MET G 465 -22.63 -9.15 41.48
C MET G 465 -22.04 -9.97 40.36
N LEU G 466 -22.41 -9.59 39.16
CA LEU G 466 -21.91 -10.21 37.94
C LEU G 466 -20.73 -9.40 37.41
N SER G 467 -19.98 -10.04 36.52
CA SER G 467 -18.89 -9.39 35.85
C SER G 467 -18.60 -10.20 34.61
N ALA G 468 -17.76 -9.63 33.76
CA ALA G 468 -17.37 -10.36 32.57
C ALA G 468 -16.29 -11.38 32.92
N GLN G 469 -15.52 -11.18 33.97
CA GLN G 469 -14.44 -12.11 34.27
C GLN G 469 -14.94 -13.43 34.85
N CYS G 470 -16.17 -13.48 35.35
CA CYS G 470 -16.48 -14.74 36.00
C CYS G 470 -17.33 -15.62 35.09
N PRO G 471 -17.06 -16.92 35.06
CA PRO G 471 -17.94 -17.82 34.31
C PRO G 471 -19.22 -17.96 35.11
N PHE G 472 -20.29 -17.96 34.37
CA PHE G 472 -21.66 -17.90 34.87
C PHE G 472 -22.37 -19.11 34.27
N GLY G 473 -23.15 -19.84 35.08
CA GLY G 473 -23.76 -21.06 34.59
C GLY G 473 -24.47 -21.86 35.65
N GLY G 474 -25.15 -22.92 35.20
CA GLY G 474 -26.06 -23.63 36.07
C GLY G 474 -25.74 -25.10 36.27
N PHE G 475 -26.19 -25.60 37.44
CA PHE G 475 -26.20 -26.99 37.87
C PHE G 475 -27.56 -27.62 37.55
N LYS G 476 -27.65 -28.94 37.74
CA LYS G 476 -28.88 -29.76 37.58
C LYS G 476 -29.58 -29.44 36.26
N MET G 477 -30.91 -29.23 36.25
CA MET G 477 -31.72 -28.91 35.09
C MET G 477 -31.82 -27.43 34.82
N SER G 478 -31.01 -26.64 35.49
CA SER G 478 -30.91 -25.21 35.18
C SER G 478 -29.55 -24.99 34.54
N GLY G 479 -29.53 -25.06 33.23
CA GLY G 479 -28.31 -24.76 32.54
C GLY G 479 -27.46 -25.96 32.19
N ASN G 480 -26.56 -25.69 31.26
CA ASN G 480 -25.59 -26.56 30.61
C ASN G 480 -24.56 -25.58 30.05
N GLY G 481 -23.30 -25.75 30.41
CA GLY G 481 -22.35 -24.80 29.88
C GLY G 481 -22.25 -23.55 30.73
N ARG G 482 -21.21 -22.76 30.47
CA ARG G 482 -20.94 -21.54 31.23
C ARG G 482 -20.70 -20.38 30.28
N GLU G 483 -21.01 -19.15 30.71
CA GLU G 483 -20.79 -18.00 29.83
C GLU G 483 -19.76 -17.04 30.38
N LEU G 484 -19.03 -16.48 29.42
CA LEU G 484 -18.17 -15.33 29.61
C LEU G 484 -17.18 -15.40 30.77
N GLY G 485 -16.68 -16.56 31.13
CA GLY G 485 -15.41 -16.60 31.82
C GLY G 485 -14.35 -16.97 30.80
N GLU G 486 -13.14 -17.14 31.30
CA GLU G 486 -12.15 -17.77 30.45
C GLU G 486 -12.69 -19.12 29.99
N HIS G 487 -13.43 -19.81 30.88
CA HIS G 487 -14.06 -21.06 30.52
C HIS G 487 -15.17 -20.84 29.50
N GLY G 488 -15.89 -19.71 29.60
CA GLY G 488 -16.96 -19.42 28.66
C GLY G 488 -16.43 -19.18 27.26
N LEU G 489 -15.27 -18.53 27.14
CA LEU G 489 -14.65 -18.34 25.83
C LEU G 489 -14.19 -19.68 25.25
N TYR G 490 -13.62 -20.55 26.09
CA TYR G 490 -13.17 -21.83 25.56
C TYR G 490 -14.32 -22.75 25.17
N GLU G 491 -15.55 -22.52 25.64
CA GLU G 491 -16.67 -23.34 25.17
C GLU G 491 -17.05 -23.04 23.73
N TYR G 492 -16.52 -21.96 23.15
CA TYR G 492 -16.74 -21.63 21.75
C TYR G 492 -15.57 -22.07 20.88
N THR G 493 -14.77 -23.01 21.37
CA THR G 493 -13.71 -23.59 20.55
C THR G 493 -13.93 -25.08 20.40
N GLU G 494 -13.33 -25.63 19.36
CA GLU G 494 -13.29 -27.05 19.12
C GLU G 494 -11.83 -27.46 19.19
N LEU G 495 -11.54 -28.55 19.88
CA LEU G 495 -10.15 -28.94 20.07
C LEU G 495 -9.69 -29.89 18.98
N LYS G 496 -8.49 -29.64 18.45
CA LYS G 496 -7.93 -30.47 17.41
C LYS G 496 -6.52 -30.87 17.82
N THR G 497 -6.27 -32.18 17.82
CA THR G 497 -4.96 -32.72 18.17
C THR G 497 -4.19 -33.10 16.89
N VAL G 498 -3.01 -32.54 16.75
CA VAL G 498 -2.13 -32.84 15.63
C VAL G 498 -0.92 -33.57 16.21
N ALA G 499 -0.64 -34.76 15.67
CA ALA G 499 0.46 -35.61 16.13
C ALA G 499 1.31 -35.97 14.93
N MET G 500 2.52 -35.44 14.87
CA MET G 500 3.38 -35.61 13.71
C MET G 500 4.57 -36.49 14.06
N LYS G 501 4.74 -37.60 13.35
CA LYS G 501 5.89 -38.46 13.59
C LYS G 501 7.18 -37.75 13.22
N ILE G 502 8.18 -37.90 14.08
CA ILE G 502 9.50 -37.31 13.88
C ILE G 502 10.55 -38.38 14.15
N SER G 503 11.75 -38.14 13.61
CA SER G 503 12.80 -39.16 13.67
C SER G 503 13.29 -39.37 15.10
N GLN G 504 13.42 -38.29 15.87
CA GLN G 504 13.77 -38.40 17.28
C GLN G 504 13.20 -37.24 18.09
N LYS G 505 12.66 -37.56 19.27
CA LYS G 505 12.15 -36.53 20.19
C LYS G 505 13.12 -36.35 21.35
N ASN G 506 13.21 -35.10 21.81
CA ASN G 506 13.99 -34.72 22.98
C ASN G 506 13.12 -33.89 23.90
N SER G 507 13.40 -33.97 25.20
CA SER G 507 12.54 -33.31 26.19
C SER G 507 12.50 -31.78 26.01
N ALA H 14 0.97 -45.04 65.40
CA ALA H 14 1.24 -46.42 65.01
C ALA H 14 2.67 -46.48 64.41
N VAL H 15 3.57 -45.73 65.05
CA VAL H 15 5.03 -45.75 64.82
C VAL H 15 5.61 -47.08 65.29
N PRO H 16 6.62 -47.60 64.57
CA PRO H 16 7.28 -48.82 65.03
C PRO H 16 8.44 -48.48 65.95
N ALA H 17 9.34 -49.39 66.08
CA ALA H 17 10.50 -49.07 66.87
C ALA H 17 11.66 -48.73 65.93
N PRO H 18 12.57 -47.86 66.35
CA PRO H 18 13.72 -47.53 65.49
C PRO H 18 14.65 -48.72 65.31
N LEU H 19 15.18 -48.87 64.09
CA LEU H 19 16.19 -49.91 63.87
C LEU H 19 17.26 -49.81 64.95
N ALA H 20 17.29 -50.81 65.84
CA ALA H 20 18.25 -50.81 66.95
C ALA H 20 19.67 -50.76 66.41
N ASP H 21 20.05 -51.76 65.63
CA ASP H 21 21.40 -51.89 65.06
C ASP H 21 21.37 -51.45 63.59
N LEU H 22 21.69 -50.17 63.35
CA LEU H 22 21.72 -49.51 62.05
C LEU H 22 23.15 -49.15 61.66
N LYS H 23 23.63 -49.69 60.53
CA LYS H 23 24.97 -49.42 60.01
C LYS H 23 24.90 -48.40 58.87
N ILE H 24 25.81 -47.43 58.88
CA ILE H 24 25.86 -46.44 57.82
C ILE H 24 26.64 -47.05 56.66
N GLN H 25 25.99 -47.16 55.51
CA GLN H 25 26.54 -47.92 54.40
C GLN H 25 27.21 -47.07 53.34
N HIS H 26 26.64 -45.91 53.08
CA HIS H 26 27.07 -45.04 52.00
C HIS H 26 27.63 -43.77 52.60
N THR H 27 28.90 -43.56 52.40
CA THR H 27 29.64 -42.43 52.95
C THR H 27 30.38 -41.65 51.87
N LYS H 28 30.43 -42.17 50.64
CA LYS H 28 31.27 -41.62 49.59
C LYS H 28 30.46 -40.68 48.67
N ILE H 29 31.16 -40.08 47.69
CA ILE H 29 30.57 -39.14 46.74
C ILE H 29 29.88 -39.91 45.61
N PHE H 30 28.72 -39.42 45.18
CA PHE H 30 27.87 -40.12 44.23
C PHE H 30 27.94 -39.38 42.90
N ILE H 31 28.55 -40.01 41.90
CA ILE H 31 28.67 -39.44 40.55
C ILE H 31 28.49 -40.56 39.54
N ASN H 32 27.67 -40.34 38.52
CA ASN H 32 27.45 -41.34 37.46
C ASN H 32 27.07 -42.70 38.02
N ASN H 33 26.21 -42.71 39.06
CA ASN H 33 25.73 -43.93 39.69
C ASN H 33 26.87 -44.77 40.28
N GLU H 34 27.99 -44.12 40.63
CA GLU H 34 29.11 -44.79 41.27
C GLU H 34 29.58 -44.01 42.49
N TRP H 35 30.20 -44.74 43.42
CA TRP H 35 30.71 -44.16 44.65
C TRP H 35 32.17 -43.78 44.46
N HIS H 36 32.52 -42.58 44.87
CA HIS H 36 33.83 -42.00 44.65
C HIS H 36 34.45 -41.57 45.97
N ASN H 37 35.76 -41.73 46.06
CA ASN H 37 36.49 -41.08 47.13
C ASN H 37 36.71 -39.62 46.74
N SER H 38 36.98 -38.77 47.74
CA SER H 38 37.28 -37.39 47.40
C SER H 38 38.61 -37.32 46.67
N VAL H 39 38.71 -36.35 45.75
CA VAL H 39 39.97 -36.21 45.02
C VAL H 39 41.12 -35.96 46.00
N SER H 40 40.89 -35.13 47.02
CA SER H 40 41.93 -34.86 47.99
C SER H 40 42.16 -36.03 48.94
N GLY H 41 41.23 -36.98 48.99
CA GLY H 41 41.26 -38.05 49.94
C GLY H 41 40.70 -37.68 51.31
N LYS H 42 40.37 -36.40 51.52
CA LYS H 42 39.91 -35.94 52.82
C LYS H 42 38.51 -36.41 53.14
N LYS H 43 38.31 -36.73 54.41
CA LYS H 43 37.02 -37.04 54.98
C LYS H 43 36.69 -35.99 56.03
N PHE H 44 35.42 -35.95 56.43
CA PHE H 44 34.98 -35.06 57.50
C PHE H 44 33.93 -35.77 58.34
N PRO H 45 33.92 -35.52 59.66
CA PRO H 45 33.07 -36.30 60.56
C PRO H 45 31.65 -35.78 60.70
N VAL H 46 30.71 -36.71 60.84
CA VAL H 46 29.30 -36.41 61.02
C VAL H 46 28.86 -36.81 62.42
N LEU H 47 28.31 -35.86 63.15
CA LEU H 47 27.96 -36.04 64.55
C LEU H 47 26.50 -36.40 64.74
N ASN H 48 26.19 -36.77 65.97
CA ASN H 48 24.84 -37.00 66.43
C ASN H 48 24.59 -35.85 67.39
N PRO H 49 23.67 -34.92 67.08
CA PRO H 49 23.52 -33.74 67.94
C PRO H 49 23.00 -34.06 69.34
N ALA H 50 22.36 -35.22 69.55
CA ALA H 50 21.86 -35.61 70.87
C ALA H 50 22.96 -36.05 71.84
N THR H 51 24.01 -36.69 71.32
CA THR H 51 25.09 -37.21 72.15
C THR H 51 26.46 -36.59 71.88
N GLU H 52 26.61 -35.79 70.83
CA GLU H 52 27.90 -35.24 70.42
C GLU H 52 28.91 -36.33 70.10
N GLU H 53 28.45 -37.48 69.61
CA GLU H 53 29.34 -38.57 69.25
C GLU H 53 29.49 -38.58 67.73
N VAL H 54 30.67 -38.95 67.27
CA VAL H 54 30.87 -39.08 65.83
C VAL H 54 30.15 -40.34 65.36
N ILE H 55 29.27 -40.19 64.38
CA ILE H 55 28.58 -41.32 63.80
C ILE H 55 29.49 -42.03 62.81
N CYS H 56 30.12 -41.28 61.93
CA CYS H 56 30.98 -41.83 60.90
C CYS H 56 31.64 -40.66 60.17
N HIS H 57 32.56 -40.99 59.28
CA HIS H 57 33.24 -40.02 58.45
C HIS H 57 32.82 -40.23 57.00
N VAL H 58 32.62 -39.12 56.27
CA VAL H 58 32.22 -39.15 54.87
C VAL H 58 33.18 -38.29 54.08
N GLU H 59 33.40 -38.65 52.82
CA GLU H 59 34.36 -37.96 51.96
C GLU H 59 33.98 -36.49 51.80
N GLU H 60 35.01 -35.62 51.84
CA GLU H 60 34.83 -34.17 51.80
C GLU H 60 35.01 -33.65 50.38
N GLY H 61 33.89 -33.27 49.76
CA GLY H 61 33.94 -32.76 48.39
C GLY H 61 34.46 -31.34 48.32
N ASP H 62 35.04 -31.02 47.17
CA ASP H 62 35.55 -29.68 46.92
C ASP H 62 35.36 -29.38 45.41
N LYS H 63 35.84 -28.20 44.99
CA LYS H 63 35.60 -27.71 43.63
C LYS H 63 35.95 -28.79 42.61
N ALA H 64 37.06 -29.50 42.85
CA ALA H 64 37.50 -30.54 41.93
C ALA H 64 36.44 -31.62 41.81
N ASP H 65 35.82 -32.00 42.95
CA ASP H 65 34.74 -32.98 42.97
C ASP H 65 33.47 -32.43 42.31
N VAL H 66 33.15 -31.16 42.57
CA VAL H 66 31.99 -30.51 41.95
C VAL H 66 32.14 -30.49 40.43
N ASP H 67 33.36 -30.24 39.94
CA ASP H 67 33.60 -30.26 38.50
C ASP H 67 33.31 -31.61 37.90
N LYS H 68 33.80 -32.65 38.56
CA LYS H 68 33.53 -34.00 38.12
C LYS H 68 32.03 -34.21 37.99
N ALA H 69 31.29 -33.80 39.02
CA ALA H 69 29.83 -34.00 39.06
C ALA H 69 29.12 -33.19 37.97
N VAL H 70 29.56 -31.96 37.74
CA VAL H 70 28.90 -31.13 36.73
C VAL H 70 29.11 -31.72 35.33
N LYS H 71 30.32 -32.23 35.05
CA LYS H 71 30.58 -32.88 33.77
C LYS H 71 29.70 -34.11 33.59
N ALA H 72 29.54 -34.93 34.64
CA ALA H 72 28.68 -36.10 34.56
C ALA H 72 27.23 -35.69 34.26
N ALA H 73 26.72 -34.68 34.97
CA ALA H 73 25.35 -34.26 34.73
C ALA H 73 25.20 -33.64 33.34
N ARG H 74 26.19 -32.85 32.90
CA ARG H 74 26.12 -32.29 31.56
C ARG H 74 26.11 -33.38 30.50
N GLN H 75 26.88 -34.45 30.73
CA GLN H 75 26.89 -35.54 29.77
C GLN H 75 25.51 -36.19 29.68
N ALA H 76 24.88 -36.43 30.84
CA ALA H 76 23.55 -37.04 30.87
C ALA H 76 22.49 -36.16 30.24
N PHE H 77 22.77 -34.85 30.07
CA PHE H 77 21.80 -33.92 29.52
C PHE H 77 21.98 -33.68 28.01
N GLN H 78 22.98 -34.26 27.36
CA GLN H 78 23.21 -34.00 25.93
C GLN H 78 22.08 -34.57 25.07
N ILE H 79 21.72 -33.84 24.01
CA ILE H 79 20.73 -34.35 23.05
C ILE H 79 21.11 -35.74 22.61
N GLY H 80 20.13 -36.65 22.58
CA GLY H 80 20.38 -38.03 22.23
C GLY H 80 20.65 -38.93 23.41
N SER H 81 20.82 -38.38 24.60
CA SER H 81 21.08 -39.18 25.77
C SER H 81 19.81 -39.90 26.21
N PRO H 82 19.95 -41.03 26.90
CA PRO H 82 18.76 -41.75 27.38
C PRO H 82 17.84 -40.85 28.17
N TRP H 83 18.42 -39.97 28.99
CA TRP H 83 17.62 -39.09 29.84
C TRP H 83 16.84 -38.03 29.05
N ARG H 84 17.26 -37.69 27.84
CA ARG H 84 16.54 -36.69 27.09
C ARG H 84 15.57 -37.26 26.08
N THR H 85 15.83 -38.47 25.61
CA THR H 85 15.00 -39.09 24.60
C THR H 85 13.92 -39.98 25.19
N MET H 86 14.02 -40.28 26.48
CA MET H 86 12.99 -41.07 27.13
C MET H 86 11.73 -40.25 27.39
N ASP H 87 10.61 -40.97 27.40
CA ASP H 87 9.28 -40.40 27.59
C ASP H 87 9.16 -39.71 28.94
N ALA H 88 8.38 -38.63 28.96
CA ALA H 88 8.11 -37.95 30.22
C ALA H 88 7.48 -38.90 31.25
N SER H 89 6.53 -39.73 30.81
CA SER H 89 5.93 -40.69 31.72
C SER H 89 6.96 -41.69 32.26
N GLU H 90 8.00 -42.01 31.48
CA GLU H 90 9.07 -42.87 32.01
C GLU H 90 9.79 -42.18 33.15
N ARG H 91 10.04 -40.88 33.03
CA ARG H 91 10.62 -40.14 34.14
C ARG H 91 9.69 -40.20 35.35
N GLY H 92 8.38 -40.06 35.10
CA GLY H 92 7.42 -40.15 36.19
C GLY H 92 7.50 -41.51 36.85
N ARG H 93 7.53 -42.57 36.04
CA ARG H 93 7.58 -43.93 36.58
C ARG H 93 8.84 -44.13 37.41
N LEU H 94 9.97 -43.55 36.98
CA LEU H 94 11.20 -43.62 37.76
C LEU H 94 11.06 -42.90 39.09
N LEU H 95 10.46 -41.71 39.08
CA LEU H 95 10.25 -40.97 40.33
C LEU H 95 9.30 -41.73 41.23
N ASN H 96 8.22 -42.28 40.66
CA ASN H 96 7.25 -43.06 41.42
C ASN H 96 7.91 -44.27 42.05
N LYS H 97 8.80 -44.91 41.31
CA LYS H 97 9.53 -46.06 41.82
C LYS H 97 10.46 -45.64 42.96
N LEU H 98 11.05 -44.46 42.85
CA LEU H 98 11.87 -43.95 43.96
C LEU H 98 11.02 -43.80 45.22
N ALA H 99 9.79 -43.32 45.07
CA ALA H 99 8.90 -43.21 46.21
C ALA H 99 8.58 -44.58 46.79
N ASP H 100 8.31 -45.55 45.92
CA ASP H 100 8.03 -46.91 46.39
C ASP H 100 9.19 -47.48 47.18
N LEU H 101 10.41 -47.30 46.66
CA LEU H 101 11.59 -47.85 47.34
C LEU H 101 11.77 -47.21 48.71
N MET H 102 11.56 -45.90 48.77
CA MET H 102 11.60 -45.16 50.03
C MET H 102 10.55 -45.64 51.01
N GLU H 103 9.39 -46.07 50.52
CA GLU H 103 8.41 -46.68 51.42
C GLU H 103 8.92 -48.00 51.97
N ARG H 104 9.55 -48.80 51.11
CA ARG H 104 10.10 -50.06 51.55
C ARG H 104 11.17 -49.86 52.64
N ASP H 105 12.05 -48.89 52.45
CA ASP H 105 13.10 -48.58 53.40
C ASP H 105 12.71 -47.44 54.34
N ARG H 106 11.41 -47.23 54.52
CA ARG H 106 10.93 -46.12 55.35
C ARG H 106 11.50 -46.16 56.75
N LEU H 107 11.49 -47.33 57.36
CA LEU H 107 11.97 -47.43 58.73
C LEU H 107 13.47 -47.11 58.80
N LEU H 108 14.29 -47.73 57.93
CA LEU H 108 15.72 -47.45 57.91
C LEU H 108 15.98 -45.95 57.75
N LEU H 109 15.32 -45.34 56.76
CA LEU H 109 15.50 -43.92 56.47
C LEU H 109 15.05 -43.05 57.65
N ALA H 110 13.89 -43.37 58.23
CA ALA H 110 13.40 -42.60 59.37
C ALA H 110 14.39 -42.66 60.55
N THR H 111 14.96 -43.83 60.81
CA THR H 111 15.95 -43.92 61.89
C THR H 111 17.18 -43.08 61.57
N MET H 112 17.69 -43.19 60.34
CA MET H 112 18.87 -42.41 59.96
C MET H 112 18.60 -40.92 60.07
N GLU H 113 17.39 -40.48 59.71
CA GLU H 113 17.05 -39.07 59.80
C GLU H 113 17.01 -38.60 61.25
N ALA H 114 16.38 -39.39 62.12
CA ALA H 114 16.30 -39.04 63.54
C ALA H 114 17.68 -39.09 64.18
N LEU H 115 18.48 -40.09 63.84
CA LEU H 115 19.83 -40.22 64.38
C LEU H 115 20.74 -39.06 63.94
N ASN H 116 20.78 -38.78 62.63
CA ASN H 116 21.74 -37.79 62.12
C ASN H 116 21.28 -36.36 62.39
N GLY H 117 19.99 -36.09 62.25
CA GLY H 117 19.51 -34.73 62.40
C GLY H 117 18.84 -34.39 63.70
N GLY H 118 18.98 -35.23 64.73
CA GLY H 118 18.32 -35.05 66.01
C GLY H 118 16.85 -34.74 65.96
N LYS H 119 16.12 -35.49 65.17
CA LYS H 119 14.73 -35.22 64.95
C LYS H 119 13.92 -36.28 65.68
N VAL H 120 12.84 -35.86 66.34
CA VAL H 120 12.02 -36.82 67.05
C VAL H 120 11.63 -37.95 66.12
N PHE H 121 11.95 -39.19 66.50
CA PHE H 121 11.84 -40.31 65.57
C PHE H 121 10.43 -40.46 65.02
N ALA H 122 9.41 -40.41 65.89
CA ALA H 122 8.05 -40.55 65.40
C ALA H 122 7.74 -39.50 64.34
N ASN H 123 8.29 -38.29 64.49
CA ASN H 123 8.11 -37.24 63.48
C ASN H 123 8.81 -37.61 62.18
N ALA H 124 10.05 -38.07 62.27
CA ALA H 124 10.76 -38.47 61.07
C ALA H 124 10.01 -39.56 60.34
N TYR H 125 9.37 -40.47 61.07
CA TYR H 125 8.73 -41.61 60.44
C TYR H 125 7.39 -41.25 59.79
N LEU H 126 6.56 -40.45 60.45
CA LEU H 126 5.23 -40.22 59.88
C LEU H 126 5.18 -39.01 58.95
N SER H 127 5.70 -37.87 59.37
CA SER H 127 5.50 -36.69 58.55
C SER H 127 6.67 -36.40 57.61
N ASP H 128 7.91 -36.63 58.08
CA ASP H 128 9.04 -36.37 57.19
C ASP H 128 9.10 -37.36 56.04
N LEU H 129 9.05 -38.65 56.38
CA LEU H 129 9.09 -39.68 55.35
C LEU H 129 7.78 -39.71 54.58
N GLY H 130 6.66 -39.59 55.29
CA GLY H 130 5.37 -39.54 54.63
C GLY H 130 5.34 -38.41 53.63
N GLY H 131 5.88 -37.24 54.01
CA GLY H 131 5.94 -36.12 53.08
C GLY H 131 6.85 -36.35 51.89
N CYS H 132 8.00 -36.99 52.10
CA CYS H 132 8.90 -37.31 50.99
C CYS H 132 8.19 -38.20 49.98
N ILE H 133 7.50 -39.23 50.46
CA ILE H 133 6.84 -40.15 49.55
C ILE H 133 5.72 -39.46 48.78
N LYS H 134 4.90 -38.66 49.47
CA LYS H 134 3.80 -37.97 48.80
C LYS H 134 4.33 -36.93 47.81
N ALA H 135 5.37 -36.18 48.19
CA ALA H 135 5.89 -35.17 47.27
C ALA H 135 6.50 -35.84 46.04
N LEU H 136 7.21 -36.94 46.22
CA LEU H 136 7.73 -37.64 45.05
C LEU H 136 6.62 -38.12 44.14
N LYS H 137 5.57 -38.72 44.71
CA LYS H 137 4.47 -39.22 43.89
C LYS H 137 3.76 -38.07 43.16
N TYR H 138 3.66 -36.89 43.80
CA TYR H 138 3.11 -35.71 43.14
C TYR H 138 3.97 -35.28 41.96
N CYS H 139 5.29 -35.19 42.18
CA CYS H 139 6.20 -34.82 41.11
C CYS H 139 6.17 -35.84 40.00
N ALA H 140 6.16 -37.13 40.35
CA ALA H 140 6.03 -38.16 39.32
C ALA H 140 4.84 -37.86 38.43
N GLY H 141 3.73 -37.44 39.03
CA GLY H 141 2.52 -37.18 38.28
C GLY H 141 2.61 -36.04 37.30
N TRP H 142 3.52 -35.11 37.50
CA TRP H 142 3.58 -33.94 36.63
C TRP H 142 4.42 -34.17 35.38
N ALA H 143 5.31 -35.15 35.38
CA ALA H 143 6.32 -35.27 34.33
C ALA H 143 5.73 -35.19 32.94
N ASP H 144 4.62 -35.89 32.68
CA ASP H 144 4.05 -35.91 31.34
C ASP H 144 2.86 -34.97 31.20
N LYS H 145 2.71 -34.02 32.12
CA LYS H 145 1.66 -33.02 32.06
C LYS H 145 2.26 -31.60 32.00
N ILE H 146 3.58 -31.50 31.88
CA ILE H 146 4.22 -30.20 31.62
C ILE H 146 3.95 -29.82 30.18
N HIS H 147 3.31 -28.68 29.98
CA HIS H 147 2.95 -28.40 28.61
C HIS H 147 3.40 -27.01 28.19
N GLY H 148 3.59 -26.88 26.89
CA GLY H 148 3.81 -25.61 26.26
C GLY H 148 2.54 -25.18 25.54
N GLN H 149 2.66 -24.12 24.74
CA GLN H 149 1.50 -23.52 24.13
C GLN H 149 1.61 -23.37 22.62
N THR H 150 0.47 -23.43 21.95
CA THR H 150 0.38 -23.00 20.56
C THR H 150 -0.29 -21.63 20.61
N ILE H 151 0.36 -20.62 20.03
CA ILE H 151 -0.03 -19.23 20.23
C ILE H 151 -0.60 -18.68 18.92
N PRO H 152 -1.70 -17.95 18.96
CA PRO H 152 -2.25 -17.36 17.74
C PRO H 152 -1.66 -15.99 17.41
N SER H 153 -0.35 -15.94 17.22
CA SER H 153 0.30 -14.65 17.03
C SER H 153 0.02 -14.10 15.64
N ASP H 154 0.35 -12.81 15.46
CA ASP H 154 0.06 -12.13 14.20
C ASP H 154 0.87 -12.69 13.03
N GLY H 155 0.29 -12.60 11.86
CA GLY H 155 0.95 -12.98 10.62
C GLY H 155 0.73 -14.42 10.22
N ASP H 156 1.07 -14.71 8.98
CA ASP H 156 0.89 -16.06 8.44
C ASP H 156 2.05 -16.91 8.94
N ILE H 157 1.88 -17.34 10.19
CA ILE H 157 2.92 -18.03 10.93
C ILE H 157 2.24 -19.00 11.90
N PHE H 158 2.96 -20.06 12.27
CA PHE H 158 2.52 -21.02 13.28
C PHE H 158 3.52 -20.98 14.43
N THR H 159 3.10 -20.47 15.58
CA THR H 159 4.02 -20.26 16.69
C THR H 159 3.60 -21.13 17.85
N TYR H 160 4.57 -21.84 18.41
CA TYR H 160 4.37 -22.70 19.56
C TYR H 160 5.55 -22.48 20.50
N THR H 161 5.39 -22.95 21.73
CA THR H 161 6.44 -22.93 22.73
C THR H 161 6.76 -24.34 23.20
N ARG H 162 7.95 -24.49 23.76
CA ARG H 162 8.36 -25.75 24.35
C ARG H 162 8.79 -25.48 25.79
N ARG H 163 8.35 -26.32 26.72
CA ARG H 163 8.89 -26.27 28.08
C ARG H 163 10.00 -27.31 28.17
N GLU H 164 11.23 -26.89 27.86
CA GLU H 164 12.40 -27.76 27.91
C GLU H 164 12.97 -27.78 29.33
N PRO H 165 13.71 -28.83 29.68
CA PRO H 165 14.49 -28.76 30.92
C PRO H 165 15.56 -27.69 30.81
N ILE H 166 15.92 -27.10 31.94
CA ILE H 166 16.92 -26.04 31.91
C ILE H 166 18.29 -26.61 31.59
N GLY H 167 18.66 -27.71 32.24
CA GLY H 167 20.01 -28.25 32.11
C GLY H 167 20.62 -28.79 33.38
N VAL H 168 21.79 -28.28 33.74
CA VAL H 168 22.46 -28.73 34.96
C VAL H 168 21.98 -27.83 36.10
N CYS H 169 21.35 -28.44 37.11
CA CYS H 169 20.83 -27.71 38.27
C CYS H 169 21.63 -28.13 39.48
N GLY H 170 22.31 -27.18 40.12
CA GLY H 170 22.96 -27.42 41.40
C GLY H 170 22.01 -27.04 42.53
N GLN H 171 21.89 -27.91 43.52
CA GLN H 171 20.86 -27.77 44.53
C GLN H 171 21.54 -27.93 45.88
N ILE H 172 21.50 -26.90 46.71
CA ILE H 172 22.18 -26.89 48.00
C ILE H 172 21.13 -27.04 49.10
N ILE H 173 21.21 -28.13 49.85
CA ILE H 173 20.16 -28.56 50.78
C ILE H 173 20.50 -28.09 52.18
N PRO H 174 19.52 -27.63 52.96
CA PRO H 174 19.80 -27.28 54.38
C PRO H 174 19.68 -28.48 55.31
N TRP H 175 19.98 -28.31 56.61
CA TRP H 175 20.01 -29.40 57.57
C TRP H 175 18.72 -29.59 58.37
N ASN H 176 17.78 -28.65 58.30
CA ASN H 176 16.64 -28.73 59.22
C ASN H 176 15.71 -29.86 58.80
N PHE H 177 15.51 -30.05 57.50
CA PHE H 177 14.68 -31.14 56.98
C PHE H 177 15.42 -31.78 55.80
N PRO H 178 16.50 -32.53 56.07
CA PRO H 178 17.33 -33.05 54.97
C PRO H 178 16.58 -33.89 53.96
N MET H 179 15.81 -34.90 54.40
CA MET H 179 15.15 -35.76 53.42
C MET H 179 14.10 -34.97 52.64
N LEU H 180 13.27 -34.21 53.35
CA LEU H 180 12.21 -33.43 52.71
C LEU H 180 12.77 -32.41 51.72
N MET H 181 13.72 -31.60 52.15
CA MET H 181 14.33 -30.59 51.28
C MET H 181 14.95 -31.21 50.04
N PHE H 182 15.58 -32.37 50.22
CA PHE H 182 16.14 -33.10 49.09
C PHE H 182 15.08 -33.43 48.05
N ILE H 183 13.97 -34.01 48.48
CA ILE H 183 12.93 -34.41 47.54
C ILE H 183 12.31 -33.17 46.91
N TRP H 184 12.12 -32.13 47.70
CA TRP H 184 11.51 -30.89 47.20
C TRP H 184 12.36 -30.21 46.13
N LYS H 185 13.66 -30.49 46.09
CA LYS H 185 14.54 -29.96 45.06
C LYS H 185 14.67 -30.93 43.88
N ILE H 186 14.94 -32.21 44.14
CA ILE H 186 15.22 -33.09 43.01
C ILE H 186 13.94 -33.59 42.38
N GLY H 187 12.84 -33.62 43.10
CA GLY H 187 11.60 -34.10 42.55
C GLY H 187 11.15 -33.29 41.35
N PRO H 188 10.95 -31.99 41.56
CA PRO H 188 10.58 -31.12 40.44
C PRO H 188 11.64 -31.02 39.37
N ALA H 189 12.93 -30.91 39.74
CA ALA H 189 13.99 -30.78 38.76
C ALA H 189 14.03 -31.99 37.82
N LEU H 190 13.87 -33.19 38.38
CA LEU H 190 13.91 -34.38 37.55
C LEU H 190 12.63 -34.55 36.75
N SER H 191 11.49 -34.19 37.33
CA SER H 191 10.22 -34.36 36.63
C SER H 191 10.25 -33.62 35.29
N CYS H 192 10.96 -32.50 35.23
CA CYS H 192 11.10 -31.68 34.03
C CYS H 192 12.18 -32.17 33.09
N GLY H 193 12.97 -33.16 33.49
CA GLY H 193 14.00 -33.68 32.64
C GLY H 193 15.37 -33.08 32.86
N ASN H 194 15.58 -32.39 33.98
CA ASN H 194 16.90 -31.86 34.29
C ASN H 194 17.83 -32.95 34.82
N THR H 195 19.09 -32.58 34.97
CA THR H 195 20.09 -33.33 35.71
C THR H 195 20.57 -32.43 36.83
N VAL H 196 20.98 -33.03 37.93
CA VAL H 196 21.17 -32.26 39.16
C VAL H 196 22.50 -32.60 39.82
N VAL H 197 23.07 -31.61 40.49
CA VAL H 197 24.23 -31.80 41.35
C VAL H 197 23.84 -31.31 42.73
N VAL H 198 23.67 -32.24 43.67
CA VAL H 198 23.15 -31.91 44.98
C VAL H 198 24.31 -31.86 45.96
N LYS H 199 24.32 -30.85 46.81
CA LYS H 199 25.27 -30.73 47.90
C LYS H 199 24.50 -30.70 49.20
N PRO H 200 24.41 -31.81 49.93
CA PRO H 200 23.67 -31.82 51.19
C PRO H 200 24.43 -31.05 52.26
N ALA H 201 23.71 -30.73 53.34
CA ALA H 201 24.34 -29.99 54.42
C ALA H 201 25.46 -30.82 55.04
N GLU H 202 26.53 -30.14 55.48
CA GLU H 202 27.66 -30.86 56.06
C GLU H 202 27.23 -31.61 57.30
N GLN H 203 26.28 -31.04 58.05
CA GLN H 203 25.81 -31.68 59.26
C GLN H 203 25.02 -32.95 58.94
N THR H 204 24.32 -32.98 57.81
CA THR H 204 23.39 -34.07 57.52
C THR H 204 23.53 -34.58 56.08
N PRO H 205 24.69 -35.18 55.74
CA PRO H 205 24.85 -35.73 54.39
C PRO H 205 24.33 -37.15 54.24
N LEU H 206 24.08 -37.85 55.34
CA LEU H 206 23.85 -39.29 55.30
C LEU H 206 22.53 -39.66 54.63
N THR H 207 21.43 -38.99 54.99
CA THR H 207 20.17 -39.35 54.36
C THR H 207 20.22 -39.16 52.86
N ALA H 208 20.90 -38.11 52.39
CA ALA H 208 21.01 -37.92 50.95
C ALA H 208 21.81 -39.05 50.31
N LEU H 209 22.95 -39.38 50.89
CA LEU H 209 23.79 -40.43 50.33
C LEU H 209 23.05 -41.77 50.31
N HIS H 210 22.32 -42.09 51.36
CA HIS H 210 21.57 -43.34 51.31
C HIS H 210 20.51 -43.29 50.21
N LEU H 211 19.97 -42.10 49.94
CA LEU H 211 19.00 -41.98 48.86
C LEU H 211 19.63 -42.22 47.48
N ALA H 212 20.90 -41.85 47.32
CA ALA H 212 21.60 -42.11 46.08
C ALA H 212 21.55 -43.58 45.70
N SER H 213 21.77 -44.48 46.66
CA SER H 213 21.70 -45.91 46.35
C SER H 213 20.31 -46.29 45.86
N LEU H 214 19.26 -45.68 46.43
CA LEU H 214 17.90 -45.95 45.96
C LEU H 214 17.65 -45.35 44.59
N ILE H 215 18.27 -44.21 44.26
CA ILE H 215 18.14 -43.70 42.91
C ILE H 215 18.87 -44.65 41.95
N LYS H 216 20.07 -45.10 42.32
CA LYS H 216 20.78 -46.10 41.53
C LYS H 216 19.89 -47.31 41.29
N GLU H 217 19.27 -47.82 42.36
CA GLU H 217 18.45 -49.03 42.28
C GLU H 217 17.19 -48.84 41.44
N ALA H 218 16.59 -47.65 41.47
CA ALA H 218 15.36 -47.45 40.69
C ALA H 218 15.65 -47.44 39.18
N GLY H 219 16.89 -47.19 38.77
CA GLY H 219 17.26 -47.21 37.39
C GLY H 219 17.44 -45.87 36.70
N PHE H 220 17.65 -44.78 37.45
CA PHE H 220 17.92 -43.51 36.80
C PHE H 220 19.22 -43.60 36.00
N PRO H 221 19.27 -43.03 34.81
CA PRO H 221 20.49 -43.10 34.01
C PRO H 221 21.64 -42.47 34.76
N PRO H 222 22.87 -42.95 34.51
CA PRO H 222 24.03 -42.40 35.23
C PRO H 222 24.23 -40.92 34.94
N GLY H 223 24.59 -40.17 35.99
CA GLY H 223 24.84 -38.76 35.88
C GLY H 223 23.62 -37.87 36.01
N VAL H 224 22.42 -38.45 36.02
CA VAL H 224 21.22 -37.63 36.11
C VAL H 224 21.09 -37.04 37.52
N VAL H 225 21.51 -37.79 38.54
CA VAL H 225 21.55 -37.31 39.91
C VAL H 225 22.96 -37.55 40.42
N ASN H 226 23.63 -36.48 40.85
CA ASN H 226 24.97 -36.56 41.43
C ASN H 226 24.93 -35.84 42.76
N ILE H 227 25.57 -36.42 43.78
CA ILE H 227 25.54 -35.85 45.12
C ILE H 227 26.97 -35.67 45.60
N VAL H 228 27.34 -34.44 45.91
CA VAL H 228 28.68 -34.12 46.36
C VAL H 228 28.62 -33.54 47.76
N PRO H 229 28.78 -34.36 48.79
CA PRO H 229 28.85 -33.82 50.15
C PRO H 229 30.13 -33.02 50.37
N GLY H 230 30.06 -32.15 51.36
CA GLY H 230 31.16 -31.31 51.76
C GLY H 230 30.61 -30.10 52.47
N TYR H 231 31.49 -29.12 52.67
CA TYR H 231 31.14 -27.90 53.38
C TYR H 231 30.56 -26.87 52.42
N GLY H 232 29.90 -25.88 53.00
CA GLY H 232 29.28 -24.81 52.26
C GLY H 232 30.27 -23.93 51.52
N PRO H 233 31.24 -23.37 52.23
CA PRO H 233 32.21 -22.47 51.56
C PRO H 233 33.20 -23.13 50.60
N THR H 234 33.16 -24.46 50.34
CA THR H 234 34.08 -25.08 49.37
C THR H 234 33.38 -25.71 48.17
N ALA H 235 32.28 -26.40 48.38
CA ALA H 235 31.59 -27.07 47.29
C ALA H 235 30.37 -26.30 46.89
N GLY H 236 29.70 -25.70 47.88
CA GLY H 236 28.60 -24.82 47.60
C GLY H 236 29.06 -23.61 46.83
N ALA H 237 30.19 -23.02 47.24
CA ALA H 237 30.75 -21.92 46.47
C ALA H 237 31.11 -22.39 45.05
N ALA H 238 31.69 -23.59 44.92
CA ALA H 238 32.02 -24.13 43.61
C ALA H 238 30.77 -24.31 42.75
N ILE H 239 29.66 -24.73 43.35
CA ILE H 239 28.43 -24.86 42.61
C ILE H 239 27.93 -23.49 42.16
N SER H 240 27.89 -22.52 43.06
CA SER H 240 27.27 -21.23 42.74
C SER H 240 28.06 -20.45 41.68
N SER H 241 29.39 -20.57 41.69
CA SER H 241 30.19 -19.82 40.73
C SER H 241 30.64 -20.69 39.56
N HIS H 242 30.14 -21.92 39.46
CA HIS H 242 30.58 -22.78 38.38
C HIS H 242 30.10 -22.26 37.04
N MET H 243 30.99 -22.33 36.05
CA MET H 243 30.69 -21.73 34.75
C MET H 243 29.78 -22.57 33.87
N ASP H 244 29.51 -23.83 34.23
CA ASP H 244 28.66 -24.71 33.43
C ASP H 244 27.43 -25.22 34.18
N VAL H 245 27.08 -24.61 35.30
CA VAL H 245 25.85 -24.98 36.00
C VAL H 245 24.76 -24.01 35.59
N ASP H 246 23.65 -24.55 35.11
CA ASP H 246 22.61 -23.70 34.53
C ASP H 246 21.73 -23.03 35.57
N LYS H 247 21.49 -23.67 36.73
CA LYS H 247 20.64 -23.09 37.75
C LYS H 247 21.14 -23.53 39.13
N VAL H 248 20.93 -22.66 40.12
CA VAL H 248 21.20 -22.97 41.52
C VAL H 248 19.95 -22.74 42.34
N ALA H 249 19.55 -23.74 43.11
CA ALA H 249 18.47 -23.60 44.07
C ALA H 249 19.07 -23.83 45.44
N PHE H 250 18.80 -22.92 46.34
CA PHE H 250 19.47 -22.93 47.64
C PHE H 250 18.43 -22.60 48.69
N THR H 251 18.41 -23.38 49.75
CA THR H 251 17.63 -23.04 50.93
C THR H 251 18.62 -22.86 52.06
N GLY H 252 18.49 -21.72 52.74
CA GLY H 252 19.40 -21.43 53.82
C GLY H 252 19.28 -20.00 54.25
N SER H 253 20.36 -19.48 54.80
CA SER H 253 20.36 -18.15 55.39
C SER H 253 20.36 -17.07 54.32
N THR H 254 20.00 -15.86 54.74
CA THR H 254 20.03 -14.73 53.82
C THR H 254 21.46 -14.35 53.50
N GLN H 255 22.36 -14.48 54.47
CA GLN H 255 23.73 -14.10 54.21
C GLN H 255 24.35 -14.98 53.12
N VAL H 256 24.19 -16.30 53.23
CA VAL H 256 24.70 -17.18 52.19
C VAL H 256 23.88 -16.97 50.92
N GLY H 257 22.57 -16.71 51.07
CA GLY H 257 21.75 -16.47 49.89
C GLY H 257 22.26 -15.30 49.06
N LYS H 258 22.59 -14.19 49.72
CA LYS H 258 23.19 -13.06 49.02
C LYS H 258 24.48 -13.47 48.31
N LEU H 259 25.32 -14.26 48.99
CA LEU H 259 26.60 -14.68 48.44
C LEU H 259 26.41 -15.43 47.13
N ILE H 260 25.34 -16.23 47.02
CA ILE H 260 25.10 -17.03 45.81
C ILE H 260 24.58 -16.17 44.64
N LYS H 261 23.53 -15.37 44.85
CA LYS H 261 23.00 -14.59 43.72
C LYS H 261 24.08 -13.68 43.15
N GLU H 262 24.89 -13.07 44.01
CA GLU H 262 26.03 -12.29 43.56
C GLU H 262 27.04 -13.17 42.80
N ALA H 263 27.34 -14.35 43.33
CA ALA H 263 28.31 -15.24 42.68
C ALA H 263 27.80 -15.72 41.34
N ALA H 264 26.49 -15.94 41.24
CA ALA H 264 25.91 -16.28 39.93
C ALA H 264 26.10 -15.13 38.97
N GLY H 265 25.93 -13.89 39.45
CA GLY H 265 26.20 -12.73 38.61
C GLY H 265 27.63 -12.65 38.14
N LYS H 266 28.58 -13.00 39.02
CA LYS H 266 29.98 -12.93 38.64
C LYS H 266 30.37 -14.03 37.66
N SER H 267 29.71 -15.19 37.69
CA SER H 267 30.24 -16.34 36.96
C SER H 267 29.63 -16.49 35.58
N ASN H 268 28.38 -16.94 35.48
CA ASN H 268 27.79 -17.15 34.17
C ASN H 268 26.31 -16.85 34.11
N LEU H 269 25.87 -15.86 34.89
CA LEU H 269 24.47 -15.47 34.98
C LEU H 269 23.54 -16.69 34.96
N LYS H 270 23.85 -17.65 35.83
CA LYS H 270 22.99 -18.82 35.96
C LYS H 270 21.71 -18.42 36.69
N ARG H 271 20.65 -19.18 36.49
CA ARG H 271 19.43 -18.90 37.22
C ARG H 271 19.66 -19.19 38.71
N VAL H 272 18.98 -18.42 39.56
CA VAL H 272 19.10 -18.53 41.00
C VAL H 272 17.70 -18.58 41.62
N THR H 273 17.51 -19.51 42.54
CA THR H 273 16.31 -19.59 43.35
C THR H 273 16.70 -19.69 44.81
N LEU H 274 16.10 -18.85 45.64
CA LEU H 274 16.42 -18.80 47.05
C LEU H 274 15.14 -18.99 47.84
N GLU H 275 15.27 -19.66 48.98
CA GLU H 275 14.21 -19.73 49.99
C GLU H 275 14.91 -19.41 51.27
N LEU H 276 14.84 -18.18 51.70
CA LEU H 276 15.64 -17.83 52.85
C LEU H 276 14.77 -17.89 54.10
N GLY H 277 15.38 -17.59 55.23
CA GLY H 277 14.68 -17.83 56.46
C GLY H 277 13.67 -16.74 56.64
N GLY H 278 12.88 -16.88 57.68
CA GLY H 278 11.90 -15.85 57.93
C GLY H 278 11.79 -15.52 59.40
N LYS H 279 11.03 -14.46 59.65
CA LYS H 279 10.54 -14.12 60.98
C LYS H 279 9.05 -13.98 60.78
N SER H 280 8.38 -15.03 60.96
CA SER H 280 7.05 -15.08 60.43
C SER H 280 6.06 -14.68 61.51
N PRO H 281 5.18 -13.72 61.27
CA PRO H 281 4.26 -13.31 62.33
C PRO H 281 2.94 -14.07 62.32
N CYS H 282 2.34 -14.16 63.51
CA CYS H 282 0.98 -14.62 63.70
C CYS H 282 0.17 -13.51 64.31
N ILE H 283 -1.04 -13.34 63.81
CA ILE H 283 -1.99 -12.38 64.34
C ILE H 283 -3.17 -13.17 64.88
N VAL H 284 -3.45 -13.01 66.17
CA VAL H 284 -4.61 -13.65 66.79
C VAL H 284 -5.61 -12.55 67.18
N PHE H 285 -6.77 -12.55 66.53
CA PHE H 285 -7.85 -11.61 66.81
C PHE H 285 -8.72 -12.15 67.94
N ALA H 286 -9.38 -11.24 68.67
CA ALA H 286 -10.18 -11.68 69.81
C ALA H 286 -11.26 -12.67 69.41
N ASP H 287 -11.77 -12.55 68.19
CA ASP H 287 -12.87 -13.43 67.81
C ASP H 287 -12.40 -14.79 67.33
N ALA H 288 -11.10 -15.06 67.40
CA ALA H 288 -10.57 -16.37 67.03
C ALA H 288 -10.90 -17.40 68.09
N ASP H 289 -10.86 -18.67 67.71
CA ASP H 289 -11.00 -19.76 68.67
C ASP H 289 -9.66 -19.82 69.38
N LEU H 290 -9.61 -19.43 70.67
CA LEU H 290 -8.30 -19.31 71.33
C LEU H 290 -7.54 -20.62 71.43
N ASP H 291 -8.22 -21.71 71.74
CA ASP H 291 -7.45 -22.97 71.89
C ASP H 291 -6.84 -23.39 70.57
N ILE H 292 -7.58 -23.22 69.46
CA ILE H 292 -7.02 -23.50 68.14
C ILE H 292 -5.87 -22.56 67.84
N ALA H 293 -6.01 -21.27 68.19
CA ALA H 293 -4.95 -20.32 67.93
C ALA H 293 -3.71 -20.66 68.74
N VAL H 294 -3.90 -20.98 70.04
CA VAL H 294 -2.80 -21.34 70.92
C VAL H 294 -2.09 -22.58 70.42
N GLU H 295 -2.86 -23.62 70.09
CA GLU H 295 -2.26 -24.87 69.68
C GLU H 295 -1.46 -24.71 68.39
N PHE H 296 -2.05 -24.05 67.38
CA PHE H 296 -1.36 -23.92 66.12
C PHE H 296 -0.21 -22.93 66.22
N ALA H 297 -0.41 -21.82 66.96
CA ALA H 297 0.70 -20.89 67.11
C ALA H 297 1.87 -21.55 67.83
N HIS H 298 1.56 -22.33 68.87
CA HIS H 298 2.55 -23.13 69.59
C HIS H 298 3.24 -24.12 68.65
N HIS H 299 2.44 -24.86 67.86
CA HIS H 299 3.02 -25.80 66.90
C HIS H 299 3.94 -25.08 65.92
N GLY H 300 3.54 -23.90 65.47
CA GLY H 300 4.30 -23.15 64.49
C GLY H 300 5.62 -22.61 64.98
N VAL H 301 5.79 -22.46 66.29
CA VAL H 301 7.06 -21.94 66.77
C VAL H 301 7.93 -23.04 67.35
N PHE H 302 7.34 -24.13 67.80
CA PHE H 302 8.10 -25.13 68.53
C PHE H 302 8.42 -26.36 67.70
N TYR H 303 7.69 -26.60 66.61
CA TYR H 303 7.89 -27.83 65.87
C TYR H 303 9.34 -27.98 65.43
N HIS H 304 9.84 -29.20 65.56
CA HIS H 304 11.23 -29.58 65.29
C HIS H 304 12.20 -28.61 65.99
N GLN H 305 11.92 -28.40 67.29
CA GLN H 305 12.78 -27.59 68.16
C GLN H 305 13.01 -26.19 67.57
N GLY H 306 11.98 -25.66 66.89
CA GLY H 306 12.03 -24.34 66.29
C GLY H 306 12.99 -24.19 65.13
N GLN H 307 13.47 -25.31 64.58
CA GLN H 307 14.35 -25.32 63.42
C GLN H 307 13.55 -25.38 62.14
N CYS H 308 12.24 -25.17 62.25
CA CYS H 308 11.38 -25.30 61.11
C CYS H 308 11.64 -24.21 60.06
N CYS H 309 11.39 -24.57 58.80
CA CYS H 309 11.58 -23.67 57.68
C CYS H 309 10.90 -22.32 57.96
N VAL H 310 9.64 -22.39 58.42
CA VAL H 310 8.76 -21.24 58.68
C VAL H 310 8.30 -21.27 60.12
N ALA H 311 9.07 -20.70 61.00
CA ALA H 311 8.70 -20.70 62.40
C ALA H 311 7.84 -19.49 62.70
N ALA H 312 6.77 -19.69 63.47
CA ALA H 312 5.89 -18.58 63.85
C ALA H 312 6.51 -17.98 65.11
N SER H 313 7.54 -17.16 64.90
CA SER H 313 8.39 -16.76 66.00
C SER H 313 7.93 -15.50 66.74
N ARG H 314 7.05 -14.69 66.16
CA ARG H 314 6.45 -13.59 66.89
C ARG H 314 4.94 -13.64 66.73
N ILE H 315 4.23 -13.62 67.85
CA ILE H 315 2.78 -13.78 67.85
C ILE H 315 2.13 -12.53 68.40
N PHE H 316 1.39 -11.84 67.54
CA PHE H 316 0.64 -10.65 67.90
C PHE H 316 -0.77 -11.09 68.30
N VAL H 317 -1.19 -10.70 69.50
CA VAL H 317 -2.48 -11.06 70.09
C VAL H 317 -3.24 -9.79 70.40
N GLU H 318 -4.55 -9.82 70.18
CA GLU H 318 -5.30 -8.62 70.50
C GLU H 318 -5.33 -8.43 72.01
N GLU H 319 -5.18 -7.18 72.44
CA GLU H 319 -5.07 -6.87 73.86
C GLU H 319 -6.15 -7.58 74.67
N SER H 320 -7.36 -7.70 74.10
CA SER H 320 -8.48 -8.31 74.82
C SER H 320 -8.15 -9.72 75.30
N VAL H 321 -7.46 -10.49 74.47
CA VAL H 321 -7.16 -11.89 74.77
C VAL H 321 -5.68 -12.13 74.98
N TYR H 322 -4.86 -11.08 74.94
CA TYR H 322 -3.41 -11.23 75.13
C TYR H 322 -3.11 -12.00 76.41
N ASP H 323 -3.69 -11.56 77.53
CA ASP H 323 -3.33 -12.16 78.81
C ASP H 323 -3.69 -13.64 78.86
N GLU H 324 -4.91 -13.97 78.47
CA GLU H 324 -5.37 -15.36 78.47
C GLU H 324 -4.49 -16.23 77.59
N PHE H 325 -4.17 -15.73 76.39
CA PHE H 325 -3.34 -16.45 75.43
C PHE H 325 -1.99 -16.78 76.02
N VAL H 326 -1.37 -15.81 76.70
CA VAL H 326 -0.08 -16.07 77.32
C VAL H 326 -0.20 -17.20 78.33
N LYS H 327 -1.26 -17.20 79.16
CA LYS H 327 -1.47 -18.29 80.12
C LYS H 327 -1.49 -19.64 79.42
N ARG H 328 -2.27 -19.74 78.35
CA ARG H 328 -2.40 -21.01 77.66
C ARG H 328 -1.10 -21.37 76.98
N SER H 329 -0.38 -20.38 76.47
CA SER H 329 0.90 -20.66 75.82
C SER H 329 1.89 -21.21 76.81
N VAL H 330 1.99 -20.59 77.98
CA VAL H 330 2.95 -21.06 78.98
C VAL H 330 2.59 -22.48 79.44
N GLU H 331 1.31 -22.75 79.65
CA GLU H 331 0.91 -24.08 80.11
C GLU H 331 1.24 -25.14 79.08
N ARG H 332 1.00 -24.85 77.81
CA ARG H 332 1.32 -25.79 76.75
C ARG H 332 2.81 -25.91 76.53
N ALA H 333 3.57 -24.83 76.73
CA ALA H 333 5.02 -24.93 76.58
C ALA H 333 5.65 -25.73 77.70
N LYS H 334 4.97 -25.92 78.82
CA LYS H 334 5.53 -26.68 79.93
C LYS H 334 5.33 -28.19 79.77
N LYS H 335 4.83 -28.65 78.63
CA LYS H 335 4.42 -30.04 78.40
C LYS H 335 5.42 -30.91 77.60
N TYR H 336 6.67 -30.48 77.43
CA TYR H 336 7.66 -31.20 76.62
C TYR H 336 8.57 -32.13 77.43
N VAL H 337 9.15 -33.11 76.73
CA VAL H 337 10.11 -34.07 77.30
C VAL H 337 11.35 -34.02 76.40
N LEU H 338 12.44 -33.46 76.91
CA LEU H 338 13.67 -33.33 76.13
C LEU H 338 14.56 -34.55 76.29
N GLY H 339 15.26 -34.93 75.22
CA GLY H 339 16.15 -36.06 75.29
C GLY H 339 16.44 -36.64 73.92
N ASN H 340 17.01 -37.83 73.95
CA ASN H 340 17.43 -38.54 72.75
C ASN H 340 16.27 -38.71 71.77
N PRO H 341 16.42 -38.28 70.52
CA PRO H 341 15.32 -38.39 69.56
C PRO H 341 14.82 -39.81 69.32
N LEU H 342 15.63 -40.84 69.60
CA LEU H 342 15.18 -42.22 69.38
C LEU H 342 14.36 -42.79 70.52
N THR H 343 14.48 -42.24 71.72
CA THR H 343 13.77 -42.82 72.86
C THR H 343 12.26 -42.54 72.78
N PRO H 344 11.42 -43.56 72.95
CA PRO H 344 9.98 -43.34 72.85
C PRO H 344 9.54 -42.40 73.96
N GLY H 345 8.64 -41.46 73.63
CA GLY H 345 8.18 -40.52 74.62
C GLY H 345 8.92 -39.19 74.59
N ILE H 346 10.08 -39.14 73.97
CA ILE H 346 10.79 -37.88 73.79
C ILE H 346 10.05 -37.02 72.77
N ASN H 347 9.82 -35.75 73.11
CA ASN H 347 9.04 -34.81 72.32
C ASN H 347 9.88 -33.79 71.59
N GLN H 348 11.08 -33.52 72.08
CA GLN H 348 11.95 -32.46 71.61
C GLN H 348 13.37 -33.00 71.62
N GLY H 349 14.02 -32.92 70.48
CA GLY H 349 15.40 -33.30 70.38
C GLY H 349 16.31 -32.11 70.59
N PRO H 350 17.55 -32.24 70.16
CA PRO H 350 18.52 -31.16 70.29
C PRO H 350 18.48 -30.22 69.09
N GLN H 351 19.17 -29.09 69.26
CA GLN H 351 19.47 -28.26 68.10
C GLN H 351 20.57 -28.95 67.30
N ILE H 352 20.74 -28.51 66.05
CA ILE H 352 21.55 -29.29 65.13
C ILE H 352 23.04 -29.23 65.44
N ASP H 353 23.50 -28.22 66.18
CA ASP H 353 24.93 -28.11 66.44
C ASP H 353 25.18 -27.03 67.48
N LYS H 354 26.47 -26.83 67.80
CA LYS H 354 26.85 -25.88 68.85
C LYS H 354 26.67 -24.44 68.41
N GLU H 355 26.99 -24.12 67.15
CA GLU H 355 26.84 -22.75 66.68
C GLU H 355 25.40 -22.28 66.85
N GLN H 356 24.43 -23.09 66.42
CA GLN H 356 23.03 -22.73 66.57
C GLN H 356 22.64 -22.69 68.03
N HIS H 357 23.23 -23.57 68.83
CA HIS H 357 22.97 -23.61 70.26
C HIS H 357 23.46 -22.34 70.95
N ASP H 358 24.70 -21.93 70.66
CA ASP H 358 25.24 -20.71 71.27
C ASP H 358 24.43 -19.49 70.84
N LYS H 359 24.16 -19.36 69.54
CA LYS H 359 23.42 -18.20 69.04
C LYS H 359 22.08 -18.06 69.76
N ILE H 360 21.36 -19.18 69.92
CA ILE H 360 20.05 -19.13 70.55
C ILE H 360 20.16 -18.63 71.98
N LEU H 361 21.15 -19.16 72.72
CA LEU H 361 21.32 -18.79 74.12
C LEU H 361 21.57 -17.29 74.26
N ASP H 362 22.41 -16.72 73.39
CA ASP H 362 22.64 -15.28 73.44
C ASP H 362 21.35 -14.50 73.23
N LEU H 363 20.51 -14.94 72.29
CA LEU H 363 19.24 -14.25 72.06
C LEU H 363 18.35 -14.33 73.28
N ILE H 364 18.27 -15.50 73.92
CA ILE H 364 17.46 -15.64 75.11
C ILE H 364 17.95 -14.68 76.19
N GLU H 365 19.28 -14.56 76.33
CA GLU H 365 19.84 -13.60 77.26
C GLU H 365 19.46 -12.19 76.84
N SER H 366 19.56 -11.89 75.54
CA SER H 366 19.16 -10.56 75.14
C SER H 366 17.72 -10.34 75.58
N GLY H 367 16.84 -11.28 75.26
CA GLY H 367 15.41 -11.16 75.61
C GLY H 367 15.25 -10.66 77.04
N LYS H 368 16.03 -11.23 77.96
CA LYS H 368 16.11 -10.80 79.37
C LYS H 368 16.72 -9.41 79.54
N LYS H 369 17.82 -9.10 78.82
CA LYS H 369 18.52 -7.83 79.05
C LYS H 369 17.69 -6.61 78.66
N GLU H 370 16.96 -6.64 77.51
CA GLU H 370 16.19 -5.46 77.08
C GLU H 370 14.81 -5.40 77.74
N GLY H 371 14.48 -6.32 78.65
CA GLY H 371 13.27 -6.20 79.43
C GLY H 371 12.05 -6.96 78.94
N ALA H 372 12.24 -8.16 78.41
CA ALA H 372 11.10 -8.98 78.05
C ALA H 372 10.76 -9.86 79.23
N LYS H 373 9.47 -10.11 79.44
CA LYS H 373 9.07 -10.87 80.61
C LYS H 373 9.23 -12.35 80.31
N LEU H 374 10.12 -13.00 81.06
CA LEU H 374 10.37 -14.42 80.86
C LEU H 374 9.32 -15.19 81.63
N GLU H 375 8.54 -15.98 80.92
CA GLU H 375 7.41 -16.71 81.48
C GLU H 375 7.64 -18.21 81.57
N CYS H 376 8.47 -18.78 80.71
CA CYS H 376 8.67 -20.21 80.74
C CYS H 376 10.03 -20.45 80.12
N GLY H 377 10.72 -21.53 80.46
CA GLY H 377 12.03 -21.67 79.81
C GLY H 377 13.13 -20.71 80.25
N GLY H 378 14.11 -20.58 79.33
CA GLY H 378 15.22 -19.66 79.37
C GLY H 378 16.61 -20.28 79.60
N GLY H 379 16.74 -21.58 79.93
CA GLY H 379 17.98 -22.11 80.35
C GLY H 379 18.25 -23.49 79.80
N ARG H 380 19.55 -23.77 79.60
CA ARG H 380 19.98 -24.98 78.88
C ARG H 380 19.60 -26.30 79.60
N TRP H 381 19.65 -27.40 78.85
CA TRP H 381 19.31 -28.72 79.37
C TRP H 381 20.30 -29.76 78.91
N GLY H 382 20.79 -30.51 79.91
CA GLY H 382 21.62 -31.70 79.97
C GLY H 382 23.10 -31.47 79.91
N ASN H 383 23.82 -32.56 80.15
CA ASN H 383 25.27 -32.56 80.13
C ASN H 383 25.82 -32.92 78.76
N LYS H 384 25.06 -33.63 77.95
CA LYS H 384 25.47 -33.99 76.62
C LYS H 384 24.46 -33.54 75.58
N GLY H 385 24.99 -33.08 74.46
CA GLY H 385 24.13 -32.62 73.39
C GLY H 385 23.80 -31.15 73.52
N PHE H 386 23.06 -30.68 72.53
CA PHE H 386 22.66 -29.27 72.44
C PHE H 386 21.16 -29.26 72.65
N PHE H 387 20.73 -29.13 73.89
CA PHE H 387 19.31 -29.06 74.15
C PHE H 387 19.04 -27.69 74.74
N VAL H 388 17.90 -27.12 74.34
CA VAL H 388 17.48 -25.81 74.81
C VAL H 388 16.05 -25.93 75.29
N GLN H 389 15.82 -25.42 76.48
CA GLN H 389 14.49 -25.56 77.03
C GLN H 389 13.48 -24.74 76.27
N PRO H 390 12.27 -25.26 76.10
CA PRO H 390 11.18 -24.47 75.54
C PRO H 390 11.03 -23.18 76.34
N THR H 391 11.25 -22.06 75.65
CA THR H 391 11.25 -20.74 76.26
C THR H 391 10.09 -19.92 75.74
N VAL H 392 9.44 -19.16 76.62
CA VAL H 392 8.34 -18.28 76.23
C VAL H 392 8.58 -16.90 76.83
N PHE H 393 8.61 -15.91 75.96
CA PHE H 393 8.77 -14.51 76.32
C PHE H 393 7.45 -13.80 76.07
N SER H 394 7.06 -12.92 76.96
CA SER H 394 5.87 -12.08 76.74
C SER H 394 6.26 -10.61 76.82
N ASN H 395 5.27 -9.75 76.57
CA ASN H 395 5.47 -8.30 76.58
C ASN H 395 6.65 -7.89 75.69
N VAL H 396 6.74 -8.50 74.54
CA VAL H 396 7.80 -8.18 73.58
C VAL H 396 7.43 -6.93 72.80
N THR H 397 8.44 -6.11 72.52
CA THR H 397 8.26 -4.93 71.69
C THR H 397 9.00 -5.12 70.38
N ASP H 398 8.62 -4.32 69.38
CA ASP H 398 9.06 -4.59 68.01
C ASP H 398 10.55 -4.39 67.80
N GLU H 399 11.20 -3.50 68.56
CA GLU H 399 12.60 -3.18 68.30
C GLU H 399 13.58 -4.08 69.06
N MET H 400 13.10 -5.12 69.74
CA MET H 400 13.97 -5.98 70.53
C MET H 400 14.68 -6.97 69.62
N ARG H 401 15.87 -7.39 70.06
CA ARG H 401 16.68 -8.30 69.26
C ARG H 401 15.94 -9.58 68.95
N ILE H 402 15.30 -10.18 69.96
CA ILE H 402 14.53 -11.40 69.71
C ILE H 402 13.36 -11.13 68.78
N ALA H 403 12.92 -9.89 68.66
CA ALA H 403 11.76 -9.58 67.83
C ALA H 403 12.12 -9.31 66.38
N LYS H 404 13.39 -9.11 66.07
CA LYS H 404 13.76 -8.87 64.69
C LYS H 404 14.62 -9.95 64.07
N GLU H 405 15.37 -10.69 64.89
CA GLU H 405 16.31 -11.66 64.35
C GLU H 405 15.67 -13.03 64.25
N GLU H 406 16.00 -13.73 63.16
CA GLU H 406 15.54 -15.09 63.05
C GLU H 406 16.17 -15.85 64.21
N ILE H 407 15.32 -16.39 65.06
CA ILE H 407 15.79 -17.01 66.30
C ILE H 407 16.32 -18.39 65.92
N PHE H 408 15.46 -19.19 65.28
CA PHE H 408 15.71 -20.55 64.80
C PHE H 408 15.97 -21.53 65.93
N GLY H 409 15.15 -21.40 66.97
CA GLY H 409 15.24 -22.17 68.19
C GLY H 409 13.84 -22.28 68.78
N PRO H 410 13.68 -23.06 69.84
CA PRO H 410 12.34 -23.21 70.46
C PRO H 410 11.96 -22.03 71.36
N VAL H 411 11.99 -20.81 70.82
CA VAL H 411 11.65 -19.61 71.59
C VAL H 411 10.37 -18.98 71.06
N GLN H 412 9.41 -18.71 71.94
CA GLN H 412 8.16 -18.07 71.55
C GLN H 412 8.12 -16.64 72.08
N GLN H 413 7.71 -15.70 71.22
CA GLN H 413 7.59 -14.30 71.61
C GLN H 413 6.18 -13.81 71.36
N ILE H 414 5.53 -13.26 72.37
CA ILE H 414 4.17 -12.80 72.22
C ILE H 414 4.14 -11.29 72.37
N MET H 415 3.64 -10.59 71.36
CA MET H 415 3.46 -9.16 71.42
C MET H 415 1.96 -8.87 71.44
N LYS H 416 1.64 -7.63 71.73
CA LYS H 416 0.26 -7.23 71.92
C LYS H 416 -0.10 -6.21 70.87
N PHE H 417 -1.39 -6.17 70.54
CA PHE H 417 -1.87 -5.16 69.61
C PHE H 417 -3.33 -4.86 69.90
N LYS H 418 -3.73 -3.63 69.58
CA LYS H 418 -5.11 -3.22 69.73
C LYS H 418 -5.67 -2.65 68.45
N SER H 419 -4.84 -2.17 67.52
CA SER H 419 -5.30 -1.62 66.25
C SER H 419 -4.92 -2.56 65.11
N VAL H 420 -5.88 -2.77 64.21
CA VAL H 420 -5.69 -3.72 63.13
C VAL H 420 -4.65 -3.22 62.14
N ASP H 421 -4.80 -1.97 61.70
CA ASP H 421 -3.84 -1.42 60.74
C ASP H 421 -2.45 -1.39 61.36
N ASP H 422 -2.37 -1.05 62.65
CA ASP H 422 -1.08 -1.10 63.34
C ASP H 422 -0.46 -2.50 63.24
N VAL H 423 -1.24 -3.57 63.46
CA VAL H 423 -0.65 -4.90 63.46
C VAL H 423 -0.30 -5.36 62.06
N ILE H 424 -1.09 -4.99 61.04
CA ILE H 424 -0.69 -5.35 59.68
C ILE H 424 0.63 -4.67 59.34
N LYS H 425 0.76 -3.40 59.70
CA LYS H 425 1.98 -2.67 59.43
C LYS H 425 3.16 -3.29 60.17
N ARG H 426 2.96 -3.65 61.44
CA ARG H 426 4.03 -4.21 62.26
C ARG H 426 4.44 -5.59 61.76
N ALA H 427 3.47 -6.44 61.46
CA ALA H 427 3.77 -7.75 60.93
C ALA H 427 4.53 -7.65 59.62
N ASN H 428 4.13 -6.70 58.77
CA ASN H 428 4.83 -6.51 57.50
C ASN H 428 6.17 -5.81 57.68
N ASN H 429 6.41 -5.20 58.83
CA ASN H 429 7.61 -4.40 59.04
C ASN H 429 8.75 -5.32 59.41
N THR H 430 9.15 -6.06 58.38
CA THR H 430 10.32 -6.93 58.41
C THR H 430 10.81 -7.02 56.98
N THR H 431 12.09 -7.34 56.82
CA THR H 431 12.67 -7.57 55.51
C THR H 431 12.43 -9.01 55.03
N TYR H 432 11.64 -9.78 55.80
CA TYR H 432 11.26 -11.16 55.56
C TYR H 432 9.83 -11.25 55.08
N GLY H 433 9.57 -12.21 54.20
CA GLY H 433 8.21 -12.40 53.72
C GLY H 433 7.83 -13.85 53.49
N LEU H 434 8.40 -14.77 54.28
CA LEU H 434 8.26 -16.19 53.98
C LEU H 434 6.87 -16.70 54.29
N ALA H 435 6.36 -16.41 55.48
CA ALA H 435 5.10 -16.99 55.87
C ALA H 435 4.44 -16.11 56.92
N ALA H 436 3.19 -16.43 57.17
CA ALA H 436 2.42 -15.69 58.15
C ALA H 436 1.23 -16.54 58.50
N GLY H 437 0.72 -16.35 59.71
CA GLY H 437 -0.50 -16.99 60.13
C GLY H 437 -1.43 -15.94 60.69
N LEU H 438 -2.72 -16.18 60.54
CA LEU H 438 -3.68 -15.26 61.14
C LEU H 438 -4.86 -16.06 61.63
N PHE H 439 -5.41 -15.64 62.77
CA PHE H 439 -6.49 -16.34 63.42
C PHE H 439 -7.65 -15.39 63.62
N THR H 440 -8.78 -15.74 63.02
CA THR H 440 -10.05 -15.02 63.15
C THR H 440 -11.15 -15.92 62.60
N LYS H 441 -12.37 -15.68 63.08
CA LYS H 441 -13.53 -16.36 62.53
C LYS H 441 -14.29 -15.46 61.58
N ASP H 442 -13.85 -14.23 61.40
CA ASP H 442 -14.53 -13.28 60.54
C ASP H 442 -14.10 -13.52 59.11
N LEU H 443 -15.06 -13.74 58.22
CA LEU H 443 -14.75 -13.93 56.81
C LEU H 443 -14.01 -12.73 56.25
N ASP H 444 -14.52 -11.52 56.51
CA ASP H 444 -13.93 -10.36 55.89
C ASP H 444 -12.49 -10.13 56.32
N LYS H 445 -12.21 -10.28 57.62
CA LYS H 445 -10.86 -10.07 58.10
C LYS H 445 -9.93 -11.09 57.50
N ALA H 446 -10.37 -12.35 57.42
CA ALA H 446 -9.52 -13.39 56.87
C ALA H 446 -9.04 -13.00 55.49
N ILE H 447 -9.96 -12.62 54.63
CA ILE H 447 -9.59 -12.38 53.24
C ILE H 447 -8.78 -11.10 53.12
N THR H 448 -9.24 -10.01 53.73
CA THR H 448 -8.55 -8.74 53.54
C THR H 448 -7.15 -8.75 54.18
N VAL H 449 -7.05 -9.22 55.44
CA VAL H 449 -5.75 -9.20 56.12
C VAL H 449 -4.75 -10.08 55.39
N SER H 450 -5.18 -11.27 54.98
CA SER H 450 -4.28 -12.17 54.25
C SER H 450 -3.86 -11.60 52.92
N SER H 451 -4.69 -10.78 52.27
CA SER H 451 -4.22 -10.10 51.06
C SER H 451 -3.17 -9.08 51.41
N ALA H 452 -3.32 -8.39 52.54
CA ALA H 452 -2.41 -7.29 52.85
C ALA H 452 -1.07 -7.76 53.39
N LEU H 453 -0.98 -9.00 53.87
CA LEU H 453 0.27 -9.49 54.43
C LEU H 453 1.29 -9.76 53.35
N GLN H 454 2.50 -9.24 53.55
CA GLN H 454 3.60 -9.44 52.60
C GLN H 454 4.30 -10.74 52.94
N ALA H 455 3.60 -11.83 52.66
CA ALA H 455 4.07 -13.15 53.00
C ALA H 455 3.74 -14.10 51.86
N GLY H 456 4.65 -15.02 51.60
CA GLY H 456 4.49 -15.96 50.50
C GLY H 456 3.42 -17.01 50.72
N VAL H 457 3.21 -17.43 51.97
CA VAL H 457 2.11 -18.32 52.33
C VAL H 457 1.42 -17.72 53.54
N VAL H 458 0.10 -17.68 53.52
CA VAL H 458 -0.64 -17.26 54.71
C VAL H 458 -1.60 -18.38 55.11
N TRP H 459 -1.42 -18.90 56.32
CA TRP H 459 -2.34 -19.87 56.94
C TRP H 459 -3.36 -19.11 57.76
N VAL H 460 -4.62 -19.53 57.66
CA VAL H 460 -5.73 -18.94 58.41
C VAL H 460 -6.35 -20.02 59.30
N ASN H 461 -6.37 -19.77 60.62
CA ASN H 461 -6.89 -20.73 61.61
C ASN H 461 -6.17 -22.08 61.54
N CYS H 462 -4.90 -22.06 61.16
CA CYS H 462 -4.03 -23.23 61.21
C CYS H 462 -2.60 -22.72 61.00
N TYR H 463 -1.68 -23.65 60.96
CA TYR H 463 -0.30 -23.28 60.70
C TYR H 463 0.48 -24.49 60.21
N MET H 464 1.48 -24.21 59.37
CA MET H 464 2.35 -25.22 58.79
C MET H 464 1.58 -26.34 58.09
N MET H 465 0.66 -25.95 57.22
CA MET H 465 -0.07 -26.89 56.38
C MET H 465 0.69 -27.00 55.07
N LEU H 466 1.75 -27.81 55.15
CA LEU H 466 2.75 -27.98 54.10
C LEU H 466 2.40 -29.20 53.25
N SER H 467 1.61 -28.98 52.21
CA SER H 467 1.24 -30.05 51.30
C SER H 467 2.02 -29.92 50.00
N ALA H 468 1.92 -30.96 49.18
CA ALA H 468 2.69 -30.98 47.94
C ALA H 468 2.02 -30.18 46.84
N GLN H 469 0.70 -30.00 46.87
CA GLN H 469 0.03 -29.27 45.81
C GLN H 469 0.24 -27.75 45.88
N CYS H 470 0.67 -27.24 47.02
CA CYS H 470 0.77 -25.78 47.09
C CYS H 470 2.21 -25.32 46.93
N PRO H 471 2.41 -24.25 46.14
CA PRO H 471 3.73 -23.63 46.01
C PRO H 471 4.01 -22.74 47.21
N PHE H 472 5.27 -22.70 47.57
CA PHE H 472 5.72 -21.99 48.75
C PHE H 472 6.87 -21.08 48.38
N GLY H 473 6.69 -19.80 48.50
CA GLY H 473 7.78 -18.92 48.15
C GLY H 473 7.78 -17.72 49.07
N GLY H 474 8.76 -16.85 48.87
CA GLY H 474 8.93 -15.73 49.74
C GLY H 474 8.82 -14.42 49.01
N PHE H 475 8.38 -13.43 49.76
CA PHE H 475 8.36 -12.03 49.38
C PHE H 475 9.62 -11.39 49.95
N LYS H 476 9.89 -10.16 49.54
CA LYS H 476 11.01 -9.35 50.05
C LYS H 476 12.28 -10.17 49.95
N MET H 477 13.11 -10.22 51.00
CA MET H 477 14.35 -10.98 51.01
C MET H 477 14.15 -12.38 51.55
N SER H 478 12.92 -12.82 51.60
CA SER H 478 12.73 -14.18 52.02
C SER H 478 12.96 -15.15 50.89
N GLY H 479 13.31 -14.67 49.72
CA GLY H 479 13.57 -15.58 48.64
C GLY H 479 12.89 -15.14 47.37
N ASN H 480 13.00 -16.01 46.38
CA ASN H 480 12.36 -15.83 45.08
C ASN H 480 12.12 -17.21 44.50
N GLY H 481 10.98 -17.38 43.87
CA GLY H 481 10.59 -18.64 43.27
C GLY H 481 9.80 -19.47 44.24
N ARG H 482 9.04 -20.41 43.70
CA ARG H 482 8.11 -21.21 44.47
C ARG H 482 8.40 -22.70 44.29
N GLU H 483 8.32 -23.49 45.37
CA GLU H 483 8.58 -24.91 45.22
C GLU H 483 7.29 -25.68 45.21
N LEU H 484 7.37 -26.81 44.51
CA LEU H 484 6.39 -27.88 44.56
C LEU H 484 4.95 -27.51 44.21
N GLY H 485 4.67 -26.56 43.32
CA GLY H 485 3.27 -26.53 42.94
C GLY H 485 3.24 -26.77 41.47
N GLU H 486 2.11 -26.55 40.79
CA GLU H 486 2.24 -26.49 39.34
C GLU H 486 3.21 -25.35 39.00
N HIS H 487 3.11 -24.25 39.76
CA HIS H 487 4.05 -23.16 39.60
C HIS H 487 5.45 -23.59 39.95
N GLY H 488 5.59 -24.44 40.97
CA GLY H 488 6.92 -24.83 41.40
C GLY H 488 7.60 -25.68 40.37
N LEU H 489 6.82 -26.48 39.67
CA LEU H 489 7.42 -27.32 38.66
C LEU H 489 7.87 -26.51 37.43
N TYR H 490 7.09 -25.53 36.97
CA TYR H 490 7.51 -24.80 35.77
C TYR H 490 8.78 -24.02 36.04
N GLU H 491 9.11 -23.77 37.30
CA GLU H 491 10.34 -23.11 37.64
C GLU H 491 11.55 -23.92 37.22
N TYR H 492 11.39 -25.19 36.88
CA TYR H 492 12.49 -25.96 36.33
C TYR H 492 12.36 -26.15 34.83
N THR H 493 11.59 -25.29 34.16
CA THR H 493 11.52 -25.36 32.70
C THR H 493 12.09 -24.09 32.09
N GLU H 494 12.53 -24.24 30.85
CA GLU H 494 13.01 -23.13 30.04
C GLU H 494 12.10 -22.98 28.84
N LEU H 495 11.66 -21.77 28.57
CA LEU H 495 10.70 -21.55 27.51
C LEU H 495 11.47 -21.31 26.22
N LYS H 496 11.03 -21.97 25.15
CA LYS H 496 11.58 -21.83 23.80
C LYS H 496 10.40 -21.62 22.86
N THR H 497 10.43 -20.53 22.11
CA THR H 497 9.39 -20.23 21.15
C THR H 497 9.86 -20.63 19.76
N VAL H 498 9.03 -21.37 19.04
CA VAL H 498 9.31 -21.75 17.66
C VAL H 498 8.25 -21.13 16.76
N ALA H 499 8.70 -20.37 15.76
CA ALA H 499 7.82 -19.61 14.87
C ALA H 499 8.07 -20.04 13.43
N MET H 500 7.08 -20.66 12.81
CA MET H 500 7.24 -21.24 11.49
C MET H 500 6.43 -20.49 10.47
N LYS H 501 7.10 -19.93 9.47
CA LYS H 501 6.39 -19.28 8.38
C LYS H 501 5.62 -20.33 7.58
N ILE H 502 4.36 -20.02 7.27
CA ILE H 502 3.49 -20.92 6.52
C ILE H 502 2.83 -20.09 5.43
N SER H 503 2.35 -20.78 4.39
CA SER H 503 1.84 -20.08 3.21
C SER H 503 0.58 -19.30 3.53
N GLN H 504 -0.33 -19.88 4.30
CA GLN H 504 -1.55 -19.21 4.73
C GLN H 504 -1.96 -19.78 6.07
N LYS H 505 -2.32 -18.92 7.02
CA LYS H 505 -2.79 -19.43 8.30
C LYS H 505 -4.31 -19.29 8.38
N ASN H 506 -4.93 -20.26 9.05
CA ASN H 506 -6.35 -20.23 9.35
C ASN H 506 -6.59 -20.51 10.82
N SER H 507 -7.63 -19.90 11.36
CA SER H 507 -7.90 -19.96 12.79
C SER H 507 -8.26 -21.39 13.18
#